data_9BE3
#
_entry.id   9BE3
#
_cell.length_a   184.816
_cell.length_b   427.905
_cell.length_c   77.318
_cell.angle_alpha   90.000
_cell.angle_beta   90.000
_cell.angle_gamma   90.000
#
_symmetry.space_group_name_H-M   'P 21 21 2'
#
loop_
_entity.id
_entity.type
_entity.pdbx_description
1 polymer 'Linear gramicidin synthase subunit A'
2 non-polymer GLYCEROL
3 non-polymer (2~{R})-~{N}-[3-[2-[[(2~{S})-2-formamido-3-methyl-butanoyl]amino]ethylamino]-3-oxidanylidene-propyl]-3,3-dimethyl-2-oxidanyl-4-[oxidanyl-bis(oxidanylidene)-$l^{6}-phosphanyl]oxy-butanamide
4 non-polymer N-[2-(glycylamino)ethyl]-N~3~-[(2S)-2-hydroxy-3,3-dimethyl-4-(phosphonooxy)butanoyl]-beta-alaninamide
5 non-polymer 'MANGANESE (II) ION'
6 water water
#
_entity_poly.entity_id   1
_entity_poly.type   'polypeptide(L)'
_entity_poly.pdbx_seq_one_letter_code
;MGRILFLTTFMSKGNKVVRYLESLHHEVVICQEKVHAQSANLQEIDWIVSYAYGYILDKEIVSRFRGRIINLHPSLLPWN
KGRDPVFWSVWDETPKGVTIHLIDEHVDTGDILVQEEIAFADEDTLLDCYNKANQAIEELFIREWENIVHGRIAPYRQTA
GGTLHFKADRDFYKNLNMTTVRELLALKRLCAEPKRGEKPIDKTFHQLFEQQVEMTPDHVAVVDRGQSLTYKQLNERANQ
LAHHLRGKGVKPDDQVAIMLDKSLDMIVSILAVMKAGGAYVPIDPDYPGERIAYMLADSSAAILLTNALHEEKANGACDI
IDVHDPDSYSENTNNLPHVNRPDDLVYVMYTSGSTGLAKGVMIEHHNLVNFCEWYRPYFGVTPADKALVYSSFSFDGSAL
DIFTHLLAGAALHIVPSERKYDLDALNDYCNQEGITISYLPTGAAEQFMQMDNQSFRVVITGGDVLKKIERNGTYKLYNG
YGPTECTIMVTMFEVDKPYANIPIGKPIDRTRILILDEALALQPIGVAGELFIVGEGLGRGYLNRPELTAEKFIVHPQTG
ERMYRTGDRARFLPDGNIEFLGRLDNLVKIRGYRIEPGEIEPFLMNHPLIELTTVLAKEQADGRKYLVGYYVAPEEIPHG
ELREWLGNDLPDYMIPTYFVHMKAFPLTANGKVDRRALPDVQADAELLGEDYVAPTDELEQQLAQVWSHVLGIPQMGIDD
HFLERGGDSIKVMQLIHQLKNIGLSLRYDQLFTHPTIRQLKRLLTEQKQVNGLLEPLRELDEQAEYETSAVEKRMYIIQQ
QDVESIAYNVVYTINFPLTVDTEQIRVALEQLVLRHEGLRSTYHMRGDEIVKRIVPRAELSFVRQTGEEESVQSLLAEQI
KPFDLAKAPLLRAGVIETADKKVLWFDSHHILLDGLSKSILARELQALLGQQVLSPVEKTYKSFARWQNEWFASDEYEQQ
IAYWKTLLQGELPAVQLPTKKRPPQLTFDGAIQMYRVNPEITRKLKATAAKHDLTLYMLMLTIVSIWLSKMNSDSNQVIL
GTVTDGRQHPDTRELLGMFVNTLPLLLSIDHEESFLHNLQQVKAKLLPALQNQYVPFDKILEAARVKREGNRHPLFDVMF
MMQGAPETELESNMHHINAGISKFDLTLEVLERENGLNIVFEYNTHLFDEGMILRMVAQFEHLLLQAVHGLDQQVKRFEL
VTEDEKRDLFLRVNDTAKAYPNKLIMSMLEDWAAATPDKTALVFREQRVTYRELNERVNQLAHTLREKGVQPDDLVMLMA
ERSVEMMVAIFAVLKAGGAYLPIDPHSPAERIAYIFADSGAKLVLAQSPFVEKASMAEVVLDLNSASSYAADTSNPPLVN
QPGDLVYVMYTSGSTGKPKGVMIEHGALLNVLHGMQDEYPLLQDDAFLLKTTYIFDISVAEIFGWVPGRGKLVILEPEAE
KNPKAIWQAVVGAGITHINFVPSMLIPFVEYLEGRTEANRLRYILACGEAMPDELVPKVYEVLPEVKLENIYGPTEATIY
ASRYSLAKGSQESPVPIGKPLPNYRMYIINRHGQLQPIGVPGELCIAGASLARGYLNNPALTEEKFTPHPLEKGERIYRT
GDLARYREDGNIEYLGRMDHQVKIRGYRIELDEIRSKLIQEETIQDAVVVARNDQNGQAYLCAYLLSEQEWTVGQLRELL
RRELPEYMIPAHFVLLKQFPLTANGKLDRKALPEPDGSVKAEAEYAAPRTELEATLAHIWGEVLGIERIGIRDNFFELGG
DSIKGLQIASRLQRINWTMVINHLFLYPTIEQIAPFVTSEQVVIEAAAENLYFQ
;
_entity_poly.pdbx_strand_id   A,B
#
# COMPACT_ATOMS: atom_id res chain seq x y z
N MET A 1 -37.55 -50.30 -69.07
CA MET A 1 -36.39 -50.84 -68.38
C MET A 1 -35.34 -51.31 -69.37
N GLY A 2 -34.08 -51.36 -68.92
CA GLY A 2 -32.99 -51.81 -69.77
C GLY A 2 -31.87 -52.41 -68.95
N ARG A 3 -30.88 -52.96 -69.67
CA ARG A 3 -29.73 -53.56 -69.02
C ARG A 3 -28.70 -52.50 -68.67
N ILE A 4 -28.12 -52.62 -67.48
CA ILE A 4 -27.10 -51.69 -67.01
C ILE A 4 -25.85 -52.47 -66.64
N LEU A 5 -24.70 -51.96 -67.06
CA LEU A 5 -23.40 -52.47 -66.64
C LEU A 5 -22.88 -51.59 -65.51
N PHE A 6 -22.92 -52.11 -64.28
CA PHE A 6 -22.43 -51.38 -63.13
C PHE A 6 -20.95 -51.67 -62.93
N LEU A 7 -20.13 -50.63 -62.98
CA LEU A 7 -18.68 -50.76 -62.86
C LEU A 7 -18.26 -50.22 -61.51
N THR A 8 -17.76 -51.11 -60.65
CA THR A 8 -17.21 -50.71 -59.35
C THR A 8 -16.00 -51.57 -59.03
N THR A 9 -14.95 -50.93 -58.54
CA THR A 9 -13.74 -51.64 -58.12
C THR A 9 -13.52 -51.59 -56.62
N PHE A 10 -13.85 -50.48 -55.97
CA PHE A 10 -13.61 -50.29 -54.55
C PHE A 10 -14.88 -50.25 -53.72
N MET A 11 -16.05 -50.17 -54.34
CA MET A 11 -17.30 -50.28 -53.61
C MET A 11 -17.79 -51.72 -53.63
N SER A 12 -18.99 -51.94 -53.10
CA SER A 12 -19.52 -53.28 -52.97
C SER A 12 -20.20 -53.72 -54.26
N LYS A 13 -20.65 -54.97 -54.27
CA LYS A 13 -21.39 -55.54 -55.38
C LYS A 13 -22.89 -55.44 -55.19
N GLY A 14 -23.33 -55.30 -53.94
CA GLY A 14 -24.72 -55.04 -53.64
C GLY A 14 -24.87 -53.73 -52.89
N ASN A 15 -24.42 -52.65 -53.50
CA ASN A 15 -24.61 -51.32 -52.92
C ASN A 15 -26.09 -50.95 -52.96
N LYS A 16 -26.40 -49.83 -52.29
CA LYS A 16 -27.77 -49.33 -52.30
C LYS A 16 -28.18 -48.89 -53.70
N VAL A 17 -27.23 -48.46 -54.52
CA VAL A 17 -27.55 -48.01 -55.87
C VAL A 17 -27.98 -49.18 -56.73
N VAL A 18 -27.20 -50.26 -56.73
CA VAL A 18 -27.54 -51.45 -57.51
C VAL A 18 -28.92 -51.97 -57.11
N ARG A 19 -29.23 -51.94 -55.82
CA ARG A 19 -30.52 -52.43 -55.36
C ARG A 19 -31.66 -51.52 -55.80
N TYR A 20 -31.44 -50.20 -55.77
CA TYR A 20 -32.46 -49.29 -56.27
C TYR A 20 -32.71 -49.51 -57.76
N LEU A 21 -31.65 -49.77 -58.52
CA LEU A 21 -31.81 -50.10 -59.93
C LEU A 21 -32.60 -51.38 -60.11
N GLU A 22 -32.36 -52.37 -59.25
CA GLU A 22 -33.06 -53.65 -59.38
C GLU A 22 -34.52 -53.51 -58.95
N SER A 23 -34.83 -52.55 -58.08
CA SER A 23 -36.23 -52.33 -57.69
C SER A 23 -37.02 -51.72 -58.83
N LEU A 24 -36.45 -50.74 -59.54
CA LEU A 24 -37.05 -50.22 -60.76
C LEU A 24 -37.08 -51.24 -61.87
N HIS A 25 -36.68 -52.48 -61.58
CA HIS A 25 -36.75 -53.61 -62.51
C HIS A 25 -35.78 -53.44 -63.67
N HIS A 26 -34.55 -53.06 -63.34
CA HIS A 26 -33.45 -53.11 -64.28
C HIS A 26 -32.66 -54.39 -64.03
N GLU A 27 -32.02 -54.89 -65.09
CA GLU A 27 -31.08 -55.99 -64.95
C GLU A 27 -29.68 -55.40 -64.82
N VAL A 28 -29.11 -55.50 -63.63
CA VAL A 28 -27.82 -54.88 -63.34
C VAL A 28 -26.74 -55.95 -63.48
N VAL A 29 -25.92 -55.83 -64.52
CA VAL A 29 -24.75 -56.68 -64.69
C VAL A 29 -23.56 -55.95 -64.08
N ILE A 30 -22.89 -56.60 -63.13
CA ILE A 30 -21.84 -55.97 -62.34
C ILE A 30 -20.49 -56.56 -62.77
N CYS A 31 -19.56 -55.68 -63.13
CA CYS A 31 -18.20 -56.07 -63.49
C CYS A 31 -17.23 -55.25 -62.64
N GLN A 32 -16.38 -55.94 -61.90
CA GLN A 32 -15.42 -55.30 -61.01
C GLN A 32 -14.01 -55.24 -61.58
N GLU A 33 -13.81 -55.77 -62.78
CA GLU A 33 -12.49 -55.86 -63.39
C GLU A 33 -12.42 -54.99 -64.64
N LYS A 34 -11.25 -54.99 -65.27
CA LYS A 34 -11.08 -54.19 -66.50
C LYS A 34 -11.95 -54.80 -67.60
N VAL A 35 -12.74 -53.97 -68.27
CA VAL A 35 -13.62 -54.46 -69.36
C VAL A 35 -12.89 -54.20 -70.70
N HIS A 36 -13.05 -55.11 -71.65
CA HIS A 36 -12.38 -54.95 -72.97
C HIS A 36 -13.39 -54.36 -73.96
N ALA A 37 -12.90 -53.68 -75.00
CA ALA A 37 -13.80 -52.99 -75.95
C ALA A 37 -14.82 -53.95 -76.59
N GLN A 38 -14.48 -55.23 -76.73
CA GLN A 38 -15.40 -56.15 -77.43
C GLN A 38 -15.69 -57.35 -76.53
N SER A 39 -16.04 -57.10 -75.27
CA SER A 39 -16.39 -58.19 -74.37
C SER A 39 -17.87 -58.53 -74.47
N ALA A 40 -18.25 -59.59 -73.76
CA ALA A 40 -19.67 -59.96 -73.68
C ALA A 40 -20.44 -59.06 -72.73
N ASN A 41 -19.79 -58.55 -71.69
CA ASN A 41 -20.43 -57.62 -70.77
C ASN A 41 -20.83 -56.32 -71.44
N LEU A 42 -20.37 -56.07 -72.67
CA LEU A 42 -20.67 -54.84 -73.38
C LEU A 42 -21.84 -55.01 -74.36
N GLN A 43 -22.24 -56.25 -74.65
CA GLN A 43 -23.32 -56.50 -75.58
C GLN A 43 -24.67 -56.33 -74.91
N GLU A 44 -25.63 -55.78 -75.65
CA GLU A 44 -27.02 -55.64 -75.20
C GLU A 44 -27.11 -54.81 -73.92
N ILE A 45 -26.26 -53.80 -73.80
CA ILE A 45 -26.23 -52.91 -72.64
C ILE A 45 -26.78 -51.56 -73.07
N ASP A 46 -27.71 -51.03 -72.28
CA ASP A 46 -28.35 -49.75 -72.61
C ASP A 46 -27.82 -48.58 -71.78
N TRP A 47 -27.28 -48.84 -70.60
CA TRP A 47 -26.71 -47.79 -69.77
C TRP A 47 -25.49 -48.35 -69.03
N ILE A 48 -24.55 -47.47 -68.73
CA ILE A 48 -23.36 -47.83 -67.97
C ILE A 48 -23.25 -46.89 -66.77
N VAL A 49 -23.31 -47.45 -65.58
CA VAL A 49 -23.19 -46.68 -64.34
C VAL A 49 -21.90 -47.09 -63.65
N SER A 50 -21.08 -46.11 -63.30
CA SER A 50 -19.80 -46.35 -62.66
C SER A 50 -19.77 -45.71 -61.28
N TYR A 51 -19.08 -46.37 -60.35
CA TYR A 51 -19.01 -45.91 -58.96
C TYR A 51 -17.73 -46.48 -58.37
N ALA A 52 -16.73 -45.64 -58.18
CA ALA A 52 -15.41 -46.05 -57.69
C ALA A 52 -14.81 -47.14 -58.57
N TYR A 53 -14.82 -46.89 -59.88
CA TYR A 53 -14.15 -47.78 -60.82
C TYR A 53 -12.68 -47.44 -60.87
N GLY A 54 -11.82 -48.44 -60.61
CA GLY A 54 -10.40 -48.22 -60.54
C GLY A 54 -9.66 -48.57 -61.82
N TYR A 55 -10.35 -48.46 -62.95
CA TYR A 55 -9.75 -48.69 -64.25
C TYR A 55 -10.25 -47.63 -65.22
N ILE A 56 -9.56 -47.50 -66.35
CA ILE A 56 -9.93 -46.57 -67.41
C ILE A 56 -10.53 -47.37 -68.56
N LEU A 57 -11.72 -46.97 -69.00
CA LEU A 57 -12.37 -47.64 -70.12
C LEU A 57 -11.76 -47.22 -71.44
N ASP A 58 -11.68 -48.18 -72.36
CA ASP A 58 -11.11 -47.91 -73.68
C ASP A 58 -11.90 -46.81 -74.39
N LYS A 59 -11.20 -46.07 -75.26
CA LYS A 59 -11.78 -44.91 -75.92
C LYS A 59 -12.96 -45.30 -76.80
N GLU A 60 -12.94 -46.52 -77.34
CA GLU A 60 -14.07 -46.99 -78.13
C GLU A 60 -15.32 -47.12 -77.28
N ILE A 61 -15.19 -47.65 -76.06
CA ILE A 61 -16.33 -47.80 -75.16
C ILE A 61 -16.92 -46.44 -74.82
N VAL A 62 -16.06 -45.46 -74.53
CA VAL A 62 -16.53 -44.12 -74.19
C VAL A 62 -17.35 -43.53 -75.34
N SER A 63 -16.90 -43.76 -76.58
CA SER A 63 -17.61 -43.23 -77.74
C SER A 63 -18.81 -44.09 -78.11
N ARG A 64 -18.67 -45.41 -78.02
CA ARG A 64 -19.77 -46.31 -78.36
C ARG A 64 -20.97 -46.06 -77.44
N PHE A 65 -20.70 -45.76 -76.16
CA PHE A 65 -21.74 -45.50 -75.18
C PHE A 65 -21.73 -44.03 -74.74
N ARG A 66 -21.39 -43.14 -75.65
CA ARG A 66 -21.41 -41.71 -75.38
C ARG A 66 -22.82 -41.27 -75.01
N GLY A 67 -22.92 -40.46 -73.96
CA GLY A 67 -24.20 -40.10 -73.39
C GLY A 67 -24.87 -41.22 -72.62
N ARG A 68 -24.24 -42.38 -72.49
CA ARG A 68 -24.82 -43.50 -71.77
C ARG A 68 -23.90 -44.06 -70.69
N ILE A 69 -22.76 -43.44 -70.43
CA ILE A 69 -21.86 -43.83 -69.34
C ILE A 69 -21.98 -42.78 -68.24
N ILE A 70 -22.55 -43.17 -67.11
CA ILE A 70 -22.81 -42.27 -65.99
C ILE A 70 -21.84 -42.64 -64.86
N ASN A 71 -21.16 -41.65 -64.31
CA ASN A 71 -20.28 -41.84 -63.17
C ASN A 71 -20.84 -41.15 -61.95
N LEU A 72 -20.49 -41.69 -60.78
CA LEU A 72 -20.90 -41.14 -59.49
C LEU A 72 -19.63 -40.72 -58.76
N HIS A 73 -19.34 -39.43 -58.76
CA HIS A 73 -18.13 -38.90 -58.16
C HIS A 73 -18.48 -38.07 -56.93
N PRO A 74 -18.01 -38.45 -55.74
CA PRO A 74 -18.35 -37.71 -54.51
C PRO A 74 -17.54 -36.42 -54.35
N SER A 75 -17.68 -35.53 -55.33
CA SER A 75 -16.98 -34.25 -55.32
C SER A 75 -17.75 -33.27 -56.17
N LEU A 76 -17.65 -31.99 -55.81
CA LEU A 76 -18.28 -30.93 -56.60
C LEU A 76 -17.35 -30.58 -57.75
N LEU A 77 -17.49 -31.32 -58.85
CA LEU A 77 -16.69 -31.04 -60.04
C LEU A 77 -17.01 -29.63 -60.53
N PRO A 78 -16.02 -28.92 -61.08
CA PRO A 78 -14.68 -29.37 -61.49
C PRO A 78 -13.67 -29.57 -60.36
N TRP A 79 -14.02 -29.33 -59.10
CA TRP A 79 -13.03 -29.43 -58.04
C TRP A 79 -12.80 -30.89 -57.64
N ASN A 80 -11.59 -31.16 -57.16
CA ASN A 80 -11.21 -32.45 -56.59
C ASN A 80 -11.54 -33.61 -57.52
N LYS A 81 -11.05 -33.50 -58.76
CA LYS A 81 -11.14 -34.63 -59.67
C LYS A 81 -10.08 -35.66 -59.32
N GLY A 82 -10.27 -36.87 -59.82
CA GLY A 82 -9.29 -37.93 -59.65
C GLY A 82 -9.54 -38.72 -58.38
N ARG A 83 -8.49 -38.96 -57.62
CA ARG A 83 -8.48 -39.91 -56.52
C ARG A 83 -8.55 -39.22 -55.17
N ASP A 84 -9.01 -39.97 -54.17
CA ASP A 84 -9.21 -39.53 -52.79
C ASP A 84 -9.86 -38.14 -52.77
N PRO A 85 -11.06 -37.99 -53.33
CA PRO A 85 -11.58 -36.63 -53.56
C PRO A 85 -12.05 -35.95 -52.29
N VAL A 86 -12.60 -36.70 -51.33
CA VAL A 86 -13.16 -36.06 -50.15
C VAL A 86 -12.06 -35.45 -49.29
N PHE A 87 -10.95 -36.17 -49.12
CA PHE A 87 -9.84 -35.63 -48.35
C PHE A 87 -9.32 -34.34 -48.97
N TRP A 88 -9.04 -34.36 -50.28
CA TRP A 88 -8.54 -33.17 -50.94
C TRP A 88 -9.57 -32.05 -50.96
N SER A 89 -10.85 -32.37 -50.85
CA SER A 89 -11.86 -31.33 -50.71
C SER A 89 -11.69 -30.56 -49.40
N VAL A 90 -11.15 -31.22 -48.37
CA VAL A 90 -10.96 -30.59 -47.07
C VAL A 90 -9.61 -29.91 -46.98
N TRP A 91 -8.55 -30.62 -47.36
CA TRP A 91 -7.20 -30.09 -47.22
C TRP A 91 -7.00 -28.85 -48.07
N ASP A 92 -7.38 -28.90 -49.35
CA ASP A 92 -7.24 -27.76 -50.23
C ASP A 92 -8.38 -26.75 -50.10
N GLU A 93 -9.26 -26.93 -49.11
CA GLU A 93 -10.32 -25.97 -48.81
C GLU A 93 -11.18 -25.65 -50.04
N THR A 94 -11.42 -26.67 -50.86
CA THR A 94 -12.24 -26.52 -52.05
C THR A 94 -13.72 -26.60 -51.68
N PRO A 95 -14.61 -26.15 -52.59
CA PRO A 95 -16.04 -26.34 -52.33
C PRO A 95 -16.39 -27.82 -52.22
N LYS A 96 -17.47 -28.10 -51.50
CA LYS A 96 -17.87 -29.46 -51.16
C LYS A 96 -19.17 -29.83 -51.86
N GLY A 97 -19.22 -31.03 -52.41
CA GLY A 97 -20.44 -31.50 -53.04
C GLY A 97 -20.27 -32.89 -53.62
N VAL A 98 -21.26 -33.29 -54.41
CA VAL A 98 -21.27 -34.58 -55.10
C VAL A 98 -21.78 -34.34 -56.52
N THR A 99 -21.34 -35.21 -57.45
CA THR A 99 -21.62 -34.98 -58.87
C THR A 99 -21.90 -36.29 -59.57
N ILE A 100 -23.02 -36.34 -60.30
CA ILE A 100 -23.29 -37.40 -61.26
C ILE A 100 -23.03 -36.82 -62.65
N HIS A 101 -22.02 -37.36 -63.34
CA HIS A 101 -21.55 -36.79 -64.59
C HIS A 101 -21.39 -37.87 -65.65
N LEU A 102 -21.08 -37.41 -66.86
CA LEU A 102 -20.82 -38.29 -68.00
C LEU A 102 -19.32 -38.53 -68.15
N ILE A 103 -18.97 -39.71 -68.61
CA ILE A 103 -17.57 -40.12 -68.72
C ILE A 103 -17.03 -39.75 -70.09
N ASP A 104 -15.85 -39.13 -70.12
CA ASP A 104 -15.17 -38.83 -71.37
C ASP A 104 -13.86 -39.60 -71.43
N GLU A 105 -12.88 -39.08 -72.17
CA GLU A 105 -11.58 -39.74 -72.31
C GLU A 105 -10.55 -39.21 -71.34
N HIS A 106 -10.99 -38.46 -70.31
CA HIS A 106 -10.11 -37.91 -69.29
C HIS A 106 -10.76 -38.12 -67.93
N VAL A 107 -10.14 -37.57 -66.89
CA VAL A 107 -10.51 -37.88 -65.52
C VAL A 107 -11.50 -36.85 -65.02
N ASP A 108 -12.77 -37.25 -64.92
CA ASP A 108 -13.84 -36.44 -64.31
C ASP A 108 -13.93 -35.06 -64.95
N THR A 109 -13.91 -35.04 -66.29
CA THR A 109 -14.00 -33.82 -67.08
C THR A 109 -15.24 -33.84 -67.96
N GLY A 110 -16.33 -34.41 -67.45
CA GLY A 110 -17.53 -34.63 -68.24
C GLY A 110 -18.64 -33.63 -67.93
N ASP A 111 -19.63 -33.63 -68.81
CA ASP A 111 -20.77 -32.73 -68.66
C ASP A 111 -21.58 -33.14 -67.44
N ILE A 112 -21.69 -32.24 -66.46
CA ILE A 112 -22.45 -32.54 -65.26
C ILE A 112 -23.92 -32.70 -65.60
N LEU A 113 -24.54 -33.73 -65.03
CA LEU A 113 -25.98 -33.94 -65.14
C LEU A 113 -26.72 -33.42 -63.92
N VAL A 114 -26.25 -33.75 -62.72
CA VAL A 114 -26.85 -33.25 -61.48
C VAL A 114 -25.75 -33.13 -60.44
N GLN A 115 -25.89 -32.15 -59.56
CA GLN A 115 -24.84 -31.78 -58.61
C GLN A 115 -25.47 -31.19 -57.37
N GLU A 116 -25.09 -31.71 -56.20
CA GLU A 116 -25.58 -31.21 -54.92
C GLU A 116 -24.40 -30.75 -54.06
N GLU A 117 -24.67 -29.83 -53.14
CA GLU A 117 -23.65 -29.24 -52.29
C GLU A 117 -23.72 -29.87 -50.90
N ILE A 118 -22.68 -30.61 -50.53
CA ILE A 118 -22.59 -31.20 -49.20
C ILE A 118 -21.88 -30.22 -48.27
N ALA A 119 -22.10 -30.37 -46.96
CA ALA A 119 -21.54 -29.49 -45.95
C ALA A 119 -20.86 -30.33 -44.86
N PHE A 120 -19.56 -30.16 -44.71
CA PHE A 120 -18.79 -30.81 -43.66
C PHE A 120 -18.61 -29.86 -42.48
N ALA A 121 -18.58 -30.43 -41.27
CA ALA A 121 -18.46 -29.65 -40.05
C ALA A 121 -17.02 -29.59 -39.57
N ASP A 122 -16.76 -28.62 -38.68
CA ASP A 122 -15.41 -28.45 -38.17
C ASP A 122 -15.03 -29.54 -37.17
N GLU A 123 -16.02 -30.08 -36.46
CA GLU A 123 -15.79 -31.15 -35.51
C GLU A 123 -15.96 -32.53 -36.12
N ASP A 124 -16.10 -32.60 -37.44
CA ASP A 124 -16.23 -33.88 -38.14
C ASP A 124 -14.85 -34.45 -38.44
N THR A 125 -14.69 -35.75 -38.22
CA THR A 125 -13.48 -36.42 -38.66
C THR A 125 -13.52 -36.65 -40.16
N LEU A 126 -12.36 -36.97 -40.74
CA LEU A 126 -12.30 -37.23 -42.17
C LEU A 126 -13.15 -38.45 -42.54
N LEU A 127 -13.14 -39.47 -41.67
CA LEU A 127 -13.97 -40.64 -41.91
C LEU A 127 -15.46 -40.27 -41.94
N ASP A 128 -15.88 -39.40 -41.03
CA ASP A 128 -17.27 -38.93 -41.06
C ASP A 128 -17.57 -38.21 -42.36
N CYS A 129 -16.60 -37.45 -42.89
CA CYS A 129 -16.81 -36.78 -44.17
C CYS A 129 -16.92 -37.78 -45.32
N TYR A 130 -16.12 -38.85 -45.28
CA TYR A 130 -16.23 -39.89 -46.29
C TYR A 130 -17.63 -40.48 -46.29
N ASN A 131 -18.15 -40.82 -45.11
CA ASN A 131 -19.48 -41.41 -45.02
C ASN A 131 -20.55 -40.45 -45.52
N LYS A 132 -20.50 -39.20 -45.08
CA LYS A 132 -21.49 -38.22 -45.51
C LYS A 132 -21.47 -38.03 -47.02
N ALA A 133 -20.28 -38.03 -47.62
CA ALA A 133 -20.17 -37.84 -49.07
C ALA A 133 -20.76 -39.02 -49.82
N ASN A 134 -20.39 -40.24 -49.44
CA ASN A 134 -20.85 -41.43 -50.16
C ASN A 134 -22.37 -41.53 -50.13
N GLN A 135 -23.00 -41.18 -49.01
CA GLN A 135 -24.46 -41.18 -48.94
C GLN A 135 -25.05 -40.21 -49.96
N ALA A 136 -24.53 -38.97 -49.98
CA ALA A 136 -25.09 -37.94 -50.86
C ALA A 136 -25.08 -38.38 -52.33
N ILE A 137 -23.98 -38.99 -52.79
CA ILE A 137 -23.92 -39.40 -54.18
C ILE A 137 -24.89 -40.56 -54.44
N GLU A 138 -25.15 -41.40 -53.44
CA GLU A 138 -26.10 -42.48 -53.61
C GLU A 138 -27.54 -42.00 -53.53
N GLU A 139 -27.82 -40.99 -52.70
CA GLU A 139 -29.16 -40.42 -52.67
C GLU A 139 -29.43 -39.59 -53.92
N LEU A 140 -28.43 -38.83 -54.38
CA LEU A 140 -28.58 -38.07 -55.62
C LEU A 140 -28.94 -38.98 -56.79
N PHE A 141 -28.37 -40.19 -56.81
CA PHE A 141 -28.73 -41.16 -57.83
C PHE A 141 -30.19 -41.59 -57.70
N ILE A 142 -30.58 -42.03 -56.50
CA ILE A 142 -31.94 -42.49 -56.26
C ILE A 142 -32.94 -41.39 -56.57
N ARG A 143 -32.52 -40.13 -56.41
CA ARG A 143 -33.44 -39.02 -56.61
C ARG A 143 -33.54 -38.61 -58.07
N GLU A 144 -32.51 -38.86 -58.88
CA GLU A 144 -32.44 -38.33 -60.22
C GLU A 144 -32.33 -39.38 -61.32
N TRP A 145 -32.21 -40.67 -60.98
CA TRP A 145 -31.97 -41.67 -62.02
C TRP A 145 -33.11 -41.72 -63.02
N GLU A 146 -34.36 -41.62 -62.54
CA GLU A 146 -35.50 -41.65 -63.45
C GLU A 146 -35.49 -40.45 -64.39
N ASN A 147 -35.16 -39.26 -63.86
CA ASN A 147 -35.06 -38.09 -64.71
C ASN A 147 -33.88 -38.20 -65.67
N ILE A 148 -32.83 -38.91 -65.29
CA ILE A 148 -31.69 -39.10 -66.18
C ILE A 148 -32.05 -40.07 -67.31
N VAL A 149 -32.59 -41.23 -66.95
CA VAL A 149 -32.87 -42.27 -67.93
C VAL A 149 -33.95 -41.85 -68.92
N HIS A 150 -34.82 -40.92 -68.54
CA HIS A 150 -35.89 -40.45 -69.42
C HIS A 150 -35.54 -39.13 -70.10
N GLY A 151 -34.28 -38.73 -70.06
CA GLY A 151 -33.83 -37.56 -70.81
C GLY A 151 -34.45 -36.25 -70.38
N ARG A 152 -34.88 -36.14 -69.12
CA ARG A 152 -35.46 -34.91 -68.61
C ARG A 152 -34.42 -33.99 -68.00
N ILE A 153 -33.13 -34.32 -68.15
CA ILE A 153 -32.03 -33.55 -67.56
C ILE A 153 -31.10 -33.14 -68.68
N ALA A 154 -30.89 -31.83 -68.85
CA ALA A 154 -30.02 -31.32 -69.88
C ALA A 154 -28.60 -31.23 -69.34
N PRO A 155 -27.64 -31.95 -69.93
CA PRO A 155 -26.25 -31.86 -69.44
C PRO A 155 -25.69 -30.46 -69.65
N TYR A 156 -25.12 -29.90 -68.59
CA TYR A 156 -24.42 -28.61 -68.67
C TYR A 156 -22.93 -28.85 -68.46
N ARG A 157 -22.12 -28.06 -69.16
CA ARG A 157 -20.67 -28.28 -69.12
C ARG A 157 -20.08 -27.85 -67.78
N GLN A 158 -18.96 -28.48 -67.44
CA GLN A 158 -18.26 -28.16 -66.22
C GLN A 158 -17.73 -26.73 -66.26
N THR A 159 -17.91 -26.00 -65.15
CA THR A 159 -17.43 -24.63 -65.06
C THR A 159 -15.89 -24.62 -65.05
N ALA A 160 -15.33 -23.43 -65.25
CA ALA A 160 -13.88 -23.28 -65.28
C ALA A 160 -13.31 -23.42 -63.88
N GLY A 161 -12.21 -24.18 -63.76
CA GLY A 161 -11.47 -24.32 -62.52
C GLY A 161 -11.25 -25.77 -62.18
N GLY A 162 -10.96 -26.02 -60.91
CA GLY A 162 -10.92 -27.36 -60.37
C GLY A 162 -9.50 -27.83 -60.07
N THR A 163 -9.43 -28.86 -59.23
CA THR A 163 -8.18 -29.53 -58.90
C THR A 163 -8.25 -30.97 -59.37
N LEU A 164 -7.09 -31.51 -59.73
CA LEU A 164 -6.96 -32.89 -60.15
C LEU A 164 -5.89 -33.55 -59.29
N HIS A 165 -6.23 -34.70 -58.70
CA HIS A 165 -5.33 -35.41 -57.82
C HIS A 165 -5.28 -36.88 -58.20
N PHE A 166 -4.12 -37.48 -58.01
CA PHE A 166 -3.89 -38.88 -58.34
C PHE A 166 -3.67 -39.70 -57.08
N LYS A 167 -3.72 -41.02 -57.27
CA LYS A 167 -3.37 -41.96 -56.23
C LYS A 167 -1.96 -41.69 -55.73
N ALA A 168 -1.69 -42.09 -54.49
CA ALA A 168 -0.40 -41.94 -53.84
C ALA A 168 0.02 -40.49 -53.63
N ASP A 169 -0.86 -39.54 -53.95
CA ASP A 169 -0.64 -38.15 -53.54
C ASP A 169 -1.03 -37.91 -52.10
N ARG A 170 -1.55 -38.93 -51.42
CA ARG A 170 -2.03 -38.83 -50.06
C ARG A 170 -1.15 -39.59 -49.07
N ASP A 171 -0.08 -40.23 -49.56
CA ASP A 171 0.71 -41.13 -48.73
C ASP A 171 1.39 -40.41 -47.57
N PHE A 172 1.47 -39.08 -47.61
CA PHE A 172 2.07 -38.32 -46.51
C PHE A 172 1.06 -37.99 -45.42
N TYR A 173 -0.23 -37.98 -45.74
CA TYR A 173 -1.28 -37.66 -44.78
C TYR A 173 -2.12 -38.89 -44.42
N LYS A 174 -1.46 -40.01 -44.16
CA LYS A 174 -2.19 -41.25 -43.92
C LYS A 174 -2.66 -41.38 -42.47
N ASN A 175 -1.94 -40.77 -41.52
CA ASN A 175 -2.30 -40.88 -40.12
C ASN A 175 -3.33 -39.84 -39.68
N LEU A 176 -4.02 -39.21 -40.62
CA LEU A 176 -4.90 -38.09 -40.30
C LEU A 176 -6.35 -38.39 -40.63
N ASN A 177 -6.75 -39.66 -40.58
CA ASN A 177 -8.11 -40.02 -40.96
C ASN A 177 -9.10 -39.81 -39.83
N MET A 178 -8.66 -39.95 -38.58
CA MET A 178 -9.52 -39.76 -37.42
C MET A 178 -9.37 -38.37 -36.82
N THR A 179 -8.82 -37.42 -37.58
CA THR A 179 -8.60 -36.06 -37.12
C THR A 179 -9.75 -35.18 -37.61
N THR A 180 -10.14 -34.20 -36.81
CA THR A 180 -11.26 -33.35 -37.18
C THR A 180 -10.86 -32.35 -38.27
N VAL A 181 -11.87 -31.73 -38.86
CA VAL A 181 -11.63 -30.82 -39.98
C VAL A 181 -10.82 -29.61 -39.54
N ARG A 182 -11.23 -28.97 -38.44
CA ARG A 182 -10.51 -27.80 -37.96
C ARG A 182 -9.09 -28.16 -37.55
N GLU A 183 -8.89 -29.35 -36.99
CA GLU A 183 -7.55 -29.79 -36.63
C GLU A 183 -6.71 -30.06 -37.86
N LEU A 184 -7.31 -30.64 -38.90
CA LEU A 184 -6.60 -30.88 -40.14
C LEU A 184 -6.10 -29.59 -40.75
N LEU A 185 -6.96 -28.56 -40.79
CA LEU A 185 -6.57 -27.28 -41.35
C LEU A 185 -5.51 -26.61 -40.47
N ALA A 186 -5.63 -26.75 -39.15
CA ALA A 186 -4.64 -26.16 -38.25
C ALA A 186 -3.26 -26.74 -38.50
N LEU A 187 -3.16 -28.06 -38.64
CA LEU A 187 -1.89 -28.68 -38.99
C LEU A 187 -1.38 -28.20 -40.34
N LYS A 188 -2.30 -27.98 -41.28
CA LYS A 188 -1.89 -27.51 -42.61
C LYS A 188 -1.23 -26.14 -42.51
N ARG A 189 -1.91 -25.17 -41.90
CA ARG A 189 -1.30 -23.86 -41.67
C ARG A 189 0.03 -23.99 -40.93
N LEU A 190 0.10 -24.90 -39.97
CA LEU A 190 1.27 -25.02 -39.12
C LEU A 190 2.42 -25.76 -39.79
N CYS A 191 2.16 -26.57 -40.83
CA CYS A 191 3.20 -27.41 -41.42
C CYS A 191 3.38 -27.24 -42.92
N ALA A 192 2.49 -26.53 -43.61
CA ALA A 192 2.63 -26.40 -45.06
C ALA A 192 3.75 -25.43 -45.40
N GLU A 193 4.15 -25.45 -46.66
CA GLU A 193 5.15 -24.56 -47.19
C GLU A 193 4.54 -23.17 -47.41
N PRO A 194 5.32 -22.11 -47.22
CA PRO A 194 4.77 -20.75 -47.35
C PRO A 194 4.63 -20.31 -48.80
N LYS A 195 5.22 -19.16 -49.12
CA LYS A 195 5.20 -18.62 -50.48
C LYS A 195 6.66 -18.56 -50.97
N ARG A 196 7.11 -19.63 -51.63
CA ARG A 196 8.47 -19.80 -52.14
C ARG A 196 9.55 -19.21 -51.22
N GLY A 197 9.38 -19.41 -49.92
CA GLY A 197 10.31 -18.88 -48.96
C GLY A 197 10.32 -17.36 -48.91
N GLU A 198 11.12 -16.84 -48.00
CA GLU A 198 11.29 -15.39 -47.89
C GLU A 198 12.17 -14.90 -49.03
N LYS A 199 13.43 -14.62 -48.75
CA LYS A 199 14.39 -14.25 -49.78
C LYS A 199 15.65 -15.10 -49.63
N PRO A 200 16.28 -15.48 -50.73
CA PRO A 200 17.52 -16.26 -50.64
C PRO A 200 18.65 -15.42 -50.04
N ILE A 201 19.52 -16.10 -49.32
CA ILE A 201 20.69 -15.45 -48.73
C ILE A 201 21.76 -15.31 -49.82
N ASP A 202 22.14 -14.08 -50.11
CA ASP A 202 23.12 -13.80 -51.16
C ASP A 202 24.44 -13.28 -50.60
N LYS A 203 24.64 -13.36 -49.28
CA LYS A 203 25.80 -12.76 -48.64
C LYS A 203 26.55 -13.81 -47.83
N THR A 204 27.83 -13.56 -47.61
CA THR A 204 28.62 -14.29 -46.63
C THR A 204 28.67 -13.46 -45.35
N PHE A 205 29.33 -14.03 -44.31
CA PHE A 205 29.41 -13.30 -43.05
C PHE A 205 30.37 -12.13 -43.14
N HIS A 206 31.58 -12.35 -43.66
CA HIS A 206 32.55 -11.27 -43.71
C HIS A 206 32.05 -10.11 -44.56
N GLN A 207 31.29 -10.40 -45.62
CA GLN A 207 30.65 -9.33 -46.37
C GLN A 207 29.83 -8.44 -45.46
N LEU A 208 28.89 -9.03 -44.72
CA LEU A 208 28.01 -8.24 -43.87
C LEU A 208 28.79 -7.58 -42.74
N PHE A 209 29.80 -8.26 -42.21
CA PHE A 209 30.63 -7.65 -41.17
C PHE A 209 31.31 -6.40 -41.69
N GLU A 210 31.83 -6.46 -42.93
CA GLU A 210 32.49 -5.31 -43.51
C GLU A 210 31.51 -4.18 -43.79
N GLN A 211 30.23 -4.48 -44.00
CA GLN A 211 29.24 -3.41 -44.12
C GLN A 211 28.92 -2.80 -42.78
N GLN A 212 28.96 -3.58 -41.70
CA GLN A 212 28.74 -3.01 -40.38
C GLN A 212 29.93 -2.20 -39.91
N VAL A 213 31.14 -2.59 -40.30
CA VAL A 213 32.33 -1.83 -39.94
C VAL A 213 32.28 -0.44 -40.57
N GLU A 214 31.60 -0.30 -41.71
CA GLU A 214 31.42 1.02 -42.29
C GLU A 214 30.29 1.80 -41.63
N MET A 215 29.34 1.12 -40.99
CA MET A 215 28.24 1.81 -40.33
C MET A 215 28.61 2.28 -38.94
N THR A 216 29.31 1.45 -38.17
CA THR A 216 29.76 1.77 -36.82
C THR A 216 31.25 1.53 -36.70
N PRO A 217 32.07 2.31 -37.41
CA PRO A 217 33.52 2.04 -37.39
C PRO A 217 34.17 2.29 -36.04
N ASP A 218 33.76 3.35 -35.35
CA ASP A 218 34.41 3.74 -34.10
C ASP A 218 33.71 3.19 -32.86
N HIS A 219 32.62 2.45 -33.03
CA HIS A 219 32.03 1.75 -31.90
C HIS A 219 32.97 0.66 -31.38
N VAL A 220 32.92 0.43 -30.08
CA VAL A 220 33.68 -0.66 -29.48
C VAL A 220 33.14 -1.99 -29.99
N ALA A 221 34.04 -2.85 -30.46
CA ALA A 221 33.65 -4.15 -31.01
C ALA A 221 33.90 -5.29 -30.03
N VAL A 222 35.12 -5.40 -29.49
CA VAL A 222 35.45 -6.43 -28.52
C VAL A 222 36.16 -5.79 -27.34
N VAL A 223 35.97 -6.39 -26.16
CA VAL A 223 36.61 -5.95 -24.93
C VAL A 223 37.18 -7.18 -24.23
N ASP A 224 38.51 -7.25 -24.14
CA ASP A 224 39.19 -8.31 -23.40
C ASP A 224 40.07 -7.67 -22.35
N ARG A 225 40.00 -8.19 -21.12
CA ARG A 225 40.65 -7.57 -19.97
C ARG A 225 40.23 -6.11 -19.84
N GLY A 226 41.19 -5.20 -19.95
CA GLY A 226 40.85 -3.79 -19.91
C GLY A 226 41.00 -3.13 -21.26
N GLN A 227 41.72 -3.77 -22.18
CA GLN A 227 41.90 -3.23 -23.52
C GLN A 227 40.66 -3.50 -24.37
N SER A 228 40.56 -2.76 -25.48
CA SER A 228 39.39 -2.82 -26.33
C SER A 228 39.79 -2.74 -27.80
N LEU A 229 38.85 -3.11 -28.66
CA LEU A 229 39.02 -3.05 -30.10
C LEU A 229 37.78 -2.44 -30.72
N THR A 230 37.95 -1.43 -31.56
CA THR A 230 36.83 -0.90 -32.31
C THR A 230 36.56 -1.78 -33.52
N TYR A 231 35.42 -1.52 -34.18
CA TYR A 231 35.05 -2.32 -35.35
C TYR A 231 36.09 -2.20 -36.45
N LYS A 232 36.56 -0.98 -36.70
CA LYS A 232 37.56 -0.78 -37.75
C LYS A 232 38.90 -1.37 -37.35
N GLN A 233 39.26 -1.28 -36.06
CA GLN A 233 40.51 -1.89 -35.60
C GLN A 233 40.45 -3.40 -35.73
N LEU A 234 39.30 -4.01 -35.41
CA LEU A 234 39.14 -5.45 -35.58
C LEU A 234 39.18 -5.82 -37.06
N ASN A 235 38.46 -5.07 -37.89
CA ASN A 235 38.43 -5.36 -39.32
C ASN A 235 39.81 -5.31 -39.95
N GLU A 236 40.59 -4.26 -39.63
CA GLU A 236 41.88 -4.06 -40.27
C GLU A 236 42.90 -5.09 -39.80
N ARG A 237 42.91 -5.41 -38.51
CA ARG A 237 43.82 -6.43 -38.02
C ARG A 237 43.47 -7.80 -38.57
N ALA A 238 42.18 -8.08 -38.76
CA ALA A 238 41.78 -9.33 -39.40
C ALA A 238 42.14 -9.31 -40.89
N ASN A 239 41.93 -8.15 -41.55
CA ASN A 239 42.31 -8.03 -42.95
C ASN A 239 43.80 -8.24 -43.16
N GLN A 240 44.62 -7.80 -42.20
CA GLN A 240 46.05 -7.99 -42.29
C GLN A 240 46.41 -9.46 -42.23
N LEU A 241 45.87 -10.18 -41.24
CA LEU A 241 46.16 -11.60 -41.11
C LEU A 241 45.58 -12.40 -42.26
N ALA A 242 44.53 -11.90 -42.91
CA ALA A 242 43.91 -12.62 -44.02
C ALA A 242 44.77 -12.54 -45.28
N HIS A 243 45.36 -11.37 -45.55
CA HIS A 243 46.32 -11.27 -46.65
C HIS A 243 47.46 -12.26 -46.46
N HIS A 244 47.95 -12.40 -45.22
CA HIS A 244 48.98 -13.38 -44.93
C HIS A 244 48.47 -14.80 -45.16
N LEU A 245 47.25 -15.09 -44.70
CA LEU A 245 46.71 -16.44 -44.85
C LEU A 245 46.44 -16.78 -46.30
N ARG A 246 45.80 -15.87 -47.04
CA ARG A 246 45.47 -16.15 -48.43
C ARG A 246 46.72 -16.39 -49.26
N GLY A 247 47.76 -15.57 -49.07
CA GLY A 247 49.01 -15.79 -49.77
C GLY A 247 49.73 -17.06 -49.36
N LYS A 248 49.44 -17.59 -48.17
CA LYS A 248 50.05 -18.84 -47.72
C LYS A 248 49.39 -20.07 -48.34
N GLY A 249 48.23 -19.93 -48.95
CA GLY A 249 47.62 -21.03 -49.67
C GLY A 249 46.18 -21.32 -49.30
N VAL A 250 45.53 -20.40 -48.58
CA VAL A 250 44.14 -20.60 -48.17
C VAL A 250 43.22 -20.39 -49.35
N LYS A 251 42.40 -21.39 -49.65
CA LYS A 251 41.43 -21.36 -50.72
C LYS A 251 40.03 -21.58 -50.14
N PRO A 252 38.97 -21.23 -50.87
CA PRO A 252 37.61 -21.48 -50.37
C PRO A 252 37.41 -22.93 -49.98
N ASP A 253 36.63 -23.15 -48.92
CA ASP A 253 36.31 -24.44 -48.32
C ASP A 253 37.50 -25.11 -47.66
N ASP A 254 38.68 -24.47 -47.63
CA ASP A 254 39.78 -25.01 -46.86
C ASP A 254 39.48 -24.90 -45.37
N GLN A 255 40.19 -25.70 -44.58
CA GLN A 255 39.96 -25.76 -43.15
C GLN A 255 41.24 -25.34 -42.44
N VAL A 256 41.20 -24.17 -41.81
CA VAL A 256 42.30 -23.65 -41.00
C VAL A 256 41.93 -23.81 -39.54
N ALA A 257 42.80 -24.46 -38.77
CA ALA A 257 42.55 -24.69 -37.36
C ALA A 257 43.02 -23.52 -36.51
N ILE A 258 42.38 -23.34 -35.36
CA ILE A 258 42.71 -22.28 -34.42
C ILE A 258 42.79 -22.91 -33.04
N MET A 259 43.98 -22.87 -32.43
CA MET A 259 44.13 -23.35 -31.06
C MET A 259 44.53 -22.20 -30.16
N LEU A 260 43.65 -21.21 -30.03
CA LEU A 260 43.87 -20.06 -29.18
C LEU A 260 42.92 -20.12 -27.98
N ASP A 261 43.23 -19.32 -26.97
CA ASP A 261 42.36 -19.16 -25.83
C ASP A 261 41.58 -17.85 -25.96
N LYS A 262 40.47 -17.77 -25.23
CA LYS A 262 39.57 -16.61 -25.29
C LYS A 262 40.33 -15.30 -25.13
N SER A 263 40.47 -14.54 -26.20
CA SER A 263 41.30 -13.35 -26.20
C SER A 263 40.85 -12.44 -27.35
N LEU A 264 41.54 -11.31 -27.49
CA LEU A 264 41.29 -10.44 -28.63
C LEU A 264 41.81 -11.05 -29.93
N ASP A 265 42.88 -11.84 -29.85
CA ASP A 265 43.44 -12.45 -31.05
C ASP A 265 42.58 -13.60 -31.57
N MET A 266 41.76 -14.21 -30.72
CA MET A 266 40.85 -15.25 -31.18
C MET A 266 39.83 -14.69 -32.16
N ILE A 267 39.23 -13.54 -31.82
CA ILE A 267 38.25 -12.93 -32.71
C ILE A 267 38.92 -12.48 -34.00
N VAL A 268 40.16 -12.02 -33.92
CA VAL A 268 40.89 -11.61 -35.12
C VAL A 268 41.19 -12.83 -35.98
N SER A 269 41.64 -13.93 -35.35
CA SER A 269 41.97 -15.13 -36.11
C SER A 269 40.73 -15.71 -36.79
N ILE A 270 39.59 -15.68 -36.11
CA ILE A 270 38.36 -16.24 -36.68
C ILE A 270 37.95 -15.47 -37.93
N LEU A 271 37.90 -14.14 -37.82
CA LEU A 271 37.57 -13.33 -38.99
C LEU A 271 38.66 -13.36 -40.04
N ALA A 272 39.90 -13.66 -39.65
CA ALA A 272 40.98 -13.73 -40.63
C ALA A 272 40.79 -14.92 -41.57
N VAL A 273 40.55 -16.10 -41.00
CA VAL A 273 40.31 -17.29 -41.82
C VAL A 273 39.12 -17.06 -42.75
N MET A 274 38.09 -16.38 -42.25
CA MET A 274 36.91 -16.12 -43.07
C MET A 274 37.24 -15.20 -44.24
N LYS A 275 37.95 -14.10 -43.95
CA LYS A 275 38.26 -13.13 -45.00
C LYS A 275 39.22 -13.71 -46.03
N ALA A 276 40.14 -14.58 -45.60
CA ALA A 276 41.01 -15.27 -46.55
C ALA A 276 40.19 -16.16 -47.49
N GLY A 277 39.23 -16.90 -46.95
CA GLY A 277 38.33 -17.72 -47.74
C GLY A 277 38.02 -19.06 -47.12
N GLY A 278 38.67 -19.38 -46.00
CA GLY A 278 38.56 -20.68 -45.38
C GLY A 278 37.49 -20.73 -44.29
N ALA A 279 37.48 -21.86 -43.58
CA ALA A 279 36.57 -22.11 -42.47
C ALA A 279 37.40 -22.43 -41.24
N TYR A 280 37.06 -21.81 -40.12
CA TYR A 280 37.89 -21.97 -38.92
C TYR A 280 37.51 -23.23 -38.18
N VAL A 281 38.52 -23.93 -37.68
CA VAL A 281 38.35 -25.20 -36.97
C VAL A 281 38.77 -25.00 -35.52
N PRO A 282 37.85 -24.70 -34.61
CA PRO A 282 38.23 -24.37 -33.24
C PRO A 282 38.70 -25.61 -32.48
N ILE A 283 39.90 -25.51 -31.90
CA ILE A 283 40.49 -26.57 -31.11
C ILE A 283 40.82 -26.01 -29.74
N ASP A 284 40.19 -26.55 -28.71
CA ASP A 284 40.42 -26.07 -27.35
C ASP A 284 41.83 -26.43 -26.90
N PRO A 285 42.63 -25.47 -26.46
CA PRO A 285 44.04 -25.77 -26.14
C PRO A 285 44.23 -26.75 -25.00
N ASP A 286 43.20 -27.00 -24.19
CA ASP A 286 43.31 -27.91 -23.05
C ASP A 286 42.88 -29.33 -23.38
N TYR A 287 42.54 -29.61 -24.63
CA TYR A 287 42.12 -30.95 -25.03
C TYR A 287 43.31 -31.91 -24.94
N PRO A 288 43.04 -33.21 -24.78
CA PRO A 288 44.12 -34.19 -24.84
C PRO A 288 44.84 -34.11 -26.18
N GLY A 289 46.17 -34.28 -26.12
CA GLY A 289 46.97 -34.17 -27.34
C GLY A 289 46.53 -35.10 -28.45
N GLU A 290 45.93 -36.24 -28.09
CA GLU A 290 45.36 -37.12 -29.10
C GLU A 290 44.13 -36.51 -29.76
N ARG A 291 43.24 -35.90 -28.96
CA ARG A 291 42.09 -35.22 -29.52
C ARG A 291 42.53 -34.12 -30.48
N ILE A 292 43.55 -33.35 -30.09
CA ILE A 292 44.07 -32.28 -30.95
C ILE A 292 44.56 -32.85 -32.27
N ALA A 293 45.34 -33.93 -32.20
CA ALA A 293 45.86 -34.54 -33.43
C ALA A 293 44.74 -35.09 -34.29
N TYR A 294 43.70 -35.65 -33.66
CA TYR A 294 42.59 -36.20 -34.42
C TYR A 294 41.90 -35.12 -35.26
N MET A 295 41.55 -33.99 -34.63
CA MET A 295 40.89 -32.92 -35.36
C MET A 295 41.77 -32.43 -36.51
N LEU A 296 43.04 -32.16 -36.24
CA LEU A 296 43.94 -31.64 -37.26
C LEU A 296 43.99 -32.58 -38.46
N ALA A 297 44.18 -33.88 -38.21
CA ALA A 297 44.22 -34.85 -39.29
C ALA A 297 42.86 -35.02 -39.95
N ASP A 298 41.80 -35.09 -39.15
CA ASP A 298 40.45 -35.21 -39.71
C ASP A 298 40.09 -33.98 -40.55
N SER A 299 40.41 -32.79 -40.04
CA SER A 299 40.14 -31.57 -40.80
C SER A 299 41.09 -31.37 -41.97
N SER A 300 42.19 -32.12 -42.01
CA SER A 300 43.22 -31.97 -43.04
C SER A 300 43.66 -30.50 -43.14
N ALA A 301 43.98 -29.94 -41.98
CA ALA A 301 44.38 -28.54 -41.88
C ALA A 301 45.88 -28.44 -42.05
N ALA A 302 46.32 -27.64 -43.03
CA ALA A 302 47.73 -27.38 -43.21
C ALA A 302 48.22 -26.24 -42.33
N ILE A 303 47.33 -25.32 -41.95
CA ILE A 303 47.68 -24.12 -41.20
C ILE A 303 46.95 -24.14 -39.87
N LEU A 304 47.68 -23.91 -38.79
CA LEU A 304 47.12 -23.80 -37.45
C LEU A 304 47.47 -22.43 -36.87
N LEU A 305 46.45 -21.70 -36.43
CA LEU A 305 46.64 -20.40 -35.79
C LEU A 305 46.64 -20.61 -34.27
N THR A 306 47.84 -20.70 -33.70
CA THR A 306 48.02 -20.77 -32.25
C THR A 306 49.13 -19.80 -31.86
N ASN A 307 49.49 -19.82 -30.57
CA ASN A 307 50.57 -18.99 -30.07
C ASN A 307 51.75 -19.87 -29.69
N ALA A 308 52.67 -19.31 -28.90
CA ALA A 308 53.82 -20.07 -28.43
C ALA A 308 53.49 -20.93 -27.21
N LEU A 309 52.48 -20.55 -26.43
CA LEU A 309 52.13 -21.31 -25.23
C LEU A 309 51.53 -22.67 -25.61
N HIS A 310 50.70 -22.71 -26.65
CA HIS A 310 50.06 -23.94 -27.08
C HIS A 310 50.69 -24.52 -28.35
N GLU A 311 51.91 -24.11 -28.68
CA GLU A 311 52.51 -24.51 -29.95
C GLU A 311 52.83 -26.00 -29.97
N GLU A 312 53.52 -26.49 -28.93
CA GLU A 312 54.00 -27.86 -28.92
C GLU A 312 52.87 -28.89 -28.84
N LYS A 313 51.62 -28.46 -28.65
CA LYS A 313 50.50 -29.38 -28.66
C LYS A 313 50.13 -29.84 -30.07
N ALA A 314 50.79 -29.31 -31.09
CA ALA A 314 50.64 -29.81 -32.46
C ALA A 314 51.67 -30.87 -32.80
N ASN A 315 52.79 -30.92 -32.08
CA ASN A 315 53.86 -31.89 -32.33
C ASN A 315 54.39 -31.78 -33.77
N GLY A 316 54.59 -30.55 -34.22
CA GLY A 316 55.07 -30.29 -35.57
C GLY A 316 54.17 -30.86 -36.65
N ALA A 317 52.89 -30.53 -36.59
CA ALA A 317 51.90 -31.12 -37.48
C ALA A 317 51.30 -30.16 -38.49
N CYS A 318 51.44 -28.84 -38.28
CA CYS A 318 50.90 -27.87 -39.21
C CYS A 318 51.90 -26.75 -39.37
N ASP A 319 51.60 -25.85 -40.31
CA ASP A 319 52.35 -24.60 -40.44
C ASP A 319 51.85 -23.65 -39.36
N ILE A 320 52.61 -23.56 -38.26
CA ILE A 320 52.20 -22.69 -37.16
C ILE A 320 52.36 -21.24 -37.57
N ILE A 321 51.28 -20.48 -37.47
CA ILE A 321 51.28 -19.06 -37.73
C ILE A 321 51.01 -18.37 -36.39
N ASP A 322 52.07 -17.85 -35.78
CA ASP A 322 51.96 -17.20 -34.48
C ASP A 322 51.09 -15.95 -34.59
N VAL A 323 50.04 -15.89 -33.76
CA VAL A 323 49.17 -14.72 -33.74
C VAL A 323 49.78 -13.54 -32.99
N HIS A 324 51.01 -13.69 -32.48
CA HIS A 324 51.75 -12.59 -31.87
C HIS A 324 52.97 -12.17 -32.68
N ASP A 325 53.46 -13.02 -33.56
CA ASP A 325 54.55 -12.64 -34.47
C ASP A 325 54.06 -11.56 -35.42
N PRO A 326 54.71 -10.40 -35.46
CA PRO A 326 54.24 -9.33 -36.37
C PRO A 326 54.29 -9.72 -37.83
N ASP A 327 55.25 -10.56 -38.23
CA ASP A 327 55.35 -10.96 -39.63
C ASP A 327 54.18 -11.83 -40.07
N SER A 328 53.41 -12.38 -39.12
CA SER A 328 52.21 -13.10 -39.48
C SER A 328 51.08 -12.17 -39.88
N TYR A 329 51.20 -10.87 -39.59
CA TYR A 329 50.26 -9.86 -40.05
C TYR A 329 50.92 -9.04 -41.14
N SER A 330 50.16 -8.74 -42.19
CA SER A 330 50.69 -7.97 -43.31
C SER A 330 50.56 -6.48 -43.02
N GLU A 331 50.94 -5.67 -44.00
CA GLU A 331 50.78 -4.23 -43.91
C GLU A 331 49.52 -3.73 -44.60
N ASN A 332 48.88 -4.59 -45.39
CA ASN A 332 47.64 -4.22 -46.08
C ASN A 332 46.49 -4.30 -45.09
N THR A 333 45.88 -3.16 -44.77
CA THR A 333 44.76 -3.09 -43.86
C THR A 333 43.43 -2.93 -44.59
N ASN A 334 43.37 -3.34 -45.85
CA ASN A 334 42.18 -3.14 -46.66
C ASN A 334 41.43 -4.45 -46.85
N ASN A 335 40.14 -4.34 -47.13
CA ASN A 335 39.29 -5.51 -47.28
C ASN A 335 39.74 -6.34 -48.47
N LEU A 336 39.98 -7.63 -48.22
CA LEU A 336 40.44 -8.52 -49.28
C LEU A 336 39.35 -8.71 -50.34
N PRO A 337 39.73 -9.01 -51.58
CA PRO A 337 38.74 -9.34 -52.60
C PRO A 337 37.99 -10.62 -52.25
N HIS A 338 36.67 -10.58 -52.46
CA HIS A 338 35.81 -11.68 -52.03
C HIS A 338 35.93 -12.87 -52.97
N VAL A 339 36.23 -14.04 -52.40
CA VAL A 339 36.36 -15.29 -53.12
C VAL A 339 35.40 -16.35 -52.62
N ASN A 340 34.50 -15.98 -51.70
CA ASN A 340 33.57 -16.92 -51.08
C ASN A 340 32.16 -16.72 -51.64
N ARG A 341 31.35 -17.75 -51.47
CA ARG A 341 29.95 -17.79 -51.87
C ARG A 341 29.12 -18.29 -50.69
N PRO A 342 27.83 -17.93 -50.64
CA PRO A 342 27.01 -18.29 -49.47
C PRO A 342 27.02 -19.79 -49.15
N ASP A 343 27.31 -20.63 -50.15
CA ASP A 343 27.35 -22.07 -49.96
C ASP A 343 28.70 -22.57 -49.48
N ASP A 344 29.64 -21.68 -49.17
CA ASP A 344 30.97 -22.08 -48.75
C ASP A 344 30.99 -22.34 -47.25
N LEU A 345 31.83 -23.29 -46.85
CA LEU A 345 31.99 -23.61 -45.43
C LEU A 345 32.48 -22.41 -44.65
N VAL A 346 31.91 -22.22 -43.46
CA VAL A 346 32.29 -21.12 -42.58
C VAL A 346 32.98 -21.62 -41.32
N TYR A 347 32.56 -22.77 -40.78
CA TYR A 347 33.26 -23.35 -39.64
C TYR A 347 32.92 -24.83 -39.57
N VAL A 348 33.78 -25.56 -38.85
CA VAL A 348 33.60 -26.99 -38.60
C VAL A 348 33.79 -27.22 -37.11
N MET A 349 32.73 -27.66 -36.44
CA MET A 349 32.76 -27.92 -35.01
C MET A 349 32.54 -29.41 -34.76
N TYR A 350 33.40 -30.00 -33.93
CA TYR A 350 33.36 -31.42 -33.66
C TYR A 350 32.41 -31.71 -32.50
N THR A 351 31.61 -32.75 -32.65
CA THR A 351 30.64 -33.14 -31.62
C THR A 351 30.84 -34.61 -31.29
N SER A 352 30.73 -34.93 -30.00
CA SER A 352 31.02 -36.28 -29.54
C SER A 352 30.40 -36.55 -28.16
N GLY A 353 31.12 -37.30 -27.34
CA GLY A 353 30.59 -37.74 -26.06
C GLY A 353 29.79 -39.01 -26.12
N SER A 354 29.74 -39.66 -27.28
CA SER A 354 28.94 -40.88 -27.45
C SER A 354 29.53 -41.77 -28.53
N THR A 355 28.67 -42.31 -29.39
CA THR A 355 29.13 -43.20 -30.46
C THR A 355 30.07 -42.47 -31.39
N GLY A 356 31.13 -43.16 -31.82
CA GLY A 356 32.17 -42.56 -32.62
C GLY A 356 33.15 -41.77 -31.77
N LEU A 357 34.31 -41.47 -32.36
CA LEU A 357 35.30 -40.66 -31.66
C LEU A 357 34.86 -39.20 -31.59
N ALA A 358 34.62 -38.59 -32.75
CA ALA A 358 34.13 -37.22 -32.87
C ALA A 358 33.86 -36.95 -34.33
N LYS A 359 32.74 -36.32 -34.62
CA LYS A 359 32.33 -36.03 -35.98
C LYS A 359 32.41 -34.53 -36.25
N GLY A 360 32.94 -34.17 -37.41
CA GLY A 360 33.07 -32.78 -37.79
C GLY A 360 31.84 -32.24 -38.51
N VAL A 361 30.98 -31.54 -37.77
CA VAL A 361 29.81 -30.90 -38.38
C VAL A 361 30.27 -29.66 -39.13
N MET A 362 29.86 -29.54 -40.38
CA MET A 362 30.29 -28.42 -41.21
C MET A 362 29.10 -27.50 -41.45
N ILE A 363 29.28 -26.22 -41.18
CA ILE A 363 28.26 -25.20 -41.36
C ILE A 363 28.73 -24.25 -42.45
N GLU A 364 27.79 -23.78 -43.27
CA GLU A 364 28.09 -22.86 -44.36
C GLU A 364 27.68 -21.43 -44.01
N HIS A 365 28.03 -20.51 -44.91
CA HIS A 365 27.81 -19.09 -44.64
C HIS A 365 26.33 -18.74 -44.62
N HIS A 366 25.57 -19.24 -45.60
CA HIS A 366 24.13 -18.97 -45.63
C HIS A 366 23.43 -19.49 -44.39
N ASN A 367 24.00 -20.53 -43.77
CA ASN A 367 23.45 -21.04 -42.51
C ASN A 367 23.59 -20.01 -41.40
N LEU A 368 24.81 -19.51 -41.19
CA LEU A 368 25.06 -18.54 -40.13
C LEU A 368 24.35 -17.22 -40.40
N VAL A 369 24.38 -16.75 -41.65
CA VAL A 369 23.74 -15.47 -41.99
C VAL A 369 22.26 -15.51 -41.67
N ASN A 370 21.59 -16.60 -42.04
CA ASN A 370 20.17 -16.73 -41.76
C ASN A 370 19.89 -16.65 -40.26
N PHE A 371 20.79 -17.15 -39.44
CA PHE A 371 20.60 -17.05 -38.00
C PHE A 371 20.86 -15.63 -37.51
N CYS A 372 22.00 -15.06 -37.92
CA CYS A 372 22.36 -13.72 -37.46
C CYS A 372 21.34 -12.67 -37.94
N GLU A 373 20.77 -12.86 -39.12
CA GLU A 373 19.78 -11.92 -39.62
C GLU A 373 18.40 -12.14 -39.01
N TRP A 374 18.18 -13.27 -38.35
CA TRP A 374 16.99 -13.46 -37.53
C TRP A 374 17.22 -13.00 -36.10
N TYR A 375 18.44 -13.14 -35.60
CA TYR A 375 18.74 -12.82 -34.21
C TYR A 375 18.57 -11.33 -33.92
N ARG A 376 19.13 -10.48 -34.78
CA ARG A 376 19.12 -9.04 -34.50
C ARG A 376 17.70 -8.46 -34.41
N PRO A 377 16.81 -8.64 -35.40
CA PRO A 377 15.48 -8.04 -35.27
C PRO A 377 14.60 -8.73 -34.25
N TYR A 378 14.85 -10.00 -33.94
CA TYR A 378 14.01 -10.72 -32.99
C TYR A 378 14.21 -10.20 -31.57
N PHE A 379 15.46 -9.93 -31.20
CA PHE A 379 15.80 -9.44 -29.86
C PHE A 379 16.07 -7.95 -29.84
N GLY A 380 15.96 -7.26 -30.97
CA GLY A 380 16.20 -5.83 -31.01
C GLY A 380 17.62 -5.44 -30.67
N VAL A 381 18.60 -6.19 -31.16
CA VAL A 381 20.00 -5.89 -30.86
C VAL A 381 20.39 -4.60 -31.57
N THR A 382 20.97 -3.67 -30.81
CA THR A 382 21.38 -2.37 -31.29
C THR A 382 22.84 -2.17 -30.96
N PRO A 383 23.50 -1.16 -31.54
CA PRO A 383 24.88 -0.87 -31.14
C PRO A 383 25.03 -0.46 -29.68
N ALA A 384 23.92 -0.27 -28.96
CA ALA A 384 23.96 0.05 -27.55
C ALA A 384 24.07 -1.16 -26.65
N ASP A 385 23.94 -2.36 -27.19
CA ASP A 385 23.98 -3.58 -26.39
C ASP A 385 25.41 -3.99 -26.10
N LYS A 386 25.56 -4.84 -25.08
CA LYS A 386 26.83 -5.45 -24.73
C LYS A 386 26.59 -6.92 -24.47
N ALA A 387 27.43 -7.78 -25.04
CA ALA A 387 27.23 -9.22 -24.97
C ALA A 387 28.45 -9.91 -24.40
N LEU A 388 28.24 -11.14 -23.93
CA LEU A 388 29.25 -11.93 -23.23
C LEU A 388 29.67 -13.09 -24.12
N VAL A 389 30.97 -13.22 -24.36
CA VAL A 389 31.54 -14.38 -25.06
C VAL A 389 31.82 -15.42 -23.99
N TYR A 390 30.80 -16.21 -23.66
CA TYR A 390 30.83 -17.15 -22.54
C TYR A 390 31.21 -18.57 -22.96
N SER A 391 30.55 -19.11 -23.97
CA SER A 391 30.79 -20.49 -24.36
C SER A 391 32.19 -20.67 -24.93
N SER A 392 32.71 -21.89 -24.80
CA SER A 392 33.96 -22.24 -25.46
C SER A 392 33.83 -22.07 -26.97
N PHE A 393 34.89 -21.57 -27.61
CA PHE A 393 34.82 -21.33 -29.05
C PHE A 393 34.75 -22.63 -29.84
N SER A 394 34.86 -23.78 -29.19
CA SER A 394 34.69 -25.07 -29.83
C SER A 394 33.25 -25.54 -29.87
N PHE A 395 32.31 -24.73 -29.39
CA PHE A 395 30.88 -25.06 -29.39
C PHE A 395 30.10 -23.94 -30.03
N ASP A 396 29.00 -24.30 -30.70
CA ASP A 396 28.25 -23.32 -31.47
C ASP A 396 27.58 -22.26 -30.60
N GLY A 397 27.61 -22.43 -29.27
CA GLY A 397 27.18 -21.35 -28.40
C GLY A 397 28.01 -20.09 -28.60
N SER A 398 29.33 -20.26 -28.81
CA SER A 398 30.19 -19.12 -29.10
C SER A 398 29.85 -18.46 -30.42
N ALA A 399 29.40 -19.24 -31.41
CA ALA A 399 28.96 -18.65 -32.68
C ALA A 399 27.83 -17.64 -32.46
N LEU A 400 26.86 -18.00 -31.63
CA LEU A 400 25.83 -17.04 -31.24
C LEU A 400 26.44 -15.88 -30.47
N ASP A 401 27.40 -16.17 -29.59
CA ASP A 401 27.97 -15.13 -28.74
C ASP A 401 28.76 -14.11 -29.55
N ILE A 402 29.34 -14.52 -30.66
CA ILE A 402 30.27 -13.67 -31.41
C ILE A 402 29.61 -13.06 -32.64
N PHE A 403 29.01 -13.90 -33.50
CA PHE A 403 28.60 -13.43 -34.83
C PHE A 403 27.30 -12.66 -34.81
N THR A 404 26.34 -13.03 -33.95
CA THR A 404 25.04 -12.37 -33.97
C THR A 404 25.17 -10.91 -33.55
N HIS A 405 25.89 -10.66 -32.45
CA HIS A 405 25.99 -9.29 -31.93
C HIS A 405 26.93 -8.42 -32.75
N LEU A 406 27.93 -9.02 -33.41
CA LEU A 406 28.83 -8.26 -34.26
C LEU A 406 28.07 -7.62 -35.42
N LEU A 407 27.08 -8.32 -35.96
CA LEU A 407 26.30 -7.81 -37.08
C LEU A 407 25.28 -6.75 -36.67
N ALA A 408 25.27 -6.35 -35.40
CA ALA A 408 24.33 -5.36 -34.92
C ALA A 408 25.01 -4.13 -34.32
N GLY A 409 26.34 -4.11 -34.25
CA GLY A 409 27.04 -2.98 -33.68
C GLY A 409 27.31 -3.09 -32.20
N ALA A 410 26.96 -4.20 -31.57
CA ALA A 410 27.12 -4.36 -30.13
C ALA A 410 28.57 -4.66 -29.78
N ALA A 411 28.85 -4.75 -28.48
CA ALA A 411 30.20 -4.92 -27.98
C ALA A 411 30.32 -6.29 -27.31
N LEU A 412 31.34 -7.05 -27.72
CA LEU A 412 31.63 -8.34 -27.13
C LEU A 412 32.59 -8.19 -25.96
N HIS A 413 32.31 -8.91 -24.88
CA HIS A 413 33.16 -8.91 -23.69
C HIS A 413 33.64 -10.33 -23.44
N ILE A 414 34.96 -10.53 -23.51
CA ILE A 414 35.52 -11.87 -23.35
C ILE A 414 35.48 -12.27 -21.88
N VAL A 415 35.16 -13.54 -21.62
CA VAL A 415 34.99 -14.06 -20.26
C VAL A 415 36.18 -14.96 -19.96
N PRO A 416 37.03 -14.61 -19.00
CA PRO A 416 38.05 -15.55 -18.53
C PRO A 416 37.41 -16.63 -17.67
N SER A 417 38.08 -17.77 -17.60
CA SER A 417 37.59 -18.88 -16.78
C SER A 417 37.51 -18.50 -15.30
N GLU A 418 38.05 -17.36 -14.90
CA GLU A 418 37.90 -16.89 -13.53
C GLU A 418 36.45 -16.63 -13.17
N ARG A 419 35.65 -16.17 -14.13
CA ARG A 419 34.26 -15.84 -13.89
C ARG A 419 33.28 -16.76 -14.61
N LYS A 420 33.74 -17.53 -15.61
CA LYS A 420 32.87 -18.48 -16.28
C LYS A 420 32.30 -19.50 -15.32
N TYR A 421 32.95 -19.73 -14.19
CA TYR A 421 32.51 -20.71 -13.20
C TYR A 421 32.11 -20.11 -11.86
N ASP A 422 32.61 -18.93 -11.52
CA ASP A 422 32.10 -18.17 -10.38
C ASP A 422 30.99 -17.25 -10.91
N LEU A 423 29.75 -17.75 -10.85
CA LEU A 423 28.62 -17.00 -11.39
C LEU A 423 28.17 -15.87 -10.48
N ASP A 424 28.71 -15.78 -9.26
CA ASP A 424 28.54 -14.57 -8.47
C ASP A 424 29.42 -13.45 -9.02
N ALA A 425 30.66 -13.77 -9.37
CA ALA A 425 31.55 -12.79 -9.97
C ALA A 425 31.10 -12.40 -11.37
N LEU A 426 30.46 -13.33 -12.09
CA LEU A 426 29.93 -12.99 -13.41
C LEU A 426 28.86 -11.93 -13.30
N ASN A 427 27.93 -12.11 -12.35
CA ASN A 427 26.89 -11.10 -12.13
C ASN A 427 27.51 -9.77 -11.76
N ASP A 428 28.62 -9.79 -11.02
CA ASP A 428 29.35 -8.56 -10.74
C ASP A 428 29.79 -7.89 -12.03
N TYR A 429 30.57 -8.60 -12.85
CA TYR A 429 31.03 -8.07 -14.12
C TYR A 429 29.88 -7.55 -14.97
N CYS A 430 28.83 -8.37 -15.12
CA CYS A 430 27.68 -7.94 -15.91
C CYS A 430 27.07 -6.67 -15.35
N ASN A 431 26.85 -6.62 -14.03
CA ASN A 431 26.22 -5.45 -13.44
C ASN A 431 27.10 -4.21 -13.53
N GLN A 432 28.43 -4.36 -13.46
CA GLN A 432 29.33 -3.22 -13.50
C GLN A 432 29.76 -2.85 -14.91
N GLU A 433 29.47 -3.68 -15.91
CA GLU A 433 29.77 -3.36 -17.30
C GLU A 433 28.53 -3.13 -18.15
N GLY A 434 27.34 -3.40 -17.62
CA GLY A 434 26.13 -3.17 -18.37
C GLY A 434 25.89 -4.17 -19.49
N ILE A 435 26.20 -5.44 -19.26
CA ILE A 435 25.92 -6.48 -20.24
C ILE A 435 24.40 -6.66 -20.34
N THR A 436 23.87 -6.44 -21.54
CA THR A 436 22.43 -6.41 -21.75
C THR A 436 21.85 -7.70 -22.30
N ILE A 437 22.62 -8.47 -23.06
CA ILE A 437 22.10 -9.66 -23.73
C ILE A 437 23.20 -10.70 -23.80
N SER A 438 22.83 -11.97 -23.62
CA SER A 438 23.79 -13.07 -23.71
C SER A 438 23.05 -14.39 -23.71
N TYR A 439 23.76 -15.43 -24.14
CA TYR A 439 23.25 -16.79 -24.13
C TYR A 439 24.00 -17.57 -23.06
N LEU A 440 23.26 -18.11 -22.09
CA LEU A 440 23.81 -18.93 -21.03
C LEU A 440 23.25 -20.34 -21.15
N PRO A 441 24.09 -21.38 -21.16
CA PRO A 441 23.56 -22.75 -21.16
C PRO A 441 22.65 -23.01 -19.97
N THR A 442 21.85 -24.08 -20.11
CA THR A 442 20.74 -24.30 -19.18
C THR A 442 21.19 -24.37 -17.73
N GLY A 443 22.18 -25.22 -17.44
CA GLY A 443 22.62 -25.36 -16.06
C GLY A 443 23.20 -24.08 -15.48
N ALA A 444 24.07 -23.43 -16.24
CA ALA A 444 24.64 -22.16 -15.79
C ALA A 444 23.55 -21.10 -15.65
N ALA A 445 22.55 -21.12 -16.54
CA ALA A 445 21.47 -20.15 -16.46
C ALA A 445 20.65 -20.35 -15.18
N GLU A 446 20.26 -21.59 -14.90
CA GLU A 446 19.48 -21.87 -13.70
C GLU A 446 20.22 -21.48 -12.42
N GLN A 447 21.55 -21.45 -12.45
CA GLN A 447 22.35 -20.99 -11.32
C GLN A 447 22.69 -19.51 -11.40
N PHE A 448 22.34 -18.84 -12.49
CA PHE A 448 22.46 -17.39 -12.57
C PHE A 448 21.16 -16.68 -12.20
N MET A 449 20.04 -17.40 -12.23
CA MET A 449 18.76 -16.80 -11.86
C MET A 449 18.69 -16.45 -10.38
N GLN A 450 19.56 -17.03 -9.56
CA GLN A 450 19.58 -16.68 -8.14
C GLN A 450 20.34 -15.37 -7.89
N MET A 451 21.35 -15.06 -8.70
CA MET A 451 22.10 -13.82 -8.53
C MET A 451 21.21 -12.61 -8.82
N ASP A 452 21.57 -11.49 -8.20
CA ASP A 452 20.81 -10.25 -8.33
C ASP A 452 21.40 -9.43 -9.46
N ASN A 453 20.69 -9.37 -10.58
CA ASN A 453 21.17 -8.70 -11.79
C ASN A 453 20.30 -7.50 -12.12
N GLN A 454 20.95 -6.46 -12.64
CA GLN A 454 20.25 -5.28 -13.14
C GLN A 454 20.65 -4.92 -14.56
N SER A 455 21.62 -5.63 -15.14
CA SER A 455 22.17 -5.26 -16.45
C SER A 455 21.43 -5.92 -17.60
N PHE A 456 21.09 -7.21 -17.48
CA PHE A 456 20.50 -7.94 -18.58
C PHE A 456 19.07 -7.50 -18.84
N ARG A 457 18.72 -7.38 -20.12
CA ARG A 457 17.33 -7.27 -20.54
C ARG A 457 16.81 -8.53 -21.21
N VAL A 458 17.70 -9.34 -21.77
CA VAL A 458 17.35 -10.59 -22.44
C VAL A 458 18.41 -11.61 -22.10
N VAL A 459 17.99 -12.79 -21.64
CA VAL A 459 18.87 -13.91 -21.39
C VAL A 459 18.30 -15.13 -22.09
N ILE A 460 19.02 -15.65 -23.09
CA ILE A 460 18.62 -16.84 -23.83
C ILE A 460 19.32 -18.05 -23.22
N THR A 461 18.58 -19.15 -23.11
CA THR A 461 19.14 -20.41 -22.60
C THR A 461 18.73 -21.55 -23.50
N GLY A 462 19.32 -22.71 -23.26
CA GLY A 462 19.08 -23.89 -24.08
C GLY A 462 20.23 -24.85 -23.97
N GLY A 463 20.00 -26.05 -24.50
CA GLY A 463 20.99 -27.11 -24.41
C GLY A 463 20.45 -28.32 -23.66
N ASP A 464 20.03 -28.11 -22.42
CA ASP A 464 19.33 -29.12 -21.65
C ASP A 464 17.87 -28.70 -21.51
N VAL A 465 17.16 -29.32 -20.57
CA VAL A 465 15.74 -29.06 -20.37
C VAL A 465 15.59 -27.98 -19.30
N LEU A 466 15.01 -26.84 -19.68
CA LEU A 466 14.79 -25.75 -18.74
C LEU A 466 13.59 -26.07 -17.86
N LYS A 467 13.76 -25.82 -16.55
CA LYS A 467 12.68 -26.07 -15.59
C LYS A 467 12.42 -24.83 -14.75
N LYS A 468 13.47 -24.06 -14.48
CA LYS A 468 13.40 -22.93 -13.57
C LYS A 468 13.10 -21.64 -14.33
N ILE A 469 12.06 -20.93 -13.90
CA ILE A 469 11.74 -19.63 -14.48
C ILE A 469 11.86 -18.49 -13.49
N GLU A 470 11.88 -18.77 -12.18
CA GLU A 470 11.99 -17.72 -11.18
C GLU A 470 13.42 -17.21 -11.13
N ARG A 471 13.59 -15.89 -11.20
CA ARG A 471 14.91 -15.30 -11.30
C ARG A 471 14.93 -13.98 -10.54
N ASN A 472 16.13 -13.63 -10.04
CA ASN A 472 16.36 -12.36 -9.38
C ASN A 472 16.90 -11.37 -10.41
N GLY A 473 16.01 -10.90 -11.27
CA GLY A 473 16.41 -9.96 -12.30
C GLY A 473 15.20 -9.45 -13.04
N THR A 474 15.44 -8.44 -13.88
CA THR A 474 14.41 -7.82 -14.70
C THR A 474 14.52 -8.20 -16.16
N TYR A 475 15.15 -9.34 -16.47
CA TYR A 475 15.40 -9.73 -17.85
C TYR A 475 14.38 -10.76 -18.33
N LYS A 476 14.12 -10.75 -19.63
CA LYS A 476 13.25 -11.74 -20.24
C LYS A 476 14.01 -13.05 -20.45
N LEU A 477 13.31 -14.16 -20.23
CA LEU A 477 13.89 -15.49 -20.34
C LEU A 477 13.45 -16.13 -21.65
N TYR A 478 14.41 -16.59 -22.44
CA TYR A 478 14.13 -17.24 -23.71
C TYR A 478 14.73 -18.64 -23.72
N ASN A 479 13.95 -19.60 -24.22
CA ASN A 479 14.36 -20.99 -24.33
C ASN A 479 14.48 -21.36 -25.80
N GLY A 480 15.65 -21.83 -26.20
CA GLY A 480 15.90 -22.21 -27.59
C GLY A 480 16.22 -23.67 -27.78
N TYR A 481 16.09 -24.15 -29.02
CA TYR A 481 16.36 -25.54 -29.36
C TYR A 481 17.00 -25.59 -30.74
N GLY A 482 17.95 -26.51 -30.90
CA GLY A 482 18.59 -26.73 -32.17
C GLY A 482 19.78 -27.66 -32.07
N PRO A 483 19.97 -28.50 -33.09
CA PRO A 483 21.16 -29.33 -33.16
C PRO A 483 22.33 -28.53 -33.71
N THR A 484 23.53 -29.05 -33.46
CA THR A 484 24.72 -28.47 -34.07
C THR A 484 24.73 -28.64 -35.58
N GLU A 485 24.04 -29.66 -36.09
CA GLU A 485 23.99 -29.91 -37.53
C GLU A 485 23.26 -28.80 -38.26
N CYS A 486 22.19 -28.28 -37.67
CA CYS A 486 21.63 -27.01 -38.06
C CYS A 486 22.37 -25.91 -37.29
N THR A 487 22.12 -24.66 -37.65
CA THR A 487 22.94 -23.58 -37.12
C THR A 487 22.44 -23.18 -35.74
N ILE A 488 23.18 -23.56 -34.70
CA ILE A 488 22.95 -23.10 -33.33
C ILE A 488 21.56 -23.52 -32.84
N MET A 489 20.52 -22.80 -33.31
CA MET A 489 19.17 -23.05 -32.85
C MET A 489 18.19 -22.89 -33.99
N VAL A 490 17.06 -23.59 -33.89
CA VAL A 490 16.02 -23.54 -34.91
C VAL A 490 14.67 -23.10 -34.35
N THR A 491 14.46 -23.14 -33.03
CA THR A 491 13.24 -22.65 -32.43
C THR A 491 13.58 -21.82 -31.21
N MET A 492 12.76 -20.80 -30.95
CA MET A 492 12.91 -19.94 -29.79
C MET A 492 11.56 -19.77 -29.12
N PHE A 493 11.59 -19.64 -27.79
CA PHE A 493 10.39 -19.46 -26.99
C PHE A 493 10.69 -18.46 -25.89
N GLU A 494 9.77 -17.52 -25.69
CA GLU A 494 9.86 -16.58 -24.57
C GLU A 494 9.10 -17.18 -23.40
N VAL A 495 9.83 -17.53 -22.34
CA VAL A 495 9.23 -18.05 -21.12
C VAL A 495 8.46 -16.94 -20.43
N ASP A 496 7.14 -16.90 -20.63
CA ASP A 496 6.29 -15.86 -20.08
C ASP A 496 5.63 -16.23 -18.75
N LYS A 497 5.53 -17.51 -18.46
CA LYS A 497 4.81 -17.99 -17.28
C LYS A 497 5.39 -19.34 -16.88
N PRO A 498 5.05 -19.84 -15.70
CA PRO A 498 5.47 -21.20 -15.35
C PRO A 498 4.86 -22.24 -16.27
N TYR A 499 5.63 -23.27 -16.58
CA TYR A 499 5.19 -24.38 -17.40
C TYR A 499 5.67 -25.68 -16.79
N ALA A 500 4.90 -26.75 -17.03
CA ALA A 500 5.39 -28.08 -16.67
C ALA A 500 6.45 -28.54 -17.67
N ASN A 501 6.15 -28.42 -18.95
CA ASN A 501 7.11 -28.65 -20.03
C ASN A 501 7.18 -27.36 -20.82
N ILE A 502 8.19 -26.54 -20.54
CA ILE A 502 8.38 -25.26 -21.21
C ILE A 502 8.61 -25.49 -22.70
N PRO A 503 7.78 -24.93 -23.58
CA PRO A 503 7.93 -25.22 -25.01
C PRO A 503 9.27 -24.74 -25.53
N ILE A 504 9.80 -25.48 -26.51
CA ILE A 504 11.02 -25.01 -27.17
C ILE A 504 10.73 -23.90 -28.17
N GLY A 505 9.47 -23.71 -28.52
CA GLY A 505 9.06 -22.54 -29.27
C GLY A 505 8.60 -22.85 -30.69
N LYS A 506 8.65 -21.81 -31.53
CA LYS A 506 8.27 -21.82 -32.93
C LYS A 506 9.50 -21.69 -33.82
N PRO A 507 9.45 -22.19 -35.05
CA PRO A 507 10.62 -22.14 -35.92
C PRO A 507 11.01 -20.71 -36.27
N ILE A 508 12.29 -20.54 -36.62
CA ILE A 508 12.85 -19.22 -36.91
C ILE A 508 12.74 -18.92 -38.40
N ASP A 509 13.49 -17.92 -38.86
CA ASP A 509 13.43 -17.51 -40.25
C ASP A 509 13.86 -18.64 -41.18
N ARG A 510 13.10 -18.83 -42.25
CA ARG A 510 13.44 -19.79 -43.30
C ARG A 510 13.70 -21.19 -42.74
N THR A 511 12.89 -21.56 -41.75
CA THR A 511 13.04 -22.84 -41.05
C THR A 511 11.67 -23.42 -40.80
N ARG A 512 11.49 -24.72 -41.10
CA ARG A 512 10.23 -25.40 -40.87
C ARG A 512 10.47 -26.70 -40.13
N ILE A 513 9.58 -27.00 -39.19
CA ILE A 513 9.69 -28.17 -38.32
C ILE A 513 8.49 -29.07 -38.56
N LEU A 514 8.74 -30.37 -38.71
CA LEU A 514 7.70 -31.36 -38.93
C LEU A 514 7.79 -32.45 -37.88
N ILE A 515 6.65 -32.90 -37.38
CA ILE A 515 6.57 -34.04 -36.47
C ILE A 515 6.11 -35.24 -37.30
N LEU A 516 7.00 -36.21 -37.47
CA LEU A 516 6.73 -37.35 -38.34
C LEU A 516 6.84 -38.65 -37.56
N ASP A 517 6.20 -39.69 -38.09
CA ASP A 517 6.17 -41.01 -37.46
C ASP A 517 7.29 -41.87 -38.03
N GLU A 518 7.25 -43.17 -37.72
CA GLU A 518 8.31 -44.07 -38.19
C GLU A 518 8.33 -44.20 -39.71
N ALA A 519 7.16 -44.14 -40.33
CA ALA A 519 7.06 -44.19 -41.79
C ALA A 519 7.29 -42.83 -42.44
N LEU A 520 7.75 -41.84 -41.67
CA LEU A 520 8.03 -40.49 -42.17
C LEU A 520 6.74 -39.83 -42.67
N ALA A 521 5.63 -40.07 -41.97
CA ALA A 521 4.35 -39.48 -42.31
C ALA A 521 3.95 -38.44 -41.27
N LEU A 522 3.16 -37.46 -41.69
CA LEU A 522 2.79 -36.35 -40.84
C LEU A 522 1.92 -36.82 -39.69
N GLN A 523 2.37 -36.58 -38.46
CA GLN A 523 1.54 -36.84 -37.30
C GLN A 523 0.55 -35.70 -37.09
N PRO A 524 -0.63 -35.99 -36.53
CA PRO A 524 -1.57 -34.91 -36.19
C PRO A 524 -1.03 -34.06 -35.06
N ILE A 525 -1.68 -32.90 -34.87
CA ILE A 525 -1.27 -32.00 -33.80
C ILE A 525 -1.49 -32.68 -32.46
N GLY A 526 -0.51 -32.56 -31.57
CA GLY A 526 -0.57 -33.18 -30.26
C GLY A 526 -0.07 -34.61 -30.22
N VAL A 527 0.02 -35.28 -31.36
CA VAL A 527 0.59 -36.62 -31.41
C VAL A 527 2.10 -36.51 -31.46
N ALA A 528 2.78 -37.34 -30.68
CA ALA A 528 4.22 -37.29 -30.61
C ALA A 528 4.85 -37.99 -31.81
N GLY A 529 6.09 -37.59 -32.10
CA GLY A 529 6.85 -38.19 -33.18
C GLY A 529 8.28 -37.71 -33.14
N GLU A 530 9.00 -37.98 -34.21
CA GLU A 530 10.38 -37.49 -34.34
C GLU A 530 10.39 -36.11 -34.96
N LEU A 531 11.20 -35.22 -34.39
CA LEU A 531 11.32 -33.87 -34.91
C LEU A 531 12.21 -33.87 -36.15
N PHE A 532 11.75 -33.23 -37.22
CA PHE A 532 12.48 -33.12 -38.46
C PHE A 532 12.66 -31.64 -38.80
N ILE A 533 13.85 -31.27 -39.24
CA ILE A 533 14.20 -29.87 -39.48
C ILE A 533 14.36 -29.66 -40.99
N VAL A 534 13.70 -28.62 -41.51
CA VAL A 534 13.82 -28.21 -42.91
C VAL A 534 14.10 -26.71 -42.92
N GLY A 535 15.09 -26.30 -43.70
CA GLY A 535 15.34 -24.88 -43.87
C GLY A 535 16.82 -24.60 -44.09
N GLU A 536 17.15 -23.32 -43.93
CA GLU A 536 18.49 -22.81 -44.21
C GLU A 536 19.49 -23.08 -43.10
N GLY A 537 19.08 -23.71 -41.99
CA GLY A 537 20.03 -24.07 -40.95
C GLY A 537 20.77 -25.35 -41.26
N LEU A 538 20.18 -26.23 -42.07
CA LEU A 538 20.77 -27.53 -42.35
C LEU A 538 22.08 -27.35 -43.11
N GLY A 539 23.19 -27.80 -42.50
CA GLY A 539 24.49 -27.69 -43.12
C GLY A 539 24.77 -28.81 -44.09
N ARG A 540 26.04 -28.92 -44.50
CA ARG A 540 26.44 -29.95 -45.45
C ARG A 540 26.35 -31.34 -44.81
N GLY A 541 26.96 -31.51 -43.65
CA GLY A 541 26.91 -32.77 -42.94
C GLY A 541 28.15 -32.98 -42.09
N TYR A 542 28.67 -34.21 -42.15
CA TYR A 542 29.81 -34.61 -41.33
C TYR A 542 31.06 -34.77 -42.20
N LEU A 543 32.21 -34.50 -41.60
CA LEU A 543 33.48 -34.52 -42.30
C LEU A 543 33.99 -35.96 -42.43
N ASN A 544 34.13 -36.43 -43.67
CA ASN A 544 34.64 -37.77 -43.97
C ASN A 544 33.80 -38.88 -43.35
N ARG A 545 32.52 -38.59 -43.08
CA ARG A 545 31.55 -39.57 -42.59
C ARG A 545 30.31 -39.48 -43.47
N PRO A 546 30.39 -39.98 -44.70
CA PRO A 546 29.24 -39.86 -45.61
C PRO A 546 28.10 -40.80 -45.28
N GLU A 547 28.36 -41.86 -44.51
CA GLU A 547 27.28 -42.77 -44.11
C GLU A 547 26.32 -42.09 -43.15
N LEU A 548 26.85 -41.55 -42.04
CA LEU A 548 26.00 -40.88 -41.07
C LEU A 548 25.28 -39.67 -41.67
N THR A 549 25.92 -38.97 -42.62
CA THR A 549 25.28 -37.83 -43.24
C THR A 549 24.05 -38.26 -44.05
N ALA A 550 24.18 -39.33 -44.84
CA ALA A 550 23.03 -39.87 -45.55
C ALA A 550 21.98 -40.44 -44.61
N GLU A 551 22.36 -40.73 -43.37
CA GLU A 551 21.44 -41.29 -42.39
C GLU A 551 20.62 -40.22 -41.70
N LYS A 552 21.26 -39.12 -41.30
CA LYS A 552 20.56 -38.06 -40.57
C LYS A 552 20.04 -36.97 -41.50
N PHE A 553 20.78 -36.65 -42.56
CA PHE A 553 20.32 -35.71 -43.59
C PHE A 553 19.70 -36.54 -44.71
N ILE A 554 18.38 -36.63 -44.71
CA ILE A 554 17.64 -37.40 -45.70
C ILE A 554 16.75 -36.46 -46.48
N VAL A 555 16.59 -36.73 -47.77
CA VAL A 555 15.57 -36.06 -48.58
C VAL A 555 14.28 -36.85 -48.44
N HIS A 556 13.19 -36.15 -48.17
CA HIS A 556 11.95 -36.83 -47.83
C HIS A 556 11.43 -37.59 -49.04
N PRO A 557 11.05 -38.86 -48.88
CA PRO A 557 10.61 -39.65 -50.04
C PRO A 557 9.42 -39.07 -50.77
N GLN A 558 8.59 -38.27 -50.09
CA GLN A 558 7.38 -37.73 -50.70
C GLN A 558 7.43 -36.22 -50.88
N THR A 559 7.75 -35.46 -49.84
CA THR A 559 7.81 -34.01 -49.96
C THR A 559 9.05 -33.52 -50.72
N GLY A 560 9.99 -34.40 -51.03
CA GLY A 560 11.18 -34.05 -51.77
C GLY A 560 11.98 -32.91 -51.15
N GLU A 561 12.20 -32.99 -49.84
CA GLU A 561 12.85 -31.94 -49.08
C GLU A 561 13.96 -32.54 -48.23
N ARG A 562 15.11 -31.88 -48.19
CA ARG A 562 16.17 -32.31 -47.29
C ARG A 562 15.76 -32.03 -45.86
N MET A 563 15.86 -33.06 -45.02
CA MET A 563 15.42 -32.99 -43.63
C MET A 563 16.51 -33.56 -42.74
N TYR A 564 16.62 -33.04 -41.53
CA TYR A 564 17.55 -33.56 -40.55
C TYR A 564 16.79 -34.40 -39.51
N ARG A 565 17.23 -35.64 -39.33
CA ARG A 565 16.70 -36.52 -38.30
C ARG A 565 17.28 -36.13 -36.95
N THR A 566 16.47 -35.54 -36.08
CA THR A 566 16.98 -35.11 -34.78
C THR A 566 17.23 -36.31 -33.87
N GLY A 567 16.39 -37.33 -33.96
CA GLY A 567 16.37 -38.37 -32.94
C GLY A 567 15.64 -37.96 -31.68
N ASP A 568 15.00 -36.79 -31.68
CA ASP A 568 14.30 -36.25 -30.52
C ASP A 568 12.79 -36.34 -30.74
N ARG A 569 12.08 -36.67 -29.68
CA ARG A 569 10.62 -36.77 -29.74
C ARG A 569 10.00 -35.45 -29.29
N ALA A 570 8.99 -34.99 -30.03
CA ALA A 570 8.34 -33.74 -29.73
C ALA A 570 6.93 -33.78 -30.30
N ARG A 571 6.11 -32.81 -29.88
CA ARG A 571 4.76 -32.67 -30.38
C ARG A 571 4.45 -31.19 -30.57
N PHE A 572 3.64 -30.90 -31.59
CA PHE A 572 3.13 -29.56 -31.77
C PHE A 572 2.00 -29.31 -30.79
N LEU A 573 1.97 -28.12 -30.22
CA LEU A 573 0.84 -27.72 -29.41
C LEU A 573 -0.11 -26.87 -30.23
N PRO A 574 -1.37 -26.72 -29.80
CA PRO A 574 -2.34 -25.95 -30.61
C PRO A 574 -1.96 -24.48 -30.84
N ASP A 575 -1.07 -23.90 -30.03
CA ASP A 575 -0.69 -22.51 -30.20
C ASP A 575 0.28 -22.29 -31.36
N GLY A 576 0.82 -23.36 -31.93
CA GLY A 576 1.85 -23.26 -32.95
C GLY A 576 3.24 -23.55 -32.44
N ASN A 577 3.40 -23.78 -31.14
CA ASN A 577 4.69 -24.05 -30.54
C ASN A 577 4.98 -25.54 -30.56
N ILE A 578 6.24 -25.87 -30.31
CA ILE A 578 6.69 -27.25 -30.17
C ILE A 578 7.20 -27.43 -28.75
N GLU A 579 7.08 -28.65 -28.23
CA GLU A 579 7.59 -28.96 -26.90
C GLU A 579 8.40 -30.24 -26.93
N PHE A 580 9.59 -30.20 -26.34
CA PHE A 580 10.48 -31.35 -26.29
C PHE A 580 9.90 -32.43 -25.38
N LEU A 581 9.80 -33.66 -25.88
CA LEU A 581 9.26 -34.77 -25.13
C LEU A 581 10.31 -35.81 -24.76
N GLY A 582 11.58 -35.55 -25.05
CA GLY A 582 12.66 -36.46 -24.75
C GLY A 582 13.26 -37.08 -26.02
N ARG A 583 14.35 -37.80 -25.80
CA ARG A 583 15.02 -38.50 -26.89
C ARG A 583 14.35 -39.84 -27.15
N LEU A 584 14.30 -40.22 -28.43
CA LEU A 584 13.64 -41.46 -28.83
C LEU A 584 14.40 -42.71 -28.39
N ASP A 585 15.55 -42.57 -27.74
CA ASP A 585 16.28 -43.70 -27.20
C ASP A 585 16.40 -43.68 -25.69
N ASN A 586 16.17 -42.54 -25.03
CA ASN A 586 16.43 -42.38 -23.60
C ASN A 586 15.27 -42.80 -22.73
N LEU A 587 14.49 -43.79 -23.16
CA LEU A 587 13.43 -44.34 -22.32
C LEU A 587 13.94 -45.57 -21.60
N VAL A 588 13.76 -45.60 -20.28
CA VAL A 588 14.14 -46.73 -19.46
C VAL A 588 12.88 -47.45 -19.03
N LYS A 589 13.04 -48.71 -18.66
CA LYS A 589 11.94 -49.56 -18.21
C LYS A 589 12.03 -49.73 -16.70
N ILE A 590 10.98 -49.36 -15.99
CA ILE A 590 10.92 -49.43 -14.53
C ILE A 590 9.66 -50.21 -14.17
N ARG A 591 9.81 -51.25 -13.34
CA ARG A 591 8.70 -52.11 -12.93
C ARG A 591 7.97 -52.69 -14.14
N GLY A 592 8.65 -52.76 -15.28
CA GLY A 592 8.05 -53.19 -16.53
C GLY A 592 7.45 -52.10 -17.36
N TYR A 593 7.61 -50.82 -16.98
CA TYR A 593 7.02 -49.70 -17.68
C TYR A 593 8.11 -48.82 -18.28
N ARG A 594 7.95 -48.48 -19.56
CA ARG A 594 8.89 -47.59 -20.23
C ARG A 594 8.52 -46.13 -19.94
N ILE A 595 9.42 -45.41 -19.28
CA ILE A 595 9.14 -44.06 -18.81
C ILE A 595 10.25 -43.11 -19.25
N GLU A 596 9.94 -41.82 -19.21
CA GLU A 596 10.92 -40.76 -19.44
C GLU A 596 11.25 -40.11 -18.11
N PRO A 597 12.45 -40.34 -17.56
CA PRO A 597 12.77 -39.79 -16.23
C PRO A 597 12.65 -38.28 -16.14
N GLY A 598 12.74 -37.57 -17.27
CA GLY A 598 12.55 -36.13 -17.24
C GLY A 598 11.15 -35.68 -16.93
N GLU A 599 10.18 -36.60 -16.94
CA GLU A 599 8.81 -36.27 -16.59
C GLU A 599 8.58 -36.20 -15.09
N ILE A 600 9.58 -36.57 -14.29
CA ILE A 600 9.47 -36.57 -12.84
C ILE A 600 10.00 -35.29 -12.23
N GLU A 601 11.14 -34.81 -12.74
CA GLU A 601 11.80 -33.62 -12.20
C GLU A 601 10.89 -32.41 -12.04
N PRO A 602 10.03 -32.05 -12.99
CA PRO A 602 9.15 -30.88 -12.77
C PRO A 602 8.32 -30.97 -11.51
N PHE A 603 7.71 -32.13 -11.23
CA PHE A 603 6.91 -32.28 -10.02
C PHE A 603 7.78 -32.14 -8.77
N LEU A 604 9.00 -32.68 -8.82
CA LEU A 604 9.88 -32.61 -7.66
C LEU A 604 10.36 -31.18 -7.40
N MET A 605 10.55 -30.40 -8.46
CA MET A 605 10.95 -29.00 -8.29
C MET A 605 9.81 -28.12 -7.82
N ASN A 606 8.56 -28.53 -8.03
CA ASN A 606 7.42 -27.80 -7.50
C ASN A 606 7.33 -27.89 -5.98
N HIS A 607 8.13 -28.74 -5.35
CA HIS A 607 8.19 -28.80 -3.91
C HIS A 607 8.66 -27.45 -3.38
N PRO A 608 8.02 -26.91 -2.32
CA PRO A 608 8.35 -25.54 -1.88
C PRO A 608 9.79 -25.38 -1.41
N LEU A 609 10.55 -26.46 -1.24
CA LEU A 609 11.92 -26.36 -0.78
C LEU A 609 12.96 -26.67 -1.84
N ILE A 610 12.59 -27.37 -2.92
CA ILE A 610 13.53 -27.78 -3.94
C ILE A 610 13.62 -26.69 -5.00
N GLU A 611 14.85 -26.33 -5.37
CA GLU A 611 15.10 -25.34 -6.42
C GLU A 611 15.67 -25.95 -7.69
N LEU A 612 16.49 -26.99 -7.58
CA LEU A 612 17.08 -27.68 -8.72
C LEU A 612 16.88 -29.17 -8.55
N THR A 613 16.62 -29.88 -9.65
CA THR A 613 16.38 -31.31 -9.57
C THR A 613 16.85 -31.99 -10.84
N THR A 614 17.21 -33.27 -10.71
CA THR A 614 17.64 -34.09 -11.83
C THR A 614 17.42 -35.55 -11.47
N VAL A 615 16.69 -36.28 -12.30
CA VAL A 615 16.37 -37.68 -12.08
C VAL A 615 17.18 -38.51 -13.05
N LEU A 616 18.02 -39.39 -12.51
CA LEU A 616 18.80 -40.33 -13.30
C LEU A 616 18.23 -41.74 -13.16
N ALA A 617 18.59 -42.61 -14.11
CA ALA A 617 18.11 -43.99 -14.13
C ALA A 617 19.31 -44.92 -14.20
N LYS A 618 19.88 -45.21 -13.04
CA LYS A 618 21.02 -46.11 -12.94
C LYS A 618 20.56 -47.56 -12.87
N GLU A 619 21.53 -48.48 -12.93
CA GLU A 619 21.24 -49.91 -12.97
C GLU A 619 22.18 -50.65 -12.03
N GLN A 620 21.83 -51.90 -11.76
CA GLN A 620 22.66 -52.84 -11.02
C GLN A 620 23.20 -53.91 -11.96
N ALA A 621 24.16 -54.68 -11.46
CA ALA A 621 24.74 -55.77 -12.26
C ALA A 621 23.67 -56.78 -12.67
N ASP A 622 22.67 -56.98 -11.83
CA ASP A 622 21.56 -57.88 -12.17
C ASP A 622 20.83 -57.44 -13.44
N GLY A 623 20.95 -56.15 -13.81
CA GLY A 623 20.35 -55.62 -15.01
C GLY A 623 19.21 -54.66 -14.75
N ARG A 624 18.46 -54.86 -13.67
CA ARG A 624 17.31 -54.02 -13.37
C ARG A 624 17.75 -52.59 -13.11
N LYS A 625 16.85 -51.65 -13.41
CA LYS A 625 17.14 -50.22 -13.33
C LYS A 625 16.37 -49.59 -12.17
N TYR A 626 17.01 -48.61 -11.52
CA TYR A 626 16.39 -47.85 -10.46
C TYR A 626 16.52 -46.37 -10.76
N LEU A 627 15.57 -45.59 -10.27
CA LEU A 627 15.53 -44.14 -10.49
C LEU A 627 16.04 -43.44 -9.23
N VAL A 628 16.93 -42.47 -9.41
CA VAL A 628 17.52 -41.70 -8.32
C VAL A 628 17.15 -40.25 -8.51
N GLY A 629 16.51 -39.65 -7.52
CA GLY A 629 16.12 -38.26 -7.59
C GLY A 629 17.08 -37.33 -6.88
N TYR A 630 17.93 -36.64 -7.63
CA TYR A 630 18.86 -35.67 -7.07
C TYR A 630 18.17 -34.32 -6.97
N TYR A 631 18.31 -33.67 -5.82
CA TYR A 631 17.64 -32.39 -5.60
C TYR A 631 18.54 -31.45 -4.81
N VAL A 632 18.45 -30.16 -5.14
CA VAL A 632 19.16 -29.10 -4.42
C VAL A 632 18.13 -28.34 -3.60
N ALA A 633 18.27 -28.40 -2.28
CA ALA A 633 17.37 -27.75 -1.34
C ALA A 633 18.20 -27.20 -0.19
N PRO A 634 17.65 -26.26 0.58
CA PRO A 634 18.40 -25.74 1.74
C PRO A 634 18.92 -26.83 2.67
N GLU A 635 18.05 -27.76 3.06
CA GLU A 635 18.46 -28.89 3.89
C GLU A 635 17.83 -30.15 3.32
N GLU A 636 18.21 -31.30 3.89
CA GLU A 636 17.66 -32.57 3.44
C GLU A 636 16.17 -32.64 3.72
N ILE A 637 15.45 -33.34 2.84
CA ILE A 637 14.02 -33.53 2.98
C ILE A 637 13.76 -35.00 3.31
N PRO A 638 12.87 -35.30 4.27
CA PRO A 638 12.59 -36.69 4.60
C PRO A 638 12.15 -37.50 3.39
N HIS A 639 12.58 -38.76 3.35
CA HIS A 639 12.31 -39.62 2.20
C HIS A 639 10.80 -39.77 1.97
N GLY A 640 10.06 -40.05 3.04
CA GLY A 640 8.62 -40.22 2.89
C GLY A 640 7.91 -38.97 2.43
N GLU A 641 8.49 -37.80 2.72
CA GLU A 641 7.90 -36.55 2.26
C GLU A 641 7.97 -36.42 0.74
N LEU A 642 9.13 -36.75 0.17
CA LEU A 642 9.26 -36.70 -1.29
C LEU A 642 8.43 -37.79 -1.95
N ARG A 643 8.32 -38.95 -1.29
CA ARG A 643 7.47 -40.02 -1.83
C ARG A 643 6.01 -39.62 -1.80
N GLU A 644 5.58 -38.93 -0.75
CA GLU A 644 4.20 -38.47 -0.67
C GLU A 644 3.95 -37.30 -1.62
N TRP A 645 4.94 -36.40 -1.74
CA TRP A 645 4.78 -35.24 -2.62
C TRP A 645 4.54 -35.68 -4.06
N LEU A 646 5.34 -36.64 -4.55
CA LEU A 646 5.16 -37.15 -5.89
C LEU A 646 3.96 -38.09 -6.00
N GLY A 647 3.52 -38.69 -4.91
CA GLY A 647 2.36 -39.57 -4.93
C GLY A 647 1.06 -38.89 -5.23
N ASN A 648 1.04 -37.55 -5.23
CA ASN A 648 -0.18 -36.81 -5.55
C ASN A 648 -0.43 -36.72 -7.05
N ASP A 649 0.58 -36.90 -7.89
CA ASP A 649 0.44 -36.75 -9.32
C ASP A 649 1.11 -37.84 -10.15
N LEU A 650 1.84 -38.76 -9.52
CA LEU A 650 2.61 -39.73 -10.28
C LEU A 650 2.38 -41.14 -9.77
N PRO A 651 2.53 -42.14 -10.63
CA PRO A 651 2.41 -43.54 -10.20
C PRO A 651 3.65 -44.00 -9.45
N ASP A 652 3.54 -45.22 -8.90
CA ASP A 652 4.58 -45.71 -7.99
C ASP A 652 5.92 -45.88 -8.68
N TYR A 653 5.92 -46.38 -9.92
CA TYR A 653 7.19 -46.61 -10.60
C TYR A 653 7.87 -45.31 -10.99
N MET A 654 7.09 -44.27 -11.30
CA MET A 654 7.64 -42.95 -11.60
C MET A 654 8.13 -42.22 -10.36
N ILE A 655 7.95 -42.79 -9.17
CA ILE A 655 8.54 -42.25 -7.94
C ILE A 655 9.92 -42.86 -7.79
N PRO A 656 10.98 -42.04 -7.67
CA PRO A 656 12.34 -42.61 -7.61
C PRO A 656 12.53 -43.51 -6.41
N THR A 657 13.40 -44.51 -6.59
CA THR A 657 13.69 -45.46 -5.52
C THR A 657 14.44 -44.79 -4.38
N TYR A 658 15.45 -43.99 -4.70
CA TYR A 658 16.22 -43.26 -3.68
C TYR A 658 16.29 -41.78 -4.05
N PHE A 659 16.43 -40.94 -3.04
CA PHE A 659 16.59 -39.51 -3.22
C PHE A 659 17.92 -39.08 -2.61
N VAL A 660 18.60 -38.13 -3.27
CA VAL A 660 19.90 -37.64 -2.84
C VAL A 660 19.85 -36.12 -2.72
N HIS A 661 20.19 -35.60 -1.55
CA HIS A 661 20.24 -34.16 -1.33
C HIS A 661 21.60 -33.60 -1.72
N MET A 662 21.58 -32.48 -2.40
CA MET A 662 22.80 -31.78 -2.81
C MET A 662 22.71 -30.32 -2.39
N LYS A 663 23.86 -29.70 -2.18
CA LYS A 663 23.91 -28.27 -1.93
C LYS A 663 24.10 -27.47 -3.22
N ALA A 664 24.75 -28.06 -4.23
CA ALA A 664 24.89 -27.41 -5.53
C ALA A 664 25.16 -28.48 -6.58
N PHE A 665 24.48 -28.38 -7.71
CA PHE A 665 24.66 -29.35 -8.78
C PHE A 665 26.00 -29.10 -9.48
N PRO A 666 26.83 -30.12 -9.66
CA PRO A 666 28.08 -29.94 -10.41
C PRO A 666 27.80 -29.67 -11.87
N LEU A 667 28.45 -28.63 -12.41
CA LEU A 667 28.29 -28.24 -13.81
C LEU A 667 29.53 -28.62 -14.60
N THR A 668 29.30 -29.17 -15.80
CA THR A 668 30.40 -29.41 -16.71
C THR A 668 31.03 -28.10 -17.14
N ALA A 669 32.14 -28.20 -17.86
CA ALA A 669 32.81 -26.99 -18.35
C ALA A 669 32.03 -26.27 -19.43
N ASN A 670 30.78 -26.67 -19.71
CA ASN A 670 30.00 -26.05 -20.78
C ASN A 670 28.59 -25.69 -20.33
N GLY A 671 28.36 -25.58 -19.04
CA GLY A 671 27.08 -25.13 -18.53
C GLY A 671 26.00 -26.16 -18.40
N LYS A 672 26.31 -27.43 -18.65
CA LYS A 672 25.38 -28.52 -18.42
C LYS A 672 25.63 -29.14 -17.05
N VAL A 673 24.61 -29.79 -16.51
CA VAL A 673 24.74 -30.47 -15.23
C VAL A 673 25.54 -31.75 -15.45
N ASP A 674 26.64 -31.90 -14.72
CA ASP A 674 27.50 -33.07 -14.84
C ASP A 674 26.78 -34.27 -14.24
N ARG A 675 26.12 -35.05 -15.10
CA ARG A 675 25.32 -36.17 -14.61
C ARG A 675 26.19 -37.29 -14.07
N ARG A 676 27.40 -37.45 -14.61
CA ARG A 676 28.30 -38.50 -14.14
C ARG A 676 29.13 -38.08 -12.94
N ALA A 677 28.96 -36.85 -12.46
CA ALA A 677 29.53 -36.42 -11.19
C ALA A 677 28.51 -36.43 -10.07
N LEU A 678 27.29 -36.88 -10.34
CA LEU A 678 26.27 -36.94 -9.30
C LEU A 678 26.52 -38.15 -8.41
N PRO A 679 26.46 -37.99 -7.09
CA PRO A 679 26.80 -39.08 -6.18
C PRO A 679 25.95 -40.32 -6.45
N ASP A 680 26.62 -41.45 -6.63
CA ASP A 680 25.90 -42.72 -6.76
C ASP A 680 25.42 -43.17 -5.40
N VAL A 681 24.25 -43.82 -5.38
CA VAL A 681 23.66 -44.21 -4.10
C VAL A 681 24.45 -45.37 -3.51
N GLN A 682 24.78 -45.24 -2.22
CA GLN A 682 25.52 -46.29 -1.52
C GLN A 682 24.73 -47.59 -1.48
N ALA A 683 23.46 -47.50 -1.06
CA ALA A 683 22.62 -48.67 -0.88
C ALA A 683 22.00 -49.17 -2.17
N ASP A 684 22.72 -49.12 -3.31
CA ASP A 684 22.20 -49.72 -4.53
C ASP A 684 21.97 -51.22 -4.35
N ALA A 685 22.88 -51.89 -3.63
CA ALA A 685 22.81 -53.28 -3.17
C ALA A 685 21.63 -54.05 -3.72
N GLU A 686 20.49 -53.93 -3.05
CA GLU A 686 19.22 -54.40 -3.58
C GLU A 686 18.08 -53.75 -2.81
N LEU A 687 18.43 -52.83 -1.89
CA LEU A 687 17.47 -52.14 -1.04
C LEU A 687 16.20 -51.82 -1.79
N LEU A 688 15.15 -52.60 -1.55
CA LEU A 688 13.86 -52.42 -2.20
C LEU A 688 13.21 -51.11 -1.78
N GLY A 689 13.99 -50.25 -1.15
CA GLY A 689 13.57 -48.96 -0.65
C GLY A 689 13.63 -48.90 0.87
N GLU A 690 13.59 -47.67 1.38
CA GLU A 690 13.43 -47.48 2.81
C GLU A 690 12.02 -47.83 3.26
N ASP A 691 11.06 -47.80 2.34
CA ASP A 691 9.68 -48.16 2.65
C ASP A 691 9.47 -49.66 2.77
N TYR A 692 10.42 -50.47 2.32
CA TYR A 692 10.24 -51.92 2.35
C TYR A 692 10.33 -52.43 3.79
N VAL A 693 9.25 -53.04 4.26
CA VAL A 693 9.22 -53.75 5.53
C VAL A 693 9.00 -55.22 5.22
N ALA A 694 9.97 -56.05 5.57
CA ALA A 694 9.92 -57.45 5.20
C ALA A 694 8.83 -58.17 5.99
N PRO A 695 8.23 -59.21 5.41
CA PRO A 695 7.27 -60.04 6.16
C PRO A 695 7.92 -60.63 7.41
N THR A 696 7.19 -60.56 8.53
CA THR A 696 7.73 -60.96 9.83
C THR A 696 7.19 -62.28 10.36
N ASP A 697 6.32 -62.94 9.63
CA ASP A 697 5.71 -64.20 10.05
C ASP A 697 5.30 -64.98 8.82
N GLU A 698 4.65 -66.12 9.04
CA GLU A 698 4.35 -66.98 7.92
C GLU A 698 3.16 -66.48 7.11
N LEU A 699 2.19 -65.85 7.77
CA LEU A 699 1.02 -65.35 7.05
C LEU A 699 1.37 -64.12 6.22
N GLU A 700 2.18 -63.22 6.77
CA GLU A 700 2.63 -62.07 6.00
C GLU A 700 3.42 -62.49 4.77
N GLN A 701 4.19 -63.58 4.88
CA GLN A 701 4.90 -64.11 3.73
C GLN A 701 3.92 -64.74 2.74
N GLN A 702 2.97 -65.54 3.24
CA GLN A 702 1.97 -66.14 2.38
C GLN A 702 1.16 -65.08 1.65
N LEU A 703 0.78 -64.01 2.34
CA LEU A 703 0.05 -62.92 1.70
C LEU A 703 0.94 -62.17 0.72
N ALA A 704 2.22 -62.00 1.06
CA ALA A 704 3.13 -61.30 0.16
C ALA A 704 3.36 -62.07 -1.13
N GLN A 705 3.33 -63.39 -1.08
CA GLN A 705 3.47 -64.18 -2.31
C GLN A 705 2.22 -64.08 -3.16
N VAL A 706 1.04 -64.15 -2.54
CA VAL A 706 -0.20 -64.00 -3.27
C VAL A 706 -0.27 -62.62 -3.92
N TRP A 707 0.13 -61.59 -3.17
CA TRP A 707 0.20 -60.24 -3.74
C TRP A 707 1.19 -60.19 -4.90
N SER A 708 2.30 -60.92 -4.78
CA SER A 708 3.27 -60.93 -5.87
C SER A 708 2.68 -61.61 -7.10
N HIS A 709 1.90 -62.67 -6.90
CA HIS A 709 1.32 -63.39 -8.03
C HIS A 709 0.27 -62.55 -8.74
N VAL A 710 -0.57 -61.85 -7.97
CA VAL A 710 -1.68 -61.11 -8.57
C VAL A 710 -1.19 -59.80 -9.19
N LEU A 711 -0.25 -59.12 -8.53
CA LEU A 711 0.20 -57.82 -8.99
C LEU A 711 1.45 -57.88 -9.86
N GLY A 712 2.21 -58.97 -9.80
CA GLY A 712 3.39 -59.10 -10.63
C GLY A 712 4.63 -58.42 -10.10
N ILE A 713 4.66 -58.07 -8.83
CA ILE A 713 5.79 -57.35 -8.23
C ILE A 713 6.60 -58.35 -7.42
N PRO A 714 7.93 -58.37 -7.54
CA PRO A 714 8.71 -59.28 -6.70
C PRO A 714 9.03 -58.69 -5.33
N GLN A 715 8.94 -59.54 -4.31
CA GLN A 715 9.27 -59.15 -2.95
C GLN A 715 8.43 -57.96 -2.49
N MET A 716 7.19 -58.22 -2.11
CA MET A 716 6.32 -57.16 -1.63
C MET A 716 6.60 -56.87 -0.17
N GLY A 717 6.34 -55.62 0.24
CA GLY A 717 6.47 -55.23 1.63
C GLY A 717 5.12 -55.25 2.35
N ILE A 718 5.16 -55.39 3.67
CA ILE A 718 3.92 -55.44 4.44
C ILE A 718 3.24 -54.08 4.54
N ASP A 719 3.82 -53.02 3.98
CA ASP A 719 3.21 -51.69 3.95
C ASP A 719 2.87 -51.21 2.55
N ASP A 720 3.15 -52.02 1.53
CA ASP A 720 2.79 -51.66 0.16
C ASP A 720 1.28 -51.63 0.02
N HIS A 721 0.79 -50.59 -0.65
CA HIS A 721 -0.64 -50.38 -0.84
C HIS A 721 -1.11 -51.04 -2.12
N PHE A 722 -2.13 -51.89 -2.02
CA PHE A 722 -2.63 -52.64 -3.17
C PHE A 722 -2.95 -51.73 -4.34
N LEU A 723 -3.82 -50.75 -4.11
CA LEU A 723 -4.25 -49.87 -5.20
C LEU A 723 -3.10 -49.00 -5.71
N GLU A 724 -2.12 -48.69 -4.85
CA GLU A 724 -0.99 -47.87 -5.28
C GLU A 724 -0.02 -48.63 -6.17
N ARG A 725 0.02 -49.96 -6.07
CA ARG A 725 0.98 -50.78 -6.80
C ARG A 725 0.29 -51.65 -7.85
N GLY A 726 -0.66 -51.07 -8.59
CA GLY A 726 -1.31 -51.73 -9.70
C GLY A 726 -2.65 -52.34 -9.38
N GLY A 727 -3.07 -52.32 -8.11
CA GLY A 727 -4.32 -52.93 -7.72
C GLY A 727 -5.52 -52.45 -8.49
N ASP A 728 -6.29 -53.39 -9.00
CA ASP A 728 -7.51 -53.13 -9.77
C ASP A 728 -8.67 -53.82 -9.05
N SER A 729 -9.88 -53.58 -9.55
CA SER A 729 -11.02 -54.32 -9.03
C SER A 729 -10.93 -55.80 -9.42
N ILE A 730 -10.52 -56.06 -10.66
CA ILE A 730 -10.30 -57.44 -11.09
C ILE A 730 -9.22 -58.09 -10.25
N LYS A 731 -8.16 -57.33 -9.93
CA LYS A 731 -7.08 -57.88 -9.13
C LYS A 731 -7.47 -58.07 -7.67
N VAL A 732 -8.45 -57.31 -7.17
CA VAL A 732 -8.95 -57.58 -5.83
C VAL A 732 -9.67 -58.92 -5.80
N MET A 733 -10.50 -59.20 -6.80
CA MET A 733 -11.17 -60.50 -6.87
C MET A 733 -10.15 -61.62 -7.03
N GLN A 734 -9.07 -61.37 -7.78
CA GLN A 734 -8.03 -62.38 -7.93
C GLN A 734 -7.36 -62.66 -6.60
N LEU A 735 -7.08 -61.62 -5.82
CA LEU A 735 -6.55 -61.82 -4.48
C LEU A 735 -7.51 -62.64 -3.62
N ILE A 736 -8.81 -62.35 -3.72
CA ILE A 736 -9.80 -63.07 -2.92
C ILE A 736 -9.83 -64.54 -3.30
N HIS A 737 -9.74 -64.84 -4.60
CA HIS A 737 -9.79 -66.23 -5.03
C HIS A 737 -8.52 -66.97 -4.68
N GLN A 738 -7.36 -66.32 -4.85
CA GLN A 738 -6.10 -66.94 -4.43
C GLN A 738 -6.05 -67.15 -2.93
N LEU A 739 -6.86 -66.43 -2.15
CA LEU A 739 -6.90 -66.64 -0.72
C LEU A 739 -7.87 -67.75 -0.34
N LYS A 740 -8.90 -67.98 -1.16
CA LYS A 740 -9.81 -69.08 -0.89
C LYS A 740 -9.11 -70.43 -0.99
N ASN A 741 -8.14 -70.57 -1.90
CA ASN A 741 -7.35 -71.78 -1.96
C ASN A 741 -6.49 -71.95 -0.71
N ILE A 742 -6.06 -70.85 -0.10
CA ILE A 742 -5.28 -70.92 1.12
C ILE A 742 -6.18 -71.32 2.29
N GLY A 743 -7.47 -70.98 2.22
CA GLY A 743 -8.40 -71.25 3.30
C GLY A 743 -8.89 -70.03 4.03
N LEU A 744 -8.51 -68.83 3.58
CA LEU A 744 -8.89 -67.58 4.20
C LEU A 744 -9.95 -66.89 3.34
N SER A 745 -10.99 -66.39 3.99
CA SER A 745 -12.08 -65.70 3.32
C SER A 745 -11.94 -64.20 3.54
N LEU A 746 -11.83 -63.46 2.45
CA LEU A 746 -11.75 -62.01 2.48
C LEU A 746 -12.91 -61.41 1.69
N ARG A 747 -13.53 -60.38 2.25
CA ARG A 747 -14.63 -59.70 1.56
C ARG A 747 -14.08 -58.57 0.70
N TYR A 748 -14.81 -58.29 -0.38
CA TYR A 748 -14.39 -57.27 -1.33
C TYR A 748 -14.19 -55.91 -0.64
N ASP A 749 -15.09 -55.55 0.27
CA ASP A 749 -14.98 -54.26 0.94
C ASP A 749 -13.82 -54.23 1.93
N GLN A 750 -13.47 -55.38 2.51
CA GLN A 750 -12.43 -55.41 3.53
C GLN A 750 -11.04 -55.12 2.96
N LEU A 751 -10.85 -55.30 1.66
CA LEU A 751 -9.58 -54.93 1.06
C LEU A 751 -9.37 -53.43 1.07
N PHE A 752 -10.43 -52.66 0.80
CA PHE A 752 -10.31 -51.21 0.78
C PHE A 752 -10.14 -50.62 2.18
N THR A 753 -10.52 -51.36 3.21
CA THR A 753 -10.26 -50.97 4.59
C THR A 753 -8.97 -51.55 5.13
N HIS A 754 -8.37 -52.53 4.45
CA HIS A 754 -7.09 -53.12 4.83
C HIS A 754 -6.21 -53.25 3.60
N PRO A 755 -5.80 -52.13 3.02
CA PRO A 755 -5.09 -52.16 1.73
C PRO A 755 -3.60 -52.47 1.81
N THR A 756 -3.11 -52.92 2.96
CA THR A 756 -1.73 -53.35 3.10
C THR A 756 -1.69 -54.74 3.72
N ILE A 757 -0.55 -55.41 3.57
CA ILE A 757 -0.40 -56.73 4.15
C ILE A 757 -0.40 -56.67 5.67
N ARG A 758 0.15 -55.59 6.24
CA ARG A 758 0.15 -55.41 7.69
C ARG A 758 -1.27 -55.47 8.25
N GLN A 759 -2.21 -54.78 7.60
CA GLN A 759 -3.58 -54.76 8.07
C GLN A 759 -4.31 -56.05 7.73
N LEU A 760 -4.03 -56.64 6.56
CA LEU A 760 -4.72 -57.85 6.16
C LEU A 760 -4.45 -58.98 7.12
N LYS A 761 -3.20 -59.07 7.58
CA LYS A 761 -2.88 -60.10 8.56
C LYS A 761 -3.70 -59.96 9.85
N ARG A 762 -3.79 -58.75 10.41
CA ARG A 762 -4.63 -58.55 11.59
C ARG A 762 -6.07 -58.98 11.35
N LEU A 763 -6.53 -58.88 10.10
CA LEU A 763 -7.90 -59.29 9.78
C LEU A 763 -8.02 -60.80 9.70
N LEU A 764 -7.00 -61.48 9.16
CA LEU A 764 -7.07 -62.91 8.89
C LEU A 764 -6.27 -63.76 9.85
N THR A 765 -5.61 -63.17 10.84
CA THR A 765 -4.73 -63.97 11.71
C THR A 765 -5.51 -64.91 12.61
N GLU A 766 -6.71 -64.51 13.03
CA GLU A 766 -7.52 -65.35 13.90
C GLU A 766 -8.34 -66.38 13.13
N GLN A 767 -8.37 -66.29 11.81
CA GLN A 767 -9.14 -67.24 11.01
C GLN A 767 -8.46 -68.60 10.97
N LYS A 768 -9.26 -69.64 10.78
CA LYS A 768 -8.77 -71.01 10.66
C LYS A 768 -8.94 -71.49 9.22
N GLN A 769 -7.93 -72.20 8.73
CA GLN A 769 -7.93 -72.71 7.36
C GLN A 769 -9.12 -73.63 7.11
N VAL A 770 -10.06 -73.19 6.28
CA VAL A 770 -11.26 -73.96 5.95
C VAL A 770 -11.12 -74.50 4.53
N ASN A 771 -11.33 -75.81 4.38
CA ASN A 771 -11.22 -76.45 3.08
C ASN A 771 -12.57 -76.45 2.37
N GLY A 772 -12.52 -76.40 1.04
CA GLY A 772 -13.71 -76.44 0.22
C GLY A 772 -14.25 -75.09 -0.21
N LEU A 773 -13.56 -74.00 0.13
CA LEU A 773 -14.04 -72.67 -0.25
C LEU A 773 -14.04 -72.49 -1.77
N LEU A 774 -13.11 -73.13 -2.47
CA LEU A 774 -13.00 -73.04 -3.93
C LEU A 774 -13.18 -74.44 -4.51
N GLU A 775 -14.37 -74.68 -5.09
CA GLU A 775 -14.73 -75.96 -5.66
C GLU A 775 -14.63 -75.92 -7.17
N PRO A 776 -14.00 -76.92 -7.79
CA PRO A 776 -13.82 -76.88 -9.25
C PRO A 776 -15.16 -76.87 -9.98
N LEU A 777 -15.13 -76.31 -11.18
CA LEU A 777 -16.28 -76.31 -12.07
C LEU A 777 -16.42 -77.69 -12.70
N ARG A 778 -17.54 -78.35 -12.45
CA ARG A 778 -17.73 -79.72 -12.93
C ARG A 778 -18.05 -79.70 -14.42
N GLU A 779 -17.25 -80.43 -15.20
CA GLU A 779 -17.48 -80.52 -16.64
C GLU A 779 -18.72 -81.35 -16.91
N LEU A 780 -19.72 -80.73 -17.55
CA LEU A 780 -20.96 -81.44 -17.84
C LEU A 780 -20.71 -82.61 -18.79
N ASP A 781 -21.59 -83.61 -18.70
CA ASP A 781 -21.52 -84.75 -19.59
C ASP A 781 -22.29 -84.47 -20.88
N GLU A 782 -22.02 -85.29 -21.89
CA GLU A 782 -22.56 -85.04 -23.22
C GLU A 782 -24.08 -85.20 -23.24
N GLN A 783 -24.77 -84.21 -23.79
CA GLN A 783 -26.21 -84.24 -23.96
C GLN A 783 -26.55 -83.80 -25.39
N ALA A 784 -27.82 -83.95 -25.75
CA ALA A 784 -28.28 -83.39 -27.01
C ALA A 784 -28.34 -81.87 -26.93
N GLU A 785 -29.05 -81.35 -25.94
CA GLU A 785 -29.14 -79.93 -25.67
C GLU A 785 -28.65 -79.63 -24.27
N TYR A 786 -28.01 -78.48 -24.11
CA TYR A 786 -27.48 -78.05 -22.81
C TYR A 786 -28.28 -76.85 -22.31
N GLU A 787 -27.99 -76.47 -21.07
CA GLU A 787 -28.68 -75.37 -20.43
C GLU A 787 -28.05 -74.03 -20.82
N THR A 788 -28.88 -73.00 -20.86
CA THR A 788 -28.42 -71.65 -21.13
C THR A 788 -28.33 -70.84 -19.84
N SER A 789 -27.49 -69.83 -19.86
CA SER A 789 -27.32 -68.96 -18.71
C SER A 789 -28.42 -67.90 -18.66
N ALA A 790 -28.43 -67.10 -17.60
CA ALA A 790 -29.44 -66.06 -17.46
C ALA A 790 -29.20 -64.93 -18.45
N VAL A 791 -27.95 -64.57 -18.69
CA VAL A 791 -27.64 -63.54 -19.69
C VAL A 791 -27.97 -64.03 -21.09
N GLU A 792 -27.63 -65.30 -21.39
CA GLU A 792 -27.93 -65.86 -22.70
C GLU A 792 -29.43 -65.86 -22.96
N LYS A 793 -30.23 -66.18 -21.94
CA LYS A 793 -31.67 -66.11 -22.09
C LYS A 793 -32.13 -64.68 -22.35
N ARG A 794 -31.55 -63.72 -21.63
CA ARG A 794 -31.89 -62.31 -21.86
C ARG A 794 -31.53 -61.89 -23.28
N MET A 795 -30.29 -62.14 -23.69
CA MET A 795 -29.84 -61.76 -25.03
C MET A 795 -30.72 -62.39 -26.10
N TYR A 796 -31.08 -63.67 -25.93
CA TYR A 796 -31.99 -64.32 -26.84
C TYR A 796 -33.31 -63.56 -26.93
N ILE A 797 -33.90 -63.24 -25.77
CA ILE A 797 -35.18 -62.53 -25.73
C ILE A 797 -35.05 -61.16 -26.40
N ILE A 798 -33.89 -60.51 -26.24
CA ILE A 798 -33.68 -59.21 -26.89
C ILE A 798 -33.73 -59.34 -28.40
N GLN A 799 -32.94 -60.26 -28.95
CA GLN A 799 -32.90 -60.47 -30.40
C GLN A 799 -34.21 -60.99 -30.96
N GLN A 800 -35.18 -61.34 -30.11
CA GLN A 800 -36.46 -61.83 -30.59
C GLN A 800 -37.48 -60.72 -30.81
N GLN A 801 -37.37 -59.60 -30.11
CA GLN A 801 -38.30 -58.49 -30.33
C GLN A 801 -38.21 -57.99 -31.77
N ASP A 802 -36.99 -57.79 -32.26
CA ASP A 802 -36.72 -57.44 -33.66
C ASP A 802 -35.70 -58.46 -34.15
N VAL A 803 -36.19 -59.49 -34.85
CA VAL A 803 -35.31 -60.56 -35.28
C VAL A 803 -34.30 -60.08 -36.30
N GLU A 804 -34.51 -58.90 -36.89
CA GLU A 804 -33.60 -58.33 -37.87
C GLU A 804 -32.78 -57.17 -37.30
N SER A 805 -32.63 -57.10 -35.98
CA SER A 805 -31.89 -56.01 -35.36
C SER A 805 -30.42 -56.35 -35.23
N ILE A 806 -29.58 -55.33 -35.44
CA ILE A 806 -28.13 -55.44 -35.25
C ILE A 806 -27.66 -54.65 -34.06
N ALA A 807 -28.59 -54.23 -33.18
CA ALA A 807 -28.24 -53.38 -32.04
C ALA A 807 -27.28 -54.07 -31.06
N TYR A 808 -27.24 -55.40 -31.06
CA TYR A 808 -26.32 -56.15 -30.21
C TYR A 808 -25.28 -56.91 -31.03
N ASN A 809 -24.96 -56.39 -32.21
CA ASN A 809 -23.86 -56.90 -33.01
C ASN A 809 -22.57 -56.21 -32.59
N VAL A 810 -21.50 -57.00 -32.49
CA VAL A 810 -20.22 -56.54 -31.99
C VAL A 810 -19.23 -56.54 -33.15
N VAL A 811 -18.85 -55.36 -33.63
CA VAL A 811 -18.01 -55.21 -34.81
C VAL A 811 -16.70 -54.57 -34.40
N TYR A 812 -15.59 -55.23 -34.71
CA TYR A 812 -14.25 -54.70 -34.47
C TYR A 812 -13.45 -54.76 -35.77
N THR A 813 -12.47 -53.86 -35.88
CA THR A 813 -11.57 -53.82 -37.03
C THR A 813 -10.14 -53.74 -36.55
N ILE A 814 -9.24 -54.39 -37.28
CA ILE A 814 -7.80 -54.32 -37.03
C ILE A 814 -7.13 -54.06 -38.38
N ASN A 815 -6.32 -53.01 -38.45
CA ASN A 815 -5.57 -52.67 -39.66
C ASN A 815 -4.21 -53.37 -39.60
N PHE A 816 -4.01 -54.35 -40.51
CA PHE A 816 -2.76 -55.09 -40.65
C PHE A 816 -1.95 -54.52 -41.81
N PRO A 817 -0.63 -54.64 -41.76
CA PRO A 817 0.20 -54.31 -42.92
C PRO A 817 -0.07 -55.28 -44.06
N LEU A 818 0.20 -54.81 -45.28
CA LEU A 818 -0.04 -55.62 -46.47
C LEU A 818 0.82 -56.87 -46.53
N THR A 819 1.88 -56.94 -45.73
CA THR A 819 2.77 -58.10 -45.72
C THR A 819 2.19 -59.31 -45.01
N VAL A 820 1.04 -59.17 -44.35
CA VAL A 820 0.41 -60.29 -43.69
C VAL A 820 -0.39 -61.10 -44.71
N ASP A 821 -0.31 -62.43 -44.60
CA ASP A 821 -1.06 -63.30 -45.49
C ASP A 821 -2.52 -63.34 -45.04
N THR A 822 -3.42 -62.98 -45.96
CA THR A 822 -4.85 -62.96 -45.63
C THR A 822 -5.34 -64.35 -45.22
N GLU A 823 -4.91 -65.39 -45.92
CA GLU A 823 -5.37 -66.74 -45.61
C GLU A 823 -4.86 -67.20 -44.25
N GLN A 824 -3.67 -66.75 -43.85
CA GLN A 824 -3.16 -67.09 -42.52
C GLN A 824 -4.10 -66.59 -41.43
N ILE A 825 -4.66 -65.40 -41.60
CA ILE A 825 -5.63 -64.88 -40.64
C ILE A 825 -6.89 -65.73 -40.63
N ARG A 826 -7.39 -66.11 -41.81
CA ARG A 826 -8.59 -66.93 -41.88
C ARG A 826 -8.37 -68.29 -41.23
N VAL A 827 -7.21 -68.91 -41.48
CA VAL A 827 -6.90 -70.19 -40.86
C VAL A 827 -6.91 -70.06 -39.35
N ALA A 828 -6.30 -69.00 -38.83
CA ALA A 828 -6.28 -68.78 -37.38
C ALA A 828 -7.69 -68.61 -36.82
N LEU A 829 -8.54 -67.87 -37.53
CA LEU A 829 -9.92 -67.71 -37.08
C LEU A 829 -10.68 -69.03 -37.13
N GLU A 830 -10.40 -69.88 -38.13
CA GLU A 830 -11.04 -71.18 -38.18
C GLU A 830 -10.53 -72.09 -37.06
N GLN A 831 -9.30 -71.86 -36.60
CA GLN A 831 -8.83 -72.54 -35.39
C GLN A 831 -9.54 -72.01 -34.15
N LEU A 832 -9.82 -70.72 -34.10
CA LEU A 832 -10.55 -70.20 -32.96
C LEU A 832 -11.98 -70.71 -32.92
N VAL A 833 -12.55 -71.10 -34.07
CA VAL A 833 -13.92 -71.59 -34.08
C VAL A 833 -14.01 -72.95 -33.37
N LEU A 834 -13.06 -73.84 -33.62
CA LEU A 834 -13.13 -75.15 -32.98
C LEU A 834 -12.63 -75.09 -31.53
N ARG A 835 -11.73 -74.15 -31.23
CA ARG A 835 -11.16 -74.06 -29.89
C ARG A 835 -12.22 -73.67 -28.85
N HIS A 836 -13.26 -72.94 -29.26
CA HIS A 836 -14.24 -72.39 -28.33
C HIS A 836 -15.63 -72.82 -28.75
N GLU A 837 -16.31 -73.57 -27.88
CA GLU A 837 -17.64 -74.09 -28.21
C GLU A 837 -18.64 -72.96 -28.45
N GLY A 838 -18.40 -71.79 -27.88
CA GLY A 838 -19.29 -70.67 -28.14
C GLY A 838 -19.32 -70.30 -29.61
N LEU A 839 -18.17 -70.35 -30.27
CA LEU A 839 -18.11 -70.13 -31.70
C LEU A 839 -18.73 -71.28 -32.50
N ARG A 840 -19.27 -72.28 -31.82
CA ARG A 840 -20.01 -73.37 -32.46
C ARG A 840 -21.33 -73.64 -31.72
N SER A 841 -21.79 -72.70 -30.91
CA SER A 841 -23.00 -72.88 -30.11
C SER A 841 -24.19 -72.24 -30.82
N THR A 842 -25.33 -72.93 -30.77
CA THR A 842 -26.58 -72.43 -31.32
C THR A 842 -27.64 -72.43 -30.24
N TYR A 843 -28.59 -71.51 -30.35
CA TYR A 843 -29.61 -71.30 -29.32
C TYR A 843 -30.99 -71.50 -29.92
N HIS A 844 -31.76 -72.39 -29.30
CA HIS A 844 -33.10 -72.75 -29.78
C HIS A 844 -34.06 -72.70 -28.60
N MET A 845 -35.34 -72.95 -28.88
CA MET A 845 -36.38 -72.88 -27.87
C MET A 845 -37.13 -74.21 -27.82
N ARG A 846 -37.10 -74.86 -26.65
CA ARG A 846 -37.83 -76.10 -26.41
C ARG A 846 -39.07 -75.74 -25.57
N GLY A 847 -40.19 -75.55 -26.24
CA GLY A 847 -41.39 -75.10 -25.56
C GLY A 847 -41.28 -73.64 -25.12
N ASP A 848 -41.04 -73.42 -23.83
CA ASP A 848 -40.79 -72.10 -23.30
C ASP A 848 -39.38 -71.96 -22.73
N GLU A 849 -38.49 -72.91 -23.02
CA GLU A 849 -37.15 -72.92 -22.47
C GLU A 849 -36.13 -72.69 -23.59
N ILE A 850 -35.24 -71.73 -23.37
CA ILE A 850 -34.17 -71.45 -24.32
C ILE A 850 -32.98 -72.35 -24.01
N VAL A 851 -32.53 -73.11 -25.01
CA VAL A 851 -31.50 -74.12 -24.82
C VAL A 851 -30.36 -73.88 -25.80
N LYS A 852 -29.23 -74.52 -25.52
CA LYS A 852 -28.03 -74.42 -26.34
C LYS A 852 -27.70 -75.78 -26.94
N ARG A 853 -27.14 -75.75 -28.15
CA ARG A 853 -26.73 -76.97 -28.84
C ARG A 853 -25.34 -76.73 -29.44
N ILE A 854 -24.38 -77.57 -29.06
CA ILE A 854 -23.02 -77.47 -29.56
C ILE A 854 -22.92 -78.25 -30.85
N VAL A 855 -22.23 -77.68 -31.84
CA VAL A 855 -22.04 -78.32 -33.13
C VAL A 855 -20.57 -78.67 -33.26
N PRO A 856 -20.22 -79.87 -33.75
CA PRO A 856 -18.80 -80.26 -33.78
C PRO A 856 -17.93 -79.39 -34.69
N ARG A 857 -18.47 -78.88 -35.80
CA ARG A 857 -17.68 -78.04 -36.69
C ARG A 857 -18.60 -77.08 -37.43
N ALA A 858 -18.09 -75.89 -37.73
CA ALA A 858 -18.84 -74.87 -38.44
C ALA A 858 -17.91 -74.13 -39.39
N GLU A 859 -18.49 -73.64 -40.50
CA GLU A 859 -17.74 -72.97 -41.54
C GLU A 859 -17.83 -71.46 -41.36
N LEU A 860 -16.70 -70.79 -41.49
CA LEU A 860 -16.60 -69.35 -41.24
C LEU A 860 -16.75 -68.57 -42.54
N SER A 861 -17.45 -67.45 -42.46
CA SER A 861 -17.66 -66.58 -43.61
C SER A 861 -16.50 -65.58 -43.65
N PHE A 862 -15.52 -65.84 -44.53
CA PHE A 862 -14.35 -64.98 -44.69
C PHE A 862 -14.43 -64.32 -46.07
N VAL A 863 -14.95 -63.10 -46.10
CA VAL A 863 -15.15 -62.37 -47.34
C VAL A 863 -13.92 -61.51 -47.63
N ARG A 864 -13.29 -61.74 -48.78
CA ARG A 864 -12.17 -60.94 -49.22
C ARG A 864 -12.67 -59.87 -50.19
N GLN A 865 -12.31 -58.62 -49.94
CA GLN A 865 -12.74 -57.50 -50.78
C GLN A 865 -11.58 -56.55 -51.02
N THR A 866 -11.69 -55.81 -52.12
CA THR A 866 -10.74 -54.75 -52.44
C THR A 866 -11.46 -53.41 -52.32
N GLY A 867 -10.81 -52.45 -51.64
CA GLY A 867 -11.43 -51.16 -51.44
C GLY A 867 -10.42 -50.05 -51.32
N GLU A 868 -10.93 -48.83 -51.24
CA GLU A 868 -10.14 -47.63 -51.03
C GLU A 868 -10.43 -47.06 -49.65
N GLU A 869 -9.59 -46.11 -49.25
CA GLU A 869 -9.70 -45.53 -47.91
C GLU A 869 -11.08 -44.95 -47.66
N GLU A 870 -11.63 -44.24 -48.65
CA GLU A 870 -12.92 -43.59 -48.50
C GLU A 870 -14.08 -44.51 -48.84
N SER A 871 -13.83 -45.82 -48.93
CA SER A 871 -14.89 -46.79 -49.13
C SER A 871 -14.86 -47.93 -48.13
N VAL A 872 -13.81 -48.06 -47.31
CA VAL A 872 -13.70 -49.18 -46.38
C VAL A 872 -14.92 -49.25 -45.48
N GLN A 873 -15.34 -48.10 -44.96
CA GLN A 873 -16.50 -48.06 -44.08
C GLN A 873 -17.76 -48.55 -44.80
N SER A 874 -17.97 -48.07 -46.03
CA SER A 874 -19.16 -48.45 -46.78
C SER A 874 -19.21 -49.95 -47.02
N LEU A 875 -18.07 -50.54 -47.43
CA LEU A 875 -18.01 -51.98 -47.60
C LEU A 875 -18.38 -52.70 -46.32
N LEU A 876 -17.77 -52.29 -45.21
CA LEU A 876 -18.02 -52.96 -43.93
C LEU A 876 -19.46 -52.78 -43.46
N ALA A 877 -20.08 -51.64 -43.78
CA ALA A 877 -21.45 -51.40 -43.35
C ALA A 877 -22.41 -52.40 -43.98
N GLU A 878 -22.20 -52.74 -45.24
CA GLU A 878 -23.05 -53.70 -45.93
C GLU A 878 -22.83 -55.14 -45.45
N GLN A 879 -21.91 -55.35 -44.50
CA GLN A 879 -21.62 -56.68 -44.00
C GLN A 879 -22.15 -56.93 -42.59
N ILE A 880 -22.56 -55.88 -41.88
CA ILE A 880 -23.24 -56.05 -40.60
C ILE A 880 -24.69 -56.41 -40.88
N LYS A 881 -24.98 -57.71 -40.90
CA LYS A 881 -26.32 -58.23 -41.10
C LYS A 881 -26.81 -58.92 -39.84
N PRO A 882 -28.13 -59.02 -39.65
CA PRO A 882 -28.65 -59.69 -38.45
C PRO A 882 -28.18 -61.12 -38.35
N PHE A 883 -28.15 -61.63 -37.12
CA PHE A 883 -27.73 -62.99 -36.82
C PHE A 883 -28.94 -63.84 -36.47
N ASP A 884 -28.96 -65.06 -36.99
CA ASP A 884 -29.90 -66.07 -36.54
C ASP A 884 -29.22 -66.90 -35.46
N LEU A 885 -29.72 -66.78 -34.22
CA LEU A 885 -29.06 -67.42 -33.09
C LEU A 885 -29.09 -68.94 -33.19
N ALA A 886 -29.90 -69.49 -34.08
CA ALA A 886 -29.95 -70.94 -34.27
C ALA A 886 -28.86 -71.44 -35.21
N LYS A 887 -28.07 -70.55 -35.82
CA LYS A 887 -27.06 -70.94 -36.78
C LYS A 887 -25.68 -70.47 -36.31
N ALA A 888 -24.69 -71.33 -36.51
CA ALA A 888 -23.32 -71.09 -36.07
C ALA A 888 -22.38 -71.17 -37.26
N PRO A 889 -21.21 -70.50 -37.20
CA PRO A 889 -20.69 -69.69 -36.09
C PRO A 889 -21.39 -68.34 -35.98
N LEU A 890 -21.55 -67.83 -34.77
CA LEU A 890 -22.08 -66.49 -34.56
C LEU A 890 -21.00 -65.42 -34.72
N LEU A 891 -20.16 -65.57 -35.74
CA LEU A 891 -19.11 -64.61 -36.06
C LEU A 891 -18.86 -64.66 -37.57
N ARG A 892 -18.85 -63.49 -38.20
CA ARG A 892 -18.49 -63.34 -39.60
C ARG A 892 -17.26 -62.45 -39.69
N ALA A 893 -16.41 -62.72 -40.67
CA ALA A 893 -15.12 -62.04 -40.76
C ALA A 893 -14.84 -61.68 -42.22
N GLY A 894 -13.64 -61.16 -42.46
CA GLY A 894 -13.23 -60.76 -43.79
C GLY A 894 -12.12 -59.73 -43.72
N VAL A 895 -11.42 -59.58 -44.84
CA VAL A 895 -10.29 -58.67 -44.95
C VAL A 895 -10.51 -57.76 -46.15
N ILE A 896 -10.60 -56.45 -45.91
CA ILE A 896 -10.64 -55.45 -46.97
C ILE A 896 -9.22 -54.99 -47.23
N GLU A 897 -8.74 -55.20 -48.46
CA GLU A 897 -7.39 -54.85 -48.84
C GLU A 897 -7.38 -53.54 -49.61
N THR A 898 -6.64 -52.56 -49.10
CA THR A 898 -6.40 -51.30 -49.78
C THR A 898 -4.95 -51.29 -50.28
N ALA A 899 -4.53 -50.14 -50.83
CA ALA A 899 -3.18 -50.01 -51.35
C ALA A 899 -2.15 -49.77 -50.27
N ASP A 900 -2.57 -49.62 -49.01
CA ASP A 900 -1.63 -49.37 -47.91
C ASP A 900 -1.89 -50.22 -46.68
N LYS A 901 -3.01 -50.94 -46.60
CA LYS A 901 -3.33 -51.72 -45.41
C LYS A 901 -4.25 -52.87 -45.77
N LYS A 902 -4.31 -53.84 -44.86
CA LYS A 902 -5.29 -54.92 -44.90
C LYS A 902 -6.16 -54.80 -43.66
N VAL A 903 -7.44 -54.50 -43.84
CA VAL A 903 -8.36 -54.24 -42.74
C VAL A 903 -9.12 -55.53 -42.44
N LEU A 904 -8.76 -56.19 -41.35
CA LEU A 904 -9.54 -57.32 -40.87
C LEU A 904 -10.75 -56.81 -40.09
N TRP A 905 -11.92 -57.30 -40.45
CA TRP A 905 -13.15 -57.00 -39.72
C TRP A 905 -13.78 -58.29 -39.24
N PHE A 906 -14.40 -58.26 -38.06
CA PHE A 906 -15.20 -59.38 -37.61
C PHE A 906 -16.42 -58.86 -36.87
N ASP A 907 -17.54 -59.58 -37.03
CA ASP A 907 -18.83 -59.20 -36.46
C ASP A 907 -19.38 -60.39 -35.69
N SER A 908 -19.58 -60.20 -34.38
CA SER A 908 -20.15 -61.26 -33.52
C SER A 908 -21.44 -60.76 -32.85
N HIS A 909 -22.02 -61.57 -31.97
CA HIS A 909 -23.22 -61.17 -31.21
C HIS A 909 -22.81 -61.13 -29.74
N HIS A 910 -23.51 -60.33 -28.94
CA HIS A 910 -23.12 -60.19 -27.50
C HIS A 910 -23.32 -61.53 -26.80
N ILE A 911 -24.19 -62.38 -27.33
CA ILE A 911 -24.43 -63.73 -26.73
C ILE A 911 -23.11 -64.49 -26.63
N LEU A 912 -22.07 -64.06 -27.34
CA LEU A 912 -20.82 -64.80 -27.31
C LEU A 912 -19.62 -63.92 -26.99
N LEU A 913 -19.57 -62.69 -27.51
CA LEU A 913 -18.40 -61.83 -27.37
C LEU A 913 -18.69 -60.71 -26.37
N ASP A 914 -18.00 -60.74 -25.25
CA ASP A 914 -18.05 -59.66 -24.28
C ASP A 914 -16.65 -59.06 -24.14
N GLY A 915 -16.47 -58.22 -23.13
CA GLY A 915 -15.21 -57.53 -22.91
C GLY A 915 -14.02 -58.46 -22.83
N LEU A 916 -14.05 -59.39 -21.87
CA LEU A 916 -12.94 -60.32 -21.71
C LEU A 916 -12.82 -61.24 -22.91
N SER A 917 -13.95 -61.76 -23.42
CA SER A 917 -13.90 -62.63 -24.59
C SER A 917 -13.18 -61.97 -25.75
N LYS A 918 -13.36 -60.65 -25.91
CA LYS A 918 -12.63 -59.93 -26.93
C LYS A 918 -11.13 -59.93 -26.65
N SER A 919 -10.74 -59.83 -25.38
CA SER A 919 -9.32 -59.81 -25.06
C SER A 919 -8.67 -61.17 -25.28
N ILE A 920 -9.40 -62.27 -25.06
CA ILE A 920 -8.84 -63.59 -25.30
C ILE A 920 -8.74 -63.86 -26.80
N LEU A 921 -9.79 -63.50 -27.55
CA LEU A 921 -9.74 -63.61 -29.01
C LEU A 921 -8.55 -62.85 -29.57
N ALA A 922 -8.23 -61.68 -29.00
CA ALA A 922 -7.07 -60.91 -29.42
C ALA A 922 -5.79 -61.70 -29.21
N ARG A 923 -5.54 -62.11 -27.97
CA ARG A 923 -4.29 -62.77 -27.62
C ARG A 923 -4.11 -64.08 -28.39
N GLU A 924 -5.20 -64.82 -28.58
CA GLU A 924 -5.10 -66.10 -29.26
C GLU A 924 -4.82 -65.91 -30.75
N LEU A 925 -5.57 -65.03 -31.40
CA LEU A 925 -5.31 -64.73 -32.81
C LEU A 925 -3.88 -64.21 -33.00
N GLN A 926 -3.42 -63.35 -32.10
CA GLN A 926 -2.07 -62.83 -32.21
C GLN A 926 -1.04 -63.94 -32.03
N ALA A 927 -1.30 -64.87 -31.11
CA ALA A 927 -0.39 -66.00 -30.92
C ALA A 927 -0.40 -66.90 -32.15
N LEU A 928 -1.58 -67.18 -32.70
CA LEU A 928 -1.67 -67.99 -33.92
C LEU A 928 -1.00 -67.31 -35.10
N LEU A 929 -1.20 -65.99 -35.23
CA LEU A 929 -0.54 -65.26 -36.32
C LEU A 929 0.97 -65.24 -36.17
N GLY A 930 1.47 -65.50 -34.97
CA GLY A 930 2.89 -65.69 -34.73
C GLY A 930 3.31 -67.14 -34.69
N GLN A 931 2.43 -68.05 -35.12
CA GLN A 931 2.69 -69.48 -35.17
C GLN A 931 3.06 -70.06 -33.80
N GLN A 932 2.63 -69.40 -32.73
CA GLN A 932 2.82 -69.92 -31.38
C GLN A 932 1.72 -70.93 -31.05
N VAL A 933 2.07 -71.93 -30.26
CA VAL A 933 1.16 -73.00 -29.91
C VAL A 933 0.31 -72.57 -28.72
N LEU A 934 -0.90 -73.12 -28.63
CA LEU A 934 -1.86 -72.76 -27.60
C LEU A 934 -2.29 -73.99 -26.82
N SER A 935 -2.27 -73.89 -25.50
CA SER A 935 -2.72 -74.99 -24.66
C SER A 935 -4.24 -75.15 -24.81
N PRO A 936 -4.73 -76.34 -25.13
CA PRO A 936 -6.18 -76.50 -25.35
C PRO A 936 -6.99 -76.11 -24.12
N VAL A 937 -8.21 -75.66 -24.38
CA VAL A 937 -9.07 -75.17 -23.31
C VAL A 937 -9.40 -76.30 -22.34
N GLU A 938 -9.77 -75.93 -21.12
CA GLU A 938 -10.04 -76.89 -20.07
C GLU A 938 -11.49 -76.89 -19.60
N LYS A 939 -12.18 -75.76 -19.65
CA LYS A 939 -13.56 -75.66 -19.20
C LYS A 939 -14.44 -75.18 -20.35
N THR A 940 -15.75 -75.21 -20.13
CA THR A 940 -16.71 -74.82 -21.15
C THR A 940 -17.82 -73.99 -20.52
N TYR A 941 -18.40 -73.10 -21.33
CA TYR A 941 -19.45 -72.22 -20.83
C TYR A 941 -20.68 -72.99 -20.41
N LYS A 942 -21.01 -74.07 -21.12
CA LYS A 942 -22.21 -74.84 -20.81
C LYS A 942 -22.19 -75.37 -19.38
N SER A 943 -21.00 -75.55 -18.81
CA SER A 943 -20.89 -76.01 -17.43
C SER A 943 -21.17 -74.89 -16.45
N PHE A 944 -20.62 -73.69 -16.71
CA PHE A 944 -20.86 -72.55 -15.82
C PHE A 944 -22.34 -72.23 -15.72
N ALA A 945 -23.10 -72.43 -16.80
CA ALA A 945 -24.54 -72.17 -16.75
C ALA A 945 -25.22 -73.12 -15.76
N ARG A 946 -24.78 -74.38 -15.72
CA ARG A 946 -25.33 -75.32 -14.76
C ARG A 946 -25.01 -74.89 -13.34
N TRP A 947 -23.75 -74.54 -13.08
CA TRP A 947 -23.34 -74.13 -11.74
C TRP A 947 -24.09 -72.89 -11.28
N GLN A 948 -24.20 -71.89 -12.16
CA GLN A 948 -24.84 -70.64 -11.76
C GLN A 948 -26.34 -70.82 -11.58
N ASN A 949 -26.98 -71.62 -12.45
CA ASN A 949 -28.41 -71.88 -12.30
C ASN A 949 -28.71 -72.59 -10.98
N GLU A 950 -27.75 -73.39 -10.49
CA GLU A 950 -27.92 -74.02 -9.19
C GLU A 950 -27.70 -73.02 -8.06
N TRP A 951 -26.73 -72.12 -8.22
CA TRP A 951 -26.52 -71.07 -7.23
C TRP A 951 -27.75 -70.18 -7.09
N PHE A 952 -28.58 -70.10 -8.13
CA PHE A 952 -29.83 -69.35 -8.03
C PHE A 952 -30.81 -70.00 -7.07
N ALA A 953 -30.58 -71.26 -6.71
CA ALA A 953 -31.37 -71.95 -5.70
C ALA A 953 -30.73 -71.90 -4.32
N SER A 954 -29.58 -71.23 -4.18
CA SER A 954 -28.90 -71.15 -2.90
C SER A 954 -29.56 -70.10 -2.00
N ASP A 955 -29.11 -70.07 -0.75
CA ASP A 955 -29.56 -69.04 0.18
C ASP A 955 -28.86 -67.72 -0.04
N GLU A 956 -27.62 -67.76 -0.52
CA GLU A 956 -26.89 -66.52 -0.82
C GLU A 956 -27.59 -65.73 -1.91
N TYR A 957 -28.19 -66.42 -2.88
CA TYR A 957 -28.88 -65.73 -3.96
C TYR A 957 -30.08 -64.94 -3.43
N GLU A 958 -30.87 -65.56 -2.55
CA GLU A 958 -32.01 -64.85 -1.97
C GLU A 958 -31.54 -63.67 -1.13
N GLN A 959 -30.42 -63.84 -0.42
CA GLN A 959 -29.85 -62.72 0.33
C GLN A 959 -29.55 -61.54 -0.57
N GLN A 960 -29.04 -61.79 -1.78
CA GLN A 960 -28.69 -60.73 -2.70
C GLN A 960 -29.93 -60.13 -3.36
N ILE A 961 -30.92 -60.96 -3.69
CA ILE A 961 -32.17 -60.44 -4.22
C ILE A 961 -32.82 -59.48 -3.23
N ALA A 962 -32.78 -59.83 -1.94
CA ALA A 962 -33.38 -58.96 -0.93
C ALA A 962 -32.67 -57.62 -0.85
N TYR A 963 -31.37 -57.58 -1.14
CA TYR A 963 -30.65 -56.32 -1.17
C TYR A 963 -31.24 -55.40 -2.23
N TRP A 964 -31.43 -55.91 -3.45
CA TRP A 964 -31.97 -55.08 -4.53
C TRP A 964 -33.43 -54.71 -4.29
N LYS A 965 -34.20 -55.62 -3.71
CA LYS A 965 -35.62 -55.34 -3.48
C LYS A 965 -35.81 -54.20 -2.49
N THR A 966 -34.90 -54.06 -1.52
CA THR A 966 -34.93 -52.96 -0.58
C THR A 966 -34.14 -51.74 -1.08
N LEU A 967 -33.10 -51.97 -1.88
CA LEU A 967 -32.33 -50.85 -2.44
C LEU A 967 -33.19 -50.02 -3.37
N LEU A 968 -33.98 -50.66 -4.23
CA LEU A 968 -34.81 -49.97 -5.22
C LEU A 968 -36.28 -49.87 -4.81
N GLN A 969 -36.59 -50.10 -3.54
CA GLN A 969 -37.93 -49.82 -3.06
C GLN A 969 -38.13 -48.31 -2.92
N GLY A 970 -39.39 -47.91 -2.80
CA GLY A 970 -39.73 -46.50 -2.70
C GLY A 970 -39.55 -45.73 -4.00
N GLU A 971 -39.92 -44.45 -3.98
CA GLU A 971 -39.83 -43.63 -5.19
C GLU A 971 -38.37 -43.44 -5.58
N LEU A 972 -37.98 -44.02 -6.71
CA LEU A 972 -36.61 -43.89 -7.18
C LEU A 972 -36.39 -42.51 -7.79
N PRO A 973 -35.14 -42.05 -7.86
CA PRO A 973 -34.88 -40.71 -8.42
C PRO A 973 -35.22 -40.65 -9.90
N ALA A 974 -35.38 -39.42 -10.38
CA ALA A 974 -35.70 -39.15 -11.78
C ALA A 974 -34.64 -38.24 -12.36
N VAL A 975 -33.92 -38.73 -13.37
CA VAL A 975 -32.85 -37.98 -14.01
C VAL A 975 -33.41 -37.46 -15.34
N GLN A 976 -33.84 -36.19 -15.33
CA GLN A 976 -34.34 -35.53 -16.54
C GLN A 976 -33.17 -34.80 -17.18
N LEU A 977 -32.53 -35.45 -18.15
CA LEU A 977 -31.45 -34.80 -18.86
C LEU A 977 -31.98 -33.80 -19.88
N PRO A 978 -31.24 -32.74 -20.17
CA PRO A 978 -31.71 -31.76 -21.15
C PRO A 978 -31.76 -32.33 -22.56
N THR A 979 -32.72 -33.22 -22.82
CA THR A 979 -32.83 -33.89 -24.11
C THR A 979 -33.80 -33.16 -25.02
N LYS A 980 -33.83 -33.60 -26.28
CA LYS A 980 -34.89 -33.19 -27.19
C LYS A 980 -36.18 -33.92 -26.81
N LYS A 981 -37.26 -33.62 -27.53
CA LYS A 981 -38.56 -34.20 -27.21
C LYS A 981 -38.52 -35.71 -27.35
N ARG A 982 -38.85 -36.41 -26.27
CA ARG A 982 -38.75 -37.87 -26.25
C ARG A 982 -39.76 -38.47 -27.22
N PRO A 983 -39.32 -39.30 -28.17
CA PRO A 983 -40.28 -39.92 -29.09
C PRO A 983 -41.20 -40.87 -28.34
N PRO A 984 -42.46 -41.01 -28.79
CA PRO A 984 -43.41 -41.91 -28.11
C PRO A 984 -42.85 -43.31 -27.90
N GLN A 985 -42.43 -43.96 -28.97
CA GLN A 985 -41.79 -45.26 -28.88
C GLN A 985 -40.29 -45.10 -28.71
N LEU A 986 -39.67 -46.08 -28.07
CA LEU A 986 -38.23 -46.04 -27.83
C LEU A 986 -37.47 -46.24 -29.14
N THR A 987 -36.48 -45.39 -29.37
CA THR A 987 -35.66 -45.45 -30.57
C THR A 987 -34.22 -45.80 -30.23
N PHE A 988 -33.56 -46.48 -31.16
CA PHE A 988 -32.20 -46.97 -30.93
C PHE A 988 -31.18 -46.39 -31.91
N ASP A 989 -31.56 -45.36 -32.66
CA ASP A 989 -30.61 -44.71 -33.57
C ASP A 989 -29.63 -43.85 -32.76
N GLY A 990 -28.35 -43.96 -33.09
CA GLY A 990 -27.35 -43.27 -32.28
C GLY A 990 -26.10 -42.91 -33.04
N ALA A 991 -25.26 -42.12 -32.37
CA ALA A 991 -23.94 -41.75 -32.85
C ALA A 991 -23.00 -41.74 -31.65
N ILE A 992 -21.72 -41.47 -31.89
CA ILE A 992 -20.73 -41.43 -30.83
C ILE A 992 -19.90 -40.15 -30.92
N GLN A 993 -19.47 -39.67 -29.77
CA GLN A 993 -18.48 -38.60 -29.66
C GLN A 993 -17.38 -39.08 -28.72
N MET A 994 -16.14 -38.66 -28.99
CA MET A 994 -15.00 -39.15 -28.24
C MET A 994 -14.27 -38.00 -27.56
N TYR A 995 -13.82 -38.24 -26.34
CA TYR A 995 -13.08 -37.27 -25.55
C TYR A 995 -11.85 -37.95 -24.99
N ARG A 996 -10.68 -37.33 -25.20
CA ARG A 996 -9.41 -37.90 -24.79
C ARG A 996 -8.88 -37.16 -23.57
N VAL A 997 -8.62 -37.90 -22.51
CA VAL A 997 -7.91 -37.38 -21.34
C VAL A 997 -6.43 -37.71 -21.52
N ASN A 998 -5.58 -36.67 -21.51
CA ASN A 998 -4.17 -36.84 -21.81
C ASN A 998 -3.47 -37.66 -20.72
N PRO A 999 -2.28 -38.20 -21.02
CA PRO A 999 -1.58 -39.00 -20.01
C PRO A 999 -1.27 -38.26 -18.72
N GLU A 1000 -1.03 -36.95 -18.78
CA GLU A 1000 -0.72 -36.20 -17.57
C GLU A 1000 -1.92 -36.16 -16.62
N ILE A 1001 -3.10 -35.80 -17.13
CA ILE A 1001 -4.29 -35.78 -16.29
C ILE A 1001 -4.66 -37.19 -15.85
N THR A 1002 -4.54 -38.15 -16.76
CA THR A 1002 -4.80 -39.54 -16.39
C THR A 1002 -3.95 -39.98 -15.22
N ARG A 1003 -2.68 -39.57 -15.19
CA ARG A 1003 -1.81 -39.93 -14.07
C ARG A 1003 -2.29 -39.30 -12.78
N LYS A 1004 -2.72 -38.04 -12.83
CA LYS A 1004 -3.22 -37.38 -11.62
C LYS A 1004 -4.55 -37.99 -11.17
N LEU A 1005 -5.35 -38.48 -12.10
CA LEU A 1005 -6.61 -39.14 -11.72
C LEU A 1005 -6.34 -40.41 -10.93
N LYS A 1006 -5.46 -41.27 -11.46
CA LYS A 1006 -5.20 -42.55 -10.80
C LYS A 1006 -4.49 -42.35 -9.47
N ALA A 1007 -3.47 -41.50 -9.44
CA ALA A 1007 -2.74 -41.23 -8.21
C ALA A 1007 -3.69 -40.71 -7.13
N THR A 1008 -4.59 -39.80 -7.50
CA THR A 1008 -5.56 -39.28 -6.54
C THR A 1008 -6.43 -40.39 -5.97
N ALA A 1009 -6.92 -41.27 -6.85
CA ALA A 1009 -7.84 -42.33 -6.40
C ALA A 1009 -7.15 -43.28 -5.43
N ALA A 1010 -5.94 -43.75 -5.78
CA ALA A 1010 -5.24 -44.69 -4.92
C ALA A 1010 -4.86 -44.06 -3.59
N LYS A 1011 -4.48 -42.78 -3.60
CA LYS A 1011 -4.08 -42.11 -2.37
C LYS A 1011 -5.21 -42.05 -1.37
N HIS A 1012 -6.45 -42.05 -1.84
CA HIS A 1012 -7.63 -41.99 -0.99
C HIS A 1012 -8.40 -43.31 -0.98
N ASP A 1013 -7.69 -44.42 -1.23
CA ASP A 1013 -8.27 -45.75 -1.16
C ASP A 1013 -9.45 -45.91 -2.10
N LEU A 1014 -9.27 -45.47 -3.34
CA LEU A 1014 -10.29 -45.57 -4.38
C LEU A 1014 -9.67 -46.09 -5.66
N THR A 1015 -10.51 -46.68 -6.50
CA THR A 1015 -10.10 -47.09 -7.83
C THR A 1015 -10.43 -45.98 -8.83
N LEU A 1016 -9.82 -46.09 -10.02
CA LEU A 1016 -10.13 -45.10 -11.06
C LEU A 1016 -11.60 -45.14 -11.44
N TYR A 1017 -12.21 -46.32 -11.43
CA TYR A 1017 -13.63 -46.43 -11.71
C TYR A 1017 -14.45 -45.66 -10.67
N MET A 1018 -14.11 -45.82 -9.38
CA MET A 1018 -14.81 -45.08 -8.36
C MET A 1018 -14.69 -43.57 -8.57
N LEU A 1019 -13.49 -43.10 -8.92
CA LEU A 1019 -13.30 -41.67 -9.14
C LEU A 1019 -14.07 -41.18 -10.35
N MET A 1020 -14.09 -41.97 -11.43
CA MET A 1020 -14.83 -41.58 -12.62
C MET A 1020 -16.33 -41.61 -12.36
N LEU A 1021 -16.81 -42.63 -11.65
CA LEU A 1021 -18.24 -42.72 -11.35
C LEU A 1021 -18.73 -41.52 -10.56
N THR A 1022 -17.89 -41.00 -9.67
CA THR A 1022 -18.26 -39.81 -8.90
C THR A 1022 -18.40 -38.59 -9.80
N ILE A 1023 -17.43 -38.38 -10.68
CA ILE A 1023 -17.49 -37.25 -11.61
C ILE A 1023 -18.71 -37.37 -12.51
N VAL A 1024 -18.97 -38.57 -13.03
CA VAL A 1024 -20.16 -38.80 -13.85
C VAL A 1024 -21.43 -38.51 -13.05
N SER A 1025 -21.45 -38.94 -11.78
CA SER A 1025 -22.63 -38.71 -10.96
C SER A 1025 -22.86 -37.21 -10.72
N ILE A 1026 -21.80 -36.47 -10.43
CA ILE A 1026 -21.92 -35.03 -10.24
C ILE A 1026 -22.38 -34.38 -11.53
N TRP A 1027 -21.79 -34.81 -12.65
CA TRP A 1027 -22.15 -34.28 -13.96
C TRP A 1027 -23.64 -34.46 -14.24
N LEU A 1028 -24.18 -35.65 -13.94
CA LEU A 1028 -25.60 -35.89 -14.13
C LEU A 1028 -26.44 -35.04 -13.19
N SER A 1029 -26.01 -34.95 -11.93
CA SER A 1029 -26.76 -34.17 -10.94
C SER A 1029 -26.88 -32.72 -11.37
N LYS A 1030 -25.76 -32.12 -11.79
CA LYS A 1030 -25.79 -30.71 -12.17
C LYS A 1030 -26.65 -30.46 -13.40
N MET A 1031 -26.83 -31.48 -14.24
CA MET A 1031 -27.79 -31.37 -15.34
C MET A 1031 -29.21 -31.69 -14.90
N ASN A 1032 -29.37 -32.46 -13.82
CA ASN A 1032 -30.68 -32.72 -13.23
C ASN A 1032 -31.05 -31.68 -12.19
N SER A 1033 -30.73 -30.41 -12.46
CA SER A 1033 -31.04 -29.30 -11.55
C SER A 1033 -30.46 -29.53 -10.16
N ASP A 1034 -29.17 -29.90 -10.13
CA ASP A 1034 -28.41 -30.11 -8.90
C ASP A 1034 -29.17 -31.01 -7.92
N SER A 1035 -29.66 -32.12 -8.45
CA SER A 1035 -30.35 -33.10 -7.63
C SER A 1035 -29.39 -33.72 -6.60
N ASN A 1036 -29.96 -34.19 -5.50
CA ASN A 1036 -29.17 -34.80 -4.45
C ASN A 1036 -28.95 -36.30 -4.67
N GLN A 1037 -29.83 -36.95 -5.41
CA GLN A 1037 -29.68 -38.36 -5.75
C GLN A 1037 -29.73 -38.52 -7.26
N VAL A 1038 -29.04 -39.54 -7.75
CA VAL A 1038 -28.99 -39.85 -9.18
C VAL A 1038 -29.05 -41.36 -9.33
N ILE A 1039 -29.42 -41.80 -10.53
CA ILE A 1039 -29.53 -43.22 -10.85
C ILE A 1039 -28.93 -43.45 -12.23
N LEU A 1040 -28.13 -44.51 -12.35
CA LEU A 1040 -27.50 -44.86 -13.61
C LEU A 1040 -27.13 -46.34 -13.57
N GLY A 1041 -26.83 -46.88 -14.75
CA GLY A 1041 -26.46 -48.28 -14.86
C GLY A 1041 -24.99 -48.48 -15.12
N THR A 1042 -24.47 -49.65 -14.76
CA THR A 1042 -23.07 -49.99 -15.00
C THR A 1042 -23.00 -51.46 -15.38
N VAL A 1043 -21.80 -51.91 -15.73
CA VAL A 1043 -21.57 -53.26 -16.25
C VAL A 1043 -20.40 -53.88 -15.50
N THR A 1044 -20.58 -55.12 -15.05
CA THR A 1044 -19.54 -55.89 -14.37
C THR A 1044 -19.11 -57.06 -15.27
N ASP A 1045 -17.94 -57.62 -14.95
CA ASP A 1045 -17.39 -58.70 -15.76
C ASP A 1045 -18.28 -59.95 -15.73
N GLY A 1046 -18.98 -60.19 -14.62
CA GLY A 1046 -19.89 -61.31 -14.51
C GLY A 1046 -19.26 -62.68 -14.44
N ARG A 1047 -17.95 -62.76 -14.22
CA ARG A 1047 -17.24 -64.04 -14.14
C ARG A 1047 -17.23 -64.48 -12.68
N GLN A 1048 -18.33 -65.12 -12.27
CA GLN A 1048 -18.49 -65.53 -10.88
C GLN A 1048 -17.46 -66.57 -10.49
N HIS A 1049 -17.42 -67.69 -11.23
CA HIS A 1049 -16.46 -68.76 -10.96
C HIS A 1049 -15.08 -68.38 -11.48
N PRO A 1050 -14.02 -68.57 -10.68
CA PRO A 1050 -12.67 -68.17 -11.15
C PRO A 1050 -12.16 -68.99 -12.33
N ASP A 1051 -12.82 -70.08 -12.69
CA ASP A 1051 -12.41 -70.92 -13.81
C ASP A 1051 -12.94 -70.44 -15.15
N THR A 1052 -13.70 -69.35 -15.18
CA THR A 1052 -14.33 -68.86 -16.40
C THR A 1052 -13.59 -67.69 -17.03
N ARG A 1053 -12.42 -67.33 -16.52
CA ARG A 1053 -11.71 -66.16 -17.00
C ARG A 1053 -10.94 -66.40 -18.29
N GLU A 1054 -10.98 -67.61 -18.83
CA GLU A 1054 -10.35 -67.91 -20.11
C GLU A 1054 -11.34 -68.38 -21.15
N LEU A 1055 -12.64 -68.33 -20.85
CA LEU A 1055 -13.67 -68.80 -21.76
C LEU A 1055 -14.18 -67.68 -22.64
N LEU A 1056 -14.81 -68.07 -23.74
CA LEU A 1056 -15.44 -67.14 -24.69
C LEU A 1056 -16.94 -67.24 -24.51
N GLY A 1057 -17.54 -66.18 -23.96
CA GLY A 1057 -18.97 -66.20 -23.74
C GLY A 1057 -19.46 -64.87 -23.24
N MET A 1058 -20.77 -64.79 -23.01
CA MET A 1058 -21.42 -63.60 -22.49
C MET A 1058 -21.58 -63.77 -20.98
N PHE A 1059 -20.76 -63.03 -20.22
CA PHE A 1059 -20.84 -63.07 -18.77
C PHE A 1059 -21.33 -61.79 -18.14
N VAL A 1060 -21.19 -60.64 -18.82
CA VAL A 1060 -21.34 -59.35 -18.16
C VAL A 1060 -22.75 -59.19 -17.61
N ASN A 1061 -22.85 -58.52 -16.47
CA ASN A 1061 -24.13 -58.24 -15.82
C ASN A 1061 -24.31 -56.74 -15.70
N THR A 1062 -25.57 -56.31 -15.78
CA THR A 1062 -25.93 -54.90 -15.69
C THR A 1062 -26.47 -54.62 -14.29
N LEU A 1063 -25.90 -53.61 -13.63
CA LEU A 1063 -26.30 -53.28 -12.27
C LEU A 1063 -26.89 -51.88 -12.22
N PRO A 1064 -27.98 -51.69 -11.46
CA PRO A 1064 -28.48 -50.33 -11.21
C PRO A 1064 -27.70 -49.69 -10.07
N LEU A 1065 -27.27 -48.45 -10.27
CA LEU A 1065 -26.47 -47.73 -9.28
C LEU A 1065 -27.25 -46.51 -8.82
N LEU A 1066 -27.70 -46.54 -7.56
CA LEU A 1066 -28.39 -45.42 -6.95
C LEU A 1066 -27.39 -44.69 -6.06
N LEU A 1067 -26.93 -43.53 -6.52
CA LEU A 1067 -25.89 -42.78 -5.83
C LEU A 1067 -26.42 -41.42 -5.39
N SER A 1068 -25.66 -40.78 -4.49
CA SER A 1068 -26.04 -39.51 -3.90
C SER A 1068 -24.89 -38.51 -4.02
N ILE A 1069 -25.23 -37.27 -4.36
CA ILE A 1069 -24.27 -36.18 -4.47
C ILE A 1069 -24.63 -35.13 -3.44
N ASP A 1070 -23.70 -34.85 -2.54
CA ASP A 1070 -23.85 -33.81 -1.53
C ASP A 1070 -23.11 -32.58 -2.03
N HIS A 1071 -23.85 -31.61 -2.57
CA HIS A 1071 -23.21 -30.41 -3.10
C HIS A 1071 -22.62 -29.53 -2.02
N GLU A 1072 -23.05 -29.70 -0.76
CA GLU A 1072 -22.51 -28.90 0.33
C GLU A 1072 -21.22 -29.46 0.90
N GLU A 1073 -20.83 -30.67 0.52
CA GLU A 1073 -19.60 -31.30 0.96
C GLU A 1073 -18.58 -31.29 -0.17
N SER A 1074 -17.38 -31.78 0.14
CA SER A 1074 -16.27 -31.73 -0.79
C SER A 1074 -16.32 -32.89 -1.78
N PHE A 1075 -15.47 -32.78 -2.82
CA PHE A 1075 -15.33 -33.88 -3.76
C PHE A 1075 -14.85 -35.14 -3.06
N LEU A 1076 -13.89 -35.00 -2.14
CA LEU A 1076 -13.39 -36.17 -1.42
C LEU A 1076 -14.49 -36.82 -0.59
N HIS A 1077 -15.40 -36.03 -0.03
CA HIS A 1077 -16.51 -36.60 0.72
C HIS A 1077 -17.43 -37.40 -0.18
N ASN A 1078 -17.82 -36.81 -1.32
CA ASN A 1078 -18.70 -37.49 -2.25
C ASN A 1078 -18.05 -38.76 -2.79
N LEU A 1079 -16.72 -38.73 -2.99
CA LEU A 1079 -16.01 -39.91 -3.46
C LEU A 1079 -16.25 -41.10 -2.55
N GLN A 1080 -16.12 -40.89 -1.24
CA GLN A 1080 -16.35 -41.97 -0.28
C GLN A 1080 -17.81 -42.41 -0.26
N GLN A 1081 -18.73 -41.48 -0.47
CA GLN A 1081 -20.15 -41.86 -0.50
C GLN A 1081 -20.45 -42.77 -1.67
N VAL A 1082 -19.90 -42.47 -2.85
CA VAL A 1082 -20.11 -43.32 -4.02
C VAL A 1082 -19.56 -44.72 -3.76
N LYS A 1083 -18.40 -44.80 -3.11
CA LYS A 1083 -17.84 -46.11 -2.79
C LYS A 1083 -18.69 -46.85 -1.77
N ALA A 1084 -19.19 -46.13 -0.75
CA ALA A 1084 -20.04 -46.75 0.26
C ALA A 1084 -21.34 -47.27 -0.32
N LYS A 1085 -21.71 -46.84 -1.52
CA LYS A 1085 -22.88 -47.37 -2.20
C LYS A 1085 -22.52 -48.34 -3.32
N LEU A 1086 -21.29 -48.26 -3.84
CA LEU A 1086 -20.88 -49.16 -4.91
C LEU A 1086 -20.49 -50.53 -4.37
N LEU A 1087 -19.73 -50.56 -3.27
CA LEU A 1087 -19.30 -51.84 -2.72
C LEU A 1087 -20.45 -52.74 -2.29
N PRO A 1088 -21.50 -52.25 -1.62
CA PRO A 1088 -22.63 -53.15 -1.35
C PRO A 1088 -23.30 -53.66 -2.61
N ALA A 1089 -23.30 -52.88 -3.70
CA ALA A 1089 -23.89 -53.34 -4.94
C ALA A 1089 -23.04 -54.41 -5.60
N LEU A 1090 -21.71 -54.24 -5.56
CA LEU A 1090 -20.82 -55.27 -6.08
C LEU A 1090 -20.87 -56.55 -5.25
N GLN A 1091 -21.25 -56.47 -3.98
CA GLN A 1091 -21.40 -57.66 -3.16
C GLN A 1091 -22.64 -58.46 -3.55
N ASN A 1092 -23.59 -57.83 -4.25
CA ASN A 1092 -24.78 -58.49 -4.75
C ASN A 1092 -24.88 -58.33 -6.26
N GLN A 1093 -23.73 -58.45 -6.95
CA GLN A 1093 -23.63 -58.18 -8.37
C GLN A 1093 -24.03 -59.36 -9.24
N TYR A 1094 -24.35 -60.52 -8.66
CA TYR A 1094 -24.61 -61.73 -9.42
C TYR A 1094 -26.08 -62.08 -9.48
N VAL A 1095 -26.95 -61.10 -9.30
CA VAL A 1095 -28.38 -61.26 -9.58
C VAL A 1095 -28.65 -60.72 -10.97
N PRO A 1096 -29.29 -61.50 -11.85
CA PRO A 1096 -29.54 -61.01 -13.21
C PRO A 1096 -30.43 -59.78 -13.21
N PHE A 1097 -30.23 -58.93 -14.23
CA PHE A 1097 -30.88 -57.62 -14.25
C PHE A 1097 -32.40 -57.76 -14.35
N ASP A 1098 -32.89 -58.72 -15.14
CA ASP A 1098 -34.32 -58.92 -15.26
C ASP A 1098 -34.95 -59.29 -13.92
N LYS A 1099 -34.22 -60.02 -13.08
CA LYS A 1099 -34.73 -60.36 -11.76
C LYS A 1099 -34.68 -59.15 -10.84
N ILE A 1100 -33.65 -58.32 -10.98
CA ILE A 1100 -33.58 -57.09 -10.19
C ILE A 1100 -34.79 -56.20 -10.50
N LEU A 1101 -35.12 -56.06 -11.79
CA LEU A 1101 -36.29 -55.27 -12.17
C LEU A 1101 -37.56 -55.85 -11.57
N GLU A 1102 -37.69 -57.18 -11.59
CA GLU A 1102 -38.87 -57.82 -11.02
C GLU A 1102 -38.92 -57.63 -9.51
N ALA A 1103 -37.79 -57.77 -8.83
CA ALA A 1103 -37.75 -57.53 -7.39
C ALA A 1103 -38.16 -56.11 -7.06
N ALA A 1104 -37.72 -55.16 -7.88
CA ALA A 1104 -38.11 -53.76 -7.69
C ALA A 1104 -39.49 -53.46 -8.25
N ARG A 1105 -40.08 -54.41 -8.99
CA ARG A 1105 -41.39 -54.23 -9.63
C ARG A 1105 -41.43 -52.91 -10.40
N VAL A 1106 -40.48 -52.76 -11.31
CA VAL A 1106 -40.27 -51.50 -12.02
C VAL A 1106 -41.35 -51.34 -13.08
N LYS A 1107 -42.05 -50.21 -13.04
CA LYS A 1107 -43.05 -49.92 -14.05
C LYS A 1107 -42.39 -49.65 -15.40
N ARG A 1108 -43.04 -50.09 -16.47
CA ARG A 1108 -42.49 -49.99 -17.82
C ARG A 1108 -43.18 -48.86 -18.56
N GLU A 1109 -42.46 -47.75 -18.73
CA GLU A 1109 -42.91 -46.70 -19.61
C GLU A 1109 -42.41 -46.98 -21.03
N GLY A 1110 -42.78 -46.12 -21.98
CA GLY A 1110 -42.41 -46.32 -23.36
C GLY A 1110 -41.39 -45.34 -23.86
N ASN A 1111 -41.32 -44.16 -23.23
CA ASN A 1111 -40.36 -43.15 -23.63
C ASN A 1111 -38.98 -43.38 -23.00
N ARG A 1112 -38.89 -44.15 -21.93
CA ARG A 1112 -37.67 -44.34 -21.19
C ARG A 1112 -37.34 -45.83 -21.10
N HIS A 1113 -36.15 -46.14 -20.58
N HIS A 1113 -36.13 -46.14 -20.64
CA HIS A 1113 -35.66 -47.51 -20.41
CA HIS A 1113 -35.69 -47.51 -20.41
C HIS A 1113 -35.78 -47.91 -18.94
C HIS A 1113 -35.90 -47.89 -18.95
N PRO A 1114 -36.17 -49.19 -18.68
CA PRO A 1114 -36.41 -49.69 -17.31
C PRO A 1114 -36.01 -48.87 -16.09
N LEU A 1115 -34.87 -49.20 -15.47
CA LEU A 1115 -34.49 -48.58 -14.21
C LEU A 1115 -33.71 -47.30 -14.40
N PHE A 1116 -32.85 -47.26 -15.41
CA PHE A 1116 -32.00 -46.11 -15.67
C PHE A 1116 -32.08 -45.81 -17.17
N ASP A 1117 -31.67 -44.59 -17.52
CA ASP A 1117 -31.59 -44.20 -18.91
C ASP A 1117 -30.18 -43.84 -19.35
N VAL A 1118 -29.23 -43.70 -18.42
CA VAL A 1118 -27.84 -43.42 -18.73
C VAL A 1118 -27.00 -44.56 -18.18
N MET A 1119 -26.03 -45.01 -18.98
CA MET A 1119 -25.17 -46.14 -18.64
C MET A 1119 -23.70 -45.70 -18.65
N PHE A 1120 -22.95 -46.16 -17.64
CA PHE A 1120 -21.53 -45.85 -17.53
C PHE A 1120 -20.75 -47.15 -17.41
N MET A 1121 -19.86 -47.40 -18.37
CA MET A 1121 -19.01 -48.58 -18.37
C MET A 1121 -17.55 -48.15 -18.34
N MET A 1122 -16.68 -49.11 -18.03
CA MET A 1122 -15.24 -48.85 -17.99
C MET A 1122 -14.48 -50.13 -18.28
N GLN A 1123 -13.51 -50.03 -19.18
CA GLN A 1123 -12.63 -51.13 -19.54
C GLN A 1123 -11.20 -50.82 -19.09
N GLY A 1124 -10.48 -51.86 -18.71
CA GLY A 1124 -9.09 -51.69 -18.35
C GLY A 1124 -8.22 -51.55 -19.59
N ALA A 1125 -6.91 -51.60 -19.36
CA ALA A 1125 -5.95 -51.45 -20.44
C ALA A 1125 -5.88 -52.72 -21.29
N PRO A 1126 -5.50 -52.59 -22.56
CA PRO A 1126 -5.40 -53.78 -23.41
C PRO A 1126 -4.26 -54.70 -22.96
N GLU A 1127 -4.52 -56.00 -22.98
CA GLU A 1127 -3.54 -56.98 -22.53
C GLU A 1127 -2.49 -57.30 -23.60
N THR A 1128 -2.89 -57.31 -24.87
CA THR A 1128 -2.00 -57.58 -25.98
C THR A 1128 -1.82 -56.35 -26.84
N GLU A 1129 -0.91 -56.44 -27.82
CA GLU A 1129 -0.75 -55.36 -28.78
C GLU A 1129 -1.85 -55.38 -29.82
N LEU A 1130 -2.38 -56.56 -30.14
CA LEU A 1130 -3.50 -56.62 -31.07
C LEU A 1130 -4.73 -55.95 -30.50
N GLU A 1131 -5.00 -56.15 -29.20
CA GLU A 1131 -6.15 -55.52 -28.58
C GLU A 1131 -6.03 -54.00 -28.59
N SER A 1132 -4.80 -53.47 -28.50
CA SER A 1132 -4.64 -52.03 -28.49
C SER A 1132 -4.90 -51.43 -29.86
N ASN A 1133 -4.70 -52.20 -30.93
CA ASN A 1133 -4.97 -51.74 -32.28
C ASN A 1133 -6.31 -52.23 -32.82
N MET A 1134 -7.14 -52.81 -31.96
CA MET A 1134 -8.53 -53.08 -32.30
C MET A 1134 -9.37 -51.82 -32.11
N HIS A 1135 -10.38 -51.68 -32.97
CA HIS A 1135 -11.25 -50.51 -32.93
C HIS A 1135 -12.70 -50.96 -32.95
N HIS A 1136 -13.43 -50.61 -31.89
CA HIS A 1136 -14.87 -50.94 -31.82
C HIS A 1136 -15.63 -50.05 -32.79
N ILE A 1137 -16.60 -50.66 -33.46
CA ILE A 1137 -17.39 -49.95 -34.46
C ILE A 1137 -18.81 -49.79 -33.96
N ASN A 1138 -19.35 -48.59 -34.13
CA ASN A 1138 -20.76 -48.31 -33.86
C ASN A 1138 -21.48 -48.23 -35.19
N ALA A 1139 -22.54 -49.04 -35.34
CA ALA A 1139 -23.33 -49.06 -36.56
C ALA A 1139 -24.49 -48.06 -36.51
N GLY A 1140 -24.31 -46.93 -35.84
CA GLY A 1140 -25.39 -46.00 -35.67
C GLY A 1140 -26.43 -46.46 -34.68
N ILE A 1141 -26.00 -46.99 -33.54
CA ILE A 1141 -26.88 -47.60 -32.55
C ILE A 1141 -26.57 -47.02 -31.18
N SER A 1142 -27.61 -46.76 -30.40
CA SER A 1142 -27.49 -46.34 -29.01
C SER A 1142 -28.51 -47.14 -28.21
N LYS A 1143 -28.05 -48.16 -27.49
CA LYS A 1143 -28.97 -49.00 -26.72
C LYS A 1143 -29.69 -48.21 -25.63
N PHE A 1144 -29.08 -47.13 -25.15
CA PHE A 1144 -29.68 -46.28 -24.13
C PHE A 1144 -29.69 -44.84 -24.63
N ASP A 1145 -30.26 -43.95 -23.82
CA ASP A 1145 -30.26 -42.53 -24.16
C ASP A 1145 -28.83 -42.00 -24.26
N LEU A 1146 -27.99 -42.39 -23.30
CA LEU A 1146 -26.61 -41.92 -23.26
C LEU A 1146 -25.75 -43.00 -22.62
N THR A 1147 -24.66 -43.35 -23.27
CA THR A 1147 -23.73 -44.37 -22.78
C THR A 1147 -22.34 -43.77 -22.74
N LEU A 1148 -21.64 -43.97 -21.62
CA LEU A 1148 -20.28 -43.49 -21.45
C LEU A 1148 -19.37 -44.68 -21.13
N GLU A 1149 -18.42 -44.94 -22.02
CA GLU A 1149 -17.44 -45.99 -21.82
C GLU A 1149 -16.06 -45.36 -21.73
N VAL A 1150 -15.32 -45.70 -20.68
CA VAL A 1150 -13.96 -45.23 -20.48
C VAL A 1150 -12.99 -46.34 -20.85
N LEU A 1151 -12.07 -46.05 -21.76
CA LEU A 1151 -11.09 -47.01 -22.23
C LEU A 1151 -9.68 -46.49 -21.98
N GLU A 1152 -8.86 -47.29 -21.32
CA GLU A 1152 -7.46 -46.92 -21.06
C GLU A 1152 -6.64 -47.25 -22.31
N ARG A 1153 -6.16 -46.23 -23.00
CA ARG A 1153 -5.41 -46.40 -24.23
C ARG A 1153 -4.29 -45.37 -24.28
N GLU A 1154 -3.09 -45.82 -24.68
CA GLU A 1154 -1.95 -44.95 -24.94
C GLU A 1154 -1.60 -44.11 -23.71
N ASN A 1155 -1.57 -44.74 -22.55
CA ASN A 1155 -1.29 -44.10 -21.27
C ASN A 1155 -2.26 -42.98 -20.95
N GLY A 1156 -3.38 -42.90 -21.66
CA GLY A 1156 -4.41 -41.91 -21.40
C GLY A 1156 -5.78 -42.53 -21.30
N LEU A 1157 -6.83 -41.75 -21.48
CA LEU A 1157 -8.21 -42.24 -21.39
C LEU A 1157 -8.99 -41.79 -22.61
N ASN A 1158 -9.63 -42.74 -23.28
CA ASN A 1158 -10.54 -42.46 -24.38
C ASN A 1158 -11.96 -42.69 -23.86
N ILE A 1159 -12.70 -41.60 -23.70
CA ILE A 1159 -14.07 -41.64 -23.17
C ILE A 1159 -15.04 -41.47 -24.33
N VAL A 1160 -15.89 -42.47 -24.52
CA VAL A 1160 -16.87 -42.49 -25.61
C VAL A 1160 -18.21 -42.00 -25.09
N PHE A 1161 -18.92 -41.24 -25.93
CA PHE A 1161 -20.21 -40.67 -25.57
C PHE A 1161 -21.23 -41.15 -26.61
N GLU A 1162 -21.68 -42.40 -26.44
CA GLU A 1162 -22.72 -42.94 -27.31
C GLU A 1162 -24.08 -42.40 -26.90
N TYR A 1163 -24.80 -41.79 -27.85
CA TYR A 1163 -26.02 -41.08 -27.53
C TYR A 1163 -27.10 -41.37 -28.57
N ASN A 1164 -28.35 -41.30 -28.13
CA ASN A 1164 -29.48 -41.44 -29.04
C ASN A 1164 -29.63 -40.17 -29.86
N THR A 1165 -29.65 -40.32 -31.19
CA THR A 1165 -29.70 -39.15 -32.06
C THR A 1165 -31.07 -38.48 -32.08
N HIS A 1166 -32.11 -39.15 -31.60
CA HIS A 1166 -33.41 -38.51 -31.49
C HIS A 1166 -33.51 -37.62 -30.25
N LEU A 1167 -32.61 -37.78 -29.28
CA LEU A 1167 -32.62 -36.98 -28.07
C LEU A 1167 -31.49 -35.95 -28.00
N PHE A 1168 -30.40 -36.18 -28.72
CA PHE A 1168 -29.28 -35.25 -28.76
C PHE A 1168 -28.83 -35.11 -30.21
N ASP A 1169 -28.26 -33.95 -30.53
CA ASP A 1169 -27.71 -33.71 -31.86
C ASP A 1169 -26.24 -33.33 -31.74
N GLU A 1170 -25.60 -33.13 -32.89
CA GLU A 1170 -24.15 -32.91 -32.93
C GLU A 1170 -23.74 -31.78 -31.98
N GLY A 1171 -24.52 -30.71 -31.92
CA GLY A 1171 -24.15 -29.58 -31.08
C GLY A 1171 -24.37 -29.85 -29.60
N MET A 1172 -25.48 -30.51 -29.25
CA MET A 1172 -25.80 -30.73 -27.85
C MET A 1172 -24.74 -31.58 -27.17
N ILE A 1173 -24.37 -32.71 -27.78
CA ILE A 1173 -23.40 -33.61 -27.17
C ILE A 1173 -22.05 -32.91 -27.02
N LEU A 1174 -21.64 -32.15 -28.04
CA LEU A 1174 -20.38 -31.41 -27.96
C LEU A 1174 -20.34 -30.50 -26.74
N ARG A 1175 -21.48 -29.90 -26.39
CA ARG A 1175 -21.56 -29.11 -25.16
C ARG A 1175 -21.37 -29.98 -23.93
N MET A 1176 -22.00 -31.15 -23.91
CA MET A 1176 -21.91 -32.01 -22.73
C MET A 1176 -20.51 -32.60 -22.57
N VAL A 1177 -19.82 -32.85 -23.68
CA VAL A 1177 -18.45 -33.35 -23.58
C VAL A 1177 -17.53 -32.31 -22.95
N ALA A 1178 -17.72 -31.04 -23.33
CA ALA A 1178 -16.91 -29.97 -22.77
C ALA A 1178 -17.24 -29.72 -21.30
N GLN A 1179 -18.49 -29.99 -20.91
CA GLN A 1179 -18.87 -29.82 -19.51
C GLN A 1179 -18.28 -30.94 -18.65
N PHE A 1180 -18.21 -32.15 -19.17
CA PHE A 1180 -17.56 -33.23 -18.44
C PHE A 1180 -16.08 -32.95 -18.24
N GLU A 1181 -15.41 -32.52 -19.32
CA GLU A 1181 -14.00 -32.15 -19.20
C GLU A 1181 -13.82 -30.99 -18.21
N HIS A 1182 -14.72 -30.01 -18.26
CA HIS A 1182 -14.65 -28.89 -17.33
C HIS A 1182 -14.80 -29.36 -15.89
N LEU A 1183 -15.72 -30.29 -15.65
CA LEU A 1183 -15.92 -30.79 -14.29
C LEU A 1183 -14.75 -31.66 -13.86
N LEU A 1184 -14.20 -32.47 -14.76
CA LEU A 1184 -13.08 -33.34 -14.43
C LEU A 1184 -11.88 -32.53 -13.97
N LEU A 1185 -11.46 -31.55 -14.77
CA LEU A 1185 -10.31 -30.74 -14.41
C LEU A 1185 -10.56 -29.96 -13.12
N GLN A 1186 -11.78 -29.45 -12.94
CA GLN A 1186 -12.11 -28.75 -11.70
C GLN A 1186 -12.02 -29.69 -10.51
N ALA A 1187 -12.38 -30.95 -10.70
CA ALA A 1187 -12.40 -31.91 -9.59
C ALA A 1187 -11.00 -32.37 -9.24
N VAL A 1188 -10.22 -32.79 -10.25
CA VAL A 1188 -8.89 -33.31 -9.98
C VAL A 1188 -7.99 -32.27 -9.35
N HIS A 1189 -8.34 -30.99 -9.47
CA HIS A 1189 -7.59 -29.91 -8.83
C HIS A 1189 -8.32 -29.32 -7.63
N GLY A 1190 -9.60 -29.62 -7.46
CA GLY A 1190 -10.34 -29.15 -6.31
C GLY A 1190 -10.86 -30.30 -5.47
N LEU A 1191 -9.94 -31.10 -4.92
CA LEU A 1191 -10.34 -32.29 -4.17
C LEU A 1191 -11.12 -31.90 -2.92
N ASP A 1192 -10.77 -30.78 -2.31
CA ASP A 1192 -11.40 -30.32 -1.09
C ASP A 1192 -12.41 -29.21 -1.32
N GLN A 1193 -12.60 -28.79 -2.57
CA GLN A 1193 -13.63 -27.81 -2.87
C GLN A 1193 -15.01 -28.44 -2.79
N GLN A 1194 -16.00 -27.65 -2.40
CA GLN A 1194 -17.37 -28.14 -2.36
C GLN A 1194 -17.89 -28.35 -3.77
N VAL A 1195 -18.72 -29.37 -3.94
CA VAL A 1195 -19.20 -29.73 -5.28
C VAL A 1195 -20.10 -28.63 -5.84
N LYS A 1196 -20.78 -27.87 -4.97
CA LYS A 1196 -21.58 -26.75 -5.45
C LYS A 1196 -20.73 -25.69 -6.12
N ARG A 1197 -19.44 -25.60 -5.75
CA ARG A 1197 -18.55 -24.61 -6.31
C ARG A 1197 -18.00 -24.98 -7.69
N PHE A 1198 -18.24 -26.21 -8.14
CA PHE A 1198 -17.87 -26.60 -9.49
C PHE A 1198 -18.93 -26.12 -10.46
N GLU A 1199 -18.53 -25.37 -11.47
CA GLU A 1199 -19.48 -24.85 -12.45
C GLU A 1199 -19.56 -25.79 -13.65
N LEU A 1200 -20.79 -26.05 -14.11
CA LEU A 1200 -20.99 -26.92 -15.25
C LEU A 1200 -20.74 -26.18 -16.56
N VAL A 1201 -21.30 -24.98 -16.70
CA VAL A 1201 -21.11 -24.21 -17.92
C VAL A 1201 -19.64 -23.89 -18.12
N THR A 1202 -19.23 -23.75 -19.38
CA THR A 1202 -17.85 -23.47 -19.73
C THR A 1202 -17.71 -22.02 -20.17
N GLU A 1203 -16.46 -21.54 -20.17
CA GLU A 1203 -16.21 -20.14 -20.52
C GLU A 1203 -16.56 -19.87 -21.98
N ASP A 1204 -16.34 -20.86 -22.86
CA ASP A 1204 -16.78 -20.71 -24.24
C ASP A 1204 -18.30 -20.63 -24.32
N GLU A 1205 -19.00 -21.40 -23.49
CA GLU A 1205 -20.45 -21.33 -23.46
C GLU A 1205 -20.94 -20.01 -22.89
N LYS A 1206 -20.20 -19.43 -21.95
CA LYS A 1206 -20.59 -18.14 -21.38
C LYS A 1206 -20.46 -17.03 -22.39
N ARG A 1207 -19.39 -17.04 -23.19
CA ARG A 1207 -19.24 -16.06 -24.26
C ARG A 1207 -20.32 -16.23 -25.31
N ASP A 1208 -20.62 -17.49 -25.68
CA ASP A 1208 -21.67 -17.75 -26.66
C ASP A 1208 -23.02 -17.24 -26.18
N LEU A 1209 -23.33 -17.44 -24.90
CA LEU A 1209 -24.57 -16.92 -24.34
C LEU A 1209 -24.60 -15.39 -24.40
N PHE A 1210 -23.48 -14.74 -24.09
CA PHE A 1210 -23.43 -13.29 -24.07
C PHE A 1210 -23.84 -12.69 -25.41
N LEU A 1211 -23.18 -13.11 -26.49
CA LEU A 1211 -23.47 -12.56 -27.80
C LEU A 1211 -24.91 -12.85 -28.22
N ARG A 1212 -25.31 -14.12 -28.16
CA ARG A 1212 -26.61 -14.53 -28.66
C ARG A 1212 -27.76 -14.02 -27.81
N VAL A 1213 -27.49 -13.44 -26.64
CA VAL A 1213 -28.56 -13.04 -25.73
C VAL A 1213 -28.31 -11.64 -25.17
N ASN A 1214 -27.15 -11.42 -24.55
CA ASN A 1214 -26.96 -10.28 -23.66
C ASN A 1214 -26.05 -9.18 -24.22
N ASP A 1215 -25.87 -9.12 -25.54
CA ASP A 1215 -25.14 -8.01 -26.17
C ASP A 1215 -26.19 -7.03 -26.70
N THR A 1216 -26.73 -6.24 -25.77
CA THR A 1216 -27.94 -5.45 -26.02
C THR A 1216 -27.73 -3.95 -25.80
N ALA A 1217 -26.48 -3.50 -25.73
CA ALA A 1217 -26.23 -2.11 -25.40
C ALA A 1217 -26.56 -1.20 -26.57
N LYS A 1218 -27.28 -0.12 -26.29
CA LYS A 1218 -27.58 0.90 -27.29
C LYS A 1218 -27.70 2.25 -26.59
N ALA A 1219 -27.18 3.30 -27.23
CA ALA A 1219 -27.23 4.65 -26.67
C ALA A 1219 -28.59 5.27 -26.94
N TYR A 1220 -29.28 5.69 -25.88
CA TYR A 1220 -30.61 6.23 -26.05
C TYR A 1220 -30.70 7.65 -25.51
N PRO A 1221 -31.44 8.53 -26.19
CA PRO A 1221 -31.54 9.92 -25.75
C PRO A 1221 -32.15 10.02 -24.35
N ASN A 1222 -31.57 10.89 -23.52
CA ASN A 1222 -31.97 11.04 -22.14
C ASN A 1222 -33.05 12.09 -21.94
N LYS A 1223 -33.65 12.58 -23.02
CA LYS A 1223 -34.73 13.56 -22.92
C LYS A 1223 -35.98 12.88 -22.37
N LEU A 1224 -36.45 13.36 -21.23
CA LEU A 1224 -37.59 12.73 -20.57
C LEU A 1224 -38.85 12.87 -21.42
N ILE A 1225 -39.87 12.08 -21.08
CA ILE A 1225 -41.07 12.03 -21.91
C ILE A 1225 -41.94 13.28 -21.71
N MET A 1226 -41.93 13.86 -20.51
CA MET A 1226 -42.72 15.07 -20.29
C MET A 1226 -42.17 16.22 -21.11
N SER A 1227 -40.85 16.25 -21.33
CA SER A 1227 -40.29 17.24 -22.23
C SER A 1227 -40.66 16.92 -23.68
N MET A 1228 -40.59 15.64 -24.06
CA MET A 1228 -40.88 15.24 -25.44
C MET A 1228 -42.23 15.74 -25.92
N LEU A 1229 -43.26 15.64 -25.07
CA LEU A 1229 -44.58 16.14 -25.44
C LEU A 1229 -44.55 17.66 -25.65
N GLU A 1230 -44.02 18.39 -24.66
CA GLU A 1230 -43.99 19.84 -24.77
C GLU A 1230 -43.11 20.30 -25.94
N ASP A 1231 -42.07 19.53 -26.28
CA ASP A 1231 -41.31 19.85 -27.49
C ASP A 1231 -42.12 19.57 -28.74
N TRP A 1232 -42.85 18.44 -28.76
CA TRP A 1232 -43.63 18.08 -29.93
C TRP A 1232 -44.76 19.08 -30.18
N ALA A 1233 -45.46 19.47 -29.11
CA ALA A 1233 -46.56 20.42 -29.25
C ALA A 1233 -46.08 21.74 -29.82
N ALA A 1234 -44.92 22.23 -29.37
CA ALA A 1234 -44.40 23.51 -29.85
C ALA A 1234 -44.19 23.51 -31.36
N ALA A 1235 -43.87 22.36 -31.94
CA ALA A 1235 -43.66 22.26 -33.38
C ALA A 1235 -44.89 21.82 -34.15
N THR A 1236 -45.73 20.97 -33.56
CA THR A 1236 -46.98 20.52 -34.17
C THR A 1236 -48.12 20.83 -33.21
N PRO A 1237 -48.49 22.10 -33.08
CA PRO A 1237 -49.52 22.45 -32.08
C PRO A 1237 -50.90 21.93 -32.43
N ASP A 1238 -51.26 21.92 -33.70
CA ASP A 1238 -52.60 21.54 -34.14
C ASP A 1238 -52.64 20.14 -34.73
N LYS A 1239 -51.82 19.23 -34.22
CA LYS A 1239 -51.88 17.82 -34.60
C LYS A 1239 -52.63 17.02 -33.53
N THR A 1240 -53.32 15.98 -33.98
CA THR A 1240 -54.12 15.18 -33.07
C THR A 1240 -53.21 14.38 -32.14
N ALA A 1241 -53.45 14.50 -30.84
CA ALA A 1241 -52.71 13.77 -29.82
C ALA A 1241 -53.56 12.71 -29.12
N LEU A 1242 -54.77 13.06 -28.70
CA LEU A 1242 -55.68 12.14 -28.04
C LEU A 1242 -56.99 12.06 -28.80
N VAL A 1243 -57.62 10.88 -28.78
CA VAL A 1243 -58.93 10.67 -29.38
C VAL A 1243 -59.75 9.84 -28.39
N PHE A 1244 -60.71 10.48 -27.72
CA PHE A 1244 -61.63 9.79 -26.83
C PHE A 1244 -63.05 9.89 -27.39
N ARG A 1245 -63.77 8.77 -27.35
CA ARG A 1245 -65.10 8.67 -27.94
C ARG A 1245 -65.06 9.15 -29.39
N GLU A 1246 -65.73 10.26 -29.68
CA GLU A 1246 -65.69 10.89 -30.99
C GLU A 1246 -65.17 12.32 -30.89
N GLN A 1247 -64.34 12.59 -29.89
CA GLN A 1247 -63.75 13.90 -29.69
C GLN A 1247 -62.23 13.81 -29.73
N ARG A 1248 -61.60 14.88 -30.20
CA ARG A 1248 -60.16 14.89 -30.47
C ARG A 1248 -59.48 16.01 -29.70
N VAL A 1249 -58.30 15.71 -29.16
CA VAL A 1249 -57.48 16.66 -28.41
C VAL A 1249 -56.17 16.85 -29.16
N THR A 1250 -55.77 18.10 -29.35
CA THR A 1250 -54.54 18.39 -30.05
C THR A 1250 -53.38 18.50 -29.06
N TYR A 1251 -52.16 18.43 -29.60
CA TYR A 1251 -50.97 18.52 -28.76
C TYR A 1251 -50.98 19.81 -27.94
N ARG A 1252 -51.33 20.93 -28.56
CA ARG A 1252 -51.37 22.20 -27.86
C ARG A 1252 -52.43 22.20 -26.77
N GLU A 1253 -53.65 21.75 -27.11
CA GLU A 1253 -54.72 21.69 -26.12
C GLU A 1253 -54.35 20.79 -24.96
N LEU A 1254 -53.79 19.61 -25.27
CA LEU A 1254 -53.31 18.70 -24.24
C LEU A 1254 -52.30 19.44 -23.37
N ASN A 1255 -51.12 19.72 -23.92
CA ASN A 1255 -50.04 20.36 -23.19
C ASN A 1255 -50.51 21.52 -22.30
N GLU A 1256 -51.36 22.40 -22.83
CA GLU A 1256 -51.83 23.56 -22.07
C GLU A 1256 -52.63 23.13 -20.86
N ARG A 1257 -53.56 22.18 -21.03
CA ARG A 1257 -54.32 21.68 -19.89
C ARG A 1257 -53.41 20.95 -18.90
N VAL A 1258 -52.42 20.23 -19.41
CA VAL A 1258 -51.40 19.63 -18.55
C VAL A 1258 -50.69 20.70 -17.74
N ASN A 1259 -50.23 21.75 -18.42
CA ASN A 1259 -49.50 22.83 -17.75
C ASN A 1259 -50.29 23.42 -16.59
N GLN A 1260 -51.60 23.61 -16.77
CA GLN A 1260 -52.43 24.20 -15.73
C GLN A 1260 -52.44 23.32 -14.48
N LEU A 1261 -52.89 22.07 -14.64
CA LEU A 1261 -52.91 21.15 -13.50
C LEU A 1261 -51.52 20.96 -12.91
N ALA A 1262 -50.48 21.07 -13.74
CA ALA A 1262 -49.12 21.02 -13.23
C ALA A 1262 -48.83 22.19 -12.32
N HIS A 1263 -49.04 23.42 -12.80
CA HIS A 1263 -48.84 24.61 -11.99
C HIS A 1263 -49.66 24.54 -10.70
N THR A 1264 -50.87 23.98 -10.79
CA THR A 1264 -51.64 23.72 -9.58
C THR A 1264 -50.94 22.70 -8.69
N LEU A 1265 -50.50 21.58 -9.28
CA LEU A 1265 -49.82 20.53 -8.51
C LEU A 1265 -48.53 21.03 -7.90
N ARG A 1266 -47.83 21.94 -8.58
CA ARG A 1266 -46.53 22.40 -8.10
C ARG A 1266 -46.67 23.12 -6.76
N GLU A 1267 -47.52 24.15 -6.71
CA GLU A 1267 -47.74 24.87 -5.46
C GLU A 1267 -48.40 23.98 -4.41
N LYS A 1268 -49.00 22.88 -4.81
CA LYS A 1268 -49.58 21.93 -3.86
C LYS A 1268 -48.52 21.19 -3.05
N GLY A 1269 -47.24 21.47 -3.27
CA GLY A 1269 -46.16 20.81 -2.56
C GLY A 1269 -45.65 19.57 -3.27
N VAL A 1270 -45.39 19.69 -4.57
CA VAL A 1270 -44.91 18.59 -5.38
C VAL A 1270 -43.47 18.87 -5.78
N GLN A 1271 -42.56 18.01 -5.34
CA GLN A 1271 -41.14 18.06 -5.65
C GLN A 1271 -40.73 16.68 -6.14
N PRO A 1272 -39.60 16.59 -6.87
CA PRO A 1272 -39.13 15.29 -7.39
C PRO A 1272 -39.28 14.12 -6.43
N ASP A 1273 -39.67 12.97 -6.98
CA ASP A 1273 -39.85 11.71 -6.24
C ASP A 1273 -40.96 11.80 -5.21
N ASP A 1274 -41.92 12.69 -5.39
CA ASP A 1274 -43.13 12.72 -4.58
C ASP A 1274 -44.22 11.88 -5.25
N LEU A 1275 -45.05 11.26 -4.42
CA LEU A 1275 -46.10 10.37 -4.90
C LEU A 1275 -47.44 11.06 -4.77
N VAL A 1276 -48.18 11.15 -5.87
CA VAL A 1276 -49.57 11.58 -5.86
C VAL A 1276 -50.39 10.51 -6.56
N MET A 1277 -51.41 10.05 -5.88
CA MET A 1277 -52.19 8.90 -6.27
C MET A 1277 -53.31 9.34 -7.19
N LEU A 1278 -53.67 8.45 -8.11
CA LEU A 1278 -54.68 8.73 -9.12
C LEU A 1278 -55.86 7.79 -8.92
N MET A 1279 -57.06 8.33 -9.09
CA MET A 1279 -58.31 7.57 -8.99
C MET A 1279 -59.20 8.02 -10.14
N ALA A 1280 -59.05 7.39 -11.30
CA ALA A 1280 -59.76 7.81 -12.49
C ALA A 1280 -59.96 6.62 -13.42
N GLU A 1281 -61.06 6.68 -14.18
CA GLU A 1281 -61.30 5.73 -15.27
C GLU A 1281 -60.77 6.30 -16.58
N ARG A 1282 -60.82 5.46 -17.62
CA ARG A 1282 -60.28 5.86 -18.92
C ARG A 1282 -60.98 7.14 -19.40
N SER A 1283 -60.17 8.15 -19.71
CA SER A 1283 -60.68 9.46 -20.08
C SER A 1283 -59.51 10.29 -20.60
N VAL A 1284 -59.80 11.53 -21.00
CA VAL A 1284 -58.73 12.46 -21.30
C VAL A 1284 -58.16 13.03 -20.00
N GLU A 1285 -58.97 13.08 -18.94
CA GLU A 1285 -58.51 13.62 -17.67
C GLU A 1285 -57.41 12.74 -17.05
N MET A 1286 -57.56 11.41 -17.16
CA MET A 1286 -56.51 10.52 -16.67
C MET A 1286 -55.19 10.80 -17.39
N MET A 1287 -55.26 11.07 -18.70
CA MET A 1287 -54.05 11.37 -19.45
C MET A 1287 -53.47 12.72 -19.04
N VAL A 1288 -54.32 13.72 -18.83
CA VAL A 1288 -53.84 15.01 -18.35
C VAL A 1288 -53.23 14.87 -16.97
N ALA A 1289 -53.92 14.17 -16.06
CA ALA A 1289 -53.35 13.97 -14.74
C ALA A 1289 -51.93 13.42 -14.82
N ILE A 1290 -51.78 12.24 -15.43
CA ILE A 1290 -50.48 11.55 -15.50
C ILE A 1290 -49.39 12.50 -15.99
N PHE A 1291 -49.59 13.11 -17.17
CA PHE A 1291 -48.57 13.99 -17.71
C PHE A 1291 -48.32 15.21 -16.82
N ALA A 1292 -49.34 15.66 -16.10
CA ALA A 1292 -49.19 16.84 -15.24
C ALA A 1292 -48.41 16.48 -13.98
N VAL A 1293 -48.74 15.35 -13.36
CA VAL A 1293 -47.86 14.78 -12.33
C VAL A 1293 -46.40 14.82 -12.72
N LEU A 1294 -46.09 14.42 -13.95
CA LEU A 1294 -44.71 14.30 -14.38
C LEU A 1294 -44.11 15.68 -14.60
N LYS A 1295 -44.89 16.61 -15.14
CA LYS A 1295 -44.41 17.98 -15.33
C LYS A 1295 -44.18 18.68 -13.99
N ALA A 1296 -45.05 18.43 -13.01
CA ALA A 1296 -44.89 19.05 -11.70
C ALA A 1296 -43.64 18.54 -10.98
N GLY A 1297 -43.29 17.27 -11.19
CA GLY A 1297 -42.08 16.72 -10.64
C GLY A 1297 -42.24 15.37 -9.97
N GLY A 1298 -43.47 15.02 -9.59
CA GLY A 1298 -43.73 13.82 -8.84
C GLY A 1298 -43.87 12.57 -9.70
N ALA A 1299 -44.27 11.49 -9.05
CA ALA A 1299 -44.56 10.22 -9.70
C ALA A 1299 -46.02 9.86 -9.45
N TYR A 1300 -46.64 9.20 -10.42
CA TYR A 1300 -48.08 8.92 -10.36
C TYR A 1300 -48.32 7.48 -9.94
N LEU A 1301 -49.25 7.29 -9.00
CA LEU A 1301 -49.57 5.99 -8.43
C LEU A 1301 -50.99 5.62 -8.80
N PRO A 1302 -51.20 4.81 -9.84
CA PRO A 1302 -52.58 4.54 -10.29
C PRO A 1302 -53.30 3.61 -9.33
N ILE A 1303 -54.51 4.00 -8.94
CA ILE A 1303 -55.38 3.18 -8.11
C ILE A 1303 -56.72 3.03 -8.81
N ASP A 1304 -57.20 1.80 -8.88
CA ASP A 1304 -58.52 1.52 -9.43
C ASP A 1304 -59.58 2.28 -8.62
N PRO A 1305 -60.38 3.14 -9.25
CA PRO A 1305 -61.44 3.82 -8.48
C PRO A 1305 -62.42 2.85 -7.85
N HIS A 1306 -62.72 1.74 -8.52
CA HIS A 1306 -63.64 0.73 -8.02
C HIS A 1306 -62.94 -0.33 -7.17
N SER A 1307 -61.88 0.04 -6.46
CA SER A 1307 -61.19 -0.88 -5.57
C SER A 1307 -61.76 -0.77 -4.16
N PRO A 1308 -61.97 -1.89 -3.49
CA PRO A 1308 -62.50 -1.86 -2.12
C PRO A 1308 -61.67 -0.97 -1.20
N ALA A 1309 -62.34 -0.35 -0.24
CA ALA A 1309 -61.66 0.58 0.67
C ALA A 1309 -60.58 -0.11 1.49
N GLU A 1310 -60.74 -1.42 1.73
CA GLU A 1310 -59.69 -2.18 2.40
C GLU A 1310 -58.36 -2.02 1.68
N ARG A 1311 -58.35 -2.22 0.36
CA ARG A 1311 -57.13 -2.03 -0.42
C ARG A 1311 -56.64 -0.58 -0.35
N ILE A 1312 -57.49 0.38 -0.76
CA ILE A 1312 -57.03 1.76 -0.88
C ILE A 1312 -56.35 2.21 0.42
N ALA A 1313 -57.00 1.94 1.56
CA ALA A 1313 -56.41 2.28 2.86
C ALA A 1313 -54.99 1.73 2.99
N TYR A 1314 -54.77 0.52 2.49
CA TYR A 1314 -53.44 -0.08 2.53
C TYR A 1314 -52.43 0.74 1.73
N ILE A 1315 -52.73 1.01 0.45
CA ILE A 1315 -51.79 1.76 -0.39
C ILE A 1315 -51.65 3.19 0.13
N PHE A 1316 -52.77 3.82 0.52
CA PHE A 1316 -52.73 5.14 1.13
C PHE A 1316 -51.66 5.19 2.23
N ALA A 1317 -51.60 4.14 3.05
CA ALA A 1317 -50.62 4.08 4.13
C ALA A 1317 -49.23 3.73 3.60
N ASP A 1318 -49.10 2.56 2.96
CA ASP A 1318 -47.80 2.10 2.48
C ASP A 1318 -47.10 3.15 1.64
N SER A 1319 -47.85 3.86 0.78
CA SER A 1319 -47.25 4.92 -0.02
C SER A 1319 -46.93 6.13 0.84
N GLY A 1320 -47.78 6.43 1.82
CA GLY A 1320 -47.64 7.66 2.58
C GLY A 1320 -47.88 8.90 1.78
N ALA A 1321 -48.55 8.77 0.62
CA ALA A 1321 -48.79 9.90 -0.25
C ALA A 1321 -49.90 10.79 0.30
N LYS A 1322 -49.93 12.03 -0.18
CA LYS A 1322 -50.89 13.03 0.29
C LYS A 1322 -51.91 13.40 -0.77
N LEU A 1323 -51.46 13.75 -1.98
CA LEU A 1323 -52.38 14.18 -3.03
C LEU A 1323 -53.10 12.99 -3.65
N VAL A 1324 -54.39 13.18 -3.93
CA VAL A 1324 -55.20 12.16 -4.58
C VAL A 1324 -55.97 12.80 -5.73
N LEU A 1325 -55.33 12.92 -6.90
CA LEU A 1325 -55.99 13.43 -8.09
C LEU A 1325 -57.09 12.47 -8.54
N ALA A 1326 -58.32 12.68 -8.08
CA ALA A 1326 -59.43 11.79 -8.36
C ALA A 1326 -60.48 12.48 -9.22
N GLN A 1327 -61.24 11.68 -9.95
CA GLN A 1327 -62.37 12.20 -10.71
C GLN A 1327 -63.54 12.48 -9.76
N SER A 1328 -64.50 13.27 -10.27
CA SER A 1328 -65.63 13.70 -9.45
C SER A 1328 -66.37 12.56 -8.75
N PRO A 1329 -66.70 11.43 -9.40
CA PRO A 1329 -67.42 10.37 -8.68
C PRO A 1329 -66.60 9.68 -7.61
N PHE A 1330 -65.29 9.97 -7.48
CA PHE A 1330 -64.44 9.29 -6.52
C PHE A 1330 -63.64 10.25 -5.65
N VAL A 1331 -64.06 11.51 -5.53
CA VAL A 1331 -63.32 12.45 -4.70
C VAL A 1331 -63.44 12.06 -3.23
N GLU A 1332 -64.66 11.76 -2.78
CA GLU A 1332 -64.86 11.28 -1.41
C GLU A 1332 -64.40 9.84 -1.22
N LYS A 1333 -64.08 9.13 -2.31
CA LYS A 1333 -63.53 7.79 -2.18
C LYS A 1333 -62.18 7.81 -1.46
N ALA A 1334 -61.44 8.90 -1.60
CA ALA A 1334 -60.22 9.08 -0.81
C ALA A 1334 -60.52 9.33 0.66
N SER A 1335 -61.79 9.52 1.02
CA SER A 1335 -62.20 9.78 2.39
C SER A 1335 -61.47 10.98 2.99
N MET A 1336 -61.20 11.98 2.17
CA MET A 1336 -60.43 13.16 2.58
C MET A 1336 -59.09 12.76 3.18
N ALA A 1337 -58.46 11.75 2.58
CA ALA A 1337 -57.19 11.21 3.05
C ALA A 1337 -56.21 12.31 3.44
N GLU A 1338 -55.79 13.11 2.46
CA GLU A 1338 -55.13 14.37 2.76
C GLU A 1338 -55.73 15.45 1.88
N VAL A 1339 -54.99 15.97 0.93
CA VAL A 1339 -55.50 16.98 0.01
C VAL A 1339 -55.94 16.26 -1.26
N VAL A 1340 -57.24 16.27 -1.53
CA VAL A 1340 -57.84 15.55 -2.63
C VAL A 1340 -58.37 16.57 -3.62
N LEU A 1341 -57.86 16.52 -4.85
CA LEU A 1341 -58.35 17.40 -5.90
C LEU A 1341 -59.45 16.70 -6.71
N ASP A 1342 -60.07 17.46 -7.61
CA ASP A 1342 -61.11 16.95 -8.49
C ASP A 1342 -60.71 17.27 -9.93
N LEU A 1343 -60.40 16.22 -10.70
CA LEU A 1343 -59.98 16.41 -12.08
C LEU A 1343 -61.09 16.98 -12.94
N ASN A 1344 -62.34 16.93 -12.48
CA ASN A 1344 -63.47 17.46 -13.25
C ASN A 1344 -63.87 18.87 -12.84
N SER A 1345 -63.48 19.32 -11.65
CA SER A 1345 -63.75 20.68 -11.21
C SER A 1345 -62.66 21.61 -11.71
N ALA A 1346 -63.06 22.68 -12.40
CA ALA A 1346 -62.10 23.64 -12.93
C ALA A 1346 -61.39 24.43 -11.83
N SER A 1347 -61.87 24.33 -10.59
CA SER A 1347 -61.15 24.94 -9.48
C SER A 1347 -59.81 24.26 -9.26
N SER A 1348 -59.75 22.94 -9.44
CA SER A 1348 -58.50 22.19 -9.28
C SER A 1348 -57.51 22.44 -10.39
N TYR A 1349 -57.84 23.29 -11.36
CA TYR A 1349 -56.92 23.69 -12.43
C TYR A 1349 -56.54 25.15 -12.23
N ALA A 1350 -55.66 25.64 -13.11
CA ALA A 1350 -55.13 26.99 -13.00
C ALA A 1350 -55.27 27.71 -14.33
N ALA A 1351 -54.77 28.93 -14.37
CA ALA A 1351 -54.87 29.78 -15.56
C ALA A 1351 -53.62 29.74 -16.42
N ASP A 1352 -52.46 29.44 -15.83
CA ASP A 1352 -51.21 29.49 -16.58
C ASP A 1352 -51.14 28.31 -17.54
N THR A 1353 -51.05 28.61 -18.83
CA THR A 1353 -50.92 27.62 -19.88
C THR A 1353 -49.49 27.52 -20.40
N SER A 1354 -48.52 28.04 -19.67
CA SER A 1354 -47.12 27.98 -20.05
C SER A 1354 -46.45 26.76 -19.44
N ASN A 1355 -45.49 26.21 -20.18
CA ASN A 1355 -44.80 24.98 -19.78
C ASN A 1355 -44.10 25.18 -18.45
N PRO A 1356 -44.41 24.39 -17.41
CA PRO A 1356 -43.69 24.53 -16.14
C PRO A 1356 -42.24 24.14 -16.31
N PRO A 1357 -41.34 24.69 -15.49
CA PRO A 1357 -39.92 24.40 -15.66
C PRO A 1357 -39.59 22.96 -15.32
N LEU A 1358 -38.48 22.50 -15.90
CA LEU A 1358 -38.02 21.13 -15.68
C LEU A 1358 -37.45 20.99 -14.27
N VAL A 1359 -37.87 19.95 -13.56
CA VAL A 1359 -37.47 19.77 -12.16
C VAL A 1359 -37.17 18.30 -11.88
N ASN A 1360 -36.94 17.51 -12.93
CA ASN A 1360 -36.72 16.07 -12.78
C ASN A 1360 -35.46 15.64 -13.51
N GLN A 1361 -34.74 14.70 -12.92
CA GLN A 1361 -33.55 14.10 -13.51
C GLN A 1361 -33.83 12.66 -13.90
N PRO A 1362 -33.07 12.11 -14.87
CA PRO A 1362 -33.37 10.76 -15.36
C PRO A 1362 -33.36 9.67 -14.29
N GLY A 1363 -32.95 9.97 -13.07
CA GLY A 1363 -32.99 9.03 -11.97
C GLY A 1363 -34.14 9.22 -11.01
N ASP A 1364 -35.11 10.05 -11.33
CA ASP A 1364 -36.22 10.33 -10.44
C ASP A 1364 -37.40 9.42 -10.74
N LEU A 1365 -38.22 9.18 -9.72
CA LEU A 1365 -39.40 8.34 -9.87
C LEU A 1365 -40.37 8.94 -10.88
N VAL A 1366 -40.87 8.10 -11.78
CA VAL A 1366 -41.89 8.50 -12.72
C VAL A 1366 -43.26 7.89 -12.40
N TYR A 1367 -43.31 6.67 -11.88
CA TYR A 1367 -44.56 6.09 -11.40
C TYR A 1367 -44.24 5.01 -10.38
N VAL A 1368 -45.29 4.55 -9.69
CA VAL A 1368 -45.21 3.48 -8.72
C VAL A 1368 -46.40 2.54 -8.96
N MET A 1369 -46.11 1.35 -9.46
CA MET A 1369 -47.13 0.35 -9.76
C MET A 1369 -47.12 -0.70 -8.67
N TYR A 1370 -48.23 -0.85 -7.97
CA TYR A 1370 -48.34 -1.88 -6.97
C TYR A 1370 -48.60 -3.23 -7.63
N THR A 1371 -48.18 -4.30 -6.96
CA THR A 1371 -48.18 -5.64 -7.54
C THR A 1371 -49.39 -6.46 -7.09
N SER A 1372 -49.65 -6.52 -5.79
CA SER A 1372 -50.69 -7.39 -5.23
C SER A 1372 -50.50 -8.83 -5.67
N GLY A 1373 -49.24 -9.25 -5.77
CA GLY A 1373 -48.92 -10.57 -6.25
C GLY A 1373 -49.45 -11.66 -5.33
N SER A 1374 -49.42 -12.89 -5.86
CA SER A 1374 -49.87 -14.04 -5.10
C SER A 1374 -48.98 -14.25 -3.88
N THR A 1375 -49.59 -14.79 -2.82
CA THR A 1375 -48.91 -15.01 -1.53
C THR A 1375 -48.20 -13.74 -1.07
N GLY A 1376 -48.90 -12.62 -1.17
CA GLY A 1376 -48.33 -11.35 -0.77
C GLY A 1376 -49.33 -10.21 -0.76
N LYS A 1377 -49.13 -9.25 0.13
CA LYS A 1377 -49.92 -8.04 0.11
C LYS A 1377 -49.25 -7.00 -0.79
N PRO A 1378 -50.07 -6.25 -1.57
CA PRO A 1378 -49.53 -5.31 -2.57
C PRO A 1378 -48.23 -4.61 -2.20
N LYS A 1379 -47.24 -4.70 -3.08
CA LYS A 1379 -45.95 -4.06 -2.87
C LYS A 1379 -45.71 -3.06 -4.00
N GLY A 1380 -45.13 -1.91 -3.65
CA GLY A 1380 -44.98 -0.83 -4.60
C GLY A 1380 -43.68 -0.83 -5.38
N VAL A 1381 -43.75 -1.13 -6.67
CA VAL A 1381 -42.58 -1.10 -7.53
C VAL A 1381 -42.31 0.33 -7.97
N MET A 1382 -41.11 0.83 -7.68
CA MET A 1382 -40.74 2.21 -7.99
C MET A 1382 -39.92 2.23 -9.26
N ILE A 1383 -40.45 2.89 -10.29
CA ILE A 1383 -39.82 2.97 -11.61
C ILE A 1383 -39.35 4.40 -11.82
N GLU A 1384 -38.15 4.55 -12.37
CA GLU A 1384 -37.55 5.85 -12.62
C GLU A 1384 -37.70 6.23 -14.10
N HIS A 1385 -37.37 7.48 -14.40
CA HIS A 1385 -37.58 8.03 -15.73
C HIS A 1385 -36.70 7.35 -16.77
N GLY A 1386 -35.38 7.34 -16.54
CA GLY A 1386 -34.47 6.73 -17.48
C GLY A 1386 -34.77 5.26 -17.72
N ALA A 1387 -35.28 4.57 -16.70
CA ALA A 1387 -35.72 3.19 -16.86
C ALA A 1387 -36.86 3.11 -17.86
N LEU A 1388 -37.92 3.89 -17.63
CA LEU A 1388 -39.05 3.92 -18.57
C LEU A 1388 -38.61 4.36 -19.96
N LEU A 1389 -37.69 5.33 -20.03
CA LEU A 1389 -37.24 5.83 -21.33
C LEU A 1389 -36.61 4.71 -22.16
N ASN A 1390 -35.85 3.83 -21.52
CA ASN A 1390 -35.13 2.80 -22.24
C ASN A 1390 -36.08 1.82 -22.90
N VAL A 1391 -37.12 1.39 -22.17
CA VAL A 1391 -38.09 0.46 -22.73
C VAL A 1391 -38.85 1.11 -23.87
N LEU A 1392 -39.27 2.36 -23.67
CA LEU A 1392 -39.99 3.08 -24.72
C LEU A 1392 -39.13 3.22 -25.97
N HIS A 1393 -37.86 3.61 -25.79
CA HIS A 1393 -36.97 3.73 -26.94
C HIS A 1393 -36.72 2.37 -27.59
N GLY A 1394 -36.59 1.33 -26.78
CA GLY A 1394 -36.33 0.01 -27.33
C GLY A 1394 -37.53 -0.58 -28.03
N MET A 1395 -38.72 -0.39 -27.45
CA MET A 1395 -39.95 -0.86 -28.10
C MET A 1395 -40.21 -0.09 -29.39
N GLN A 1396 -39.83 1.19 -29.43
CA GLN A 1396 -39.96 1.97 -30.67
C GLN A 1396 -38.99 1.48 -31.74
N ASP A 1397 -37.78 1.10 -31.34
CA ASP A 1397 -36.83 0.52 -32.28
C ASP A 1397 -37.38 -0.76 -32.90
N GLU A 1398 -38.21 -1.51 -32.16
CA GLU A 1398 -38.74 -2.79 -32.63
C GLU A 1398 -40.08 -2.62 -33.35
N TYR A 1399 -41.01 -1.88 -32.74
CA TYR A 1399 -42.32 -1.64 -33.34
C TYR A 1399 -42.51 -0.13 -33.37
N PRO A 1400 -42.00 0.54 -34.39
CA PRO A 1400 -42.03 2.00 -34.40
C PRO A 1400 -43.43 2.55 -34.63
N LEU A 1401 -43.88 3.40 -33.72
CA LEU A 1401 -45.11 4.16 -33.86
C LEU A 1401 -44.72 5.53 -34.39
N LEU A 1402 -45.00 5.79 -35.65
CA LEU A 1402 -44.63 7.06 -36.28
C LEU A 1402 -45.79 8.04 -36.17
N GLN A 1403 -45.68 9.17 -36.88
CA GLN A 1403 -46.68 10.23 -36.77
C GLN A 1403 -48.04 9.76 -37.27
N ASP A 1404 -48.07 9.04 -38.38
CA ASP A 1404 -49.30 8.55 -38.97
C ASP A 1404 -49.83 7.28 -38.32
N ASP A 1405 -49.31 6.92 -37.14
CA ASP A 1405 -49.70 5.70 -36.44
C ASP A 1405 -50.41 6.05 -35.15
N ALA A 1406 -50.94 5.01 -34.50
CA ALA A 1406 -51.76 5.21 -33.31
C ALA A 1406 -51.69 3.98 -32.41
N PHE A 1407 -51.96 4.23 -31.13
CA PHE A 1407 -52.06 3.19 -30.11
C PHE A 1407 -53.48 3.18 -29.57
N LEU A 1408 -53.84 2.09 -28.89
CA LEU A 1408 -55.17 1.94 -28.28
C LEU A 1408 -55.00 1.75 -26.78
N LEU A 1409 -55.60 2.65 -26.00
CA LEU A 1409 -55.57 2.55 -24.54
C LEU A 1409 -56.68 1.62 -24.10
N LYS A 1410 -56.33 0.37 -23.82
CA LYS A 1410 -57.30 -0.64 -23.43
C LYS A 1410 -56.92 -1.43 -22.18
N THR A 1411 -55.66 -1.39 -21.75
CA THR A 1411 -55.22 -2.09 -20.56
C THR A 1411 -55.46 -1.21 -19.34
N THR A 1412 -55.95 -1.82 -18.26
CA THR A 1412 -56.26 -1.07 -17.05
C THR A 1412 -54.99 -0.46 -16.48
N TYR A 1413 -55.08 0.79 -16.05
CA TYR A 1413 -53.87 1.52 -15.69
C TYR A 1413 -53.25 1.04 -14.36
N ILE A 1414 -53.73 -0.01 -13.72
CA ILE A 1414 -53.07 -0.56 -12.54
C ILE A 1414 -52.14 -1.68 -12.97
N PHE A 1415 -52.01 -1.89 -14.28
CA PHE A 1415 -51.09 -2.86 -14.85
C PHE A 1415 -50.06 -2.13 -15.69
N ASP A 1416 -48.80 -2.58 -15.62
CA ASP A 1416 -47.71 -1.85 -16.25
C ASP A 1416 -47.80 -1.81 -17.76
N ILE A 1417 -48.51 -2.76 -18.39
CA ILE A 1417 -48.63 -2.75 -19.84
C ILE A 1417 -49.27 -1.46 -20.32
N SER A 1418 -50.22 -0.94 -19.54
CA SER A 1418 -50.90 0.30 -19.91
C SER A 1418 -49.91 1.45 -20.10
N VAL A 1419 -48.82 1.46 -19.33
CA VAL A 1419 -47.83 2.53 -19.44
C VAL A 1419 -47.25 2.58 -20.85
N ALA A 1420 -47.07 1.42 -21.48
CA ALA A 1420 -46.55 1.39 -22.84
C ALA A 1420 -47.52 2.02 -23.83
N GLU A 1421 -48.81 2.03 -23.50
CA GLU A 1421 -49.80 2.70 -24.33
C GLU A 1421 -49.92 4.18 -23.97
N ILE A 1422 -49.76 4.50 -22.69
CA ILE A 1422 -49.86 5.89 -22.23
C ILE A 1422 -48.77 6.74 -22.87
N PHE A 1423 -47.55 6.21 -22.96
CA PHE A 1423 -46.40 6.96 -23.44
C PHE A 1423 -45.84 6.46 -24.76
N GLY A 1424 -46.38 5.37 -25.32
CA GLY A 1424 -45.80 4.79 -26.52
C GLY A 1424 -46.03 5.57 -27.79
N TRP A 1425 -46.94 6.54 -27.78
CA TRP A 1425 -47.21 7.35 -28.96
C TRP A 1425 -46.37 8.62 -29.02
N VAL A 1426 -45.79 9.02 -27.88
CA VAL A 1426 -45.02 10.26 -27.77
C VAL A 1426 -43.72 10.21 -28.57
N PRO A 1427 -42.92 9.13 -28.52
CA PRO A 1427 -41.62 9.17 -29.23
C PRO A 1427 -41.74 9.50 -30.72
N GLY A 1428 -42.60 8.79 -31.44
CA GLY A 1428 -42.79 9.04 -32.86
C GLY A 1428 -43.81 10.11 -33.19
N ARG A 1429 -44.34 10.80 -32.17
CA ARG A 1429 -45.34 11.85 -32.35
C ARG A 1429 -46.58 11.31 -33.06
N GLY A 1430 -47.12 10.21 -32.54
CA GLY A 1430 -48.34 9.64 -33.08
C GLY A 1430 -49.58 10.15 -32.36
N LYS A 1431 -50.42 9.23 -31.92
CA LYS A 1431 -51.63 9.60 -31.19
C LYS A 1431 -52.07 8.40 -30.35
N LEU A 1432 -52.93 8.67 -29.37
CA LEU A 1432 -53.51 7.64 -28.52
C LEU A 1432 -55.02 7.70 -28.62
N VAL A 1433 -55.63 6.58 -28.99
CA VAL A 1433 -57.08 6.43 -29.03
C VAL A 1433 -57.51 5.80 -27.71
N ILE A 1434 -58.16 6.58 -26.86
CA ILE A 1434 -58.61 6.09 -25.55
C ILE A 1434 -59.92 5.32 -25.75
N LEU A 1435 -59.88 4.02 -25.45
CA LEU A 1435 -61.07 3.20 -25.54
C LEU A 1435 -62.05 3.56 -24.42
N GLU A 1436 -63.33 3.29 -24.68
CA GLU A 1436 -64.35 3.53 -23.67
C GLU A 1436 -64.15 2.60 -22.48
N PRO A 1437 -64.38 3.08 -21.25
CA PRO A 1437 -64.28 2.20 -20.09
C PRO A 1437 -65.17 0.96 -20.23
N GLU A 1438 -64.63 -0.18 -19.82
CA GLU A 1438 -65.29 -1.48 -19.88
C GLU A 1438 -65.57 -1.94 -21.32
N ALA A 1439 -64.88 -1.37 -22.30
CA ALA A 1439 -64.98 -1.83 -23.67
C ALA A 1439 -63.87 -2.81 -24.03
N GLU A 1440 -62.91 -3.02 -23.12
CA GLU A 1440 -61.86 -4.00 -23.36
C GLU A 1440 -62.41 -5.41 -23.46
N LYS A 1441 -63.65 -5.64 -23.01
CA LYS A 1441 -64.28 -6.95 -23.04
C LYS A 1441 -65.19 -7.14 -24.24
N ASN A 1442 -65.31 -6.13 -25.11
CA ASN A 1442 -66.13 -6.24 -26.32
C ASN A 1442 -65.23 -6.24 -27.54
N PRO A 1443 -65.00 -7.38 -28.18
CA PRO A 1443 -64.19 -7.39 -29.40
C PRO A 1443 -64.81 -6.57 -30.52
N LYS A 1444 -66.14 -6.41 -30.52
CA LYS A 1444 -66.77 -5.48 -31.45
C LYS A 1444 -66.16 -4.09 -31.33
N ALA A 1445 -66.13 -3.57 -30.10
CA ALA A 1445 -65.62 -2.22 -29.88
C ALA A 1445 -64.14 -2.11 -30.22
N ILE A 1446 -63.32 -3.04 -29.70
CA ILE A 1446 -61.89 -3.02 -29.98
C ILE A 1446 -61.64 -2.98 -31.47
N TRP A 1447 -62.32 -3.87 -32.21
CA TRP A 1447 -62.16 -3.91 -33.66
C TRP A 1447 -62.55 -2.58 -34.29
N GLN A 1448 -63.71 -2.05 -33.93
CA GLN A 1448 -64.15 -0.75 -34.45
C GLN A 1448 -63.08 0.32 -34.29
N ALA A 1449 -62.45 0.36 -33.12
CA ALA A 1449 -61.40 1.35 -32.88
C ALA A 1449 -60.23 1.17 -33.84
N VAL A 1450 -59.82 -0.08 -34.07
CA VAL A 1450 -58.72 -0.34 -35.00
C VAL A 1450 -59.09 0.13 -36.40
N VAL A 1451 -60.35 -0.07 -36.81
CA VAL A 1451 -60.77 0.30 -38.16
C VAL A 1451 -60.92 1.81 -38.29
N GLY A 1452 -61.79 2.40 -37.47
CA GLY A 1452 -62.11 3.81 -37.64
C GLY A 1452 -60.94 4.74 -37.37
N ALA A 1453 -60.11 4.40 -36.39
CA ALA A 1453 -58.98 5.25 -36.00
C ALA A 1453 -57.67 4.80 -36.62
N GLY A 1454 -57.69 3.82 -37.52
CA GLY A 1454 -56.48 3.34 -38.19
C GLY A 1454 -55.38 2.92 -37.25
N ILE A 1455 -55.73 2.24 -36.15
CA ILE A 1455 -54.75 1.89 -35.13
C ILE A 1455 -53.79 0.84 -35.67
N THR A 1456 -52.51 1.04 -35.41
CA THR A 1456 -51.45 0.13 -35.84
C THR A 1456 -50.86 -0.69 -34.70
N HIS A 1457 -50.72 -0.11 -33.52
CA HIS A 1457 -50.16 -0.79 -32.36
C HIS A 1457 -51.30 -1.13 -31.39
N ILE A 1458 -51.35 -2.39 -30.95
CA ILE A 1458 -52.38 -2.83 -30.01
C ILE A 1458 -51.77 -3.85 -29.07
N ASN A 1459 -52.17 -3.78 -27.81
CA ASN A 1459 -51.75 -4.73 -26.78
C ASN A 1459 -52.90 -5.66 -26.46
N PHE A 1460 -52.59 -6.94 -26.32
CA PHE A 1460 -53.59 -7.95 -26.03
C PHE A 1460 -52.96 -8.97 -25.10
N VAL A 1461 -53.47 -9.06 -23.88
CA VAL A 1461 -53.13 -10.23 -23.07
C VAL A 1461 -53.75 -11.46 -23.71
N PRO A 1462 -53.03 -12.58 -23.83
CA PRO A 1462 -53.66 -13.81 -24.30
C PRO A 1462 -54.87 -14.15 -23.44
N SER A 1463 -55.76 -14.95 -24.04
CA SER A 1463 -57.07 -15.31 -23.48
C SER A 1463 -58.08 -14.19 -23.72
N MET A 1464 -57.59 -12.99 -24.03
CA MET A 1464 -58.45 -11.94 -24.55
C MET A 1464 -58.24 -11.72 -26.04
N LEU A 1465 -57.16 -12.27 -26.59
CA LEU A 1465 -56.96 -12.27 -28.03
C LEU A 1465 -57.84 -13.32 -28.71
N ILE A 1466 -58.08 -14.46 -28.03
CA ILE A 1466 -58.92 -15.50 -28.63
C ILE A 1466 -60.36 -15.03 -28.83
N PRO A 1467 -61.01 -14.37 -27.86
CA PRO A 1467 -62.34 -13.80 -28.17
C PRO A 1467 -62.28 -12.76 -29.26
N PHE A 1468 -61.16 -12.05 -29.38
CA PHE A 1468 -61.01 -11.05 -30.43
C PHE A 1468 -60.92 -11.71 -31.81
N VAL A 1469 -60.08 -12.74 -31.93
CA VAL A 1469 -59.93 -13.42 -33.22
C VAL A 1469 -61.16 -14.25 -33.55
N GLU A 1470 -61.94 -14.66 -32.53
CA GLU A 1470 -63.20 -15.36 -32.81
C GLU A 1470 -64.26 -14.41 -33.35
N TYR A 1471 -64.07 -13.10 -33.20
CA TYR A 1471 -64.96 -12.12 -33.80
C TYR A 1471 -64.51 -11.72 -35.21
N LEU A 1472 -63.20 -11.74 -35.46
CA LEU A 1472 -62.66 -11.25 -36.72
C LEU A 1472 -62.67 -12.30 -37.82
N GLU A 1473 -63.04 -13.54 -37.52
CA GLU A 1473 -63.04 -14.59 -38.54
C GLU A 1473 -64.12 -14.35 -39.58
N GLY A 1474 -65.35 -14.11 -39.13
CA GLY A 1474 -66.43 -13.78 -40.04
C GLY A 1474 -66.53 -12.29 -40.29
N ARG A 1475 -65.41 -11.66 -40.66
CA ARG A 1475 -65.34 -10.22 -40.84
C ARG A 1475 -64.45 -9.90 -42.03
N THR A 1476 -64.60 -8.68 -42.55
CA THR A 1476 -63.79 -8.26 -43.69
C THR A 1476 -63.45 -6.78 -43.68
N GLU A 1477 -63.64 -6.07 -42.57
CA GLU A 1477 -63.35 -4.64 -42.53
C GLU A 1477 -61.87 -4.38 -42.80
N ALA A 1478 -61.60 -3.25 -43.44
CA ALA A 1478 -60.22 -2.85 -43.69
C ALA A 1478 -59.51 -2.54 -42.38
N ASN A 1479 -58.19 -2.77 -42.37
CA ASN A 1479 -57.41 -2.55 -41.16
C ASN A 1479 -56.07 -1.94 -41.53
N ARG A 1480 -55.58 -1.07 -40.64
CA ARG A 1480 -54.25 -0.52 -40.72
C ARG A 1480 -53.31 -1.18 -39.71
N LEU A 1481 -53.82 -2.13 -38.93
CA LEU A 1481 -53.07 -2.72 -37.83
C LEU A 1481 -51.76 -3.34 -38.32
N ARG A 1482 -50.73 -3.22 -37.49
CA ARG A 1482 -49.38 -3.64 -37.85
C ARG A 1482 -48.76 -4.60 -36.84
N TYR A 1483 -48.95 -4.35 -35.55
CA TYR A 1483 -48.34 -5.17 -34.50
C TYR A 1483 -49.39 -5.52 -33.45
N ILE A 1484 -49.46 -6.80 -33.10
CA ILE A 1484 -50.24 -7.27 -31.96
C ILE A 1484 -49.24 -7.72 -30.91
N LEU A 1485 -49.01 -6.87 -29.91
CA LEU A 1485 -48.03 -7.13 -28.86
C LEU A 1485 -48.71 -7.84 -27.71
N ALA A 1486 -48.33 -9.10 -27.47
CA ALA A 1486 -48.96 -9.95 -26.47
C ALA A 1486 -48.06 -10.10 -25.25
N CYS A 1487 -48.67 -10.06 -24.06
CA CYS A 1487 -47.98 -10.19 -22.80
C CYS A 1487 -49.00 -10.42 -21.70
N GLY A 1488 -48.56 -11.07 -20.62
CA GLY A 1488 -49.42 -11.32 -19.48
C GLY A 1488 -49.50 -12.78 -19.09
N GLU A 1489 -49.56 -13.65 -20.10
CA GLU A 1489 -49.59 -15.09 -19.86
C GLU A 1489 -48.88 -15.78 -21.02
N ALA A 1490 -48.73 -17.10 -20.90
CA ALA A 1490 -48.13 -17.88 -21.96
C ALA A 1490 -49.05 -17.90 -23.18
N MET A 1491 -48.46 -17.79 -24.37
CA MET A 1491 -49.26 -17.80 -25.58
C MET A 1491 -49.54 -19.23 -26.00
N PRO A 1492 -50.80 -19.66 -26.07
CA PRO A 1492 -51.10 -20.99 -26.57
C PRO A 1492 -50.63 -21.15 -28.00
N ASP A 1493 -50.00 -22.29 -28.29
CA ASP A 1493 -49.41 -22.51 -29.62
C ASP A 1493 -50.47 -22.47 -30.71
N GLU A 1494 -51.71 -22.84 -30.39
CA GLU A 1494 -52.78 -22.82 -31.37
C GLU A 1494 -53.19 -21.39 -31.76
N LEU A 1495 -52.83 -20.40 -30.95
CA LEU A 1495 -53.26 -19.04 -31.22
C LEU A 1495 -52.52 -18.42 -32.40
N VAL A 1496 -51.24 -18.77 -32.59
CA VAL A 1496 -50.44 -18.15 -33.65
C VAL A 1496 -51.10 -18.29 -35.03
N PRO A 1497 -51.52 -19.48 -35.48
CA PRO A 1497 -52.19 -19.54 -36.78
C PRO A 1497 -53.57 -18.89 -36.77
N LYS A 1498 -54.32 -19.03 -35.67
CA LYS A 1498 -55.62 -18.37 -35.56
C LYS A 1498 -55.49 -16.87 -35.81
N VAL A 1499 -54.41 -16.26 -35.32
CA VAL A 1499 -54.22 -14.82 -35.49
C VAL A 1499 -53.88 -14.50 -36.94
N TYR A 1500 -52.89 -15.18 -37.50
CA TYR A 1500 -52.45 -14.88 -38.86
C TYR A 1500 -53.48 -15.25 -39.92
N GLU A 1501 -54.56 -15.94 -39.55
CA GLU A 1501 -55.62 -16.24 -40.50
C GLU A 1501 -56.71 -15.17 -40.52
N VAL A 1502 -57.00 -14.56 -39.36
CA VAL A 1502 -57.96 -13.46 -39.32
C VAL A 1502 -57.31 -12.13 -39.64
N LEU A 1503 -56.00 -12.00 -39.47
CA LEU A 1503 -55.28 -10.77 -39.76
C LEU A 1503 -53.94 -11.11 -40.41
N PRO A 1504 -53.95 -11.46 -41.70
CA PRO A 1504 -52.70 -11.46 -42.44
C PRO A 1504 -52.16 -10.03 -42.50
N GLU A 1505 -50.85 -9.93 -42.71
CA GLU A 1505 -50.06 -8.70 -42.73
C GLU A 1505 -49.83 -8.12 -41.34
N VAL A 1506 -50.42 -8.70 -40.28
CA VAL A 1506 -50.07 -8.29 -38.93
C VAL A 1506 -48.82 -9.03 -38.49
N LYS A 1507 -48.19 -8.53 -37.44
CA LYS A 1507 -46.99 -9.14 -36.88
C LYS A 1507 -47.26 -9.45 -35.41
N LEU A 1508 -47.54 -10.73 -35.11
CA LEU A 1508 -47.77 -11.14 -33.74
C LEU A 1508 -46.45 -11.29 -33.00
N GLU A 1509 -46.39 -10.75 -31.79
CA GLU A 1509 -45.17 -10.75 -30.99
C GLU A 1509 -45.51 -11.14 -29.56
N ASN A 1510 -44.77 -12.10 -29.02
CA ASN A 1510 -44.89 -12.50 -27.63
C ASN A 1510 -43.84 -11.76 -26.82
N ILE A 1511 -44.27 -11.04 -25.79
CA ILE A 1511 -43.37 -10.20 -25.00
C ILE A 1511 -43.53 -10.58 -23.53
N TYR A 1512 -42.43 -10.56 -22.80
CA TYR A 1512 -42.39 -10.91 -21.39
C TYR A 1512 -41.69 -9.80 -20.61
N GLY A 1513 -42.07 -9.66 -19.34
CA GLY A 1513 -41.43 -8.69 -18.49
C GLY A 1513 -42.11 -8.53 -17.16
N PRO A 1514 -41.35 -8.66 -16.08
CA PRO A 1514 -41.90 -8.38 -14.75
C PRO A 1514 -42.05 -6.89 -14.52
N THR A 1515 -42.93 -6.54 -13.59
CA THR A 1515 -43.15 -5.13 -13.26
C THR A 1515 -41.88 -4.48 -12.75
N GLU A 1516 -41.03 -5.25 -12.07
CA GLU A 1516 -39.76 -4.77 -11.52
C GLU A 1516 -38.71 -4.53 -12.60
N ALA A 1517 -38.99 -4.86 -13.85
CA ALA A 1517 -38.17 -4.43 -14.97
C ALA A 1517 -38.96 -3.43 -15.82
N THR A 1518 -39.55 -2.43 -15.15
CA THR A 1518 -40.48 -1.49 -15.75
C THR A 1518 -41.67 -2.20 -16.39
N ILE A 1519 -41.66 -2.33 -17.72
CA ILE A 1519 -42.80 -2.90 -18.42
C ILE A 1519 -42.45 -4.28 -18.96
N TYR A 1520 -41.53 -4.33 -19.91
CA TYR A 1520 -41.16 -5.54 -20.60
C TYR A 1520 -39.68 -5.84 -20.37
N ALA A 1521 -39.22 -6.97 -20.90
CA ALA A 1521 -37.82 -7.34 -20.76
C ALA A 1521 -37.34 -8.09 -22.00
N SER A 1522 -38.17 -8.99 -22.52
CA SER A 1522 -37.81 -9.83 -23.66
C SER A 1522 -38.96 -9.92 -24.63
N ARG A 1523 -38.66 -10.27 -25.88
CA ARG A 1523 -39.69 -10.37 -26.90
C ARG A 1523 -39.33 -11.53 -27.83
N TYR A 1524 -40.33 -12.05 -28.52
CA TYR A 1524 -40.13 -13.09 -29.53
C TYR A 1524 -41.10 -12.82 -30.68
N SER A 1525 -40.56 -12.65 -31.88
CA SER A 1525 -41.38 -12.41 -33.07
C SER A 1525 -41.82 -13.75 -33.65
N LEU A 1526 -43.13 -13.97 -33.67
CA LEU A 1526 -43.69 -15.19 -34.24
C LEU A 1526 -43.96 -15.00 -35.73
N ALA A 1527 -43.83 -16.09 -36.49
CA ALA A 1527 -43.96 -16.06 -37.93
C ALA A 1527 -45.17 -16.88 -38.37
N LYS A 1528 -45.60 -16.63 -39.61
CA LYS A 1528 -46.77 -17.31 -40.15
C LYS A 1528 -46.57 -18.82 -40.22
N GLY A 1529 -45.57 -19.24 -41.00
CA GLY A 1529 -45.27 -20.65 -41.11
C GLY A 1529 -44.39 -21.14 -39.97
N SER A 1530 -44.99 -21.27 -38.78
CA SER A 1530 -44.25 -21.66 -37.59
C SER A 1530 -45.12 -22.54 -36.70
N GLN A 1531 -44.46 -23.35 -35.89
CA GLN A 1531 -45.14 -24.18 -34.90
C GLN A 1531 -44.19 -24.38 -33.71
N GLU A 1532 -43.97 -23.28 -32.98
CA GLU A 1532 -43.10 -23.31 -31.81
C GLU A 1532 -43.63 -24.31 -30.79
N SER A 1533 -42.71 -25.02 -30.15
CA SER A 1533 -43.14 -26.09 -29.26
C SER A 1533 -43.61 -25.54 -27.91
N PRO A 1534 -42.95 -24.55 -27.28
CA PRO A 1534 -43.54 -23.96 -26.08
C PRO A 1534 -43.89 -22.49 -26.25
N VAL A 1535 -43.53 -21.91 -27.40
CA VAL A 1535 -43.62 -20.48 -27.67
C VAL A 1535 -42.70 -19.73 -26.70
N PRO A 1536 -41.52 -19.30 -27.14
CA PRO A 1536 -40.54 -18.71 -26.23
C PRO A 1536 -40.84 -17.25 -25.93
N ILE A 1537 -40.36 -16.82 -24.76
CA ILE A 1537 -40.45 -15.41 -24.41
C ILE A 1537 -39.40 -14.58 -25.12
N GLY A 1538 -38.35 -15.20 -25.66
CA GLY A 1538 -37.43 -14.51 -26.55
C GLY A 1538 -36.13 -14.04 -25.94
N LYS A 1539 -35.52 -13.02 -26.54
CA LYS A 1539 -34.27 -12.45 -26.10
C LYS A 1539 -34.49 -11.06 -25.49
N PRO A 1540 -33.60 -10.60 -24.63
CA PRO A 1540 -33.84 -9.33 -23.93
C PRO A 1540 -33.81 -8.12 -24.86
N LEU A 1541 -34.49 -7.06 -24.43
CA LEU A 1541 -34.59 -5.82 -25.17
C LEU A 1541 -33.25 -5.08 -25.13
N PRO A 1542 -33.13 -3.98 -25.89
CA PRO A 1542 -31.92 -3.16 -25.77
C PRO A 1542 -31.63 -2.74 -24.35
N ASN A 1543 -30.35 -2.79 -23.97
CA ASN A 1543 -29.85 -2.46 -22.63
C ASN A 1543 -30.48 -3.33 -21.55
N TYR A 1544 -31.00 -4.50 -21.92
CA TYR A 1544 -31.47 -5.50 -20.99
C TYR A 1544 -30.51 -6.69 -20.99
N ARG A 1545 -30.45 -7.39 -19.87
CA ARG A 1545 -29.65 -8.59 -19.75
C ARG A 1545 -30.37 -9.58 -18.86
N MET A 1546 -30.49 -10.83 -19.32
CA MET A 1546 -31.20 -11.88 -18.61
C MET A 1546 -30.25 -13.03 -18.30
N TYR A 1547 -30.31 -13.53 -17.08
CA TYR A 1547 -29.47 -14.63 -16.62
C TYR A 1547 -30.33 -15.71 -16.00
N ILE A 1548 -30.05 -16.95 -16.34
CA ILE A 1548 -30.71 -18.11 -15.73
C ILE A 1548 -29.68 -18.78 -14.82
N ILE A 1549 -30.00 -18.85 -13.53
CA ILE A 1549 -29.04 -19.32 -12.53
C ILE A 1549 -29.65 -20.50 -11.77
N ASN A 1550 -28.76 -21.28 -11.15
CA ASN A 1550 -29.16 -22.44 -10.38
C ASN A 1550 -29.35 -22.04 -8.91
N ARG A 1551 -29.63 -23.02 -8.05
CA ARG A 1551 -29.86 -22.76 -6.64
C ARG A 1551 -28.61 -22.27 -5.89
N HIS A 1552 -27.45 -22.28 -6.53
CA HIS A 1552 -26.21 -21.81 -5.92
C HIS A 1552 -25.68 -20.54 -6.56
N GLY A 1553 -26.42 -19.98 -7.53
CA GLY A 1553 -26.05 -18.73 -8.13
C GLY A 1553 -25.13 -18.84 -9.32
N GLN A 1554 -25.17 -19.95 -10.06
CA GLN A 1554 -24.29 -20.17 -11.20
C GLN A 1554 -25.10 -20.17 -12.49
N LEU A 1555 -24.53 -19.58 -13.53
CA LEU A 1555 -25.21 -19.52 -14.83
C LEU A 1555 -25.45 -20.93 -15.37
N GLN A 1556 -26.70 -21.21 -15.69
CA GLN A 1556 -27.06 -22.51 -16.25
C GLN A 1556 -26.79 -22.55 -17.76
N PRO A 1557 -26.34 -23.66 -18.29
CA PRO A 1557 -26.13 -23.78 -19.74
C PRO A 1557 -27.46 -24.00 -20.45
N ILE A 1558 -27.36 -24.18 -21.78
CA ILE A 1558 -28.55 -24.38 -22.59
C ILE A 1558 -29.28 -25.64 -22.14
N GLY A 1559 -30.60 -25.58 -22.11
CA GLY A 1559 -31.40 -26.75 -21.81
C GLY A 1559 -31.63 -26.96 -20.32
N VAL A 1560 -30.65 -26.62 -19.51
CA VAL A 1560 -30.75 -26.83 -18.06
C VAL A 1560 -31.56 -25.69 -17.46
N PRO A 1561 -32.61 -25.98 -16.70
CA PRO A 1561 -33.50 -24.92 -16.20
C PRO A 1561 -32.96 -24.27 -14.93
N GLY A 1562 -33.49 -23.07 -14.68
CA GLY A 1562 -33.12 -22.31 -13.51
C GLY A 1562 -34.01 -21.09 -13.38
N GLU A 1563 -33.63 -20.20 -12.46
CA GLU A 1563 -34.40 -18.99 -12.17
C GLU A 1563 -34.00 -17.88 -13.12
N LEU A 1564 -34.99 -17.25 -13.73
CA LEU A 1564 -34.74 -16.10 -14.58
C LEU A 1564 -34.40 -14.88 -13.74
N CYS A 1565 -33.39 -14.13 -14.18
CA CYS A 1565 -32.92 -12.96 -13.45
C CYS A 1565 -32.69 -11.83 -14.43
N ILE A 1566 -33.17 -10.63 -14.08
CA ILE A 1566 -33.12 -9.48 -14.97
C ILE A 1566 -32.04 -8.52 -14.49
N ALA A 1567 -31.41 -7.84 -15.44
CA ALA A 1567 -30.40 -6.84 -15.15
C ALA A 1567 -30.32 -5.87 -16.32
N GLY A 1568 -29.83 -4.67 -16.03
CA GLY A 1568 -29.66 -3.66 -17.06
C GLY A 1568 -30.17 -2.33 -16.60
N ALA A 1569 -30.49 -1.48 -17.57
CA ALA A 1569 -30.84 -0.09 -17.29
C ALA A 1569 -32.23 0.05 -16.68
N SER A 1570 -33.23 -0.58 -17.30
CA SER A 1570 -34.63 -0.39 -16.89
C SER A 1570 -35.02 -1.22 -15.69
N LEU A 1571 -34.17 -1.29 -14.67
CA LEU A 1571 -34.50 -2.01 -13.45
C LEU A 1571 -35.15 -1.07 -12.45
N ALA A 1572 -36.01 -1.63 -11.61
CA ALA A 1572 -36.68 -0.82 -10.60
C ALA A 1572 -35.71 -0.39 -9.51
N ARG A 1573 -35.94 0.82 -8.97
CA ARG A 1573 -35.14 1.25 -7.82
C ARG A 1573 -35.34 0.33 -6.64
N GLY A 1574 -36.53 -0.23 -6.49
CA GLY A 1574 -36.82 -1.17 -5.43
C GLY A 1574 -38.28 -1.14 -5.08
N TYR A 1575 -38.63 -1.81 -4.00
CA TYR A 1575 -40.00 -1.79 -3.48
C TYR A 1575 -40.15 -0.66 -2.48
N LEU A 1576 -41.25 0.09 -2.60
CA LEU A 1576 -41.46 1.26 -1.77
C LEU A 1576 -41.71 0.85 -0.31
N ASN A 1577 -40.87 1.37 0.59
CA ASN A 1577 -40.99 1.12 2.02
C ASN A 1577 -40.99 -0.37 2.33
N ASN A 1578 -40.08 -1.10 1.67
CA ASN A 1578 -39.84 -2.52 1.97
C ASN A 1578 -38.41 -2.86 1.58
N PRO A 1579 -37.43 -2.28 2.28
CA PRO A 1579 -36.02 -2.57 1.95
C PRO A 1579 -35.65 -4.02 2.22
N ALA A 1580 -36.37 -4.71 3.09
CA ALA A 1580 -36.16 -6.14 3.26
C ALA A 1580 -36.37 -6.87 1.95
N LEU A 1581 -37.58 -6.78 1.40
CA LEU A 1581 -37.88 -7.43 0.13
C LEU A 1581 -36.96 -6.96 -0.99
N THR A 1582 -36.55 -5.69 -0.96
CA THR A 1582 -35.66 -5.18 -2.00
C THR A 1582 -34.29 -5.85 -1.94
N GLU A 1583 -33.85 -6.26 -0.74
CA GLU A 1583 -32.58 -6.96 -0.62
C GLU A 1583 -32.68 -8.41 -1.05
N GLU A 1584 -33.83 -9.07 -0.81
CA GLU A 1584 -33.98 -10.46 -1.23
C GLU A 1584 -34.17 -10.60 -2.73
N LYS A 1585 -34.69 -9.57 -3.40
CA LYS A 1585 -35.02 -9.67 -4.81
C LYS A 1585 -34.07 -8.91 -5.72
N PHE A 1586 -33.49 -7.80 -5.26
CA PHE A 1586 -32.55 -7.01 -6.05
C PHE A 1586 -31.17 -7.18 -5.41
N THR A 1587 -30.50 -8.27 -5.78
CA THR A 1587 -29.24 -8.70 -5.19
C THR A 1587 -28.07 -8.39 -6.12
N PRO A 1588 -26.93 -7.99 -5.58
CA PRO A 1588 -25.73 -7.87 -6.42
C PRO A 1588 -25.19 -9.25 -6.77
N HIS A 1589 -24.65 -9.35 -7.98
CA HIS A 1589 -24.17 -10.63 -8.46
C HIS A 1589 -22.88 -10.46 -9.24
N PRO A 1590 -21.97 -11.44 -9.16
CA PRO A 1590 -20.73 -11.36 -9.94
C PRO A 1590 -20.95 -11.28 -11.43
N LEU A 1591 -22.07 -11.80 -11.93
CA LEU A 1591 -22.37 -11.71 -13.35
C LEU A 1591 -22.47 -10.26 -13.79
N GLU A 1592 -23.07 -9.41 -12.97
CA GLU A 1592 -23.17 -7.98 -13.23
C GLU A 1592 -22.05 -7.19 -12.56
N LYS A 1593 -21.07 -7.88 -11.97
CA LYS A 1593 -19.91 -7.25 -11.34
C LYS A 1593 -20.33 -6.28 -10.24
N GLY A 1594 -21.03 -6.82 -9.25
CA GLY A 1594 -21.57 -6.03 -8.17
C GLY A 1594 -22.88 -5.34 -8.47
N GLU A 1595 -23.22 -5.12 -9.74
CA GLU A 1595 -24.51 -4.54 -10.08
C GLU A 1595 -25.64 -5.51 -9.76
N ARG A 1596 -26.82 -4.97 -9.58
CA ARG A 1596 -27.94 -5.75 -9.06
C ARG A 1596 -28.54 -6.62 -10.15
N ILE A 1597 -29.25 -7.65 -9.71
CA ILE A 1597 -30.08 -8.49 -10.56
C ILE A 1597 -31.40 -8.72 -9.84
N TYR A 1598 -32.49 -8.72 -10.60
CA TYR A 1598 -33.81 -8.98 -10.03
C TYR A 1598 -34.16 -10.46 -10.23
N ARG A 1599 -34.44 -11.15 -9.13
CA ARG A 1599 -34.81 -12.56 -9.16
C ARG A 1599 -36.31 -12.65 -9.42
N THR A 1600 -36.69 -13.06 -10.63
CA THR A 1600 -38.08 -13.05 -11.03
C THR A 1600 -38.90 -14.11 -10.31
N GLY A 1601 -38.26 -15.19 -9.86
CA GLY A 1601 -39.02 -16.30 -9.35
C GLY A 1601 -39.67 -17.15 -10.41
N ASP A 1602 -39.30 -16.95 -11.67
CA ASP A 1602 -39.81 -17.74 -12.79
C ASP A 1602 -38.77 -18.77 -13.20
N LEU A 1603 -39.23 -19.98 -13.48
CA LEU A 1603 -38.36 -21.02 -14.01
C LEU A 1603 -38.24 -20.87 -15.52
N ALA A 1604 -37.01 -20.96 -16.03
CA ALA A 1604 -36.77 -20.75 -17.45
C ALA A 1604 -35.56 -21.57 -17.89
N ARG A 1605 -35.40 -21.68 -19.21
CA ARG A 1605 -34.30 -22.43 -19.80
C ARG A 1605 -33.82 -21.69 -21.04
N TYR A 1606 -32.51 -21.74 -21.27
CA TYR A 1606 -31.98 -21.25 -22.53
C TYR A 1606 -32.24 -22.26 -23.64
N ARG A 1607 -32.27 -21.76 -24.87
CA ARG A 1607 -32.50 -22.56 -26.05
C ARG A 1607 -31.32 -22.41 -27.00
N GLU A 1608 -31.09 -23.44 -27.82
CA GLU A 1608 -29.96 -23.41 -28.75
C GLU A 1608 -29.99 -22.16 -29.61
N ASP A 1609 -31.19 -21.69 -29.97
CA ASP A 1609 -31.32 -20.42 -30.67
C ASP A 1609 -30.81 -19.26 -29.82
N GLY A 1610 -31.03 -19.33 -28.52
CA GLY A 1610 -30.76 -18.22 -27.62
C GLY A 1610 -32.00 -17.64 -26.98
N ASN A 1611 -33.18 -17.98 -27.48
CA ASN A 1611 -34.43 -17.47 -26.92
C ASN A 1611 -34.79 -18.24 -25.65
N ILE A 1612 -35.19 -17.50 -24.62
CA ILE A 1612 -35.51 -18.10 -23.33
C ILE A 1612 -36.91 -18.67 -23.39
N GLU A 1613 -37.11 -19.83 -22.74
CA GLU A 1613 -38.40 -20.49 -22.66
C GLU A 1613 -38.92 -20.38 -21.24
N TYR A 1614 -40.18 -19.97 -21.10
CA TYR A 1614 -40.80 -19.83 -19.78
C TYR A 1614 -41.29 -21.19 -19.31
N LEU A 1615 -40.89 -21.56 -18.09
CA LEU A 1615 -41.25 -22.86 -17.52
C LEU A 1615 -42.16 -22.73 -16.29
N GLY A 1616 -42.60 -21.52 -15.97
CA GLY A 1616 -43.51 -21.33 -14.86
C GLY A 1616 -42.82 -20.75 -13.64
N ARG A 1617 -43.62 -20.56 -12.60
CA ARG A 1617 -43.11 -20.08 -11.32
C ARG A 1617 -42.22 -21.15 -10.68
N MET A 1618 -41.27 -20.69 -9.87
CA MET A 1618 -40.39 -21.62 -9.16
C MET A 1618 -41.16 -22.39 -8.09
N ASP A 1619 -41.90 -21.67 -7.24
CA ASP A 1619 -42.97 -22.31 -6.51
C ASP A 1619 -44.09 -22.68 -7.49
N HIS A 1620 -45.04 -23.48 -7.01
CA HIS A 1620 -46.13 -23.97 -7.86
C HIS A 1620 -45.57 -24.76 -9.04
N GLN A 1621 -44.60 -25.63 -8.76
CA GLN A 1621 -44.03 -26.53 -9.76
C GLN A 1621 -44.58 -27.92 -9.50
N VAL A 1622 -45.19 -28.52 -10.53
CA VAL A 1622 -45.89 -29.80 -10.39
C VAL A 1622 -44.96 -30.90 -10.89
N LYS A 1623 -44.76 -31.92 -10.05
CA LYS A 1623 -43.84 -33.02 -10.34
C LYS A 1623 -44.49 -34.34 -9.93
N ILE A 1624 -44.59 -35.27 -10.88
CA ILE A 1624 -45.05 -36.63 -10.59
C ILE A 1624 -43.82 -37.53 -10.60
N ARG A 1625 -43.58 -38.21 -9.48
CA ARG A 1625 -42.45 -39.14 -9.33
C ARG A 1625 -41.13 -38.48 -9.71
N GLY A 1626 -40.99 -37.21 -9.34
CA GLY A 1626 -39.76 -36.47 -9.59
C GLY A 1626 -39.66 -35.81 -10.95
N TYR A 1627 -40.56 -36.12 -11.88
CA TYR A 1627 -40.51 -35.56 -13.22
C TYR A 1627 -41.38 -34.32 -13.30
N ARG A 1628 -40.85 -33.28 -13.96
CA ARG A 1628 -41.62 -32.05 -14.11
C ARG A 1628 -42.75 -32.25 -15.11
N ILE A 1629 -43.92 -31.71 -14.77
CA ILE A 1629 -45.15 -31.87 -15.54
C ILE A 1629 -45.50 -30.53 -16.16
N GLU A 1630 -45.55 -30.48 -17.49
CA GLU A 1630 -46.01 -29.30 -18.22
C GLU A 1630 -47.46 -29.55 -18.63
N LEU A 1631 -48.39 -28.93 -17.89
CA LEU A 1631 -49.80 -29.15 -18.12
C LEU A 1631 -50.27 -28.68 -19.49
N ASP A 1632 -49.48 -27.83 -20.16
CA ASP A 1632 -49.86 -27.36 -21.49
C ASP A 1632 -49.69 -28.45 -22.53
N GLU A 1633 -48.60 -29.23 -22.44
CA GLU A 1633 -48.40 -30.33 -23.39
C GLU A 1633 -49.59 -31.28 -23.38
N ILE A 1634 -50.11 -31.61 -22.19
CA ILE A 1634 -51.22 -32.54 -22.12
C ILE A 1634 -52.50 -31.89 -22.60
N ARG A 1635 -52.68 -30.59 -22.33
CA ARG A 1635 -53.84 -29.88 -22.86
C ARG A 1635 -53.80 -29.81 -24.38
N SER A 1636 -52.64 -29.43 -24.94
CA SER A 1636 -52.50 -29.35 -26.39
C SER A 1636 -52.81 -30.69 -27.04
N LYS A 1637 -52.36 -31.79 -26.43
CA LYS A 1637 -52.65 -33.11 -26.99
C LYS A 1637 -54.11 -33.49 -26.79
N LEU A 1638 -54.76 -32.95 -25.76
CA LEU A 1638 -56.16 -33.22 -25.48
C LEU A 1638 -57.11 -32.26 -26.19
N ILE A 1639 -56.62 -31.51 -27.18
CA ILE A 1639 -57.43 -30.46 -27.80
C ILE A 1639 -57.57 -30.70 -29.30
N GLN A 1640 -56.54 -31.30 -29.91
CA GLN A 1640 -56.54 -31.46 -31.37
C GLN A 1640 -57.68 -32.35 -31.86
N GLU A 1641 -58.30 -33.13 -30.98
CA GLU A 1641 -59.46 -33.92 -31.36
C GLU A 1641 -60.70 -33.04 -31.41
N GLU A 1642 -61.54 -33.26 -32.43
CA GLU A 1642 -62.69 -32.40 -32.65
C GLU A 1642 -63.70 -32.51 -31.51
N THR A 1643 -63.85 -33.71 -30.94
CA THR A 1643 -64.88 -33.93 -29.92
C THR A 1643 -64.68 -33.02 -28.72
N ILE A 1644 -63.44 -32.72 -28.36
CA ILE A 1644 -63.12 -31.94 -27.17
C ILE A 1644 -62.73 -30.53 -27.60
N GLN A 1645 -63.38 -29.54 -26.98
CA GLN A 1645 -63.04 -28.13 -27.23
C GLN A 1645 -62.59 -27.54 -25.89
N ASP A 1646 -63.14 -28.06 -24.78
CA ASP A 1646 -62.84 -27.54 -23.43
C ASP A 1646 -61.78 -28.42 -22.76
N ALA A 1647 -60.63 -27.85 -22.36
CA ALA A 1647 -59.54 -28.69 -21.79
C ALA A 1647 -59.10 -28.20 -20.42
N VAL A 1648 -59.52 -28.88 -19.35
CA VAL A 1648 -59.08 -28.51 -17.97
C VAL A 1648 -57.82 -29.32 -17.61
N VAL A 1649 -56.72 -28.65 -17.26
CA VAL A 1649 -55.43 -29.38 -16.98
C VAL A 1649 -54.77 -28.78 -15.72
N VAL A 1650 -54.95 -29.43 -14.57
CA VAL A 1650 -54.40 -28.84 -13.31
C VAL A 1650 -54.09 -29.97 -12.32
N ALA A 1651 -53.40 -29.65 -11.22
CA ALA A 1651 -52.99 -30.71 -10.27
C ALA A 1651 -53.73 -30.58 -8.96
N ARG A 1652 -54.13 -31.71 -8.38
CA ARG A 1652 -54.77 -31.71 -7.07
C ARG A 1652 -53.94 -32.55 -6.11
N ASN A 1653 -53.70 -32.03 -4.92
CA ASN A 1653 -53.04 -32.81 -3.88
C ASN A 1653 -54.03 -33.82 -3.31
N ASP A 1654 -53.62 -35.10 -3.27
CA ASP A 1654 -54.50 -36.19 -2.88
C ASP A 1654 -53.85 -37.03 -1.79
N GLN A 1655 -54.71 -37.68 -0.99
CA GLN A 1655 -54.28 -38.59 0.07
C GLN A 1655 -53.27 -37.95 1.01
N ASN A 1656 -52.06 -38.52 1.08
CA ASN A 1656 -51.02 -38.04 1.99
C ASN A 1656 -50.26 -36.85 1.40
N GLY A 1657 -51.00 -35.79 1.12
CA GLY A 1657 -50.41 -34.59 0.55
C GLY A 1657 -49.73 -34.81 -0.80
N GLN A 1658 -49.67 -36.06 -1.23
CA GLN A 1658 -49.20 -36.40 -2.56
C GLN A 1658 -50.12 -35.74 -3.59
N ALA A 1659 -49.58 -35.53 -4.78
CA ALA A 1659 -50.30 -34.81 -5.82
C ALA A 1659 -50.67 -35.76 -6.96
N TYR A 1660 -51.69 -35.37 -7.72
CA TYR A 1660 -52.03 -36.11 -8.92
C TYR A 1660 -52.82 -35.20 -9.86
N LEU A 1661 -52.51 -35.32 -11.15
CA LEU A 1661 -53.15 -34.48 -12.16
C LEU A 1661 -54.60 -34.89 -12.34
N CYS A 1662 -55.49 -33.89 -12.38
CA CYS A 1662 -56.91 -34.11 -12.59
C CYS A 1662 -57.39 -33.28 -13.78
N ALA A 1663 -58.42 -33.78 -14.45
CA ALA A 1663 -58.99 -33.09 -15.60
C ALA A 1663 -60.51 -32.99 -15.47
N THR A 1672 -65.54 -41.84 -21.01
CA THR A 1672 -64.34 -42.36 -21.66
C THR A 1672 -63.09 -42.01 -20.85
N VAL A 1673 -62.56 -43.00 -20.12
CA VAL A 1673 -61.37 -42.82 -19.29
C VAL A 1673 -60.17 -43.56 -19.85
N GLY A 1674 -60.30 -44.88 -20.03
CA GLY A 1674 -59.23 -45.63 -20.65
C GLY A 1674 -58.98 -45.22 -22.09
N GLN A 1675 -60.04 -44.85 -22.80
CA GLN A 1675 -59.87 -44.30 -24.15
C GLN A 1675 -59.19 -42.94 -24.10
N LEU A 1676 -59.56 -42.11 -23.13
CA LEU A 1676 -58.86 -40.84 -22.94
C LEU A 1676 -57.41 -41.07 -22.58
N ARG A 1677 -57.13 -42.08 -21.75
CA ARG A 1677 -55.75 -42.46 -21.47
C ARG A 1677 -55.06 -42.95 -22.73
N GLU A 1678 -55.79 -43.67 -23.60
CA GLU A 1678 -55.21 -44.16 -24.84
C GLU A 1678 -54.83 -43.00 -25.77
N LEU A 1679 -55.70 -42.00 -25.89
CA LEU A 1679 -55.35 -40.81 -26.66
C LEU A 1679 -54.08 -40.16 -26.12
N LEU A 1680 -53.88 -40.21 -24.80
CA LEU A 1680 -52.68 -39.70 -24.17
C LEU A 1680 -51.63 -40.77 -23.94
N ARG A 1681 -51.93 -42.05 -24.25
CA ARG A 1681 -50.92 -43.09 -24.16
C ARG A 1681 -49.79 -42.82 -25.16
N ARG A 1682 -50.15 -42.59 -26.42
CA ARG A 1682 -49.18 -42.03 -27.35
C ARG A 1682 -48.93 -40.57 -27.02
N GLU A 1683 -47.82 -40.04 -27.56
CA GLU A 1683 -47.41 -38.65 -27.39
C GLU A 1683 -46.96 -38.33 -25.97
N LEU A 1684 -47.72 -38.77 -24.95
CA LEU A 1684 -47.46 -38.34 -23.58
C LEU A 1684 -46.89 -39.46 -22.73
N PRO A 1685 -45.93 -39.16 -21.86
CA PRO A 1685 -45.35 -40.19 -20.99
C PRO A 1685 -46.27 -40.51 -19.82
N GLU A 1686 -46.07 -41.71 -19.26
CA GLU A 1686 -47.02 -42.22 -18.27
C GLU A 1686 -46.99 -41.47 -16.95
N TYR A 1687 -46.03 -40.57 -16.74
CA TYR A 1687 -46.09 -39.68 -15.59
C TYR A 1687 -46.88 -38.42 -15.87
N MET A 1688 -47.38 -38.25 -17.10
CA MET A 1688 -48.14 -37.07 -17.49
C MET A 1688 -49.57 -37.42 -17.91
N ILE A 1689 -50.11 -38.50 -17.36
CA ILE A 1689 -51.51 -38.88 -17.58
C ILE A 1689 -52.36 -38.38 -16.42
N PRO A 1690 -53.49 -37.74 -16.68
CA PRO A 1690 -54.40 -37.37 -15.59
C PRO A 1690 -54.90 -38.61 -14.88
N ALA A 1691 -54.56 -38.74 -13.59
CA ALA A 1691 -55.05 -39.87 -12.80
C ALA A 1691 -56.57 -39.91 -12.78
N HIS A 1692 -57.22 -38.75 -12.76
CA HIS A 1692 -58.68 -38.66 -12.81
C HIS A 1692 -59.07 -37.69 -13.91
N PHE A 1693 -60.01 -38.09 -14.75
CA PHE A 1693 -60.50 -37.23 -15.84
C PHE A 1693 -61.81 -36.56 -15.45
N ALA A 1726 -63.31 -58.32 -22.31
CA ALA A 1726 -64.66 -58.65 -21.90
C ALA A 1726 -65.49 -58.95 -23.14
N ALA A 1727 -64.97 -58.53 -24.28
CA ALA A 1727 -65.72 -58.68 -25.55
C ALA A 1727 -64.87 -59.23 -26.70
N PRO A 1728 -64.17 -60.36 -26.51
CA PRO A 1728 -63.61 -61.06 -27.66
C PRO A 1728 -64.67 -61.31 -28.73
N ARG A 1729 -64.35 -60.96 -29.98
CA ARG A 1729 -65.30 -61.05 -31.07
C ARG A 1729 -65.00 -62.16 -32.08
N THR A 1730 -63.73 -62.47 -32.35
CA THR A 1730 -63.42 -63.63 -33.17
C THR A 1730 -62.58 -64.63 -32.37
N GLU A 1731 -62.47 -65.83 -32.94
CA GLU A 1731 -61.74 -66.91 -32.28
C GLU A 1731 -60.32 -66.47 -31.94
N LEU A 1732 -59.69 -65.72 -32.84
CA LEU A 1732 -58.33 -65.26 -32.63
C LEU A 1732 -58.22 -64.44 -31.35
N GLU A 1733 -59.09 -63.43 -31.19
CA GLU A 1733 -59.04 -62.59 -30.00
C GLU A 1733 -59.37 -63.40 -28.75
N ALA A 1734 -60.28 -64.35 -28.84
CA ALA A 1734 -60.52 -65.26 -27.74
C ALA A 1734 -59.27 -66.07 -27.41
N THR A 1735 -58.61 -66.59 -28.44
CA THR A 1735 -57.35 -67.29 -28.24
C THR A 1735 -56.28 -66.37 -27.67
N LEU A 1736 -56.20 -65.14 -28.18
CA LEU A 1736 -55.23 -64.19 -27.66
C LEU A 1736 -55.54 -63.80 -26.22
N ALA A 1737 -56.82 -63.65 -25.90
CA ALA A 1737 -57.21 -63.31 -24.53
C ALA A 1737 -56.86 -64.43 -23.57
N HIS A 1738 -56.99 -65.68 -24.00
CA HIS A 1738 -56.63 -66.80 -23.15
C HIS A 1738 -55.12 -66.87 -22.93
N ILE A 1739 -54.35 -66.70 -24.01
CA ILE A 1739 -52.89 -66.78 -23.91
C ILE A 1739 -52.35 -65.62 -23.09
N TRP A 1740 -52.88 -64.42 -23.31
CA TRP A 1740 -52.45 -63.27 -22.52
C TRP A 1740 -52.74 -63.48 -21.03
N GLY A 1741 -53.94 -64.00 -20.72
CA GLY A 1741 -54.28 -64.23 -19.32
C GLY A 1741 -53.39 -65.22 -18.62
N GLU A 1742 -52.80 -66.16 -19.38
CA GLU A 1742 -51.86 -67.10 -18.79
C GLU A 1742 -50.53 -66.44 -18.48
N VAL A 1743 -49.94 -65.78 -19.47
CA VAL A 1743 -48.63 -65.18 -19.31
C VAL A 1743 -48.70 -63.97 -18.37
N LEU A 1744 -49.65 -63.08 -18.61
CA LEU A 1744 -49.77 -61.87 -17.80
C LEU A 1744 -50.34 -62.16 -16.42
N GLY A 1745 -51.10 -63.25 -16.29
CA GLY A 1745 -51.72 -63.57 -15.01
C GLY A 1745 -53.00 -62.82 -14.73
N ILE A 1746 -53.64 -62.27 -15.75
CA ILE A 1746 -54.88 -61.52 -15.60
C ILE A 1746 -56.01 -62.42 -16.07
N GLU A 1747 -56.81 -62.91 -15.12
CA GLU A 1747 -57.93 -63.78 -15.44
C GLU A 1747 -58.86 -63.18 -16.49
N ARG A 1748 -58.99 -61.87 -16.51
CA ARG A 1748 -59.92 -61.19 -17.39
C ARG A 1748 -59.16 -60.19 -18.26
N ILE A 1749 -59.06 -60.48 -19.56
CA ILE A 1749 -58.37 -59.63 -20.52
C ILE A 1749 -59.38 -59.17 -21.56
N GLY A 1750 -59.41 -57.88 -21.82
CA GLY A 1750 -60.25 -57.32 -22.86
C GLY A 1750 -59.47 -57.04 -24.12
N ILE A 1751 -60.20 -56.93 -25.24
CA ILE A 1751 -59.56 -56.68 -26.52
C ILE A 1751 -58.92 -55.30 -26.57
N ARG A 1752 -59.32 -54.40 -25.68
CA ARG A 1752 -58.78 -53.05 -25.63
C ARG A 1752 -57.96 -52.79 -24.37
N ASP A 1753 -57.30 -53.82 -23.87
CA ASP A 1753 -56.42 -53.69 -22.71
C ASP A 1753 -54.98 -53.62 -23.18
N ASN A 1754 -54.19 -52.76 -22.51
CA ASN A 1754 -52.82 -52.49 -22.93
C ASN A 1754 -51.88 -53.52 -22.32
N PHE A 1755 -51.13 -54.20 -23.18
CA PHE A 1755 -50.18 -55.24 -22.76
C PHE A 1755 -49.32 -54.78 -21.58
N PHE A 1756 -48.64 -53.65 -21.74
CA PHE A 1756 -47.75 -53.17 -20.69
C PHE A 1756 -48.50 -52.73 -19.44
N GLU A 1757 -49.76 -52.33 -19.59
CA GLU A 1757 -50.55 -51.94 -18.43
C GLU A 1757 -50.94 -53.13 -17.56
N LEU A 1758 -50.89 -54.34 -18.10
CA LEU A 1758 -51.23 -55.55 -17.37
C LEU A 1758 -50.01 -56.31 -16.88
N GLY A 1759 -48.83 -55.69 -16.93
CA GLY A 1759 -47.59 -56.36 -16.61
C GLY A 1759 -46.79 -56.80 -17.80
N GLY A 1760 -46.94 -56.13 -18.95
CA GLY A 1760 -46.27 -56.53 -20.18
C GLY A 1760 -44.78 -56.28 -20.19
N ASP A 1761 -44.00 -57.35 -20.12
CA ASP A 1761 -42.55 -57.27 -20.22
C ASP A 1761 -42.10 -57.74 -21.60
N SER A 1762 -40.81 -57.64 -21.85
CA SER A 1762 -40.25 -58.27 -23.05
C SER A 1762 -40.22 -59.78 -22.91
N ILE A 1763 -40.05 -60.28 -21.68
CA ILE A 1763 -40.09 -61.71 -21.44
C ILE A 1763 -41.47 -62.26 -21.78
N LYS A 1764 -42.52 -61.51 -21.45
CA LYS A 1764 -43.88 -61.99 -21.68
C LYS A 1764 -44.18 -62.15 -23.17
N GLY A 1765 -43.79 -61.17 -23.98
CA GLY A 1765 -44.09 -61.24 -25.41
C GLY A 1765 -43.54 -62.47 -26.09
N LEU A 1766 -42.34 -62.91 -25.67
CA LEU A 1766 -41.79 -64.14 -26.23
C LEU A 1766 -42.64 -65.35 -25.87
N GLN A 1767 -43.10 -65.41 -24.61
CA GLN A 1767 -43.95 -66.51 -24.19
C GLN A 1767 -45.27 -66.50 -24.98
N ILE A 1768 -45.90 -65.33 -25.09
CA ILE A 1768 -47.16 -65.24 -25.83
C ILE A 1768 -46.96 -65.66 -27.27
N ALA A 1769 -45.91 -65.18 -27.91
CA ALA A 1769 -45.65 -65.52 -29.31
C ALA A 1769 -45.33 -66.99 -29.48
N SER A 1770 -44.63 -67.58 -28.51
CA SER A 1770 -44.27 -69.00 -28.62
C SER A 1770 -45.49 -69.89 -28.45
N ARG A 1771 -46.37 -69.58 -27.50
CA ARG A 1771 -47.60 -70.34 -27.36
C ARG A 1771 -48.51 -70.16 -28.58
N LEU A 1772 -48.47 -68.98 -29.20
CA LEU A 1772 -49.23 -68.77 -30.42
C LEU A 1772 -48.65 -69.55 -31.59
N GLN A 1773 -47.32 -69.66 -31.64
CA GLN A 1773 -46.68 -70.40 -32.72
C GLN A 1773 -47.00 -71.89 -32.64
N ARG A 1774 -47.10 -72.42 -31.41
CA ARG A 1774 -47.42 -73.83 -31.24
C ARG A 1774 -48.84 -74.18 -31.65
N ILE A 1775 -49.71 -73.20 -31.86
CA ILE A 1775 -51.04 -73.46 -32.39
C ILE A 1775 -51.18 -72.80 -33.75
N ASN A 1776 -50.04 -72.62 -34.44
CA ASN A 1776 -49.99 -72.12 -35.82
C ASN A 1776 -50.62 -70.72 -35.93
N TRP A 1777 -50.15 -69.81 -35.06
CA TRP A 1777 -50.55 -68.41 -35.09
C TRP A 1777 -49.27 -67.59 -34.98
N THR A 1778 -48.82 -67.02 -36.10
CA THR A 1778 -47.56 -66.30 -36.15
C THR A 1778 -47.79 -64.85 -35.74
N MET A 1779 -47.12 -64.42 -34.66
CA MET A 1779 -47.23 -63.08 -34.12
C MET A 1779 -45.85 -62.51 -33.84
N VAL A 1780 -45.62 -61.26 -34.23
CA VAL A 1780 -44.34 -60.61 -34.05
C VAL A 1780 -44.32 -59.90 -32.71
N ILE A 1781 -43.25 -60.12 -31.94
CA ILE A 1781 -43.12 -59.49 -30.63
C ILE A 1781 -43.03 -57.98 -30.78
N ASN A 1782 -42.38 -57.51 -31.84
CA ASN A 1782 -42.29 -56.07 -32.11
C ASN A 1782 -43.67 -55.45 -32.25
N HIS A 1783 -44.60 -56.17 -32.88
CA HIS A 1783 -45.93 -55.62 -33.12
C HIS A 1783 -46.64 -55.28 -31.81
N LEU A 1784 -46.30 -55.97 -30.72
CA LEU A 1784 -46.96 -55.74 -29.44
C LEU A 1784 -46.68 -54.36 -28.87
N PHE A 1785 -45.60 -53.71 -29.28
CA PHE A 1785 -45.31 -52.35 -28.85
C PHE A 1785 -45.97 -51.31 -29.74
N LEU A 1786 -46.28 -51.65 -30.99
CA LEU A 1786 -47.04 -50.77 -31.87
C LEU A 1786 -48.54 -51.00 -31.73
N TYR A 1787 -48.96 -52.23 -31.44
CA TYR A 1787 -50.37 -52.58 -31.25
C TYR A 1787 -50.47 -53.33 -29.93
N PRO A 1788 -50.54 -52.60 -28.81
CA PRO A 1788 -50.52 -53.24 -27.49
C PRO A 1788 -51.84 -53.82 -27.03
N THR A 1789 -52.88 -53.81 -27.86
CA THR A 1789 -54.16 -54.41 -27.52
C THR A 1789 -54.45 -55.60 -28.42
N ILE A 1790 -55.35 -56.46 -27.96
CA ILE A 1790 -55.70 -57.67 -28.72
C ILE A 1790 -56.28 -57.30 -30.07
N GLU A 1791 -57.27 -56.41 -30.08
CA GLU A 1791 -57.92 -56.03 -31.34
C GLU A 1791 -56.98 -55.26 -32.25
N GLN A 1792 -56.01 -54.55 -31.68
CA GLN A 1792 -55.06 -53.80 -32.51
C GLN A 1792 -54.08 -54.74 -33.20
N ILE A 1793 -53.68 -55.82 -32.51
CA ILE A 1793 -52.74 -56.79 -33.09
C ILE A 1793 -53.46 -57.96 -33.76
N ALA A 1794 -54.77 -58.06 -33.61
CA ALA A 1794 -55.54 -59.13 -34.24
C ALA A 1794 -55.29 -59.25 -35.75
N PRO A 1795 -55.36 -58.19 -36.56
CA PRO A 1795 -55.13 -58.37 -38.01
C PRO A 1795 -53.69 -58.67 -38.37
N PHE A 1796 -52.78 -58.75 -37.40
CA PHE A 1796 -51.37 -58.91 -37.68
C PHE A 1796 -50.81 -60.28 -37.34
N VAL A 1797 -51.48 -61.04 -36.48
CA VAL A 1797 -51.08 -62.41 -36.25
C VAL A 1797 -51.66 -63.24 -37.39
N THR A 1798 -50.78 -63.83 -38.18
CA THR A 1798 -51.20 -64.57 -39.38
C THR A 1798 -51.28 -66.06 -39.06
N SER A 1799 -52.05 -66.76 -39.87
CA SER A 1799 -52.19 -68.20 -39.71
C SER A 1799 -51.14 -68.91 -40.55
N GLU A 1800 -50.77 -70.11 -40.11
CA GLU A 1800 -49.79 -70.93 -40.81
C GLU A 1800 -50.58 -71.97 -41.61
N GLN A 1801 -50.82 -71.66 -42.88
CA GLN A 1801 -51.59 -72.54 -43.75
C GLN A 1801 -50.92 -73.90 -43.84
N VAL A 1802 -51.65 -74.95 -43.47
CA VAL A 1802 -51.12 -76.31 -43.43
C VAL A 1802 -51.55 -77.03 -44.70
N VAL A 1803 -50.68 -77.91 -45.19
CA VAL A 1803 -50.98 -78.78 -46.32
C VAL A 1803 -51.36 -80.14 -45.75
N ILE A 1804 -52.63 -80.51 -45.91
CA ILE A 1804 -53.10 -81.76 -45.33
C ILE A 1804 -52.77 -82.94 -46.23
N GLU A 1805 -52.90 -82.77 -47.54
CA GLU A 1805 -52.63 -83.85 -48.49
C GLU A 1805 -51.15 -83.88 -48.85
N ALA A 1806 -50.65 -85.08 -49.12
CA ALA A 1806 -49.27 -85.31 -49.49
C ALA A 1806 -49.13 -85.43 -51.01
N ALA A 1807 -47.89 -85.39 -51.46
CA ALA A 1807 -47.62 -85.61 -52.88
C ALA A 1807 -48.00 -87.02 -53.29
N ALA A 1808 -47.65 -88.00 -52.48
CA ALA A 1808 -48.04 -89.39 -52.69
C ALA A 1808 -49.16 -89.71 -51.71
N GLU A 1809 -50.38 -89.87 -52.24
CA GLU A 1809 -51.52 -90.27 -51.43
C GLU A 1809 -51.90 -91.73 -51.63
N ASN A 1810 -51.68 -92.28 -52.82
CA ASN A 1810 -51.92 -93.69 -53.10
C ASN A 1810 -50.62 -94.32 -53.58
N LEU A 1811 -50.32 -95.51 -53.06
CA LEU A 1811 -49.07 -96.20 -53.36
C LEU A 1811 -49.38 -97.59 -53.88
N TYR A 1812 -48.77 -97.94 -55.01
CA TYR A 1812 -48.99 -99.23 -55.66
C TYR A 1812 -47.64 -99.94 -55.80
N PHE A 1813 -47.49 -101.07 -55.11
CA PHE A 1813 -46.27 -101.86 -55.22
C PHE A 1813 -46.37 -102.78 -56.43
N GLN A 1814 -45.32 -102.79 -57.24
CA GLN A 1814 -45.28 -103.67 -58.41
C GLN A 1814 -44.13 -104.67 -58.31
N MET B 1 13.48 69.28 64.97
CA MET B 1 12.59 68.14 65.03
C MET B 1 12.99 67.16 66.14
N GLY B 2 13.45 65.99 65.74
CA GLY B 2 13.84 64.97 66.70
C GLY B 2 15.14 64.30 66.27
N ARG B 3 15.91 63.88 67.27
CA ARG B 3 17.19 63.22 67.03
C ARG B 3 16.95 61.73 66.77
N ILE B 4 17.56 61.22 65.70
CA ILE B 4 17.34 59.86 65.24
C ILE B 4 18.64 59.09 65.32
N LEU B 5 18.61 57.92 65.95
CA LEU B 5 19.75 57.02 65.99
C LEU B 5 19.52 55.92 64.96
N PHE B 6 20.35 55.88 63.93
CA PHE B 6 20.25 54.85 62.90
C PHE B 6 21.15 53.67 63.25
N LEU B 7 20.60 52.47 63.15
CA LEU B 7 21.31 51.25 63.51
C LEU B 7 21.41 50.35 62.29
N THR B 8 22.61 50.19 61.75
CA THR B 8 22.87 49.29 60.64
C THR B 8 24.19 48.56 60.86
N THR B 9 24.39 47.50 60.10
CA THR B 9 25.63 46.74 60.17
C THR B 9 26.08 46.34 58.77
N PHE B 10 25.15 45.82 57.98
CA PHE B 10 25.43 45.36 56.63
C PHE B 10 24.99 46.33 55.55
N MET B 11 24.23 47.37 55.91
CA MET B 11 23.90 48.44 54.99
C MET B 11 24.90 49.58 55.19
N SER B 12 24.64 50.73 54.58
CA SER B 12 25.59 51.83 54.53
C SER B 12 25.09 53.03 55.32
N LYS B 13 26.05 53.86 55.74
CA LYS B 13 25.71 55.12 56.40
C LYS B 13 25.08 56.10 55.43
N GLY B 14 25.37 55.96 54.14
CA GLY B 14 24.81 56.84 53.14
C GLY B 14 23.65 56.19 52.42
N ASN B 15 22.77 55.52 53.17
CA ASN B 15 21.62 54.86 52.57
C ASN B 15 20.54 55.87 52.20
N LYS B 16 19.66 55.46 51.29
CA LYS B 16 18.55 56.32 50.87
C LYS B 16 17.70 56.74 52.06
N VAL B 17 17.50 55.84 53.03
CA VAL B 17 16.69 56.18 54.18
C VAL B 17 17.37 57.24 55.03
N VAL B 18 18.71 57.17 55.14
CA VAL B 18 19.44 58.15 55.94
C VAL B 18 19.38 59.52 55.28
N ARG B 19 19.56 59.57 53.95
CA ARG B 19 19.50 60.84 53.25
C ARG B 19 18.09 61.41 53.24
N TYR B 20 17.07 60.55 53.24
CA TYR B 20 15.71 61.05 53.34
C TYR B 20 15.46 61.66 54.71
N LEU B 21 15.97 61.02 55.77
CA LEU B 21 15.83 61.58 57.10
C LEU B 21 16.60 62.89 57.23
N GLU B 22 17.81 62.95 56.66
CA GLU B 22 18.56 64.20 56.66
C GLU B 22 17.87 65.26 55.83
N SER B 23 17.10 64.85 54.81
CA SER B 23 16.36 65.82 54.01
C SER B 23 15.27 66.50 54.82
N LEU B 24 14.65 65.78 55.75
CA LEU B 24 13.61 66.33 56.61
C LEU B 24 14.17 67.15 57.76
N HIS B 25 15.47 67.44 57.73
CA HIS B 25 16.15 68.22 58.78
C HIS B 25 16.13 67.50 60.12
N HIS B 26 16.03 66.18 60.10
CA HIS B 26 16.36 65.39 61.26
C HIS B 26 17.88 65.35 61.45
N GLU B 27 18.30 65.03 62.67
CA GLU B 27 19.71 64.80 62.96
C GLU B 27 19.91 63.30 63.14
N VAL B 28 20.78 62.72 62.32
CA VAL B 28 20.92 61.27 62.21
C VAL B 28 22.31 60.88 62.71
N VAL B 29 22.35 60.17 63.83
CA VAL B 29 23.56 59.52 64.31
C VAL B 29 23.54 58.08 63.82
N ILE B 30 24.62 57.65 63.17
CA ILE B 30 24.70 56.33 62.56
C ILE B 30 25.66 55.49 63.39
N CYS B 31 25.12 54.58 64.18
CA CYS B 31 25.92 53.61 64.93
C CYS B 31 25.93 52.29 64.18
N GLN B 32 27.07 51.60 64.22
CA GLN B 32 27.22 50.32 63.53
C GLN B 32 27.69 49.17 64.42
N GLU B 33 28.18 49.44 65.61
CA GLU B 33 28.59 48.39 66.54
C GLU B 33 27.47 48.15 67.55
N LYS B 34 27.73 47.23 68.48
CA LYS B 34 26.77 46.90 69.53
C LYS B 34 26.52 48.10 70.44
N VAL B 35 25.36 48.73 70.30
CA VAL B 35 25.01 49.85 71.16
C VAL B 35 24.69 49.34 72.56
N HIS B 36 25.12 50.09 73.57
CA HIS B 36 24.92 49.73 74.96
C HIS B 36 24.12 50.81 75.68
N ALA B 37 23.43 50.41 76.74
CA ALA B 37 22.61 51.36 77.48
C ALA B 37 23.44 52.47 78.09
N GLN B 38 24.71 52.21 78.36
CA GLN B 38 25.61 53.22 78.91
C GLN B 38 26.18 54.15 77.85
N SER B 39 25.99 53.84 76.56
CA SER B 39 26.57 54.65 75.50
C SER B 39 25.95 56.03 75.45
N ALA B 40 26.78 57.02 75.07
CA ALA B 40 26.29 58.38 74.88
C ALA B 40 25.46 58.51 73.61
N ASN B 41 25.67 57.62 72.63
CA ASN B 41 24.85 57.58 71.43
C ASN B 41 23.39 57.27 71.72
N LEU B 42 23.04 56.97 72.98
CA LEU B 42 21.67 56.70 73.39
C LEU B 42 21.01 57.87 74.13
N GLN B 43 21.77 58.90 74.46
CA GLN B 43 21.25 60.04 75.20
C GLN B 43 20.77 61.12 74.24
N GLU B 44 19.63 61.73 74.60
CA GLU B 44 18.99 62.77 73.79
C GLU B 44 18.54 62.24 72.42
N ILE B 45 18.22 60.95 72.36
CA ILE B 45 17.74 60.32 71.14
C ILE B 45 16.22 60.18 71.24
N ASP B 46 15.52 60.68 70.22
CA ASP B 46 14.07 60.65 70.21
C ASP B 46 13.49 59.51 69.38
N TRP B 47 14.25 58.94 68.45
CA TRP B 47 13.80 57.81 67.66
C TRP B 47 14.98 56.93 67.33
N ILE B 48 14.76 55.63 67.34
CA ILE B 48 15.77 54.65 66.92
C ILE B 48 15.22 53.92 65.70
N VAL B 49 15.93 54.04 64.58
CA VAL B 49 15.55 53.39 63.34
C VAL B 49 16.63 52.37 63.00
N SER B 50 16.24 51.11 62.83
CA SER B 50 17.18 50.04 62.53
C SER B 50 16.91 49.49 61.13
N TYR B 51 17.96 48.94 60.53
CA TYR B 51 17.92 48.42 59.17
C TYR B 51 19.16 47.57 58.93
N ALA B 52 18.98 46.25 58.88
CA ALA B 52 20.09 45.30 58.75
C ALA B 52 21.09 45.49 59.89
N TYR B 53 20.57 45.41 61.12
CA TYR B 53 21.40 45.51 62.31
C TYR B 53 21.75 44.10 62.78
N GLY B 54 23.05 43.81 62.86
CA GLY B 54 23.52 42.47 63.13
C GLY B 54 23.74 42.13 64.59
N TYR B 55 23.08 42.87 65.49
CA TYR B 55 23.17 42.62 66.91
C TYR B 55 21.79 42.70 67.52
N ILE B 56 21.65 42.19 68.73
CA ILE B 56 20.41 42.22 69.49
C ILE B 56 20.52 43.31 70.54
N LEU B 57 19.52 44.19 70.61
CA LEU B 57 19.50 45.24 71.61
C LEU B 57 19.22 44.66 72.98
N ASP B 58 19.81 45.28 74.00
CA ASP B 58 19.54 44.88 75.38
C ASP B 58 18.09 45.15 75.72
N LYS B 59 17.55 44.34 76.65
CA LYS B 59 16.15 44.48 77.04
C LYS B 59 15.88 45.83 77.66
N GLU B 60 16.86 46.42 78.35
CA GLU B 60 16.69 47.74 78.94
C GLU B 60 16.53 48.80 77.86
N ILE B 61 17.27 48.67 76.76
CA ILE B 61 17.17 49.63 75.67
C ILE B 61 15.77 49.57 75.04
N VAL B 62 15.22 48.36 74.91
CA VAL B 62 13.89 48.22 74.32
C VAL B 62 12.85 48.87 75.20
N SER B 63 13.00 48.77 76.52
CA SER B 63 12.03 49.37 77.44
C SER B 63 12.18 50.88 77.48
N ARG B 64 13.42 51.38 77.43
CA ARG B 64 13.65 52.81 77.41
C ARG B 64 12.94 53.46 76.24
N PHE B 65 13.10 52.89 75.05
CA PHE B 65 12.57 53.46 73.81
C PHE B 65 11.37 52.67 73.28
N ARG B 66 10.56 52.11 74.19
CA ARG B 66 9.38 51.38 73.77
C ARG B 66 8.46 52.26 72.96
N GLY B 67 8.11 51.81 71.76
CA GLY B 67 7.38 52.62 70.81
C GLY B 67 8.24 53.55 69.99
N ARG B 68 9.56 53.55 70.20
CA ARG B 68 10.47 54.44 69.50
C ARG B 68 11.58 53.72 68.75
N ILE B 69 11.63 52.39 68.79
CA ILE B 69 12.59 51.61 68.01
C ILE B 69 11.85 51.00 66.82
N ILE B 70 12.25 51.38 65.61
CA ILE B 70 11.57 50.99 64.39
C ILE B 70 12.54 50.15 63.56
N ASN B 71 12.05 49.03 63.04
CA ASN B 71 12.85 48.17 62.17
C ASN B 71 12.33 48.21 60.75
N LEU B 72 13.26 48.07 59.80
CA LEU B 72 12.95 48.06 58.38
C LEU B 72 13.18 46.64 57.83
N HIS B 73 12.29 45.73 58.21
CA HIS B 73 12.45 44.34 57.80
C HIS B 73 12.09 44.16 56.32
N PRO B 74 13.02 43.75 55.47
CA PRO B 74 12.76 43.71 54.03
C PRO B 74 11.94 42.51 53.56
N SER B 75 11.35 41.77 54.49
CA SER B 75 10.46 40.67 54.15
C SER B 75 9.10 40.91 54.80
N LEU B 76 8.12 40.12 54.39
CA LEU B 76 6.82 40.15 55.06
C LEU B 76 6.94 39.48 56.42
N LEU B 77 6.05 39.88 57.33
CA LEU B 77 6.12 39.35 58.67
C LEU B 77 4.82 38.63 59.01
N PRO B 78 4.88 37.53 59.78
CA PRO B 78 6.06 36.96 60.44
C PRO B 78 6.87 35.95 59.62
N TRP B 79 7.36 36.29 58.44
CA TRP B 79 8.07 35.35 57.59
C TRP B 79 9.56 35.63 57.56
N ASN B 80 10.34 34.56 57.58
CA ASN B 80 11.81 34.60 57.51
C ASN B 80 12.37 35.64 58.48
N LYS B 81 11.84 35.63 59.69
CA LYS B 81 12.37 36.49 60.74
C LYS B 81 13.79 36.08 61.07
N GLY B 82 14.69 37.05 61.11
CA GLY B 82 16.07 36.77 61.46
C GLY B 82 17.04 37.10 60.35
N ARG B 83 17.62 36.07 59.76
CA ARG B 83 18.63 36.22 58.73
C ARG B 83 18.09 35.75 57.38
N ASP B 84 18.76 36.19 56.33
CA ASP B 84 18.45 35.90 54.94
C ASP B 84 16.94 35.95 54.66
N PRO B 85 16.30 37.09 54.85
CA PRO B 85 14.83 37.14 54.72
C PRO B 85 14.33 36.86 53.33
N VAL B 86 14.86 37.56 52.31
CA VAL B 86 14.32 37.41 50.97
C VAL B 86 14.57 36.00 50.43
N PHE B 87 15.76 35.46 50.72
CA PHE B 87 16.10 34.13 50.20
C PHE B 87 15.09 33.09 50.70
N TRP B 88 14.87 33.05 52.00
CA TRP B 88 13.93 32.09 52.55
C TRP B 88 12.51 32.36 52.08
N SER B 89 12.17 33.64 51.85
CA SER B 89 10.86 33.96 51.29
C SER B 89 10.69 33.33 49.92
N VAL B 90 11.78 33.16 49.16
CA VAL B 90 11.69 32.55 47.84
C VAL B 90 11.80 31.03 47.94
N TRP B 91 12.77 30.53 48.69
CA TRP B 91 13.01 29.09 48.75
C TRP B 91 11.82 28.36 49.35
N ASP B 92 11.46 28.68 50.59
CA ASP B 92 10.31 28.09 51.23
C ASP B 92 8.97 28.63 50.69
N GLU B 93 9.02 29.54 49.73
CA GLU B 93 7.81 30.13 49.14
C GLU B 93 6.92 30.77 50.20
N THR B 94 7.53 31.36 51.22
CA THR B 94 6.78 32.11 52.21
C THR B 94 6.33 33.44 51.61
N PRO B 95 5.14 33.92 51.95
CA PRO B 95 4.63 35.18 51.38
C PRO B 95 5.66 36.29 51.46
N LYS B 96 5.92 36.92 50.32
CA LYS B 96 6.96 37.94 50.19
C LYS B 96 6.37 39.33 50.32
N GLY B 97 7.08 40.18 51.06
CA GLY B 97 6.67 41.55 51.21
C GLY B 97 7.75 42.37 51.87
N VAL B 98 7.32 43.47 52.50
CA VAL B 98 8.20 44.32 53.28
C VAL B 98 7.41 44.81 54.48
N THR B 99 8.09 44.96 55.61
CA THR B 99 7.42 45.26 56.88
C THR B 99 8.22 46.29 57.67
N ILE B 100 7.58 47.42 57.96
CA ILE B 100 8.11 48.41 58.90
C ILE B 100 7.40 48.15 60.23
N HIS B 101 8.15 47.69 61.23
CA HIS B 101 7.54 47.23 62.47
C HIS B 101 8.31 47.77 63.67
N LEU B 102 7.85 47.39 64.86
CA LEU B 102 8.44 47.77 66.13
C LEU B 102 9.34 46.65 66.66
N ILE B 103 10.28 47.03 67.50
CA ILE B 103 11.29 46.11 68.05
C ILE B 103 10.89 45.71 69.45
N ASP B 104 10.99 44.41 69.76
CA ASP B 104 10.75 43.95 71.12
C ASP B 104 11.97 43.21 71.65
N GLU B 105 11.75 42.25 72.55
CA GLU B 105 12.82 41.47 73.17
C GLU B 105 13.12 40.18 72.42
N HIS B 106 12.43 39.91 71.31
CA HIS B 106 12.66 38.74 70.50
C HIS B 106 12.96 39.18 69.06
N VAL B 107 13.13 38.19 68.17
CA VAL B 107 13.60 38.44 66.82
C VAL B 107 12.39 38.67 65.91
N ASP B 108 12.16 39.94 65.54
CA ASP B 108 11.16 40.32 64.55
C ASP B 108 9.77 39.83 64.93
N THR B 109 9.48 39.83 66.24
CA THR B 109 8.16 39.50 66.75
C THR B 109 7.37 40.74 67.16
N GLY B 110 7.85 41.92 66.78
CA GLY B 110 7.20 43.15 67.20
C GLY B 110 5.91 43.42 66.45
N ASP B 111 5.22 44.47 66.88
CA ASP B 111 3.95 44.84 66.25
C ASP B 111 4.20 45.57 64.94
N ILE B 112 3.30 45.35 63.99
CA ILE B 112 3.46 45.90 62.64
C ILE B 112 2.94 47.33 62.62
N LEU B 113 3.78 48.25 62.13
CA LEU B 113 3.34 49.61 61.88
C LEU B 113 2.74 49.72 60.48
N VAL B 114 3.55 49.51 59.45
CA VAL B 114 3.09 49.48 58.06
C VAL B 114 3.69 48.26 57.37
N GLN B 115 2.93 47.71 56.43
CA GLN B 115 3.36 46.56 55.64
C GLN B 115 3.03 46.81 54.18
N GLU B 116 3.68 46.05 53.30
CA GLU B 116 3.43 46.15 51.87
C GLU B 116 3.81 44.84 51.20
N GLU B 117 2.92 44.34 50.35
CA GLU B 117 3.14 43.10 49.64
C GLU B 117 3.93 43.36 48.36
N ILE B 118 4.89 42.50 48.08
CA ILE B 118 5.73 42.62 46.89
C ILE B 118 5.62 41.33 46.08
N ALA B 119 6.16 41.37 44.87
CA ALA B 119 6.03 40.26 43.94
C ALA B 119 7.34 40.00 43.21
N PHE B 120 7.78 38.75 43.20
CA PHE B 120 8.93 38.31 42.44
C PHE B 120 8.49 37.54 41.20
N ALA B 121 9.31 37.61 40.16
CA ALA B 121 9.04 36.92 38.90
C ALA B 121 9.76 35.58 38.85
N ASP B 122 9.23 34.67 38.02
CA ASP B 122 9.84 33.36 37.90
C ASP B 122 11.20 33.43 37.21
N GLU B 123 11.38 34.40 36.31
CA GLU B 123 12.65 34.58 35.64
C GLU B 123 13.59 35.53 36.40
N ASP B 124 13.17 35.99 37.57
CA ASP B 124 14.03 36.83 38.40
C ASP B 124 15.05 35.98 39.15
N THR B 125 16.28 36.48 39.22
CA THR B 125 17.28 35.78 40.02
C THR B 125 17.15 36.17 41.48
N LEU B 126 17.80 35.39 42.35
CA LEU B 126 17.80 35.70 43.77
C LEU B 126 18.36 37.10 44.02
N LEU B 127 19.48 37.43 43.35
CA LEU B 127 20.03 38.77 43.45
C LEU B 127 19.04 39.82 42.97
N ASP B 128 18.29 39.51 41.92
CA ASP B 128 17.26 40.44 41.45
C ASP B 128 16.15 40.61 42.48
N CYS B 129 15.82 39.55 43.21
CA CYS B 129 14.79 39.65 44.24
C CYS B 129 15.27 40.48 45.42
N TYR B 130 16.53 40.30 45.83
CA TYR B 130 17.06 41.07 46.95
C TYR B 130 16.95 42.56 46.68
N ASN B 131 17.24 42.99 45.45
CA ASN B 131 17.18 44.41 45.12
C ASN B 131 15.75 44.92 45.22
N LYS B 132 14.79 44.17 44.66
CA LYS B 132 13.40 44.62 44.67
C LYS B 132 12.87 44.80 46.08
N ALA B 133 13.25 43.90 46.99
CA ALA B 133 12.79 44.00 48.38
C ALA B 133 13.45 45.18 49.09
N ASN B 134 14.78 45.29 48.97
CA ASN B 134 15.48 46.42 49.59
C ASN B 134 14.98 47.75 49.05
N GLN B 135 14.59 47.79 47.78
CA GLN B 135 14.00 49.02 47.25
C GLN B 135 12.60 49.24 47.80
N ALA B 136 11.81 48.18 47.96
CA ALA B 136 10.44 48.34 48.43
C ALA B 136 10.40 48.78 49.88
N ILE B 137 11.26 48.22 50.72
CA ILE B 137 11.30 48.63 52.13
C ILE B 137 11.82 50.06 52.26
N GLU B 138 12.59 50.55 51.29
CA GLU B 138 13.10 51.91 51.35
C GLU B 138 12.06 52.93 50.88
N GLU B 139 11.32 52.61 49.81
CA GLU B 139 10.25 53.49 49.37
C GLU B 139 9.12 53.55 50.40
N LEU B 140 8.83 52.43 51.04
CA LEU B 140 7.76 52.39 52.03
C LEU B 140 8.09 53.28 53.22
N PHE B 141 9.33 53.20 53.72
CA PHE B 141 9.76 54.10 54.78
C PHE B 141 9.57 55.55 54.39
N ILE B 142 10.04 55.91 53.19
CA ILE B 142 9.88 57.28 52.70
C ILE B 142 8.40 57.66 52.60
N ARG B 143 7.54 56.68 52.32
CA ARG B 143 6.13 56.98 52.14
C ARG B 143 5.39 57.15 53.46
N GLU B 144 5.84 56.51 54.54
CA GLU B 144 5.07 56.46 55.77
C GLU B 144 5.81 56.96 57.01
N TRP B 145 7.04 57.47 56.87
CA TRP B 145 7.77 57.93 58.04
C TRP B 145 7.05 59.09 58.72
N GLU B 146 6.56 60.04 57.93
CA GLU B 146 5.86 61.20 58.50
C GLU B 146 4.63 60.77 59.28
N ASN B 147 3.82 59.88 58.70
CA ASN B 147 2.64 59.39 59.41
C ASN B 147 3.02 58.58 60.64
N ILE B 148 4.27 58.15 60.75
CA ILE B 148 4.70 57.40 61.92
C ILE B 148 5.08 58.33 63.06
N VAL B 149 5.89 59.35 62.77
CA VAL B 149 6.33 60.27 63.82
C VAL B 149 5.17 61.11 64.33
N HIS B 150 4.25 61.46 63.44
CA HIS B 150 3.07 62.24 63.83
C HIS B 150 2.00 61.40 64.51
N GLY B 151 2.28 60.12 64.78
CA GLY B 151 1.34 59.28 65.50
C GLY B 151 0.03 59.04 64.80
N ARG B 152 0.07 58.83 63.48
CA ARG B 152 -1.13 58.61 62.69
C ARG B 152 -1.32 57.16 62.30
N ILE B 153 -0.46 56.26 62.76
CA ILE B 153 -0.48 54.85 62.36
C ILE B 153 -0.74 54.01 63.60
N ALA B 154 -1.80 53.20 63.56
CA ALA B 154 -2.15 52.34 64.68
C ALA B 154 -1.39 51.03 64.58
N PRO B 155 -0.51 50.71 65.54
CA PRO B 155 0.20 49.43 65.49
C PRO B 155 -0.76 48.26 65.66
N TYR B 156 -0.53 47.20 64.89
CA TYR B 156 -1.33 45.99 64.97
C TYR B 156 -0.40 44.79 65.11
N ARG B 157 -0.82 43.82 65.91
CA ARG B 157 0.02 42.66 66.20
C ARG B 157 0.13 41.75 64.98
N GLN B 158 1.23 40.99 64.91
CA GLN B 158 1.44 40.07 63.82
C GLN B 158 0.41 38.94 63.86
N THR B 159 -0.05 38.54 62.69
CA THR B 159 -0.93 37.38 62.61
C THR B 159 -0.18 36.12 63.05
N ALA B 160 -0.94 35.16 63.57
CA ALA B 160 -0.33 33.96 64.13
C ALA B 160 0.38 33.15 63.05
N GLY B 161 1.48 32.51 63.44
CA GLY B 161 2.22 31.65 62.55
C GLY B 161 3.57 32.21 62.14
N GLY B 162 3.98 31.90 60.91
CA GLY B 162 5.20 32.44 60.34
C GLY B 162 6.39 31.52 60.52
N THR B 163 7.49 31.89 59.85
CA THR B 163 8.74 31.17 59.90
C THR B 163 9.85 32.08 60.41
N LEU B 164 10.87 31.48 61.00
CA LEU B 164 12.02 32.22 61.51
C LEU B 164 13.28 31.44 61.20
N HIS B 165 14.31 32.15 60.73
CA HIS B 165 15.55 31.52 60.29
C HIS B 165 16.75 32.20 60.92
N PHE B 166 17.87 31.51 60.91
CA PHE B 166 19.09 31.96 61.58
C PHE B 166 20.21 32.18 60.57
N LYS B 167 21.30 32.73 61.09
CA LYS B 167 22.56 32.71 60.37
C LYS B 167 22.99 31.28 60.11
N ALA B 168 23.78 31.09 59.05
CA ALA B 168 24.36 29.80 58.68
C ALA B 168 23.32 28.80 58.19
N ASP B 169 22.03 29.15 58.27
CA ASP B 169 20.99 28.28 57.72
C ASP B 169 21.01 28.25 56.20
N ARG B 170 21.80 29.12 55.56
CA ARG B 170 21.86 29.18 54.11
C ARG B 170 23.19 28.64 53.56
N ASP B 171 24.15 28.33 54.44
CA ASP B 171 25.48 27.88 54.01
C ASP B 171 25.44 26.69 53.05
N PHE B 172 24.31 25.99 52.94
CA PHE B 172 24.14 24.91 51.98
C PHE B 172 23.68 25.42 50.62
N TYR B 173 22.94 26.52 50.59
CA TYR B 173 22.43 27.10 49.35
C TYR B 173 23.25 28.32 48.92
N LYS B 174 24.56 28.24 49.05
CA LYS B 174 25.41 29.39 48.76
C LYS B 174 25.58 29.61 47.26
N ASN B 175 25.53 28.53 46.47
CA ASN B 175 25.78 28.63 45.03
C ASN B 175 24.53 28.93 44.23
N LEU B 176 23.44 29.34 44.88
CA LEU B 176 22.17 29.54 44.19
C LEU B 176 21.76 31.01 44.16
N ASN B 177 22.74 31.92 44.06
CA ASN B 177 22.44 33.34 44.13
C ASN B 177 22.05 33.92 42.78
N MET B 178 22.65 33.42 41.70
CA MET B 178 22.32 33.87 40.35
C MET B 178 21.39 32.90 39.64
N THR B 179 20.59 32.14 40.39
CA THR B 179 19.64 31.19 39.84
C THR B 179 18.24 31.78 39.87
N THR B 180 17.49 31.58 38.78
CA THR B 180 16.14 32.12 38.69
C THR B 180 15.24 31.47 39.74
N VAL B 181 14.13 32.16 40.04
CA VAL B 181 13.17 31.66 41.01
C VAL B 181 12.62 30.31 40.56
N ARG B 182 12.26 30.21 39.29
CA ARG B 182 11.68 28.98 38.76
C ARG B 182 12.68 27.82 38.86
N GLU B 183 13.92 28.06 38.43
CA GLU B 183 14.94 27.01 38.52
C GLU B 183 15.30 26.69 39.95
N LEU B 184 15.07 27.61 40.89
CA LEU B 184 15.37 27.33 42.29
C LEU B 184 14.31 26.43 42.91
N LEU B 185 13.03 26.70 42.62
CA LEU B 185 11.96 25.86 43.14
C LEU B 185 12.00 24.48 42.50
N ALA B 186 12.33 24.40 41.21
CA ALA B 186 12.54 23.11 40.57
C ALA B 186 13.61 22.31 41.30
N LEU B 187 14.78 22.91 41.49
CA LEU B 187 15.85 22.25 42.23
C LEU B 187 15.41 21.81 43.61
N LYS B 188 14.51 22.55 44.25
CA LYS B 188 14.04 22.19 45.58
C LYS B 188 13.34 20.83 45.56
N ARG B 189 12.37 20.66 44.66
CA ARG B 189 11.63 19.40 44.58
C ARG B 189 12.57 18.24 44.24
N LEU B 190 13.45 18.44 43.26
CA LEU B 190 14.39 17.40 42.87
C LEU B 190 15.38 17.05 43.96
N CYS B 191 15.42 17.81 45.06
CA CYS B 191 16.41 17.59 46.11
C CYS B 191 15.80 17.84 47.48
N ALA B 192 14.59 17.32 47.70
CA ALA B 192 13.95 17.43 49.00
C ALA B 192 12.96 16.29 49.16
N GLU B 193 12.73 15.92 50.43
CA GLU B 193 11.86 14.80 50.79
C GLU B 193 10.41 15.06 50.41
N GLU B 198 5.93 7.85 53.02
CA GLU B 198 7.22 7.23 53.32
C GLU B 198 7.07 6.17 54.41
N LYS B 199 6.77 4.94 53.99
CA LYS B 199 6.69 3.86 54.98
C LYS B 199 8.07 3.23 55.18
N PRO B 200 8.40 2.86 56.42
CA PRO B 200 9.71 2.23 56.67
C PRO B 200 9.70 0.74 56.35
N ILE B 201 10.85 0.25 55.91
CA ILE B 201 11.02 -1.17 55.64
C ILE B 201 10.98 -1.93 56.96
N ASP B 202 10.05 -2.89 57.08
CA ASP B 202 9.86 -3.65 58.31
C ASP B 202 9.98 -5.15 58.09
N LYS B 203 10.64 -5.57 57.01
CA LYS B 203 10.70 -6.98 56.66
C LYS B 203 12.13 -7.35 56.26
N THR B 204 12.47 -8.62 56.46
CA THR B 204 13.67 -9.19 55.88
C THR B 204 13.31 -9.86 54.56
N PHE B 205 14.34 -10.29 53.82
CA PHE B 205 14.08 -10.90 52.52
C PHE B 205 13.44 -12.28 52.68
N HIS B 206 14.06 -13.16 53.46
CA HIS B 206 13.51 -14.51 53.62
C HIS B 206 12.11 -14.47 54.21
N GLN B 207 11.79 -13.43 54.98
CA GLN B 207 10.41 -13.26 55.43
C GLN B 207 9.47 -13.05 54.23
N LEU B 208 9.81 -12.09 53.38
CA LEU B 208 8.97 -11.84 52.20
C LEU B 208 9.04 -13.00 51.21
N PHE B 209 10.19 -13.66 51.11
CA PHE B 209 10.28 -14.82 50.24
C PHE B 209 9.34 -15.92 50.72
N GLU B 210 9.40 -16.25 52.01
CA GLU B 210 8.50 -17.24 52.57
C GLU B 210 7.05 -16.87 52.32
N GLN B 211 6.73 -15.57 52.39
CA GLN B 211 5.36 -15.14 52.08
C GLN B 211 5.01 -15.42 50.64
N GLN B 212 5.99 -15.29 49.73
CA GLN B 212 5.73 -15.59 48.33
C GLN B 212 5.53 -17.08 48.11
N VAL B 213 6.22 -17.92 48.89
CA VAL B 213 6.07 -19.36 48.76
C VAL B 213 4.62 -19.77 49.03
N GLU B 214 4.02 -19.20 50.07
CA GLU B 214 2.63 -19.51 50.39
C GLU B 214 1.67 -19.12 49.29
N MET B 215 2.04 -18.14 48.45
CA MET B 215 1.14 -17.65 47.41
C MET B 215 1.30 -18.39 46.09
N THR B 216 2.52 -18.82 45.75
CA THR B 216 2.80 -19.57 44.53
C THR B 216 3.67 -20.76 44.88
N PRO B 217 3.11 -21.76 45.59
CA PRO B 217 3.96 -22.87 46.06
C PRO B 217 4.44 -23.77 44.95
N ASP B 218 3.63 -24.01 43.94
CA ASP B 218 3.94 -24.98 42.91
C ASP B 218 4.50 -24.34 41.64
N HIS B 219 4.64 -23.02 41.60
CA HIS B 219 5.27 -22.38 40.46
C HIS B 219 6.77 -22.74 40.42
N VAL B 220 7.31 -22.79 39.21
CA VAL B 220 8.74 -23.03 39.05
C VAL B 220 9.52 -21.84 39.55
N ALA B 221 10.50 -22.08 40.42
CA ALA B 221 11.32 -21.03 41.00
C ALA B 221 12.71 -20.96 40.40
N VAL B 222 13.39 -22.09 40.27
CA VAL B 222 14.73 -22.15 39.68
C VAL B 222 14.75 -23.24 38.61
N VAL B 223 15.47 -22.98 37.52
CA VAL B 223 15.69 -23.94 36.46
C VAL B 223 17.19 -24.04 36.21
N ASP B 224 17.75 -25.24 36.32
CA ASP B 224 19.17 -25.46 36.08
C ASP B 224 19.34 -26.70 35.22
N ARG B 225 19.98 -26.53 34.07
CA ARG B 225 20.14 -27.60 33.08
C ARG B 225 18.77 -28.16 32.71
N GLY B 226 18.49 -29.37 33.16
CA GLY B 226 17.21 -29.98 32.86
C GLY B 226 16.25 -30.04 34.03
N GLN B 227 16.78 -29.95 35.26
CA GLN B 227 15.97 -30.08 36.46
C GLN B 227 15.35 -28.75 36.84
N SER B 228 14.42 -28.80 37.80
CA SER B 228 13.71 -27.61 38.24
C SER B 228 13.33 -27.74 39.71
N LEU B 229 13.01 -26.61 40.31
CA LEU B 229 12.58 -26.54 41.69
C LEU B 229 11.40 -25.58 41.79
N THR B 230 10.32 -26.02 42.43
CA THR B 230 9.23 -25.10 42.69
C THR B 230 9.55 -24.25 43.91
N TYR B 231 8.74 -23.21 44.10
CA TYR B 231 8.94 -22.33 45.25
C TYR B 231 8.83 -23.11 46.55
N LYS B 232 7.89 -24.03 46.64
CA LYS B 232 7.76 -24.84 47.84
C LYS B 232 8.97 -25.75 48.04
N GLN B 233 9.52 -26.29 46.95
CA GLN B 233 10.66 -27.18 47.06
C GLN B 233 11.93 -26.42 47.42
N LEU B 234 12.14 -25.25 46.81
CA LEU B 234 13.29 -24.43 47.15
C LEU B 234 13.24 -24.00 48.62
N ASN B 235 12.05 -23.60 49.08
CA ASN B 235 11.89 -23.18 50.48
C ASN B 235 12.17 -24.33 51.43
N GLU B 236 11.54 -25.49 51.18
CA GLU B 236 11.72 -26.63 52.06
C GLU B 236 13.18 -27.10 52.06
N ARG B 237 13.80 -27.17 50.89
CA ARG B 237 15.20 -27.61 50.82
C ARG B 237 16.12 -26.61 51.52
N ALA B 238 15.82 -25.31 51.41
CA ALA B 238 16.62 -24.32 52.12
C ALA B 238 16.40 -24.41 53.62
N ASN B 239 15.15 -24.62 54.05
CA ASN B 239 14.86 -24.73 55.48
C ASN B 239 15.66 -25.86 56.11
N GLN B 240 15.87 -26.96 55.38
CA GLN B 240 16.62 -28.08 55.91
C GLN B 240 18.06 -27.67 56.19
N LEU B 241 18.69 -26.98 55.24
CA LEU B 241 20.07 -26.52 55.44
C LEU B 241 20.12 -25.41 56.48
N ALA B 242 19.04 -24.65 56.64
CA ALA B 242 19.03 -23.57 57.62
C ALA B 242 19.01 -24.11 59.04
N HIS B 243 18.14 -25.09 59.31
CA HIS B 243 18.13 -25.75 60.61
C HIS B 243 19.51 -26.27 60.98
N HIS B 244 20.17 -26.93 60.02
CA HIS B 244 21.52 -27.42 60.26
C HIS B 244 22.49 -26.26 60.48
N LEU B 245 22.32 -25.16 59.74
CA LEU B 245 23.23 -24.03 59.88
C LEU B 245 23.05 -23.34 61.22
N ARG B 246 21.80 -23.12 61.63
CA ARG B 246 21.54 -22.50 62.92
C ARG B 246 22.11 -23.34 64.07
N GLY B 247 21.98 -24.66 63.97
CA GLY B 247 22.54 -25.53 65.00
C GLY B 247 24.05 -25.45 65.07
N LYS B 248 24.72 -25.15 63.96
CA LYS B 248 26.16 -25.01 63.97
C LYS B 248 26.62 -23.70 64.61
N GLY B 249 25.70 -22.80 64.94
CA GLY B 249 26.02 -21.58 65.64
C GLY B 249 25.87 -20.30 64.85
N VAL B 250 25.09 -20.30 63.78
CA VAL B 250 24.93 -19.11 62.95
C VAL B 250 23.97 -18.15 63.65
N LYS B 251 24.46 -16.97 63.98
CA LYS B 251 23.70 -15.93 64.63
C LYS B 251 23.52 -14.73 63.71
N PRO B 252 22.60 -13.82 64.01
CA PRO B 252 22.46 -12.61 63.19
C PRO B 252 23.78 -11.86 63.05
N ASP B 253 23.97 -11.27 61.88
CA ASP B 253 25.16 -10.54 61.45
C ASP B 253 26.39 -11.42 61.27
N ASP B 254 26.27 -12.73 61.47
CA ASP B 254 27.39 -13.63 61.18
C ASP B 254 27.57 -13.78 59.68
N GLN B 255 28.80 -14.04 59.26
CA GLN B 255 29.13 -14.22 57.86
C GLN B 255 29.37 -15.71 57.59
N VAL B 256 28.71 -16.21 56.55
CA VAL B 256 28.89 -17.59 56.10
C VAL B 256 29.31 -17.53 54.64
N ALA B 257 30.48 -18.05 54.33
CA ALA B 257 30.98 -18.02 52.96
C ALA B 257 30.33 -19.12 52.12
N ILE B 258 30.17 -18.82 50.84
CA ILE B 258 29.66 -19.78 49.86
C ILE B 258 30.59 -19.74 48.65
N MET B 259 31.12 -20.89 48.27
CA MET B 259 31.96 -21.03 47.08
C MET B 259 31.37 -22.16 46.25
N LEU B 260 30.51 -21.80 45.30
CA LEU B 260 29.83 -22.76 44.46
C LEU B 260 29.74 -22.22 43.04
N ASP B 261 29.58 -23.13 42.10
CA ASP B 261 29.23 -22.73 40.74
C ASP B 261 27.73 -22.51 40.64
N LYS B 262 27.33 -21.76 39.61
CA LYS B 262 25.91 -21.48 39.42
C LYS B 262 25.12 -22.78 39.24
N SER B 263 24.23 -23.05 40.18
CA SER B 263 23.46 -24.30 40.19
C SER B 263 22.27 -24.14 41.12
N LEU B 264 21.52 -25.23 41.26
CA LEU B 264 20.41 -25.23 42.21
C LEU B 264 20.91 -25.08 43.64
N ASP B 265 22.07 -25.68 43.93
CA ASP B 265 22.60 -25.61 45.29
C ASP B 265 23.03 -24.20 45.67
N MET B 266 23.40 -23.38 44.69
CA MET B 266 23.76 -22.00 44.99
C MET B 266 22.54 -21.22 45.48
N ILE B 267 21.39 -21.42 44.85
CA ILE B 267 20.18 -20.74 45.30
C ILE B 267 19.73 -21.28 46.65
N VAL B 268 19.96 -22.56 46.91
CA VAL B 268 19.59 -23.13 48.20
C VAL B 268 20.51 -22.63 49.30
N SER B 269 21.82 -22.61 49.02
CA SER B 269 22.79 -22.18 50.03
C SER B 269 22.60 -20.71 50.39
N ILE B 270 22.25 -19.88 49.41
CA ILE B 270 22.07 -18.46 49.67
C ILE B 270 20.88 -18.23 50.59
N LEU B 271 19.74 -18.85 50.29
CA LEU B 271 18.57 -18.69 51.13
C LEU B 271 18.74 -19.41 52.46
N ALA B 272 19.56 -20.45 52.50
CA ALA B 272 19.79 -21.16 53.76
C ALA B 272 20.57 -20.29 54.74
N VAL B 273 21.56 -19.55 54.26
CA VAL B 273 22.30 -18.63 55.13
C VAL B 273 21.36 -17.56 55.66
N MET B 274 20.44 -17.08 54.82
CA MET B 274 19.51 -16.05 55.24
C MET B 274 18.55 -16.56 56.31
N LYS B 275 17.95 -17.73 56.08
CA LYS B 275 16.99 -18.26 57.03
C LYS B 275 17.65 -18.62 58.35
N ALA B 276 18.87 -19.15 58.31
CA ALA B 276 19.60 -19.42 59.54
C ALA B 276 19.79 -18.13 60.35
N GLY B 277 19.91 -16.98 59.68
CA GLY B 277 20.01 -15.71 60.35
C GLY B 277 21.20 -14.86 59.95
N GLY B 278 22.18 -15.48 59.31
CA GLY B 278 23.41 -14.81 58.94
C GLY B 278 23.35 -14.12 57.60
N ALA B 279 24.53 -13.74 57.11
CA ALA B 279 24.71 -13.10 55.83
C ALA B 279 25.72 -13.90 55.03
N TYR B 280 25.51 -14.01 53.72
CA TYR B 280 26.33 -14.87 52.88
C TYR B 280 27.41 -14.06 52.17
N VAL B 281 28.61 -14.62 52.11
CA VAL B 281 29.76 -14.01 51.45
C VAL B 281 30.08 -14.82 50.21
N PRO B 282 29.59 -14.41 49.04
CA PRO B 282 29.81 -15.22 47.83
C PRO B 282 31.25 -15.16 47.36
N ILE B 283 31.76 -16.31 46.91
CA ILE B 283 33.13 -16.43 46.43
C ILE B 283 33.11 -17.24 45.14
N ASP B 284 33.43 -16.60 44.03
CA ASP B 284 33.41 -17.26 42.73
C ASP B 284 34.54 -18.28 42.65
N PRO B 285 34.25 -19.55 42.38
CA PRO B 285 35.32 -20.58 42.38
C PRO B 285 36.32 -20.41 41.25
N ASP B 286 36.04 -19.59 40.25
CA ASP B 286 36.98 -19.37 39.16
C ASP B 286 37.92 -18.20 39.40
N TYR B 287 37.79 -17.53 40.55
CA TYR B 287 38.73 -16.46 40.93
C TYR B 287 40.12 -17.05 41.12
N PRO B 288 41.16 -16.22 40.96
CA PRO B 288 42.50 -16.67 41.35
C PRO B 288 42.54 -17.03 42.83
N GLY B 289 43.37 -18.01 43.17
CA GLY B 289 43.44 -18.47 44.54
C GLY B 289 43.86 -17.39 45.51
N GLU B 290 44.65 -16.42 45.04
CA GLU B 290 45.04 -15.30 45.89
C GLU B 290 43.82 -14.53 46.38
N ARG B 291 42.88 -14.25 45.47
CA ARG B 291 41.71 -13.49 45.89
C ARG B 291 40.79 -14.31 46.78
N ILE B 292 40.63 -15.61 46.46
CA ILE B 292 39.83 -16.48 47.32
C ILE B 292 40.39 -16.48 48.73
N ALA B 293 41.72 -16.53 48.86
CA ALA B 293 42.34 -16.49 50.18
C ALA B 293 42.08 -15.15 50.88
N TYR B 294 42.16 -14.06 50.12
CA TYR B 294 41.94 -12.74 50.69
C TYR B 294 40.51 -12.58 51.21
N MET B 295 39.52 -12.95 50.38
CA MET B 295 38.14 -12.83 50.80
C MET B 295 37.84 -13.68 52.03
N LEU B 296 38.30 -14.94 52.01
CA LEU B 296 38.08 -15.82 53.15
C LEU B 296 38.71 -15.26 54.42
N ALA B 297 39.89 -14.65 54.29
CA ALA B 297 40.58 -14.11 55.46
C ALA B 297 39.90 -12.85 55.98
N ASP B 298 39.70 -11.86 55.11
CA ASP B 298 39.09 -10.61 55.52
C ASP B 298 37.70 -10.83 56.11
N SER B 299 36.91 -11.68 55.49
CA SER B 299 35.62 -12.02 56.05
C SER B 299 35.80 -12.81 57.35
N SER B 300 34.99 -12.48 58.36
CA SER B 300 34.93 -13.22 59.61
C SER B 300 34.13 -14.51 59.48
N ALA B 301 34.12 -15.13 58.30
CA ALA B 301 33.33 -16.34 58.10
C ALA B 301 34.07 -17.54 58.66
N ALA B 302 33.40 -18.27 59.57
CA ALA B 302 33.95 -19.50 60.10
C ALA B 302 33.45 -20.73 59.34
N ILE B 303 32.28 -20.62 58.72
CA ILE B 303 31.65 -21.71 57.98
C ILE B 303 31.69 -21.38 56.49
N LEU B 304 32.02 -22.38 55.68
CA LEU B 304 32.04 -22.24 54.22
C LEU B 304 31.21 -23.35 53.61
N LEU B 305 30.10 -23.00 52.96
CA LEU B 305 29.32 -23.96 52.19
C LEU B 305 29.96 -24.10 50.81
N THR B 306 30.40 -25.31 50.47
CA THR B 306 31.09 -25.53 49.20
C THR B 306 30.90 -26.98 48.77
N ASN B 307 31.58 -27.35 47.69
CA ASN B 307 31.55 -28.69 47.11
C ASN B 307 32.84 -29.41 47.41
N ALA B 308 32.85 -30.72 47.11
CA ALA B 308 34.09 -31.46 47.12
C ALA B 308 35.03 -31.03 46.00
N LEU B 309 34.49 -30.44 44.93
CA LEU B 309 35.31 -29.99 43.82
C LEU B 309 36.18 -28.80 44.23
N HIS B 310 35.61 -27.85 44.96
CA HIS B 310 36.33 -26.63 45.33
C HIS B 310 36.77 -26.63 46.79
N GLU B 311 36.75 -27.79 47.46
CA GLU B 311 37.12 -27.86 48.87
C GLU B 311 38.55 -27.40 49.08
N GLU B 312 39.48 -27.88 48.25
CA GLU B 312 40.90 -27.57 48.45
C GLU B 312 41.21 -26.09 48.28
N LYS B 313 40.32 -25.34 47.62
CA LYS B 313 40.58 -23.91 47.40
C LYS B 313 40.52 -23.10 48.69
N ALA B 314 39.93 -23.66 49.75
CA ALA B 314 39.86 -22.96 51.03
C ALA B 314 41.15 -23.09 51.85
N ASN B 315 42.02 -24.03 51.48
CA ASN B 315 43.28 -24.28 52.19
C ASN B 315 43.04 -24.59 53.66
N GLY B 316 41.92 -25.23 53.97
CA GLY B 316 41.62 -25.59 55.34
C GLY B 316 41.49 -24.42 56.28
N ALA B 317 40.89 -23.33 55.81
CA ALA B 317 40.76 -22.11 56.61
C ALA B 317 39.38 -21.94 57.23
N CYS B 318 38.40 -22.78 56.86
CA CYS B 318 37.04 -22.64 57.34
C CYS B 318 36.49 -24.01 57.71
N ASP B 319 35.41 -23.99 58.49
CA ASP B 319 34.64 -25.20 58.77
C ASP B 319 33.84 -25.54 57.51
N ILE B 320 34.32 -26.53 56.76
CA ILE B 320 33.66 -26.90 55.52
C ILE B 320 32.34 -27.58 55.81
N ILE B 321 31.32 -27.26 55.01
CA ILE B 321 30.03 -27.94 55.04
C ILE B 321 29.68 -28.30 53.60
N ASP B 322 29.68 -29.60 53.31
CA ASP B 322 29.41 -30.06 51.95
C ASP B 322 27.91 -30.00 51.68
N VAL B 323 27.54 -29.29 50.61
CA VAL B 323 26.13 -29.16 50.26
C VAL B 323 25.59 -30.37 49.50
N HIS B 324 26.44 -31.35 49.18
CA HIS B 324 26.00 -32.59 48.56
C HIS B 324 25.80 -33.71 49.57
N ASP B 325 26.44 -33.65 50.73
CA ASP B 325 26.29 -34.67 51.76
C ASP B 325 24.94 -34.53 52.45
N PRO B 326 24.13 -35.58 52.48
CA PRO B 326 22.78 -35.45 53.08
C PRO B 326 22.80 -35.18 54.58
N ASP B 327 23.91 -35.46 55.27
CA ASP B 327 23.99 -35.17 56.69
C ASP B 327 23.99 -33.68 56.98
N SER B 328 24.34 -32.86 56.00
CA SER B 328 24.29 -31.40 56.16
C SER B 328 22.86 -30.87 56.11
N TYR B 329 21.87 -31.71 55.82
CA TYR B 329 20.48 -31.28 55.69
C TYR B 329 19.65 -31.92 56.79
N SER B 330 18.95 -31.09 57.55
CA SER B 330 18.06 -31.60 58.59
C SER B 330 16.77 -32.11 57.97
N GLU B 331 15.94 -32.74 58.80
CA GLU B 331 14.68 -33.29 58.35
C GLU B 331 13.52 -32.31 58.51
N ASN B 332 13.72 -31.23 59.28
CA ASN B 332 12.68 -30.22 59.46
C ASN B 332 12.63 -29.35 58.21
N THR B 333 11.55 -29.47 57.45
CA THR B 333 11.36 -28.66 56.25
C THR B 333 10.52 -27.42 56.53
N ASN B 334 10.22 -27.14 57.79
CA ASN B 334 9.39 -25.99 58.12
C ASN B 334 10.24 -24.73 58.23
N ASN B 335 9.58 -23.59 58.10
CA ASN B 335 10.27 -22.31 58.20
C ASN B 335 10.89 -22.14 59.59
N LEU B 336 12.09 -21.57 59.61
CA LEU B 336 12.75 -21.32 60.88
C LEU B 336 12.04 -20.21 61.64
N PRO B 337 12.16 -20.17 62.96
CA PRO B 337 11.66 -19.02 63.72
C PRO B 337 12.51 -17.79 63.45
N HIS B 338 11.86 -16.68 63.15
CA HIS B 338 12.57 -15.48 62.71
C HIS B 338 13.35 -14.87 63.87
N VAL B 339 14.63 -14.55 63.62
CA VAL B 339 15.50 -13.98 64.65
C VAL B 339 16.19 -12.74 64.13
N ASN B 340 15.76 -12.24 62.98
CA ASN B 340 16.45 -11.17 62.28
C ASN B 340 15.65 -9.87 62.33
N ARG B 341 16.37 -8.76 62.35
CA ARG B 341 15.87 -7.42 62.18
C ARG B 341 16.30 -6.86 60.82
N PRO B 342 15.52 -5.96 60.22
CA PRO B 342 15.84 -5.49 58.86
C PRO B 342 17.20 -4.82 58.74
N ASP B 343 17.80 -4.35 59.84
CA ASP B 343 19.11 -3.72 59.78
C ASP B 343 20.25 -4.72 59.93
N ASP B 344 19.96 -6.02 59.94
CA ASP B 344 21.00 -7.02 59.99
C ASP B 344 21.59 -7.26 58.62
N LEU B 345 22.86 -7.67 58.59
CA LEU B 345 23.52 -7.96 57.32
C LEU B 345 22.77 -9.04 56.55
N VAL B 346 22.83 -8.94 55.22
CA VAL B 346 22.25 -9.93 54.32
C VAL B 346 23.29 -10.53 53.38
N TYR B 347 24.26 -9.73 52.94
CA TYR B 347 25.38 -10.26 52.17
C TYR B 347 26.54 -9.28 52.26
N VAL B 348 27.75 -9.79 52.01
CA VAL B 348 28.96 -8.99 51.97
C VAL B 348 29.60 -9.22 50.61
N MET B 349 29.47 -8.24 49.72
CA MET B 349 30.13 -8.28 48.43
C MET B 349 31.44 -7.51 48.48
N TYR B 350 32.34 -7.83 47.55
CA TYR B 350 33.66 -7.23 47.50
C TYR B 350 33.81 -6.43 46.21
N THR B 351 34.63 -5.39 46.27
CA THR B 351 34.90 -4.54 45.12
C THR B 351 36.09 -5.08 44.32
N SER B 352 36.27 -4.51 43.13
CA SER B 352 37.32 -4.96 42.23
C SER B 352 38.68 -4.53 42.77
N GLY B 353 39.73 -5.13 42.18
CA GLY B 353 41.09 -4.80 42.56
C GLY B 353 41.88 -4.18 41.42
N SER B 354 41.21 -3.38 40.59
CA SER B 354 41.90 -2.67 39.52
C SER B 354 42.94 -1.71 40.08
N THR B 355 42.53 -0.83 40.99
CA THR B 355 43.46 -0.03 41.77
C THR B 355 44.06 -0.78 42.94
N GLY B 356 43.71 -2.06 43.11
CA GLY B 356 44.11 -2.83 44.25
C GLY B 356 43.08 -2.74 45.37
N LEU B 357 43.55 -2.77 46.63
CA LEU B 357 42.76 -2.55 47.83
C LEU B 357 41.32 -3.05 47.75
N ALA B 358 41.14 -4.37 47.74
CA ALA B 358 39.81 -4.95 47.64
C ALA B 358 39.10 -4.85 48.98
N LYS B 359 37.93 -4.23 49.01
CA LYS B 359 37.20 -3.97 50.24
C LYS B 359 35.85 -4.70 50.21
N GLY B 360 35.41 -5.13 51.38
CA GLY B 360 34.15 -5.85 51.50
C GLY B 360 32.96 -4.98 51.85
N VAL B 361 32.09 -4.74 50.88
CA VAL B 361 30.91 -3.91 51.07
C VAL B 361 29.86 -4.69 51.84
N MET B 362 29.35 -4.11 52.92
CA MET B 362 28.34 -4.74 53.76
C MET B 362 26.96 -4.18 53.43
N ILE B 363 26.01 -5.08 53.17
CA ILE B 363 24.65 -4.71 52.79
C ILE B 363 23.68 -5.32 53.80
N GLU B 364 22.67 -4.56 54.19
CA GLU B 364 21.69 -4.98 55.18
C GLU B 364 20.38 -5.40 54.49
N HIS B 365 19.54 -6.09 55.27
CA HIS B 365 18.30 -6.63 54.72
C HIS B 365 17.40 -5.53 54.16
N HIS B 366 17.28 -4.41 54.88
CA HIS B 366 16.40 -3.34 54.43
C HIS B 366 16.89 -2.69 53.14
N ASN B 367 18.18 -2.80 52.83
CA ASN B 367 18.68 -2.28 51.56
C ASN B 367 18.17 -3.12 50.39
N LEU B 368 18.21 -4.44 50.54
CA LEU B 368 17.78 -5.32 49.45
C LEU B 368 16.27 -5.33 49.30
N VAL B 369 15.54 -5.31 50.42
CA VAL B 369 14.07 -5.29 50.36
C VAL B 369 13.59 -4.03 49.67
N ASN B 370 14.22 -2.89 49.98
CA ASN B 370 13.85 -1.63 49.35
C ASN B 370 13.98 -1.70 47.83
N PHE B 371 15.06 -2.33 47.35
CA PHE B 371 15.28 -2.45 45.91
C PHE B 371 14.32 -3.45 45.29
N CYS B 372 14.14 -4.62 45.91
CA CYS B 372 13.27 -5.63 45.35
C CYS B 372 11.82 -5.15 45.33
N GLU B 373 11.39 -4.44 46.37
CA GLU B 373 10.03 -3.94 46.43
C GLU B 373 9.79 -2.80 45.44
N TRP B 374 10.87 -2.17 44.95
CA TRP B 374 10.75 -1.20 43.88
C TRP B 374 10.84 -1.86 42.50
N TYR B 375 11.67 -2.90 42.37
CA TYR B 375 11.92 -3.50 41.07
C TYR B 375 10.66 -4.11 40.48
N ARG B 376 9.89 -4.84 41.30
CA ARG B 376 8.74 -5.57 40.78
C ARG B 376 7.68 -4.65 40.19
N PRO B 377 7.20 -3.61 40.89
CA PRO B 377 6.17 -2.75 40.27
C PRO B 377 6.71 -1.90 39.14
N TYR B 378 7.97 -1.47 39.21
CA TYR B 378 8.52 -0.61 38.17
C TYR B 378 8.60 -1.33 36.83
N PHE B 379 8.89 -2.63 36.86
CA PHE B 379 8.98 -3.41 35.64
C PHE B 379 7.78 -4.33 35.43
N GLY B 380 6.79 -4.28 36.32
CA GLY B 380 5.62 -5.12 36.16
C GLY B 380 5.92 -6.60 36.12
N VAL B 381 6.79 -7.08 37.00
CA VAL B 381 7.14 -8.48 37.00
C VAL B 381 6.01 -9.30 37.59
N THR B 382 5.58 -10.33 36.86
CA THR B 382 4.52 -11.23 37.29
C THR B 382 5.08 -12.64 37.36
N PRO B 383 4.36 -13.60 37.94
CA PRO B 383 4.86 -15.00 37.95
C PRO B 383 5.05 -15.58 36.55
N ALA B 384 4.52 -14.93 35.52
CA ALA B 384 4.68 -15.41 34.16
C ALA B 384 6.03 -15.08 33.55
N ASP B 385 6.89 -14.33 34.24
CA ASP B 385 8.17 -13.92 33.68
C ASP B 385 9.24 -14.98 33.93
N LYS B 386 10.28 -14.94 33.10
CA LYS B 386 11.45 -15.80 33.24
C LYS B 386 12.69 -14.92 33.19
N ALA B 387 13.63 -15.16 34.09
CA ALA B 387 14.78 -14.28 34.25
C ALA B 387 16.08 -15.09 34.17
N LEU B 388 17.14 -14.42 33.74
CA LEU B 388 18.47 -14.99 33.61
C LEU B 388 19.29 -14.70 34.85
N VAL B 389 19.97 -15.72 35.38
CA VAL B 389 20.97 -15.52 36.42
C VAL B 389 22.32 -15.53 35.70
N TYR B 390 22.70 -14.36 35.16
CA TYR B 390 23.84 -14.21 34.28
C TYR B 390 25.12 -13.81 35.00
N SER B 391 25.06 -12.83 35.89
CA SER B 391 26.25 -12.29 36.53
C SER B 391 26.77 -13.23 37.61
N SER B 392 28.07 -13.13 37.87
CA SER B 392 28.70 -13.92 38.92
C SER B 392 28.05 -13.61 40.28
N PHE B 393 27.83 -14.66 41.08
CA PHE B 393 27.12 -14.42 42.33
C PHE B 393 27.96 -13.64 43.35
N SER B 394 29.21 -13.33 43.02
CA SER B 394 30.04 -12.40 43.78
C SER B 394 29.86 -10.95 43.33
N PHE B 395 28.85 -10.66 42.52
CA PHE B 395 28.58 -9.31 42.03
C PHE B 395 27.11 -8.97 42.29
N ASP B 396 26.84 -7.69 42.54
CA ASP B 396 25.47 -7.29 42.86
C ASP B 396 24.54 -7.39 41.67
N GLY B 397 25.04 -7.60 40.46
CA GLY B 397 24.17 -7.92 39.35
C GLY B 397 23.38 -9.19 39.61
N SER B 398 24.04 -10.19 40.18
CA SER B 398 23.35 -11.45 40.48
C SER B 398 22.28 -11.24 41.55
N ALA B 399 22.47 -10.27 42.45
CA ALA B 399 21.43 -9.97 43.42
C ALA B 399 20.17 -9.49 42.73
N LEU B 400 20.30 -8.63 41.72
CA LEU B 400 19.15 -8.27 40.90
C LEU B 400 18.58 -9.49 40.19
N ASP B 401 19.46 -10.40 39.74
CA ASP B 401 19.00 -11.57 39.00
C ASP B 401 18.09 -12.43 39.88
N ILE B 402 18.53 -12.74 41.10
CA ILE B 402 17.91 -13.75 41.94
C ILE B 402 16.79 -13.16 42.78
N PHE B 403 17.13 -12.16 43.61
CA PHE B 403 16.23 -11.75 44.69
C PHE B 403 15.02 -10.99 44.16
N THR B 404 15.20 -10.18 43.13
CA THR B 404 14.09 -9.36 42.64
C THR B 404 12.99 -10.24 42.06
N HIS B 405 13.36 -11.19 41.20
CA HIS B 405 12.37 -12.01 40.52
C HIS B 405 11.79 -13.10 41.42
N LEU B 406 12.50 -13.49 42.48
CA LEU B 406 11.95 -14.48 43.39
C LEU B 406 10.82 -13.91 44.23
N LEU B 407 10.81 -12.59 44.44
CA LEU B 407 9.74 -11.97 45.18
C LEU B 407 8.52 -11.69 44.31
N ALA B 408 8.61 -11.93 43.00
CA ALA B 408 7.52 -11.70 42.08
C ALA B 408 6.82 -12.99 41.65
N GLY B 409 7.41 -14.15 41.95
CA GLY B 409 6.85 -15.40 41.52
C GLY B 409 7.38 -15.93 40.21
N ALA B 410 8.44 -15.31 39.69
CA ALA B 410 8.99 -15.68 38.40
C ALA B 410 9.93 -16.87 38.54
N ALA B 411 10.50 -17.29 37.41
CA ALA B 411 11.38 -18.45 37.35
C ALA B 411 12.80 -18.00 37.02
N LEU B 412 13.76 -18.45 37.82
CA LEU B 412 15.16 -18.15 37.58
C LEU B 412 15.77 -19.24 36.72
N HIS B 413 16.47 -18.84 35.66
CA HIS B 413 17.13 -19.76 34.75
C HIS B 413 18.65 -19.60 34.92
N ILE B 414 19.28 -20.62 35.49
CA ILE B 414 20.72 -20.57 35.74
C ILE B 414 21.47 -20.65 34.42
N VAL B 415 22.35 -19.68 34.20
CA VAL B 415 23.22 -19.66 33.02
C VAL B 415 24.59 -20.16 33.46
N PRO B 416 25.01 -21.36 33.08
CA PRO B 416 26.36 -21.83 33.44
C PRO B 416 27.41 -20.87 32.88
N SER B 417 28.33 -20.45 33.76
CA SER B 417 29.42 -19.56 33.33
C SER B 417 30.23 -20.13 32.18
N GLU B 418 30.14 -21.44 31.94
CA GLU B 418 30.69 -22.02 30.72
C GLU B 418 29.95 -21.50 29.48
N ARG B 419 28.65 -21.21 29.61
CA ARG B 419 27.81 -20.79 28.49
C ARG B 419 27.22 -19.41 28.76
N LYS B 420 28.06 -18.39 28.99
CA LYS B 420 27.53 -17.04 29.06
C LYS B 420 28.35 -16.07 28.22
N TYR B 421 29.31 -16.57 27.44
CA TYR B 421 30.13 -15.73 26.59
C TYR B 421 29.83 -15.91 25.11
N ASP B 422 29.09 -16.95 24.74
CA ASP B 422 28.55 -17.10 23.39
C ASP B 422 27.18 -16.44 23.39
N LEU B 423 27.10 -15.23 22.87
CA LEU B 423 25.85 -14.49 22.89
C LEU B 423 24.85 -15.06 21.90
N ASP B 424 25.34 -15.68 20.82
CA ASP B 424 24.44 -16.38 19.89
C ASP B 424 23.75 -17.53 20.59
N ALA B 425 24.50 -18.31 21.38
CA ALA B 425 23.89 -19.43 22.10
C ALA B 425 22.93 -18.93 23.17
N LEU B 426 23.31 -17.88 23.90
CA LEU B 426 22.43 -17.32 24.91
C LEU B 426 21.13 -16.83 24.30
N ASN B 427 21.23 -16.11 23.17
CA ASN B 427 20.03 -15.62 22.50
C ASN B 427 19.12 -16.77 22.08
N ASP B 428 19.71 -17.90 21.66
CA ASP B 428 18.92 -19.07 21.33
C ASP B 428 18.21 -19.61 22.57
N TYR B 429 18.94 -19.79 23.66
CA TYR B 429 18.35 -20.22 24.92
C TYR B 429 17.20 -19.30 25.32
N CYS B 430 17.44 -17.98 25.30
CA CYS B 430 16.40 -17.04 25.70
C CYS B 430 15.18 -17.15 24.80
N ASN B 431 15.40 -17.37 23.50
CA ASN B 431 14.27 -17.51 22.59
C ASN B 431 13.58 -18.86 22.75
N GLN B 432 14.34 -19.91 23.05
CA GLN B 432 13.76 -21.24 23.18
C GLN B 432 13.06 -21.42 24.52
N GLU B 433 13.52 -20.73 25.57
CA GLU B 433 12.95 -20.87 26.88
C GLU B 433 11.97 -19.77 27.25
N GLY B 434 11.98 -18.65 26.54
CA GLY B 434 11.02 -17.59 26.77
C GLY B 434 11.41 -16.61 27.86
N ILE B 435 12.70 -16.29 27.94
CA ILE B 435 13.18 -15.32 28.92
C ILE B 435 12.65 -13.94 28.58
N THR B 436 12.06 -13.28 29.56
CA THR B 436 11.38 -12.01 29.36
C THR B 436 12.11 -10.80 29.95
N ILE B 437 12.73 -10.95 31.12
CA ILE B 437 13.37 -9.86 31.82
C ILE B 437 14.71 -10.35 32.34
N SER B 438 15.72 -9.47 32.32
CA SER B 438 17.05 -9.83 32.78
C SER B 438 17.93 -8.60 32.79
N TYR B 439 19.03 -8.68 33.52
CA TYR B 439 20.05 -7.64 33.55
C TYR B 439 21.31 -8.15 32.88
N LEU B 440 21.78 -7.43 31.87
CA LEU B 440 23.04 -7.71 31.24
C LEU B 440 23.99 -6.54 31.43
N PRO B 441 25.26 -6.80 31.77
CA PRO B 441 26.23 -5.70 31.86
C PRO B 441 26.34 -4.94 30.53
N THR B 442 26.85 -3.72 30.62
CA THR B 442 26.85 -2.82 29.47
C THR B 442 27.60 -3.43 28.29
N GLY B 443 28.75 -4.07 28.54
CA GLY B 443 29.50 -4.66 27.44
C GLY B 443 28.79 -5.84 26.80
N ALA B 444 28.21 -6.72 27.62
CA ALA B 444 27.51 -7.88 27.08
C ALA B 444 26.22 -7.48 26.40
N ALA B 445 25.54 -6.44 26.92
CA ALA B 445 24.28 -6.02 26.33
C ALA B 445 24.49 -5.45 24.93
N GLU B 446 25.48 -4.57 24.77
CA GLU B 446 25.73 -3.96 23.47
C GLU B 446 26.07 -4.99 22.40
N GLN B 447 26.60 -6.15 22.80
CA GLN B 447 26.84 -7.24 21.86
C GLN B 447 25.68 -8.22 21.79
N PHE B 448 24.67 -8.07 22.65
CA PHE B 448 23.44 -8.83 22.54
C PHE B 448 22.41 -8.12 21.68
N MET B 449 22.52 -6.78 21.53
CA MET B 449 21.59 -6.03 20.72
C MET B 449 21.70 -6.38 19.25
N GLN B 450 22.84 -6.93 18.83
CA GLN B 450 23.02 -7.33 17.44
C GLN B 450 22.38 -8.67 17.12
N MET B 451 22.02 -9.46 18.13
CA MET B 451 21.42 -10.77 17.92
C MET B 451 19.92 -10.65 17.76
N ASP B 452 19.33 -11.65 17.10
CA ASP B 452 17.91 -11.66 16.78
C ASP B 452 17.16 -12.30 17.96
N ASN B 453 16.48 -11.47 18.74
CA ASN B 453 15.77 -11.91 19.93
C ASN B 453 14.29 -11.58 19.78
N GLN B 454 13.43 -12.55 20.11
CA GLN B 454 11.99 -12.34 20.07
C GLN B 454 11.33 -12.77 21.39
N SER B 455 12.09 -12.81 22.48
CA SER B 455 11.58 -13.28 23.76
C SER B 455 11.64 -12.22 24.86
N PHE B 456 12.64 -11.36 24.86
CA PHE B 456 12.76 -10.36 25.91
C PHE B 456 11.71 -9.26 25.75
N ARG B 457 11.10 -8.88 26.87
CA ARG B 457 10.26 -7.69 26.92
C ARG B 457 10.96 -6.51 27.57
N VAL B 458 11.95 -6.78 28.44
CA VAL B 458 12.68 -5.74 29.16
C VAL B 458 14.13 -6.21 29.31
N VAL B 459 15.07 -5.36 28.93
CA VAL B 459 16.49 -5.62 29.14
C VAL B 459 17.06 -4.44 29.91
N ILE B 460 17.69 -4.73 31.05
CA ILE B 460 18.29 -3.71 31.90
C ILE B 460 19.80 -3.80 31.78
N THR B 461 20.45 -2.65 31.68
CA THR B 461 21.90 -2.60 31.54
C THR B 461 22.46 -1.49 32.43
N GLY B 462 23.78 -1.45 32.52
CA GLY B 462 24.46 -0.51 33.39
C GLY B 462 25.79 -1.06 33.85
N GLY B 463 26.59 -0.17 34.43
CA GLY B 463 27.92 -0.54 34.88
C GLY B 463 29.00 0.25 34.18
N ASP B 464 28.91 0.29 32.85
CA ASP B 464 29.78 1.10 32.02
C ASP B 464 28.95 2.19 31.33
N VAL B 465 29.56 2.89 30.39
CA VAL B 465 28.89 3.95 29.66
C VAL B 465 28.16 3.34 28.46
N LEU B 466 26.85 3.48 28.44
CA LEU B 466 26.04 2.95 27.34
C LEU B 466 26.08 3.91 26.16
N LYS B 467 26.27 3.35 24.97
CA LYS B 467 26.30 4.14 23.74
C LYS B 467 25.35 3.60 22.67
N LYS B 468 25.29 2.29 22.50
CA LYS B 468 24.47 1.68 21.46
C LYS B 468 23.05 1.49 21.96
N ILE B 469 22.08 1.94 21.16
CA ILE B 469 20.66 1.69 21.45
C ILE B 469 19.96 0.91 20.34
N GLU B 470 20.57 0.78 19.16
CA GLU B 470 19.96 0.03 18.08
C GLU B 470 20.03 -1.46 18.39
N ARG B 471 18.87 -2.11 18.44
CA ARG B 471 18.78 -3.50 18.83
C ARG B 471 17.80 -4.25 17.92
N ASN B 472 18.05 -5.55 17.77
CA ASN B 472 17.18 -6.43 16.98
C ASN B 472 16.23 -7.14 17.93
N GLY B 473 15.24 -6.41 18.40
CA GLY B 473 14.25 -6.97 19.30
C GLY B 473 13.18 -5.95 19.61
N THR B 474 12.07 -6.47 20.14
CA THR B 474 10.95 -5.63 20.54
C THR B 474 10.95 -5.32 22.04
N TYR B 475 12.11 -5.41 22.69
CA TYR B 475 12.20 -5.22 24.12
C TYR B 475 12.59 -3.80 24.48
N LYS B 476 12.12 -3.33 25.64
CA LYS B 476 12.53 -2.03 26.15
C LYS B 476 13.95 -2.10 26.67
N LEU B 477 14.69 -1.01 26.49
CA LEU B 477 16.06 -0.90 26.96
C LEU B 477 16.10 0.05 28.16
N TYR B 478 16.73 -0.37 29.24
CA TYR B 478 16.84 0.43 30.45
C TYR B 478 18.30 0.56 30.84
N ASN B 479 18.66 1.74 31.35
CA ASN B 479 20.01 2.03 31.80
C ASN B 479 19.96 2.47 33.27
N GLY B 480 20.79 1.84 34.09
CA GLY B 480 20.79 2.12 35.51
C GLY B 480 22.18 2.43 36.02
N TYR B 481 22.23 3.05 37.19
CA TYR B 481 23.47 3.45 37.84
C TYR B 481 23.38 3.17 39.33
N GLY B 482 24.52 2.80 39.92
CA GLY B 482 24.59 2.61 41.35
C GLY B 482 25.87 1.93 41.78
N PRO B 483 26.49 2.41 42.85
CA PRO B 483 27.64 1.72 43.43
C PRO B 483 27.19 0.54 44.28
N THR B 484 28.10 -0.41 44.44
CA THR B 484 27.84 -1.55 45.32
C THR B 484 27.54 -1.11 46.74
N GLU B 485 28.14 0.00 47.17
CA GLU B 485 27.91 0.54 48.51
C GLU B 485 26.46 0.95 48.73
N CYS B 486 25.71 1.22 47.66
CA CYS B 486 24.31 1.61 47.78
C CYS B 486 23.41 0.61 47.07
N THR B 487 23.46 -0.64 47.52
CA THR B 487 22.72 -1.79 46.95
C THR B 487 23.12 -1.92 45.48
N ILE B 488 22.20 -2.26 44.58
CA ILE B 488 22.54 -2.62 43.21
C ILE B 488 22.56 -1.38 42.34
N MET B 489 21.44 -0.67 42.30
CA MET B 489 21.34 0.58 41.56
C MET B 489 20.53 1.58 42.38
N VAL B 490 20.76 2.86 42.07
CA VAL B 490 19.99 3.93 42.69
C VAL B 490 19.19 4.75 41.70
N THR B 491 19.47 4.64 40.40
CA THR B 491 18.73 5.36 39.37
C THR B 491 18.37 4.41 38.24
N MET B 492 17.28 4.71 37.55
CA MET B 492 16.85 3.95 36.40
C MET B 492 16.40 4.90 35.30
N PHE B 493 16.66 4.51 34.05
CA PHE B 493 16.27 5.30 32.89
C PHE B 493 15.83 4.39 31.77
N GLU B 494 14.70 4.71 31.15
CA GLU B 494 14.23 4.00 29.97
C GLU B 494 14.75 4.71 28.72
N VAL B 495 15.58 4.01 27.95
CA VAL B 495 16.15 4.59 26.73
C VAL B 495 15.04 4.67 25.68
N ASP B 496 14.57 5.89 25.42
CA ASP B 496 13.48 6.11 24.48
C ASP B 496 13.92 6.68 23.14
N LYS B 497 15.14 7.18 23.04
CA LYS B 497 15.61 7.86 21.83
C LYS B 497 17.14 7.92 21.89
N PRO B 498 17.79 8.25 20.80
CA PRO B 498 19.25 8.41 20.84
C PRO B 498 19.67 9.60 21.70
N TYR B 499 20.84 9.48 22.29
CA TYR B 499 21.43 10.56 23.10
C TYR B 499 22.93 10.60 22.83
N ALA B 500 23.49 11.79 22.93
CA ALA B 500 24.95 11.90 23.00
C ALA B 500 25.46 11.33 24.31
N ASN B 501 24.80 11.64 25.42
CA ASN B 501 25.04 11.02 26.72
C ASN B 501 23.71 10.48 27.21
N ILE B 502 23.55 9.16 27.17
CA ILE B 502 22.31 8.52 27.63
C ILE B 502 22.22 8.70 29.14
N PRO B 503 21.14 9.29 29.64
CA PRO B 503 21.04 9.56 31.08
C PRO B 503 20.95 8.29 31.89
N ILE B 504 21.35 8.41 33.16
CA ILE B 504 21.18 7.33 34.13
C ILE B 504 19.84 7.40 34.84
N GLY B 505 19.06 8.46 34.64
CA GLY B 505 17.68 8.48 35.05
C GLY B 505 17.35 9.16 36.37
N LYS B 506 16.29 8.70 37.00
CA LYS B 506 15.75 9.25 38.23
C LYS B 506 15.92 8.28 39.39
N PRO B 507 15.97 8.78 40.63
CA PRO B 507 16.21 7.89 41.77
C PRO B 507 15.07 6.91 41.98
N ILE B 508 15.41 5.74 42.55
CA ILE B 508 14.42 4.73 42.86
C ILE B 508 13.74 5.07 44.18
N ASP B 509 12.96 4.14 44.71
CA ASP B 509 12.20 4.38 45.93
C ASP B 509 13.12 4.70 47.10
N ARG B 510 12.68 5.62 47.94
CA ARG B 510 13.37 5.98 49.18
C ARG B 510 14.83 6.35 48.92
N THR B 511 15.06 7.05 47.81
CA THR B 511 16.40 7.42 47.40
C THR B 511 16.38 8.86 46.90
N ARG B 512 17.37 9.64 47.33
CA ARG B 512 17.55 11.00 46.85
C ARG B 512 18.99 11.18 46.39
N ILE B 513 19.17 11.87 45.27
CA ILE B 513 20.49 12.17 44.72
C ILE B 513 20.73 13.67 44.83
N LEU B 514 21.92 14.04 45.30
CA LEU B 514 22.31 15.44 45.43
C LEU B 514 23.62 15.65 44.69
N ILE B 515 23.69 16.72 43.90
CA ILE B 515 24.90 17.11 43.19
C ILE B 515 25.56 18.22 44.00
N LEU B 516 26.74 17.93 44.57
CA LEU B 516 27.42 18.87 45.45
C LEU B 516 28.79 19.21 44.90
N ASP B 517 29.33 20.33 45.40
CA ASP B 517 30.62 20.83 44.97
C ASP B 517 31.70 20.32 45.94
N GLU B 518 32.89 20.95 45.92
CA GLU B 518 33.98 20.51 46.77
C GLU B 518 33.70 20.77 48.25
N ALA B 519 32.84 21.75 48.56
CA ALA B 519 32.49 22.07 49.94
C ALA B 519 31.13 21.50 50.33
N LEU B 520 30.65 20.49 49.61
CA LEU B 520 29.38 19.82 49.90
C LEU B 520 28.19 20.77 49.82
N ALA B 521 28.33 21.84 49.04
CA ALA B 521 27.24 22.79 48.83
C ALA B 521 26.39 22.35 47.63
N LEU B 522 25.09 22.65 47.72
CA LEU B 522 24.17 22.28 46.66
C LEU B 522 24.50 23.04 45.37
N GLN B 523 24.58 22.30 44.25
CA GLN B 523 24.81 22.89 42.94
C GLN B 523 23.47 23.13 42.24
N PRO B 524 23.36 24.20 41.45
CA PRO B 524 22.11 24.43 40.71
C PRO B 524 21.93 23.38 39.63
N ILE B 525 20.68 23.29 39.15
CA ILE B 525 20.37 22.35 38.07
C ILE B 525 21.18 22.72 36.84
N GLY B 526 21.79 21.72 36.21
CA GLY B 526 22.63 21.91 35.06
C GLY B 526 24.11 22.06 35.38
N VAL B 527 24.44 22.55 36.57
CA VAL B 527 25.83 22.67 37.00
C VAL B 527 26.32 21.31 37.46
N ALA B 528 27.58 20.99 37.14
CA ALA B 528 28.13 19.70 37.47
C ALA B 528 28.63 19.67 38.91
N GLY B 529 28.96 18.46 39.36
CA GLY B 529 29.45 18.26 40.70
C GLY B 529 29.50 16.78 41.03
N GLU B 530 29.86 16.50 42.28
CA GLU B 530 29.94 15.12 42.74
C GLU B 530 28.55 14.60 43.10
N LEU B 531 28.30 13.35 42.73
CA LEU B 531 27.03 12.69 43.02
C LEU B 531 27.05 12.12 44.44
N PHE B 532 26.03 12.47 45.23
CA PHE B 532 25.88 12.00 46.60
C PHE B 532 24.55 11.29 46.72
N ILE B 533 24.56 10.11 47.35
CA ILE B 533 23.37 9.25 47.47
C ILE B 533 22.86 9.29 48.89
N VAL B 534 21.57 9.55 49.05
CA VAL B 534 20.88 9.57 50.34
C VAL B 534 19.67 8.66 50.25
N GLY B 535 19.50 7.78 51.22
CA GLY B 535 18.27 7.01 51.29
C GLY B 535 18.52 5.61 51.83
N GLU B 536 17.56 4.73 51.54
CA GLU B 536 17.51 3.38 52.09
C GLU B 536 18.43 2.40 51.37
N GLY B 537 19.21 2.84 50.39
CA GLY B 537 20.10 1.94 49.69
C GLY B 537 21.48 1.89 50.32
N LEU B 538 21.78 2.87 51.17
CA LEU B 538 23.11 2.96 51.76
C LEU B 538 23.37 1.77 52.67
N GLY B 539 24.47 1.05 52.40
CA GLY B 539 24.85 -0.08 53.21
C GLY B 539 25.45 0.33 54.55
N ARG B 540 25.95 -0.67 55.27
CA ARG B 540 26.51 -0.42 56.60
C ARG B 540 27.92 0.15 56.53
N GLY B 541 28.66 -0.16 55.48
CA GLY B 541 30.01 0.35 55.32
C GLY B 541 30.94 -0.76 54.86
N TYR B 542 32.24 -0.49 54.99
CA TYR B 542 33.25 -1.45 54.56
C TYR B 542 33.67 -2.32 55.74
N LEU B 543 33.60 -3.63 55.55
CA LEU B 543 33.99 -4.57 56.60
C LEU B 543 35.44 -4.34 57.02
N ASN B 544 35.65 -4.18 58.32
CA ASN B 544 36.97 -4.02 58.93
C ASN B 544 37.69 -2.76 58.47
N ARG B 545 36.98 -1.78 57.91
CA ARG B 545 37.56 -0.51 57.49
C ARG B 545 36.69 0.64 58.01
N PRO B 546 36.65 0.83 59.34
CA PRO B 546 35.79 1.90 59.87
C PRO B 546 36.25 3.29 59.49
N GLU B 547 37.55 3.49 59.24
CA GLU B 547 38.02 4.81 58.85
C GLU B 547 37.67 5.14 57.41
N LEU B 548 37.84 4.17 56.51
CA LEU B 548 37.41 4.36 55.13
C LEU B 548 35.90 4.56 55.05
N THR B 549 35.15 3.84 55.89
CA THR B 549 33.71 4.03 55.95
C THR B 549 33.35 5.48 56.26
N ALA B 550 34.05 6.08 57.23
CA ALA B 550 33.77 7.46 57.58
C ALA B 550 34.11 8.41 56.44
N GLU B 551 35.07 8.06 55.59
CA GLU B 551 35.43 8.93 54.48
C GLU B 551 34.33 8.97 53.43
N LYS B 552 33.74 7.82 53.10
CA LYS B 552 32.75 7.72 52.03
C LYS B 552 31.33 7.85 52.55
N PHE B 553 31.02 7.23 53.68
CA PHE B 553 29.71 7.39 54.30
C PHE B 553 29.80 8.55 55.29
N ILE B 554 29.40 9.74 54.85
CA ILE B 554 29.56 10.94 55.64
C ILE B 554 28.22 11.39 56.19
N VAL B 555 28.28 12.27 57.19
CA VAL B 555 27.12 13.00 57.67
C VAL B 555 27.29 14.44 57.18
N HIS B 556 26.28 14.97 56.53
CA HIS B 556 26.41 16.29 55.94
C HIS B 556 26.48 17.35 57.04
N PRO B 557 27.43 18.29 56.98
CA PRO B 557 27.60 19.25 58.08
C PRO B 557 26.47 20.27 58.22
N GLN B 558 25.56 20.34 57.25
CA GLN B 558 24.42 21.26 57.33
C GLN B 558 23.09 20.55 57.43
N THR B 559 22.88 19.46 56.68
CA THR B 559 21.63 18.72 56.72
C THR B 559 21.65 17.58 57.73
N GLY B 560 22.82 17.13 58.15
CA GLY B 560 22.91 16.04 59.10
C GLY B 560 22.55 14.68 58.56
N GLU B 561 22.35 14.55 57.25
CA GLU B 561 21.97 13.29 56.64
C GLU B 561 23.20 12.45 56.33
N ARG B 562 23.03 11.13 56.43
CA ARG B 562 24.09 10.20 56.03
C ARG B 562 24.06 10.05 54.52
N MET B 563 25.16 10.37 53.87
CA MET B 563 25.25 10.35 52.42
C MET B 563 26.48 9.57 51.99
N TYR B 564 26.43 9.03 50.78
CA TYR B 564 27.55 8.31 50.21
C TYR B 564 28.26 9.17 49.18
N ARG B 565 29.59 9.21 49.26
CA ARG B 565 30.45 9.96 48.35
C ARG B 565 30.86 9.05 47.20
N THR B 566 30.24 9.24 46.04
CA THR B 566 30.46 8.33 44.92
C THR B 566 31.82 8.51 44.25
N GLY B 567 32.33 9.74 44.21
CA GLY B 567 33.48 10.01 43.38
C GLY B 567 33.15 10.17 41.91
N ASP B 568 31.88 10.38 41.59
CA ASP B 568 31.41 10.49 40.21
C ASP B 568 30.90 11.89 39.94
N ARG B 569 31.35 12.48 38.83
CA ARG B 569 30.82 13.74 38.37
C ARG B 569 29.46 13.52 37.71
N ALA B 570 28.52 14.42 37.98
CA ALA B 570 27.19 14.27 37.42
C ALA B 570 26.51 15.63 37.36
N ARG B 571 25.36 15.66 36.68
CA ARG B 571 24.62 16.89 36.47
C ARG B 571 23.14 16.56 36.34
N PHE B 572 22.29 17.40 36.93
CA PHE B 572 20.85 17.24 36.80
C PHE B 572 20.36 17.90 35.53
N LEU B 573 19.51 17.19 34.78
CA LEU B 573 18.88 17.76 33.60
C LEU B 573 17.56 18.43 33.99
N PRO B 574 17.10 19.41 33.23
CA PRO B 574 15.86 20.13 33.61
C PRO B 574 14.63 19.25 33.71
N ASP B 575 14.61 18.08 33.07
CA ASP B 575 13.47 17.18 33.14
C ASP B 575 13.52 16.25 34.36
N GLY B 576 14.57 16.35 35.18
CA GLY B 576 14.70 15.53 36.37
C GLY B 576 15.68 14.38 36.25
N ASN B 577 16.12 14.05 35.04
CA ASN B 577 17.04 12.94 34.86
C ASN B 577 18.47 13.36 35.16
N ILE B 578 19.24 12.41 35.67
CA ILE B 578 20.63 12.66 36.03
C ILE B 578 21.53 12.24 34.88
N GLU B 579 22.57 13.03 34.63
CA GLU B 579 23.51 12.80 33.56
C GLU B 579 24.87 12.46 34.15
N PHE B 580 25.43 11.31 33.74
CA PHE B 580 26.75 10.91 34.19
C PHE B 580 27.82 11.62 33.36
N LEU B 581 28.88 12.07 34.04
CA LEU B 581 29.93 12.85 33.38
C LEU B 581 31.33 12.32 33.65
N GLY B 582 31.47 11.13 34.22
CA GLY B 582 32.76 10.51 34.42
C GLY B 582 33.21 10.57 35.87
N ARG B 583 34.35 9.93 36.13
CA ARG B 583 34.94 9.93 37.46
C ARG B 583 35.69 11.24 37.70
N LEU B 584 35.59 11.73 38.93
CA LEU B 584 36.28 12.97 39.29
C LEU B 584 37.80 12.80 39.27
N ASP B 585 38.28 11.57 39.41
CA ASP B 585 39.71 11.30 39.37
C ASP B 585 40.20 10.88 37.99
N ASN B 586 39.29 10.62 37.04
CA ASN B 586 39.65 10.11 35.73
C ASN B 586 39.61 11.17 34.64
N LEU B 587 39.73 12.44 35.02
CA LEU B 587 39.82 13.51 34.04
C LEU B 587 41.27 13.65 33.59
N VAL B 588 41.51 13.52 32.30
CA VAL B 588 42.84 13.69 31.74
C VAL B 588 42.97 15.09 31.19
N LYS B 589 44.20 15.49 30.85
CA LYS B 589 44.48 16.82 30.32
C LYS B 589 45.32 16.68 29.07
N ILE B 590 44.88 17.34 28.00
CA ILE B 590 45.62 17.40 26.75
C ILE B 590 45.75 18.86 26.35
N ARG B 591 46.98 19.35 26.27
CA ARG B 591 47.25 20.75 25.94
C ARG B 591 46.56 21.70 26.91
N GLY B 592 46.56 21.33 28.19
CA GLY B 592 45.93 22.15 29.21
C GLY B 592 44.42 22.15 29.19
N TYR B 593 43.80 21.21 28.48
CA TYR B 593 42.35 21.09 28.43
C TYR B 593 41.95 19.82 29.19
N ARG B 594 41.13 19.99 30.22
CA ARG B 594 40.59 18.85 30.95
C ARG B 594 39.49 18.20 30.13
N ILE B 595 39.69 16.94 29.74
CA ILE B 595 38.78 16.26 28.83
C ILE B 595 38.41 14.89 29.38
N GLU B 596 37.22 14.42 29.02
CA GLU B 596 36.76 13.08 29.39
C GLU B 596 36.68 12.21 28.15
N PRO B 597 37.55 11.22 27.99
CA PRO B 597 37.54 10.38 26.78
C PRO B 597 36.19 9.75 26.44
N GLY B 598 35.30 9.63 27.43
CA GLY B 598 34.00 9.04 27.17
C GLY B 598 33.10 9.88 26.29
N GLU B 599 33.34 11.19 26.22
CA GLU B 599 32.51 12.07 25.41
C GLU B 599 32.75 11.89 23.92
N ILE B 600 33.86 11.26 23.54
CA ILE B 600 34.18 11.09 22.13
C ILE B 600 33.50 9.85 21.57
N GLU B 601 33.26 8.85 22.42
CA GLU B 601 32.73 7.58 21.94
C GLU B 601 31.39 7.68 21.23
N PRO B 602 30.41 8.46 21.70
CA PRO B 602 29.14 8.55 20.94
C PRO B 602 29.32 9.03 19.52
N PHE B 603 30.22 9.99 19.29
CA PHE B 603 30.37 10.54 17.94
C PHE B 603 31.04 9.55 16.99
N LEU B 604 31.97 8.73 17.51
CA LEU B 604 32.55 7.69 16.67
C LEU B 604 31.51 6.64 16.27
N MET B 605 30.57 6.34 17.16
CA MET B 605 29.52 5.37 16.84
C MET B 605 28.56 5.90 15.79
N ASN B 606 28.35 7.22 15.75
CA ASN B 606 27.43 7.81 14.78
C ASN B 606 27.88 7.57 13.35
N HIS B 607 29.14 7.20 13.15
CA HIS B 607 29.62 6.86 11.81
C HIS B 607 28.84 5.68 11.27
N PRO B 608 28.42 5.72 10.00
CA PRO B 608 27.56 4.65 9.47
C PRO B 608 28.20 3.28 9.51
N LEU B 609 29.53 3.19 9.44
CA LEU B 609 30.21 1.91 9.44
C LEU B 609 30.70 1.48 10.82
N ILE B 610 30.68 2.37 11.80
CA ILE B 610 31.16 2.05 13.14
C ILE B 610 29.98 1.57 13.97
N GLU B 611 30.09 0.36 14.50
CA GLU B 611 29.06 -0.23 15.35
C GLU B 611 29.43 -0.20 16.83
N LEU B 612 30.69 -0.47 17.16
CA LEU B 612 31.18 -0.49 18.52
C LEU B 612 32.44 0.35 18.63
N THR B 613 32.59 1.08 19.74
CA THR B 613 33.75 1.94 19.91
C THR B 613 34.14 1.99 21.38
N THR B 614 35.43 2.29 21.61
CA THR B 614 35.94 2.58 22.94
C THR B 614 37.19 3.43 22.79
N VAL B 615 37.30 4.45 23.65
CA VAL B 615 38.38 5.44 23.57
C VAL B 615 39.24 5.30 24.81
N LEU B 616 40.55 5.12 24.62
CA LEU B 616 41.49 4.92 25.70
C LEU B 616 42.47 6.09 25.76
N ALA B 617 42.61 6.67 26.94
CA ALA B 617 43.63 7.68 27.18
C ALA B 617 44.87 6.99 27.72
N LYS B 618 45.91 6.90 26.91
CA LYS B 618 47.16 6.27 27.31
C LYS B 618 48.18 7.35 27.71
N GLU B 619 49.35 6.91 28.14
CA GLU B 619 50.36 7.81 28.69
C GLU B 619 51.72 7.48 28.10
N GLN B 620 52.53 8.52 27.93
CA GLN B 620 53.93 8.39 27.54
C GLN B 620 54.80 8.53 28.78
N ALA B 621 56.05 8.04 28.66
CA ALA B 621 56.95 7.98 29.81
C ALA B 621 57.17 9.34 30.44
N ASP B 622 57.17 10.41 29.65
CA ASP B 622 57.31 11.76 30.15
C ASP B 622 56.06 12.29 30.83
N GLY B 623 54.99 11.52 30.88
CA GLY B 623 53.75 11.93 31.52
C GLY B 623 52.72 12.58 30.62
N ARG B 624 52.99 12.69 29.32
CA ARG B 624 52.00 13.23 28.40
C ARG B 624 50.97 12.16 28.04
N LYS B 625 49.74 12.60 27.79
CA LYS B 625 48.64 11.70 27.51
C LYS B 625 48.23 11.82 26.05
N TYR B 626 47.94 10.67 25.43
CA TYR B 626 47.44 10.64 24.07
C TYR B 626 46.23 9.71 23.99
N LEU B 627 45.21 10.15 23.25
CA LEU B 627 43.98 9.36 23.08
C LEU B 627 44.09 8.47 21.86
N VAL B 628 43.70 7.20 22.01
CA VAL B 628 43.66 6.25 20.90
C VAL B 628 42.25 5.69 20.84
N GLY B 629 41.68 5.66 19.63
CA GLY B 629 40.31 5.21 19.45
C GLY B 629 40.18 3.84 18.80
N TYR B 630 39.62 2.89 19.53
CA TYR B 630 39.41 1.53 19.03
C TYR B 630 37.98 1.41 18.50
N TYR B 631 37.84 0.86 17.29
CA TYR B 631 36.53 0.75 16.67
C TYR B 631 36.35 -0.62 16.04
N VAL B 632 35.09 -1.05 15.99
CA VAL B 632 34.69 -2.28 15.31
C VAL B 632 33.93 -1.88 14.05
N ALA B 633 34.41 -2.36 12.91
CA ALA B 633 33.82 -2.05 11.61
C ALA B 633 34.03 -3.26 10.71
N PRO B 634 33.23 -3.39 9.64
CA PRO B 634 33.46 -4.49 8.70
C PRO B 634 34.86 -4.50 8.11
N GLU B 635 35.42 -3.32 7.79
CA GLU B 635 36.77 -3.21 7.30
C GLU B 635 37.40 -1.96 7.89
N GLU B 636 38.71 -1.82 7.69
CA GLU B 636 39.43 -0.65 8.19
C GLU B 636 38.88 0.63 7.57
N ILE B 637 39.09 1.74 8.27
CA ILE B 637 38.65 3.05 7.81
C ILE B 637 39.86 3.97 7.79
N PRO B 638 40.04 4.77 6.75
CA PRO B 638 41.23 5.65 6.70
C PRO B 638 41.29 6.58 7.91
N HIS B 639 42.53 6.81 8.37
CA HIS B 639 42.73 7.65 9.55
C HIS B 639 42.15 9.04 9.36
N GLY B 640 42.34 9.63 8.17
CA GLY B 640 41.86 10.97 7.92
C GLY B 640 40.34 11.07 7.89
N GLU B 641 39.67 10.00 7.47
CA GLU B 641 38.21 10.02 7.42
C GLU B 641 37.61 10.12 8.82
N LEU B 642 38.14 9.33 9.76
CA LEU B 642 37.69 9.46 11.15
C LEU B 642 38.04 10.83 11.72
N ARG B 643 39.22 11.34 11.40
CA ARG B 643 39.61 12.67 11.85
C ARG B 643 38.69 13.73 11.29
N GLU B 644 38.21 13.54 10.06
CA GLU B 644 37.23 14.47 9.49
C GLU B 644 35.84 14.25 10.07
N TRP B 645 35.50 13.00 10.39
CA TRP B 645 34.20 12.71 10.97
C TRP B 645 34.07 13.33 12.36
N LEU B 646 35.07 13.13 13.21
CA LEU B 646 35.03 13.68 14.56
C LEU B 646 35.19 15.19 14.57
N GLY B 647 35.78 15.77 13.53
CA GLY B 647 35.83 17.22 13.46
C GLY B 647 34.47 17.87 13.25
N ASN B 648 33.42 17.06 13.06
CA ASN B 648 32.07 17.60 12.90
C ASN B 648 31.57 18.22 14.19
N ASP B 649 31.99 17.68 15.35
CA ASP B 649 31.42 18.09 16.63
C ASP B 649 32.48 18.34 17.70
N LEU B 650 33.64 17.67 17.59
CA LEU B 650 34.64 17.79 18.65
C LEU B 650 35.73 18.78 18.27
N PRO B 651 36.38 19.41 19.25
CA PRO B 651 37.53 20.27 18.97
C PRO B 651 38.77 19.45 18.64
N ASP B 652 39.87 20.16 18.38
CA ASP B 652 41.08 19.50 17.92
C ASP B 652 41.65 18.56 18.97
N TYR B 653 41.79 19.03 20.21
CA TYR B 653 42.43 18.26 21.27
C TYR B 653 41.62 17.03 21.67
N MET B 654 40.35 16.95 21.29
CA MET B 654 39.54 15.77 21.57
C MET B 654 39.54 14.76 20.43
N ILE B 655 40.19 15.05 19.31
CA ILE B 655 40.29 14.07 18.24
C ILE B 655 41.47 13.16 18.56
N PRO B 656 41.25 11.85 18.69
CA PRO B 656 42.37 10.94 18.98
C PRO B 656 43.42 10.99 17.88
N THR B 657 44.68 10.81 18.28
CA THR B 657 45.78 10.82 17.32
C THR B 657 45.99 9.47 16.66
N TYR B 658 45.47 8.38 17.24
CA TYR B 658 45.58 7.05 16.67
C TYR B 658 44.22 6.37 16.67
N PHE B 659 43.97 5.59 15.63
CA PHE B 659 42.74 4.80 15.51
C PHE B 659 43.11 3.36 15.17
N VAL B 660 42.42 2.41 15.79
CA VAL B 660 42.70 0.99 15.62
C VAL B 660 41.42 0.30 15.16
N HIS B 661 41.51 -0.41 14.03
CA HIS B 661 40.39 -1.21 13.53
C HIS B 661 40.45 -2.61 14.11
N MET B 662 39.27 -3.11 14.52
CA MET B 662 39.17 -4.45 15.07
C MET B 662 37.87 -5.10 14.60
N LYS B 663 37.87 -6.43 14.60
CA LYS B 663 36.70 -7.18 14.15
C LYS B 663 35.77 -7.55 15.29
N ALA B 664 36.29 -7.69 16.51
CA ALA B 664 35.47 -8.06 17.67
C ALA B 664 36.15 -7.57 18.93
N PHE B 665 35.38 -6.90 19.79
CA PHE B 665 35.90 -6.36 21.04
C PHE B 665 35.94 -7.45 22.10
N PRO B 666 37.11 -7.73 22.69
CA PRO B 666 37.15 -8.65 23.83
C PRO B 666 36.24 -8.19 24.95
N LEU B 667 35.69 -9.17 25.68
CA LEU B 667 34.82 -8.93 26.83
C LEU B 667 35.39 -9.65 28.04
N THR B 668 35.38 -8.97 29.19
CA THR B 668 35.87 -9.57 30.43
C THR B 668 34.86 -10.58 30.96
N ALA B 669 35.20 -11.20 32.09
CA ALA B 669 34.34 -12.21 32.69
C ALA B 669 33.08 -11.62 33.32
N ASN B 670 32.98 -10.30 33.42
CA ASN B 670 31.83 -9.64 34.02
C ASN B 670 31.14 -8.69 33.06
N GLY B 671 31.27 -8.93 31.76
CA GLY B 671 30.56 -8.16 30.76
C GLY B 671 31.08 -6.75 30.54
N LYS B 672 32.40 -6.57 30.51
CA LYS B 672 33.00 -5.28 30.25
C LYS B 672 34.09 -5.43 29.20
N VAL B 673 34.36 -4.35 28.47
CA VAL B 673 35.41 -4.37 27.46
C VAL B 673 36.76 -4.49 28.16
N ASP B 674 37.53 -5.50 27.76
CA ASP B 674 38.88 -5.71 28.32
C ASP B 674 39.79 -4.59 27.81
N ARG B 675 39.70 -3.44 28.47
CA ARG B 675 40.46 -2.26 28.03
C ARG B 675 41.95 -2.52 28.05
N ARG B 676 42.43 -3.27 29.05
CA ARG B 676 43.85 -3.57 29.14
C ARG B 676 44.31 -4.60 28.12
N ALA B 677 43.39 -5.23 27.39
CA ALA B 677 43.73 -6.25 26.41
C ALA B 677 43.65 -5.76 24.96
N LEU B 678 43.38 -4.48 24.75
CA LEU B 678 43.35 -3.94 23.40
C LEU B 678 44.77 -3.68 22.90
N PRO B 679 45.00 -3.84 21.60
CA PRO B 679 46.37 -3.70 21.07
C PRO B 679 46.93 -2.31 21.33
N ASP B 680 48.17 -2.28 21.79
CA ASP B 680 48.86 -1.04 22.10
C ASP B 680 49.64 -0.60 20.87
N VAL B 681 49.18 0.46 20.21
CA VAL B 681 49.86 0.96 19.03
C VAL B 681 51.18 1.62 19.44
N GLN B 682 52.14 1.61 18.52
CA GLN B 682 53.47 2.14 18.82
C GLN B 682 53.46 3.65 18.62
N ALA B 683 53.22 4.36 19.71
CA ALA B 683 53.28 5.81 19.68
C ALA B 683 54.74 6.26 19.60
N ASP B 684 54.92 7.57 19.57
CA ASP B 684 56.26 8.15 19.47
C ASP B 684 56.28 9.45 20.25
N ALA B 685 57.41 9.74 20.89
CA ALA B 685 57.63 11.07 21.40
C ALA B 685 57.43 12.07 20.26
N GLU B 686 56.77 13.19 20.59
CA GLU B 686 56.26 14.22 19.68
C GLU B 686 54.83 13.89 19.27
N LEU B 687 54.42 12.63 19.40
CA LEU B 687 53.03 12.17 19.21
C LEU B 687 52.36 12.88 18.05
N LEU B 688 53.04 12.87 16.90
CA LEU B 688 52.59 13.70 15.78
C LEU B 688 51.42 13.05 15.04
N GLY B 689 51.59 11.81 14.59
CA GLY B 689 50.54 11.08 13.94
C GLY B 689 50.43 11.42 12.46
N GLU B 690 49.58 10.66 11.78
CA GLU B 690 49.38 10.83 10.36
C GLU B 690 48.79 12.22 10.07
N ASP B 691 48.76 12.56 8.78
CA ASP B 691 48.32 13.86 8.30
C ASP B 691 49.19 15.00 8.82
N TYR B 692 50.39 14.67 9.33
CA TYR B 692 51.38 15.66 9.72
C TYR B 692 52.46 15.72 8.65
N VAL B 693 52.79 16.94 8.22
CA VAL B 693 53.84 17.16 7.23
C VAL B 693 54.83 18.15 7.83
N ALA B 694 56.10 17.75 7.89
CA ALA B 694 57.14 18.57 8.48
C ALA B 694 57.50 19.74 7.56
N PRO B 695 58.01 20.84 8.12
CA PRO B 695 58.46 21.96 7.29
C PRO B 695 59.52 21.53 6.28
N THR B 696 59.35 21.99 5.04
CA THR B 696 60.27 21.66 3.95
C THR B 696 61.17 22.81 3.56
N ASP B 697 61.07 23.96 4.24
CA ASP B 697 61.87 25.13 3.91
C ASP B 697 62.26 25.84 5.20
N GLU B 698 63.10 26.87 5.05
CA GLU B 698 63.42 27.72 6.18
C GLU B 698 62.22 28.58 6.57
N LEU B 699 61.50 29.11 5.57
CA LEU B 699 60.33 29.92 5.86
C LEU B 699 59.22 29.08 6.48
N GLU B 700 58.99 27.88 5.95
CA GLU B 700 58.00 26.98 6.54
C GLU B 700 58.37 26.63 7.98
N GLN B 701 59.67 26.46 8.25
CA GLN B 701 60.11 26.22 9.61
C GLN B 701 59.82 27.43 10.50
N GLN B 702 60.13 28.63 10.01
CA GLN B 702 59.90 29.84 10.80
C GLN B 702 58.41 30.04 11.07
N LEU B 703 57.59 29.89 10.03
CA LEU B 703 56.15 30.06 10.21
C LEU B 703 55.60 29.02 11.20
N ALA B 704 56.10 27.79 11.13
CA ALA B 704 55.65 26.77 12.06
C ALA B 704 56.01 27.14 13.50
N GLN B 705 57.15 27.80 13.69
CA GLN B 705 57.56 28.19 15.02
C GLN B 705 56.67 29.30 15.56
N VAL B 706 56.39 30.32 14.74
CA VAL B 706 55.49 31.39 15.16
C VAL B 706 54.10 30.84 15.40
N TRP B 707 53.62 29.99 14.49
CA TRP B 707 52.32 29.37 14.67
C TRP B 707 52.28 28.58 15.99
N SER B 708 53.37 27.88 16.32
CA SER B 708 53.41 27.10 17.54
C SER B 708 53.26 27.99 18.77
N HIS B 709 53.86 29.18 18.74
CA HIS B 709 53.78 30.08 19.88
C HIS B 709 52.39 30.68 20.01
N VAL B 710 51.80 31.12 18.89
CA VAL B 710 50.50 31.77 18.94
C VAL B 710 49.42 30.79 19.36
N LEU B 711 49.43 29.59 18.77
CA LEU B 711 48.37 28.62 19.03
C LEU B 711 48.65 27.77 20.27
N GLY B 712 49.89 27.72 20.73
CA GLY B 712 50.22 26.94 21.90
C GLY B 712 50.28 25.44 21.67
N ILE B 713 50.76 25.02 20.50
CA ILE B 713 50.90 23.61 20.16
C ILE B 713 52.38 23.35 19.86
N PRO B 714 53.01 22.34 20.48
CA PRO B 714 54.46 22.15 20.33
C PRO B 714 54.95 22.07 18.89
N GLN B 715 54.45 21.11 18.11
CA GLN B 715 54.91 20.90 16.74
C GLN B 715 53.74 21.13 15.79
N MET B 716 53.88 22.10 14.91
CA MET B 716 52.86 22.41 13.91
C MET B 716 53.29 21.91 12.55
N GLY B 717 52.34 21.30 11.83
CA GLY B 717 52.58 20.82 10.48
C GLY B 717 52.17 21.83 9.43
N ILE B 718 52.72 21.67 8.23
CA ILE B 718 52.46 22.65 7.17
C ILE B 718 51.03 22.53 6.63
N ASP B 719 50.34 21.44 6.92
CA ASP B 719 48.96 21.25 6.47
C ASP B 719 47.96 21.34 7.62
N ASP B 720 48.36 21.90 8.75
CA ASP B 720 47.47 22.10 9.88
C ASP B 720 46.70 23.39 9.72
N HIS B 721 45.40 23.34 10.03
CA HIS B 721 44.51 24.48 9.83
C HIS B 721 44.49 25.36 11.07
N PHE B 722 44.70 26.66 10.87
CA PHE B 722 44.77 27.60 11.98
C PHE B 722 43.52 27.55 12.84
N LEU B 723 42.35 27.74 12.21
CA LEU B 723 41.11 27.82 12.97
C LEU B 723 40.70 26.47 13.53
N GLU B 724 41.13 25.38 12.91
CA GLU B 724 40.79 24.06 13.42
C GLU B 724 41.64 23.64 14.60
N ARG B 725 42.67 24.39 14.94
CA ARG B 725 43.59 24.06 16.03
C ARG B 725 43.59 25.16 17.09
N GLY B 726 42.43 25.77 17.31
CA GLY B 726 42.29 26.82 18.30
C GLY B 726 42.47 28.22 17.77
N GLY B 727 42.50 28.40 16.46
CA GLY B 727 42.73 29.72 15.90
C GLY B 727 41.61 30.68 16.26
N ASP B 728 42.00 31.91 16.57
CA ASP B 728 41.08 32.95 17.00
C ASP B 728 41.39 34.23 16.25
N SER B 729 40.41 35.14 16.24
CA SER B 729 40.64 36.46 15.67
C SER B 729 41.78 37.18 16.38
N ILE B 730 41.81 37.09 17.70
CA ILE B 730 42.92 37.66 18.46
C ILE B 730 44.22 37.00 18.06
N LYS B 731 44.20 35.69 17.83
CA LYS B 731 45.42 34.96 17.50
C LYS B 731 45.87 35.25 16.08
N VAL B 732 44.94 35.57 15.17
CA VAL B 732 45.36 36.02 13.85
C VAL B 732 46.05 37.37 13.95
N MET B 733 45.52 38.27 14.78
CA MET B 733 46.22 39.53 15.05
C MET B 733 47.56 39.27 15.71
N GLN B 734 47.61 38.35 16.68
CA GLN B 734 48.86 38.01 17.33
C GLN B 734 49.87 37.46 16.32
N LEU B 735 49.42 36.59 15.42
CA LEU B 735 50.30 36.05 14.39
C LEU B 735 50.84 37.17 13.51
N ILE B 736 49.94 38.02 12.99
CA ILE B 736 50.35 39.12 12.12
C ILE B 736 51.41 39.98 12.81
N HIS B 737 51.21 40.26 14.09
CA HIS B 737 52.18 41.10 14.82
C HIS B 737 53.48 40.33 15.05
N GLN B 738 53.39 39.10 15.55
CA GLN B 738 54.60 38.29 15.74
C GLN B 738 55.31 38.01 14.43
N LEU B 739 54.58 38.04 13.30
CA LEU B 739 55.21 37.89 11.99
C LEU B 739 55.86 39.18 11.52
N LYS B 740 55.30 40.33 11.90
CA LYS B 740 55.91 41.60 11.52
C LYS B 740 57.26 41.79 12.21
N ASN B 741 57.37 41.34 13.45
CA ASN B 741 58.61 41.47 14.21
C ASN B 741 59.73 40.62 13.65
N ILE B 742 59.46 39.77 12.66
CA ILE B 742 60.50 39.01 11.97
C ILE B 742 60.55 39.36 10.48
N GLY B 743 59.89 40.43 10.07
CA GLY B 743 59.98 40.91 8.70
C GLY B 743 59.07 40.22 7.70
N LEU B 744 57.86 39.86 8.12
CA LEU B 744 56.91 39.18 7.24
C LEU B 744 55.57 39.89 7.31
N SER B 745 55.03 40.26 6.15
CA SER B 745 53.79 41.01 6.05
C SER B 745 52.63 40.05 5.77
N LEU B 746 51.55 40.21 6.53
CA LEU B 746 50.36 39.37 6.36
C LEU B 746 49.12 40.20 6.67
N ARG B 747 48.17 40.21 5.74
CA ARG B 747 46.91 40.89 5.95
C ARG B 747 45.91 39.97 6.65
N TYR B 748 44.94 40.58 7.32
CA TYR B 748 43.93 39.83 8.06
C TYR B 748 43.17 38.87 7.13
N ASP B 749 42.75 39.36 5.96
CA ASP B 749 42.02 38.53 5.02
C ASP B 749 42.86 37.42 4.43
N GLN B 750 44.19 37.59 4.40
CA GLN B 750 45.05 36.61 3.77
C GLN B 750 45.18 35.35 4.61
N LEU B 751 45.05 35.47 5.93
CA LEU B 751 45.08 34.28 6.77
C LEU B 751 43.86 33.40 6.52
N PHE B 752 42.69 34.02 6.36
CA PHE B 752 41.46 33.26 6.16
C PHE B 752 41.35 32.67 4.76
N THR B 753 42.15 33.17 3.81
CA THR B 753 42.24 32.55 2.49
C THR B 753 43.45 31.64 2.35
N HIS B 754 44.35 31.65 3.33
CA HIS B 754 45.53 30.77 3.36
C HIS B 754 45.71 30.27 4.78
N PRO B 755 44.80 29.40 5.25
CA PRO B 755 44.78 29.04 6.67
C PRO B 755 45.77 27.95 7.06
N THR B 756 46.72 27.59 6.20
CA THR B 756 47.74 26.62 6.53
C THR B 756 49.11 27.18 6.17
N ILE B 757 50.15 26.62 6.78
CA ILE B 757 51.50 27.10 6.53
C ILE B 757 51.93 26.78 5.10
N ARG B 758 51.49 25.64 4.56
CA ARG B 758 51.76 25.32 3.16
C ARG B 758 51.26 26.43 2.24
N GLN B 759 50.01 26.84 2.42
CA GLN B 759 49.46 27.91 1.58
C GLN B 759 50.04 29.26 1.93
N LEU B 760 50.35 29.49 3.21
CA LEU B 760 50.86 30.79 3.63
C LEU B 760 52.24 31.05 3.06
N LYS B 761 53.07 30.02 2.98
CA LYS B 761 54.43 30.19 2.46
C LYS B 761 54.42 30.68 1.02
N ARG B 762 53.54 30.11 0.17
CA ARG B 762 53.48 30.54 -1.22
C ARG B 762 53.07 32.00 -1.34
N LEU B 763 52.06 32.41 -0.57
CA LEU B 763 51.59 33.79 -0.67
C LEU B 763 52.68 34.78 -0.26
N LEU B 764 53.45 34.46 0.78
CA LEU B 764 54.51 35.36 1.20
C LEU B 764 55.70 35.30 0.25
N THR B 765 55.93 34.15 -0.38
CA THR B 765 56.98 34.04 -1.38
C THR B 765 56.58 34.72 -2.69
N GLU B 766 55.35 34.50 -3.14
CA GLU B 766 54.91 35.03 -4.43
C GLU B 766 54.64 36.53 -4.39
N GLN B 767 54.05 37.02 -3.29
CA GLN B 767 53.83 38.45 -3.10
C GLN B 767 55.03 39.14 -2.48
N LYS B 768 56.15 38.42 -2.30
CA LYS B 768 57.41 38.99 -1.82
C LYS B 768 57.22 39.75 -0.50
N GLN B 769 56.35 39.22 0.36
CA GLN B 769 56.12 39.82 1.67
C GLN B 769 57.09 39.20 2.66
N VAL B 770 58.29 38.87 2.19
CA VAL B 770 59.25 38.11 2.99
C VAL B 770 60.31 38.99 3.65
N ASN B 771 60.59 40.17 3.11
CA ASN B 771 61.57 41.08 3.70
C ASN B 771 60.92 42.42 3.94
N GLY B 772 61.04 42.93 5.16
CA GLY B 772 60.43 44.20 5.50
C GLY B 772 61.07 44.79 6.72
N LEU B 773 60.90 46.10 6.87
CA LEU B 773 61.52 46.82 7.98
C LEU B 773 60.78 46.53 9.28
N LEU B 774 61.55 46.30 10.36
CA LEU B 774 61.01 46.02 11.68
C LEU B 774 60.79 47.36 12.38
N GLU B 775 59.64 47.97 12.19
CA GLU B 775 59.38 49.33 12.67
C GLU B 775 58.81 49.29 14.07
N PRO B 776 59.54 49.72 15.11
CA PRO B 776 58.96 49.71 16.46
C PRO B 776 58.33 51.06 16.80
N LEU B 777 57.68 51.09 17.95
CA LEU B 777 56.98 52.29 18.43
C LEU B 777 57.95 53.20 19.15
N ARG B 778 58.15 54.39 18.60
CA ARG B 778 59.10 55.34 19.18
C ARG B 778 58.53 55.96 20.45
N GLU B 779 59.29 55.91 21.54
CA GLU B 779 58.82 56.44 22.82
C GLU B 779 58.88 57.96 22.81
N LEU B 780 57.82 58.58 23.32
CA LEU B 780 57.74 60.04 23.36
C LEU B 780 58.58 60.59 24.49
N ASP B 781 59.23 61.73 24.24
CA ASP B 781 60.02 62.39 25.27
C ASP B 781 59.09 63.04 26.29
N GLU B 782 59.68 63.46 27.41
CA GLU B 782 58.89 64.05 28.49
C GLU B 782 58.41 65.44 28.09
N GLN B 783 57.10 65.64 28.17
CA GLN B 783 56.46 66.93 27.98
C GLN B 783 55.62 67.25 29.21
N ALA B 784 54.92 68.39 29.16
CA ALA B 784 53.96 68.73 30.20
C ALA B 784 52.58 68.16 29.89
N GLU B 785 52.18 68.17 28.62
CA GLU B 785 50.93 67.58 28.17
C GLU B 785 51.19 66.83 26.87
N TYR B 786 50.42 65.75 26.67
CA TYR B 786 50.58 64.91 25.50
C TYR B 786 49.29 64.88 24.71
N GLU B 787 49.38 64.34 23.50
CA GLU B 787 48.21 64.25 22.63
C GLU B 787 47.37 63.04 23.02
N THR B 788 46.05 63.21 22.94
CA THR B 788 45.13 62.11 23.15
C THR B 788 44.78 61.48 21.80
N SER B 789 44.42 60.21 21.84
CA SER B 789 44.02 59.52 20.62
C SER B 789 42.62 59.93 20.22
N ALA B 790 42.27 59.62 18.96
CA ALA B 790 40.93 59.93 18.46
C ALA B 790 39.87 59.15 19.24
N VAL B 791 40.20 57.95 19.72
CA VAL B 791 39.24 57.18 20.50
C VAL B 791 39.18 57.70 21.93
N GLU B 792 40.28 58.23 22.46
CA GLU B 792 40.25 58.84 23.79
C GLU B 792 39.49 60.17 23.77
N LYS B 793 39.46 60.82 22.61
CA LYS B 793 38.74 62.08 22.50
C LYS B 793 37.23 61.86 22.58
N ARG B 794 36.71 60.91 21.80
CA ARG B 794 35.29 60.62 21.80
C ARG B 794 34.78 60.32 23.21
N MET B 795 35.56 59.56 23.99
CA MET B 795 35.17 59.28 25.37
C MET B 795 35.04 60.56 26.18
N TYR B 796 36.02 61.46 26.03
CA TYR B 796 35.96 62.73 26.74
C TYR B 796 34.73 63.55 26.34
N ILE B 797 34.33 63.47 25.07
CA ILE B 797 33.18 64.26 24.61
C ILE B 797 31.89 63.71 25.18
N ILE B 798 31.70 62.39 25.14
CA ILE B 798 30.46 61.79 25.65
C ILE B 798 30.30 62.08 27.13
N GLN B 799 31.41 62.05 27.88
CA GLN B 799 31.34 62.34 29.31
C GLN B 799 31.04 63.82 29.56
N GLN B 800 31.39 64.69 28.62
CA GLN B 800 31.18 66.12 28.85
C GLN B 800 29.71 66.48 28.80
N GLN B 801 28.96 65.92 27.86
CA GLN B 801 27.51 65.96 27.96
C GLN B 801 27.08 65.06 29.12
N ASP B 802 26.38 65.66 30.10
CA ASP B 802 26.04 64.94 31.33
C ASP B 802 27.32 64.50 32.05
N VAL B 803 27.97 65.43 32.74
CA VAL B 803 29.20 65.14 33.47
C VAL B 803 28.94 64.13 34.59
N GLU B 804 27.69 64.00 35.04
CA GLU B 804 27.32 63.10 36.12
C GLU B 804 26.80 61.75 35.62
N SER B 805 27.11 61.39 34.37
CA SER B 805 26.68 60.10 33.86
C SER B 805 27.64 59.00 34.31
N ILE B 806 27.11 57.79 34.43
CA ILE B 806 27.89 56.60 34.75
C ILE B 806 27.76 55.55 33.66
N ALA B 807 27.30 55.97 32.46
CA ALA B 807 27.08 55.01 31.37
C ALA B 807 28.38 54.37 30.89
N TYR B 808 29.50 55.05 31.05
CA TYR B 808 30.79 54.54 30.62
C TYR B 808 31.70 54.23 31.80
N ASN B 809 31.10 53.95 32.96
CA ASN B 809 31.81 53.36 34.09
C ASN B 809 31.85 51.85 33.94
N VAL B 810 33.00 51.26 34.27
CA VAL B 810 33.20 49.82 34.13
C VAL B 810 33.37 49.26 35.54
N VAL B 811 32.36 48.53 36.00
CA VAL B 811 32.35 47.96 37.35
C VAL B 811 32.50 46.45 37.22
N TYR B 812 33.43 45.87 37.97
CA TYR B 812 33.62 44.43 38.00
C TYR B 812 33.65 43.95 39.46
N THR B 813 33.43 42.65 39.63
CA THR B 813 33.35 42.05 40.97
C THR B 813 34.09 40.72 40.95
N ILE B 814 34.89 40.48 41.99
CA ILE B 814 35.57 39.21 42.19
C ILE B 814 35.32 38.77 43.62
N ASN B 815 34.85 37.53 43.79
CA ASN B 815 34.61 36.97 45.11
C ASN B 815 35.84 36.16 45.52
N PHE B 816 36.49 36.58 46.60
CA PHE B 816 37.68 35.92 47.14
C PHE B 816 37.32 35.13 48.40
N PRO B 817 38.06 34.06 48.69
CA PRO B 817 37.89 33.41 50.00
C PRO B 817 38.33 34.33 51.12
N LEU B 818 37.73 34.15 52.30
CA LEU B 818 38.06 34.98 53.45
C LEU B 818 39.52 34.84 53.87
N THR B 819 40.20 33.78 53.41
CA THR B 819 41.59 33.53 53.74
C THR B 819 42.55 34.47 53.02
N VAL B 820 42.05 35.43 52.25
CA VAL B 820 42.89 36.36 51.50
C VAL B 820 43.00 37.65 52.28
N ASP B 821 44.22 38.19 52.37
CA ASP B 821 44.44 39.46 53.06
C ASP B 821 43.87 40.59 52.23
N THR B 822 43.02 41.40 52.85
CA THR B 822 42.41 42.52 52.14
C THR B 822 43.47 43.56 51.77
N GLU B 823 44.44 43.79 52.66
CA GLU B 823 45.49 44.76 52.35
C GLU B 823 46.34 44.28 51.18
N GLN B 824 46.66 42.99 51.14
CA GLN B 824 47.44 42.43 50.04
C GLN B 824 46.82 42.78 48.69
N ILE B 825 45.49 42.80 48.61
CA ILE B 825 44.83 43.23 47.39
C ILE B 825 45.06 44.72 47.16
N ARG B 826 45.00 45.53 48.22
CA ARG B 826 45.18 46.97 48.06
C ARG B 826 46.58 47.31 47.56
N VAL B 827 47.60 46.66 48.13
CA VAL B 827 48.97 46.93 47.69
C VAL B 827 49.13 46.59 46.21
N ALA B 828 48.63 45.42 45.79
CA ALA B 828 48.76 45.01 44.40
C ALA B 828 48.07 45.99 43.47
N LEU B 829 46.95 46.57 43.89
CA LEU B 829 46.27 47.55 43.07
C LEU B 829 47.02 48.88 43.08
N GLU B 830 47.59 49.26 44.22
CA GLU B 830 48.38 50.48 44.27
C GLU B 830 49.66 50.35 43.45
N GLN B 831 50.19 49.12 43.33
CA GLN B 831 51.34 48.90 42.46
C GLN B 831 50.95 48.97 40.99
N LEU B 832 49.73 48.53 40.65
CA LEU B 832 49.29 48.60 39.27
C LEU B 832 49.03 50.04 38.85
N VAL B 833 48.66 50.90 39.79
CA VAL B 833 48.52 52.33 39.47
C VAL B 833 49.86 52.90 39.04
N LEU B 834 50.93 52.54 39.75
CA LEU B 834 52.26 53.01 39.38
C LEU B 834 52.76 52.34 38.09
N ARG B 835 52.39 51.09 37.86
CA ARG B 835 52.96 50.35 36.74
C ARG B 835 52.44 50.86 35.41
N HIS B 836 51.16 51.23 35.35
CA HIS B 836 50.53 51.66 34.10
C HIS B 836 50.19 53.14 34.17
N GLU B 837 50.63 53.89 33.17
CA GLU B 837 50.41 55.34 33.16
C GLU B 837 48.94 55.69 33.05
N GLY B 838 48.14 54.84 32.40
CA GLY B 838 46.72 55.11 32.28
C GLY B 838 46.05 55.28 33.63
N LEU B 839 46.43 54.44 34.60
CA LEU B 839 45.89 54.58 35.95
C LEU B 839 46.39 55.83 36.65
N ARG B 840 47.35 56.54 36.07
CA ARG B 840 47.80 57.82 36.58
C ARG B 840 47.61 58.95 35.58
N SER B 841 46.98 58.68 34.44
CA SER B 841 46.75 59.69 33.41
C SER B 841 45.44 60.43 33.69
N THR B 842 45.48 61.76 33.63
CA THR B 842 44.29 62.59 33.67
C THR B 842 44.14 63.31 32.33
N TYR B 843 42.90 63.70 32.03
CA TYR B 843 42.55 64.27 30.73
C TYR B 843 42.03 65.69 30.93
N HIS B 844 42.53 66.62 30.11
CA HIS B 844 42.12 68.02 30.18
C HIS B 844 41.84 68.58 28.79
N MET B 845 41.66 69.89 28.70
CA MET B 845 41.36 70.55 27.44
C MET B 845 42.20 71.81 27.31
N ARG B 846 42.86 71.96 26.15
CA ARG B 846 43.63 73.16 25.81
C ARG B 846 42.89 73.88 24.71
N GLY B 847 42.22 74.98 25.07
CA GLY B 847 41.40 75.71 24.13
C GLY B 847 40.33 74.84 23.51
N ASP B 848 40.61 74.28 22.33
CA ASP B 848 39.71 73.39 21.63
C ASP B 848 40.36 72.04 21.33
N GLU B 849 41.34 71.63 22.14
CA GLU B 849 42.07 70.39 21.93
C GLU B 849 42.05 69.55 23.19
N ILE B 850 41.78 68.25 23.03
CA ILE B 850 41.79 67.31 24.14
C ILE B 850 43.22 66.86 24.39
N VAL B 851 43.70 67.03 25.63
CA VAL B 851 45.08 66.75 25.97
C VAL B 851 45.13 65.78 27.15
N LYS B 852 46.29 65.14 27.30
CA LYS B 852 46.53 64.17 28.35
C LYS B 852 47.63 64.69 29.27
N ARG B 853 47.49 64.35 30.56
CA ARG B 853 48.45 64.78 31.58
C ARG B 853 48.78 63.58 32.46
N ILE B 854 50.05 63.19 32.50
CA ILE B 854 50.48 62.05 33.30
C ILE B 854 50.97 62.55 34.65
N VAL B 855 50.70 61.78 35.69
CA VAL B 855 51.03 62.16 37.07
C VAL B 855 51.97 61.11 37.63
N PRO B 856 53.02 61.48 38.38
CA PRO B 856 53.96 60.48 38.88
C PRO B 856 53.41 59.63 40.03
N ARG B 857 52.36 60.07 40.70
CA ARG B 857 51.83 59.30 41.83
C ARG B 857 50.35 59.65 42.02
N ALA B 858 49.54 58.63 42.27
CA ALA B 858 48.10 58.79 42.49
C ALA B 858 47.65 57.91 43.63
N GLU B 859 46.71 58.41 44.43
CA GLU B 859 46.25 57.72 45.64
C GLU B 859 44.92 57.02 45.36
N LEU B 860 44.90 55.70 45.55
CA LEU B 860 43.73 54.90 45.23
C LEU B 860 42.71 54.94 46.36
N SER B 861 41.43 54.91 45.98
CA SER B 861 40.34 54.89 46.95
C SER B 861 39.98 53.43 47.24
N PHE B 862 40.26 52.97 48.46
CA PHE B 862 40.03 51.59 48.87
C PHE B 862 39.13 51.60 50.10
N VAL B 863 37.83 51.44 49.88
CA VAL B 863 36.85 51.47 50.96
C VAL B 863 36.58 50.06 51.46
N ARG B 864 36.71 49.86 52.76
CA ARG B 864 36.40 48.59 53.40
C ARG B 864 35.01 48.66 54.03
N GLN B 865 34.21 47.64 53.79
CA GLN B 865 32.84 47.59 54.28
C GLN B 865 32.48 46.18 54.72
N THR B 866 31.63 46.10 55.74
CA THR B 866 31.09 44.84 56.22
C THR B 866 29.65 44.71 55.76
N GLY B 867 29.32 43.60 55.10
CA GLY B 867 28.00 43.40 54.56
C GLY B 867 27.53 41.97 54.73
N GLU B 868 26.31 41.71 54.25
CA GLU B 868 25.72 40.38 54.22
C GLU B 868 25.24 40.09 52.81
N GLU B 869 24.78 38.86 52.60
CA GLU B 869 24.46 38.40 51.24
C GLU B 869 23.42 39.28 50.58
N GLU B 870 22.34 39.60 51.28
CA GLU B 870 21.24 40.37 50.72
C GLU B 870 21.46 41.87 50.81
N SER B 871 22.72 42.30 50.94
CA SER B 871 23.04 43.72 50.97
C SER B 871 24.25 44.12 50.13
N VAL B 872 24.99 43.17 49.55
CA VAL B 872 26.20 43.50 48.81
C VAL B 872 25.89 44.41 47.63
N GLN B 873 24.78 44.16 46.95
CA GLN B 873 24.42 44.98 45.79
C GLN B 873 24.06 46.40 46.21
N SER B 874 23.35 46.56 47.32
CA SER B 874 22.97 47.89 47.77
C SER B 874 24.20 48.71 48.13
N LEU B 875 25.19 48.08 48.76
CA LEU B 875 26.43 48.78 49.08
C LEU B 875 27.19 49.16 47.81
N LEU B 876 27.28 48.23 46.85
CA LEU B 876 28.08 48.48 45.66
C LEU B 876 27.48 49.56 44.77
N ALA B 877 26.14 49.62 44.68
CA ALA B 877 25.50 50.60 43.81
C ALA B 877 25.79 52.02 44.29
N GLU B 878 25.84 52.21 45.61
CA GLU B 878 26.10 53.54 46.16
C GLU B 878 27.54 53.98 45.95
N GLN B 879 28.43 53.10 45.49
CA GLN B 879 29.81 53.46 45.23
C GLN B 879 30.10 53.69 43.76
N ILE B 880 29.15 53.38 42.87
CA ILE B 880 29.29 53.66 41.45
C ILE B 880 28.90 55.11 41.21
N LYS B 881 29.89 55.99 41.21
CA LYS B 881 29.69 57.43 41.14
C LYS B 881 30.34 57.98 39.87
N PRO B 882 29.96 59.18 39.45
CA PRO B 882 30.58 59.78 38.25
C PRO B 882 32.06 60.06 38.44
N PHE B 883 32.79 60.02 37.33
CA PHE B 883 34.23 60.22 37.34
C PHE B 883 34.58 61.61 36.83
N ASP B 884 35.48 62.28 37.53
CA ASP B 884 36.08 63.52 37.06
C ASP B 884 37.27 63.15 36.20
N LEU B 885 37.13 63.30 34.87
CA LEU B 885 38.17 62.87 33.95
C LEU B 885 39.47 63.65 34.11
N ALA B 886 39.46 64.74 34.89
CA ALA B 886 40.67 65.51 35.13
C ALA B 886 41.41 65.09 36.39
N LYS B 887 40.83 64.22 37.21
CA LYS B 887 41.46 63.75 38.43
C LYS B 887 41.82 62.27 38.31
N ALA B 888 42.89 61.88 39.00
CA ALA B 888 43.43 60.54 38.94
C ALA B 888 43.58 59.99 40.36
N PRO B 889 43.59 58.66 40.52
CA PRO B 889 43.45 57.62 39.49
C PRO B 889 42.02 57.49 38.98
N LEU B 890 41.83 57.21 37.70
CA LEU B 890 40.51 56.96 37.14
C LEU B 890 40.00 55.56 37.45
N LEU B 891 40.18 55.13 38.69
CA LEU B 891 39.74 53.82 39.15
C LEU B 891 39.54 53.89 40.66
N ARG B 892 38.48 53.26 41.16
CA ARG B 892 38.22 53.13 42.57
C ARG B 892 37.99 51.66 42.90
N ALA B 893 38.28 51.28 44.14
CA ALA B 893 38.22 49.88 44.53
C ALA B 893 37.64 49.78 45.94
N GLY B 894 37.60 48.56 46.45
CA GLY B 894 37.05 48.30 47.77
C GLY B 894 36.74 46.82 47.93
N VAL B 895 36.54 46.44 49.19
CA VAL B 895 36.28 45.04 49.55
C VAL B 895 35.09 45.01 50.49
N ILE B 896 34.01 44.35 50.07
CA ILE B 896 32.87 44.09 50.94
C ILE B 896 33.05 42.70 51.54
N GLU B 897 33.14 42.65 52.87
CA GLU B 897 33.37 41.40 53.59
C GLU B 897 32.04 40.90 54.15
N THR B 898 31.70 39.66 53.81
CA THR B 898 30.52 38.99 54.34
C THR B 898 30.98 37.88 55.28
N ALA B 899 30.01 37.09 55.76
CA ALA B 899 30.33 35.99 56.65
C ALA B 899 30.97 34.81 55.94
N ASP B 900 30.98 34.81 54.60
CA ASP B 900 31.49 33.67 53.84
C ASP B 900 32.39 34.04 52.67
N LYS B 901 32.49 35.32 52.29
CA LYS B 901 33.31 35.69 51.15
C LYS B 901 33.74 37.14 51.29
N LYS B 902 34.77 37.49 50.53
CA LYS B 902 35.25 38.87 50.41
C LYS B 902 35.05 39.30 48.96
N VAL B 903 34.16 40.26 48.75
CA VAL B 903 33.82 40.73 47.41
C VAL B 903 34.71 41.91 47.07
N LEU B 904 35.70 41.69 46.20
CA LEU B 904 36.50 42.77 45.67
C LEU B 904 35.78 43.40 44.49
N TRP B 905 35.66 44.73 44.50
CA TRP B 905 35.01 45.48 43.43
C TRP B 905 35.91 46.60 42.98
N PHE B 906 35.89 46.89 41.67
CA PHE B 906 36.54 48.09 41.16
C PHE B 906 35.63 48.76 40.14
N ASP B 907 35.72 50.09 40.10
CA ASP B 907 34.97 50.90 39.13
C ASP B 907 35.97 51.72 38.34
N SER B 908 35.93 51.58 37.01
CA SER B 908 36.86 52.29 36.14
C SER B 908 36.11 53.11 35.10
N HIS B 909 36.84 53.65 34.13
CA HIS B 909 36.25 54.39 33.02
C HIS B 909 36.69 53.76 31.71
N HIS B 910 35.81 53.81 30.71
CA HIS B 910 36.15 53.27 29.40
C HIS B 910 37.32 53.99 28.75
N ILE B 911 37.70 55.16 29.26
CA ILE B 911 38.86 55.91 28.78
C ILE B 911 40.14 55.23 29.25
N LEU B 912 40.00 54.19 30.07
CA LEU B 912 41.16 53.54 30.66
C LEU B 912 41.08 52.01 30.49
N LEU B 913 39.87 51.46 30.54
CA LEU B 913 39.67 50.01 30.57
C LEU B 913 38.84 49.59 29.39
N ASP B 914 39.42 48.78 28.51
CA ASP B 914 38.70 48.12 27.43
C ASP B 914 38.79 46.61 27.62
N GLY B 915 38.25 45.86 26.65
CA GLY B 915 38.16 44.43 26.81
C GLY B 915 39.50 43.77 27.05
N LEU B 916 40.48 44.06 26.20
CA LEU B 916 41.79 43.43 26.34
C LEU B 916 42.59 44.00 27.50
N SER B 917 42.44 45.30 27.80
CA SER B 917 43.09 45.85 28.99
C SER B 917 42.55 45.22 30.26
N LYS B 918 41.27 44.83 30.26
CA LYS B 918 40.72 44.10 31.39
C LYS B 918 41.46 42.79 31.60
N SER B 919 41.72 42.04 30.53
CA SER B 919 42.43 40.77 30.66
C SER B 919 43.85 40.98 31.15
N ILE B 920 44.51 42.06 30.69
CA ILE B 920 45.85 42.37 31.17
C ILE B 920 45.81 42.67 32.67
N LEU B 921 44.86 43.51 33.09
CA LEU B 921 44.75 43.86 34.51
C LEU B 921 44.49 42.63 35.36
N ALA B 922 43.64 41.72 34.88
CA ALA B 922 43.33 40.51 35.64
C ALA B 922 44.55 39.61 35.75
N ARG B 923 45.30 39.45 34.65
CA ARG B 923 46.50 38.63 34.66
C ARG B 923 47.57 39.21 35.57
N GLU B 924 47.74 40.53 35.55
CA GLU B 924 48.79 41.15 36.35
C GLU B 924 48.42 41.19 37.84
N LEU B 925 47.14 41.39 38.15
CA LEU B 925 46.71 41.34 39.55
C LEU B 925 46.86 39.93 40.11
N GLN B 926 46.55 38.91 39.31
CA GLN B 926 46.76 37.54 39.75
C GLN B 926 48.23 37.25 40.01
N ALA B 927 49.12 37.81 39.19
CA ALA B 927 50.54 37.61 39.41
C ALA B 927 51.01 38.29 40.68
N LEU B 928 50.57 39.54 40.91
CA LEU B 928 50.98 40.25 42.11
C LEU B 928 50.47 39.57 43.37
N LEU B 929 49.28 38.97 43.31
CA LEU B 929 48.71 38.32 44.49
C LEU B 929 49.45 37.03 44.83
N GLY B 930 50.08 36.39 43.83
CA GLY B 930 50.84 35.19 44.06
C GLY B 930 52.31 35.48 44.31
N GLN B 931 52.61 36.72 44.71
CA GLN B 931 53.98 37.15 45.01
C GLN B 931 54.93 36.86 43.85
N GLN B 932 54.47 37.16 42.64
CA GLN B 932 55.27 37.07 41.44
C GLN B 932 55.90 38.43 41.13
N VAL B 933 56.97 38.39 40.34
CA VAL B 933 57.65 39.60 39.90
C VAL B 933 57.18 39.93 38.49
N LEU B 934 56.85 41.19 38.25
CA LEU B 934 56.30 41.64 36.98
C LEU B 934 57.36 42.39 36.19
N SER B 935 57.53 42.03 34.94
CA SER B 935 58.47 42.73 34.07
C SER B 935 57.94 44.12 33.75
N PRO B 936 58.72 45.18 33.98
CA PRO B 936 58.21 46.55 33.75
C PRO B 936 57.78 46.77 32.30
N VAL B 937 56.89 47.74 32.14
CA VAL B 937 56.32 48.05 30.83
C VAL B 937 57.27 48.96 30.08
N GLU B 938 57.40 48.73 28.77
CA GLU B 938 58.33 49.46 27.92
C GLU B 938 57.69 50.55 27.09
N LYS B 939 56.40 50.42 26.76
CA LYS B 939 55.70 51.38 25.92
C LYS B 939 54.63 52.11 26.73
N THR B 940 54.08 53.16 26.13
CA THR B 940 53.06 53.98 26.76
C THR B 940 51.98 54.30 25.73
N TYR B 941 50.78 54.62 26.23
CA TYR B 941 49.70 54.99 25.33
C TYR B 941 49.99 56.29 24.60
N LYS B 942 50.56 57.28 25.30
CA LYS B 942 50.88 58.55 24.69
C LYS B 942 51.73 58.36 23.43
N SER B 943 52.61 57.37 23.44
CA SER B 943 53.45 57.10 22.27
C SER B 943 52.62 56.52 21.12
N PHE B 944 51.65 55.65 21.44
CA PHE B 944 50.77 55.15 20.41
C PHE B 944 49.86 56.25 19.87
N ALA B 945 49.45 57.18 20.74
CA ALA B 945 48.58 58.27 20.30
C ALA B 945 49.20 59.05 19.15
N ARG B 946 50.44 59.52 19.33
CA ARG B 946 51.12 60.25 18.27
C ARG B 946 51.25 59.39 17.01
N TRP B 947 51.64 58.12 17.18
CA TRP B 947 51.84 57.24 16.03
C TRP B 947 50.57 57.15 15.18
N GLN B 948 49.41 57.00 15.82
CA GLN B 948 48.17 56.91 15.06
C GLN B 948 47.82 58.24 14.42
N ASN B 949 48.04 59.35 15.13
CA ASN B 949 47.84 60.66 14.53
C ASN B 949 48.72 60.84 13.30
N GLU B 950 49.97 60.36 13.37
CA GLU B 950 50.84 60.42 12.20
C GLU B 950 50.38 59.45 11.12
N TRP B 951 49.90 58.26 11.52
CA TRP B 951 49.35 57.31 10.56
C TRP B 951 48.20 57.90 9.76
N PHE B 952 47.67 59.04 10.18
CA PHE B 952 46.48 59.57 9.53
C PHE B 952 46.81 60.16 8.16
N ALA B 953 47.89 60.93 8.06
CA ALA B 953 48.23 61.55 6.79
C ALA B 953 48.51 60.53 5.68
N SER B 954 48.45 59.25 6.01
CA SER B 954 48.75 58.19 5.06
C SER B 954 47.62 58.04 4.03
N ASP B 955 47.96 57.36 2.93
CA ASP B 955 46.96 56.99 1.94
C ASP B 955 46.14 55.80 2.39
N GLU B 956 46.71 54.95 3.26
CA GLU B 956 45.96 53.80 3.76
C GLU B 956 44.79 54.25 4.64
N TYR B 957 44.99 55.28 5.45
CA TYR B 957 43.88 55.86 6.21
C TYR B 957 42.74 56.24 5.26
N GLU B 958 43.04 57.10 4.27
CA GLU B 958 42.02 57.54 3.34
C GLU B 958 41.42 56.36 2.57
N GLN B 959 42.23 55.36 2.26
CA GLN B 959 41.69 54.12 1.70
C GLN B 959 40.73 53.47 2.68
N GLN B 960 41.14 53.37 3.95
CA GLN B 960 40.26 52.78 4.95
C GLN B 960 38.95 53.56 5.08
N ILE B 961 39.00 54.89 5.01
CA ILE B 961 37.78 55.69 4.95
C ILE B 961 37.00 55.35 3.69
N ALA B 962 37.70 55.31 2.56
CA ALA B 962 37.05 55.12 1.27
C ALA B 962 36.13 53.91 1.29
N TYR B 963 36.57 52.82 1.92
CA TYR B 963 35.73 51.64 2.05
C TYR B 963 34.36 51.98 2.63
N TRP B 964 34.33 52.81 3.69
CA TRP B 964 33.06 53.22 4.26
C TRP B 964 32.29 54.13 3.31
N LYS B 965 32.99 55.04 2.63
CA LYS B 965 32.32 55.97 1.73
C LYS B 965 31.63 55.24 0.58
N THR B 966 32.25 54.17 0.07
CA THR B 966 31.60 53.38 -0.98
C THR B 966 30.64 52.33 -0.43
N LEU B 967 30.62 52.12 0.89
CA LEU B 967 29.70 51.18 1.52
C LEU B 967 28.50 51.88 2.13
N LEU B 968 28.70 53.02 2.78
CA LEU B 968 27.62 53.78 3.42
C LEU B 968 27.37 55.07 2.65
N GLN B 969 26.91 54.93 1.41
CA GLN B 969 26.61 56.07 0.55
C GLN B 969 25.13 56.03 0.22
N GLY B 970 24.31 56.55 1.14
CA GLY B 970 22.88 56.51 0.98
C GLY B 970 22.31 55.11 0.96
N GLU B 971 21.00 54.99 0.94
CA GLU B 971 20.32 53.70 0.89
C GLU B 971 20.80 52.77 2.00
N LEU B 972 20.90 53.33 3.21
CA LEU B 972 21.29 52.53 4.36
C LEU B 972 20.08 51.74 4.87
N PRO B 973 20.26 50.46 5.19
CA PRO B 973 19.11 49.64 5.63
C PRO B 973 18.49 50.18 6.91
N ALA B 974 17.22 49.85 7.09
CA ALA B 974 16.44 50.26 8.26
C ALA B 974 16.09 49.02 9.07
N VAL B 975 16.49 49.00 10.34
CA VAL B 975 16.20 47.90 11.24
C VAL B 975 15.11 48.38 12.19
N GLN B 976 13.87 48.03 11.88
CA GLN B 976 12.72 48.41 12.70
C GLN B 976 12.42 47.26 13.64
N LEU B 977 12.88 47.38 14.88
CA LEU B 977 12.63 46.33 15.86
C LEU B 977 11.24 46.47 16.45
N PRO B 978 10.59 45.36 16.81
CA PRO B 978 9.25 45.44 17.40
C PRO B 978 9.27 46.00 18.81
N THR B 979 9.54 47.30 18.95
CA THR B 979 9.65 47.94 20.26
C THR B 979 8.38 48.70 20.59
N LYS B 980 8.38 49.32 21.78
CA LYS B 980 7.29 50.19 22.18
C LYS B 980 7.42 51.53 21.46
N LYS B 981 6.54 52.46 21.79
CA LYS B 981 6.63 53.81 21.24
C LYS B 981 7.94 54.45 21.67
N ARG B 982 8.75 54.87 20.70
CA ARG B 982 10.06 55.42 21.00
C ARG B 982 9.91 56.74 21.76
N PRO B 983 10.63 56.93 22.86
CA PRO B 983 10.53 58.19 23.58
C PRO B 983 10.99 59.33 22.71
N PRO B 984 10.50 60.55 22.97
CA PRO B 984 10.91 61.70 22.14
C PRO B 984 12.41 61.95 22.15
N GLN B 985 13.07 61.72 23.27
CA GLN B 985 14.52 61.90 23.40
C GLN B 985 15.21 60.55 23.49
N LEU B 986 16.54 60.59 23.45
CA LEU B 986 17.35 59.37 23.62
C LEU B 986 17.48 59.07 25.10
N THR B 987 16.95 57.91 25.51
CA THR B 987 17.02 57.47 26.89
C THR B 987 17.99 56.30 27.01
N PHE B 988 18.60 56.16 28.20
CA PHE B 988 19.63 55.15 28.41
C PHE B 988 19.35 54.29 29.63
N ASP B 989 18.13 54.32 30.17
CA ASP B 989 17.78 53.39 31.23
C ASP B 989 17.66 51.99 30.68
N GLY B 990 18.27 51.01 31.35
CA GLY B 990 18.34 49.68 30.78
C GLY B 990 18.34 48.58 31.83
N ALA B 991 18.31 47.35 31.34
CA ALA B 991 18.36 46.14 32.15
C ALA B 991 19.07 45.06 31.35
N ILE B 992 19.11 43.84 31.89
CA ILE B 992 19.91 42.78 31.29
C ILE B 992 19.19 41.44 31.47
N GLN B 993 19.10 40.68 30.37
CA GLN B 993 18.70 39.28 30.41
C GLN B 993 19.85 38.44 29.87
N MET B 994 19.91 37.18 30.28
CA MET B 994 21.03 36.31 29.95
C MET B 994 20.54 34.99 29.37
N TYR B 995 21.18 34.55 28.30
CA TYR B 995 20.90 33.26 27.68
C TYR B 995 22.18 32.44 27.67
N ARG B 996 22.08 31.18 28.05
CA ARG B 996 23.23 30.29 28.18
C ARG B 996 23.13 29.19 27.13
N VAL B 997 24.16 29.10 26.29
CA VAL B 997 24.30 27.97 25.37
C VAL B 997 25.14 26.91 26.06
N ASN B 998 24.57 25.71 26.25
CA ASN B 998 25.22 24.69 27.05
C ASN B 998 26.53 24.24 26.40
N PRO B 999 27.41 23.59 27.16
CA PRO B 999 28.68 23.13 26.58
C PRO B 999 28.50 22.21 25.38
N GLU B 1000 27.46 21.38 25.37
CA GLU B 1000 27.23 20.48 24.25
C GLU B 1000 27.01 21.25 22.94
N ILE B 1001 26.11 22.24 22.96
CA ILE B 1001 25.84 23.02 21.76
C ILE B 1001 27.04 23.88 21.41
N THR B 1002 27.74 24.41 22.42
CA THR B 1002 28.88 25.30 22.16
C THR B 1002 29.99 24.56 21.42
N ARG B 1003 30.21 23.29 21.76
CA ARG B 1003 31.18 22.49 21.00
C ARG B 1003 30.75 22.33 19.56
N LYS B 1004 29.48 22.02 19.33
CA LYS B 1004 28.98 21.85 17.98
C LYS B 1004 29.08 23.15 17.19
N LEU B 1005 28.88 24.29 17.85
CA LEU B 1005 28.98 25.57 17.14
C LEU B 1005 30.40 25.82 16.67
N LYS B 1006 31.37 25.68 17.58
CA LYS B 1006 32.76 25.95 17.23
C LYS B 1006 33.29 24.94 16.22
N ALA B 1007 32.96 23.66 16.39
CA ALA B 1007 33.38 22.64 15.44
C ALA B 1007 32.83 22.93 14.05
N THR B 1008 31.53 23.24 13.97
CA THR B 1008 30.91 23.50 12.68
C THR B 1008 31.54 24.72 12.00
N ALA B 1009 31.77 25.79 12.75
CA ALA B 1009 32.41 26.96 12.17
C ALA B 1009 33.81 26.63 11.68
N ALA B 1010 34.53 25.77 12.41
CA ALA B 1010 35.90 25.43 12.05
C ALA B 1010 35.96 24.69 10.72
N LYS B 1011 35.20 23.59 10.61
CA LYS B 1011 35.21 22.78 9.40
C LYS B 1011 34.79 23.56 8.15
N HIS B 1012 34.29 24.78 8.31
CA HIS B 1012 33.88 25.60 7.18
C HIS B 1012 34.62 26.92 7.14
N ASP B 1013 35.88 26.92 7.58
CA ASP B 1013 36.76 28.09 7.48
C ASP B 1013 36.12 29.33 8.09
N LEU B 1014 35.47 29.14 9.23
CA LEU B 1014 34.78 30.23 9.92
C LEU B 1014 35.17 30.23 11.39
N THR B 1015 35.17 31.43 11.97
CA THR B 1015 35.33 31.58 13.41
C THR B 1015 33.96 31.46 14.08
N LEU B 1016 33.95 31.52 15.41
CA LEU B 1016 32.67 31.50 16.12
C LEU B 1016 31.96 32.84 16.01
N TYR B 1017 32.72 33.94 16.02
CA TYR B 1017 32.10 35.25 15.83
C TYR B 1017 31.34 35.34 14.52
N MET B 1018 31.94 34.82 13.44
CA MET B 1018 31.27 34.82 12.15
C MET B 1018 29.97 34.02 12.21
N LEU B 1019 30.03 32.83 12.80
CA LEU B 1019 28.83 32.01 12.95
C LEU B 1019 27.75 32.74 13.73
N MET B 1020 28.13 33.39 14.85
CA MET B 1020 27.18 34.14 15.63
C MET B 1020 26.67 35.36 14.87
N LEU B 1021 27.59 36.13 14.27
CA LEU B 1021 27.21 37.32 13.51
C LEU B 1021 26.16 37.00 12.46
N THR B 1022 26.28 35.83 11.82
CA THR B 1022 25.28 35.41 10.84
C THR B 1022 23.93 35.18 11.50
N ILE B 1023 23.92 34.39 12.58
CA ILE B 1023 22.67 34.08 13.27
C ILE B 1023 22.02 35.35 13.81
N VAL B 1024 22.83 36.26 14.35
CA VAL B 1024 22.29 37.52 14.85
C VAL B 1024 21.60 38.29 13.72
N SER B 1025 22.18 38.27 12.53
CA SER B 1025 21.63 39.04 11.42
C SER B 1025 20.36 38.39 10.88
N ILE B 1026 20.37 37.07 10.70
CA ILE B 1026 19.15 36.36 10.34
C ILE B 1026 18.04 36.66 11.34
N TRP B 1027 18.40 36.69 12.62
CA TRP B 1027 17.44 37.00 13.68
C TRP B 1027 16.90 38.42 13.53
N LEU B 1028 17.80 39.39 13.30
CA LEU B 1028 17.35 40.77 13.11
C LEU B 1028 16.50 40.90 11.86
N SER B 1029 16.86 40.19 10.79
CA SER B 1029 16.08 40.24 9.55
C SER B 1029 14.66 39.74 9.78
N LYS B 1030 14.52 38.56 10.40
CA LYS B 1030 13.21 37.98 10.62
C LYS B 1030 12.30 38.90 11.44
N MET B 1031 12.88 39.76 12.27
CA MET B 1031 12.11 40.75 13.01
C MET B 1031 11.90 42.04 12.22
N ASN B 1032 12.72 42.29 11.22
CA ASN B 1032 12.55 43.44 10.33
C ASN B 1032 11.99 42.95 9.00
N SER B 1033 10.70 42.59 9.04
CA SER B 1033 10.02 41.86 7.96
C SER B 1033 10.85 40.58 7.74
N ASP B 1034 11.25 40.26 6.52
CA ASP B 1034 12.32 39.28 6.28
C ASP B 1034 13.35 39.93 5.36
N SER B 1035 13.97 40.99 5.87
CA SER B 1035 14.84 41.85 5.07
C SER B 1035 16.01 41.06 4.52
N ASN B 1036 16.50 41.51 3.36
CA ASN B 1036 17.68 40.92 2.72
C ASN B 1036 18.96 41.68 3.05
N GLN B 1037 18.87 42.79 3.77
CA GLN B 1037 20.03 43.59 4.15
C GLN B 1037 19.81 44.14 5.54
N VAL B 1038 20.75 43.85 6.45
CA VAL B 1038 20.67 44.31 7.83
C VAL B 1038 21.80 45.30 8.08
N ILE B 1039 21.78 45.89 9.27
CA ILE B 1039 22.83 46.82 9.71
C ILE B 1039 22.91 46.80 11.22
N LEU B 1040 24.10 46.47 11.74
CA LEU B 1040 24.32 46.37 13.18
C LEU B 1040 25.66 47.00 13.50
N GLY B 1041 26.13 46.78 14.73
CA GLY B 1041 27.39 47.33 15.17
C GLY B 1041 28.26 46.26 15.81
N THR B 1042 29.52 46.61 15.99
CA THR B 1042 30.49 45.70 16.58
C THR B 1042 31.67 46.52 17.09
N VAL B 1043 32.42 45.93 18.02
CA VAL B 1043 33.62 46.54 18.57
C VAL B 1043 34.82 45.70 18.17
N THR B 1044 35.93 46.35 17.87
CA THR B 1044 37.13 45.69 17.39
C THR B 1044 38.32 46.15 18.21
N ASP B 1045 39.26 45.23 18.44
CA ASP B 1045 40.50 45.59 19.12
C ASP B 1045 41.25 46.65 18.34
N GLY B 1046 41.59 47.75 19.00
CA GLY B 1046 42.34 48.81 18.34
C GLY B 1046 43.82 48.54 18.38
N ARG B 1047 44.19 47.27 18.52
CA ARG B 1047 45.59 46.84 18.65
C ARG B 1047 46.23 46.90 17.26
N GLN B 1048 46.59 48.12 16.85
CA GLN B 1048 47.16 48.32 15.52
C GLN B 1048 48.63 47.93 15.49
N HIS B 1049 49.46 48.59 16.30
CA HIS B 1049 50.88 48.28 16.35
C HIS B 1049 51.13 47.02 17.17
N PRO B 1050 52.11 46.21 16.79
CA PRO B 1050 52.49 45.08 17.67
C PRO B 1050 52.84 45.52 19.09
N ASP B 1051 53.46 46.69 19.25
CA ASP B 1051 53.89 47.12 20.57
C ASP B 1051 52.73 47.41 21.48
N THR B 1052 51.59 47.87 20.94
CA THR B 1052 50.50 48.31 21.79
C THR B 1052 49.61 47.14 22.20
N ARG B 1053 50.16 45.94 22.29
CA ARG B 1053 49.38 44.75 22.63
C ARG B 1053 49.22 44.53 24.12
N GLU B 1054 50.21 44.94 24.93
CA GLU B 1054 50.14 44.75 26.37
C GLU B 1054 49.92 46.08 27.11
N LEU B 1055 49.40 47.08 26.43
CA LEU B 1055 49.23 48.41 27.00
C LEU B 1055 47.85 48.54 27.62
N LEU B 1056 47.79 49.21 28.77
CA LEU B 1056 46.54 49.46 29.47
C LEU B 1056 45.92 50.75 28.95
N GLY B 1057 44.73 50.65 28.37
CA GLY B 1057 44.07 51.82 27.84
C GLY B 1057 42.85 51.43 27.01
N MET B 1058 42.34 52.44 26.29
CA MET B 1058 41.13 52.33 25.50
C MET B 1058 41.51 52.13 24.03
N PHE B 1059 41.07 51.00 23.46
CA PHE B 1059 41.49 50.66 22.09
C PHE B 1059 40.31 50.24 21.23
N VAL B 1060 39.29 49.62 21.83
CA VAL B 1060 38.17 49.13 21.05
C VAL B 1060 37.52 50.28 20.29
N ASN B 1061 37.02 49.97 19.10
CA ASN B 1061 36.43 50.97 18.21
C ASN B 1061 35.13 50.44 17.64
N THR B 1062 34.10 51.29 17.63
CA THR B 1062 32.81 50.91 17.08
C THR B 1062 32.88 50.84 15.56
N LEU B 1063 32.33 49.77 14.99
CA LEU B 1063 32.42 49.54 13.55
C LEU B 1063 31.03 49.26 12.99
N PRO B 1064 30.56 50.07 12.05
CA PRO B 1064 29.30 49.75 11.36
C PRO B 1064 29.46 48.51 10.50
N LEU B 1065 28.46 47.65 10.53
CA LEU B 1065 28.49 46.37 9.82
C LEU B 1065 27.25 46.31 8.94
N LEU B 1066 27.44 46.53 7.64
CA LEU B 1066 26.36 46.43 6.66
C LEU B 1066 26.39 45.02 6.08
N LEU B 1067 25.43 44.19 6.47
CA LEU B 1067 25.38 42.78 6.09
C LEU B 1067 24.22 42.54 5.13
N SER B 1068 24.13 41.29 4.67
CA SER B 1068 23.11 40.92 3.70
C SER B 1068 22.76 39.45 3.89
N ILE B 1069 21.47 39.15 3.79
CA ILE B 1069 20.95 37.80 3.97
C ILE B 1069 20.11 37.41 2.76
N ASP B 1070 20.40 36.24 2.20
CA ASP B 1070 19.59 35.65 1.14
C ASP B 1070 18.80 34.51 1.75
N HIS B 1071 17.49 34.71 1.92
CA HIS B 1071 16.66 33.70 2.56
C HIS B 1071 16.41 32.51 1.65
N GLU B 1072 16.64 32.65 0.34
CA GLU B 1072 16.42 31.54 -0.59
C GLU B 1072 17.59 30.57 -0.65
N GLU B 1073 18.73 30.92 -0.07
CA GLU B 1073 19.89 30.04 -0.01
C GLU B 1073 20.05 29.49 1.40
N SER B 1074 21.13 28.73 1.60
CA SER B 1074 21.33 28.01 2.84
C SER B 1074 22.08 28.86 3.87
N PHE B 1075 22.02 28.40 5.12
CA PHE B 1075 22.78 29.01 6.19
C PHE B 1075 24.26 29.08 5.85
N LEU B 1076 24.78 28.05 5.17
CA LEU B 1076 26.19 28.00 4.82
C LEU B 1076 26.57 29.13 3.86
N HIS B 1077 25.81 29.31 2.78
CA HIS B 1077 26.09 30.39 1.83
C HIS B 1077 26.20 31.72 2.56
N ASN B 1078 25.20 32.04 3.38
CA ASN B 1078 25.23 33.32 4.08
C ASN B 1078 26.42 33.40 5.03
N LEU B 1079 26.70 32.31 5.75
CA LEU B 1079 27.87 32.27 6.64
C LEU B 1079 29.12 32.77 5.92
N GLN B 1080 29.40 32.21 4.74
CA GLN B 1080 30.54 32.67 3.95
C GLN B 1080 30.33 34.09 3.43
N GLN B 1081 29.09 34.48 3.18
CA GLN B 1081 28.80 35.83 2.71
C GLN B 1081 29.06 36.86 3.82
N VAL B 1082 28.73 36.52 5.07
CA VAL B 1082 29.04 37.41 6.18
C VAL B 1082 30.55 37.57 6.33
N LYS B 1083 31.29 36.47 6.22
CA LYS B 1083 32.74 36.53 6.29
C LYS B 1083 33.30 37.45 5.21
N ALA B 1084 32.82 37.28 3.97
CA ALA B 1084 33.29 38.09 2.86
C ALA B 1084 32.98 39.57 3.06
N LYS B 1085 32.06 39.90 3.94
CA LYS B 1085 31.76 41.30 4.26
C LYS B 1085 32.43 41.76 5.54
N LEU B 1086 32.78 40.84 6.45
CA LEU B 1086 33.40 41.22 7.72
C LEU B 1086 34.89 41.52 7.53
N LEU B 1087 35.61 40.61 6.86
CA LEU B 1087 37.04 40.81 6.63
C LEU B 1087 37.37 42.16 6.00
N PRO B 1088 36.60 42.69 5.04
CA PRO B 1088 36.85 44.08 4.62
C PRO B 1088 36.82 45.06 5.77
N ALA B 1089 35.75 45.05 6.57
CA ALA B 1089 35.65 45.99 7.69
C ALA B 1089 36.81 45.84 8.65
N LEU B 1090 37.19 44.60 8.97
CA LEU B 1090 38.33 44.36 9.84
C LEU B 1090 39.64 44.77 9.20
N GLN B 1091 39.68 44.92 7.88
CA GLN B 1091 40.85 45.48 7.22
C GLN B 1091 40.89 47.00 7.29
N ASN B 1092 39.75 47.65 7.47
CA ASN B 1092 39.67 49.10 7.62
C ASN B 1092 39.10 49.46 8.99
N GLN B 1093 39.47 48.70 10.01
CA GLN B 1093 38.90 48.87 11.34
C GLN B 1093 39.55 49.99 12.14
N TYR B 1094 40.57 50.66 11.60
CA TYR B 1094 41.33 51.67 12.34
C TYR B 1094 40.91 53.10 11.99
N VAL B 1095 39.68 53.28 11.55
CA VAL B 1095 39.13 54.60 11.26
C VAL B 1095 38.28 55.03 12.44
N PRO B 1096 38.49 56.23 12.99
CA PRO B 1096 37.67 56.67 14.13
C PRO B 1096 36.19 56.74 13.74
N PHE B 1097 35.34 56.50 14.74
CA PHE B 1097 33.90 56.49 14.47
C PHE B 1097 33.38 57.86 14.06
N ASP B 1098 34.00 58.94 14.57
CA ASP B 1098 33.64 60.26 14.10
C ASP B 1098 33.88 60.40 12.60
N LYS B 1099 35.01 59.88 12.12
CA LYS B 1099 35.34 59.99 10.70
C LYS B 1099 34.38 59.15 9.85
N ILE B 1100 33.96 57.99 10.34
CA ILE B 1100 33.04 57.16 9.57
C ILE B 1100 31.70 57.86 9.42
N LEU B 1101 31.31 58.68 10.41
CA LEU B 1101 30.02 59.36 10.34
C LEU B 1101 30.06 60.49 9.31
N GLU B 1102 31.13 61.29 9.32
CA GLU B 1102 31.26 62.35 8.32
C GLU B 1102 31.34 61.77 6.91
N ALA B 1103 32.00 60.61 6.77
CA ALA B 1103 32.06 59.95 5.47
C ALA B 1103 30.71 59.34 5.08
N ALA B 1104 29.86 59.02 6.05
CA ALA B 1104 28.53 58.50 5.75
C ALA B 1104 27.48 59.60 5.63
N ARG B 1105 27.77 60.79 6.14
CA ARG B 1105 26.83 61.92 6.08
C ARG B 1105 25.43 61.50 6.53
N VAL B 1106 25.37 60.88 7.71
CA VAL B 1106 24.13 60.31 8.20
C VAL B 1106 23.34 61.39 8.95
N LYS B 1107 22.03 61.41 8.72
CA LYS B 1107 21.16 62.38 9.39
C LYS B 1107 21.01 62.02 10.86
N ARG B 1108 20.73 63.04 11.67
CA ARG B 1108 20.59 62.89 13.12
C ARG B 1108 19.10 62.87 13.47
N GLU B 1109 18.56 61.67 13.68
CA GLU B 1109 17.14 61.54 13.99
C GLU B 1109 16.81 62.05 15.39
N GLY B 1110 17.74 61.93 16.32
CA GLY B 1110 17.51 62.36 17.70
C GLY B 1110 16.94 61.30 18.61
N ASN B 1111 15.88 60.61 18.17
CA ASN B 1111 15.35 59.49 18.92
C ASN B 1111 16.09 58.18 18.67
N ARG B 1112 17.02 58.14 17.71
CA ARG B 1112 17.79 56.95 17.39
C ARG B 1112 19.28 57.27 17.43
N HIS B 1113 20.05 56.22 17.47
CA HIS B 1113 21.49 56.38 17.48
C HIS B 1113 22.02 56.41 16.05
N PRO B 1114 23.15 57.09 15.83
CA PRO B 1114 23.71 57.17 14.47
C PRO B 1114 24.01 55.78 13.91
N LEU B 1115 23.57 55.57 12.66
CA LEU B 1115 23.86 54.38 11.87
C LEU B 1115 23.19 53.11 12.40
N PHE B 1116 23.61 52.62 13.57
CA PHE B 1116 23.03 51.40 14.10
C PHE B 1116 22.46 51.63 15.49
N ASP B 1117 21.50 50.77 15.86
CA ASP B 1117 20.91 50.75 17.19
C ASP B 1117 21.06 49.41 17.89
N VAL B 1118 21.39 48.35 17.17
CA VAL B 1118 21.72 47.05 17.74
C VAL B 1118 23.22 46.87 17.70
N MET B 1119 23.81 46.50 18.83
CA MET B 1119 25.26 46.31 18.95
C MET B 1119 25.58 44.87 19.32
N PHE B 1120 26.60 44.31 18.67
CA PHE B 1120 27.02 42.94 18.88
C PHE B 1120 28.49 42.93 19.28
N MET B 1121 28.77 42.46 20.50
CA MET B 1121 30.13 42.33 21.01
C MET B 1121 30.43 40.87 21.28
N MET B 1122 31.72 40.56 21.45
CA MET B 1122 32.14 39.20 21.74
C MET B 1122 33.51 39.23 22.40
N GLN B 1123 33.67 38.44 23.46
CA GLN B 1123 34.93 38.27 24.15
C GLN B 1123 35.34 36.81 24.12
N GLY B 1124 36.64 36.57 24.03
CA GLY B 1124 37.15 35.21 24.01
C GLY B 1124 37.13 34.59 25.40
N ALA B 1125 37.71 33.40 25.48
CA ALA B 1125 37.83 32.73 26.75
C ALA B 1125 38.79 33.50 27.66
N PRO B 1126 38.58 33.44 28.99
CA PRO B 1126 39.47 34.16 29.89
C PRO B 1126 40.88 33.62 29.85
N GLU B 1127 41.86 34.52 29.90
CA GLU B 1127 43.26 34.11 29.85
C GLU B 1127 43.72 33.55 31.19
N THR B 1128 43.29 34.17 32.29
CA THR B 1128 43.67 33.75 33.63
C THR B 1128 42.45 33.30 34.41
N GLU B 1129 42.70 32.57 35.49
CA GLU B 1129 41.60 32.12 36.33
C GLU B 1129 40.93 33.29 37.05
N LEU B 1130 41.72 34.32 37.41
CA LEU B 1130 41.13 35.49 38.05
C LEU B 1130 40.17 36.19 37.11
N GLU B 1131 40.50 36.23 35.81
CA GLU B 1131 39.62 36.86 34.84
C GLU B 1131 38.32 36.09 34.69
N SER B 1132 38.36 34.77 34.84
CA SER B 1132 37.14 33.97 34.69
C SER B 1132 36.19 34.19 35.86
N ASN B 1133 36.71 34.52 37.04
CA ASN B 1133 35.89 34.72 38.23
C ASN B 1133 35.48 36.19 38.42
N MET B 1134 35.62 37.01 37.38
CA MET B 1134 35.14 38.39 37.43
C MET B 1134 33.72 38.46 36.86
N HIS B 1135 32.95 39.44 37.34
CA HIS B 1135 31.57 39.64 36.92
C HIS B 1135 31.37 41.09 36.55
N HIS B 1136 30.98 41.35 35.31
CA HIS B 1136 30.69 42.71 34.89
C HIS B 1136 29.35 43.14 35.46
N ILE B 1137 29.33 44.31 36.08
CA ILE B 1137 28.14 44.84 36.74
C ILE B 1137 27.50 45.89 35.86
N ASN B 1138 26.17 45.84 35.74
CA ASN B 1138 25.40 46.80 34.99
C ASN B 1138 24.64 47.69 35.98
N ALA B 1139 24.85 49.00 35.89
CA ALA B 1139 24.17 49.96 36.74
C ALA B 1139 22.78 50.32 36.23
N GLY B 1140 22.21 49.50 35.35
CA GLY B 1140 20.89 49.77 34.80
C GLY B 1140 20.94 50.80 33.70
N ILE B 1141 21.88 50.61 32.77
CA ILE B 1141 22.11 51.54 31.67
C ILE B 1141 22.23 50.75 30.38
N SER B 1142 21.49 51.16 29.36
CA SER B 1142 21.60 50.58 28.01
C SER B 1142 22.08 51.69 27.09
N LYS B 1143 23.35 51.60 26.66
CA LYS B 1143 23.91 52.62 25.78
C LYS B 1143 23.26 52.62 24.41
N PHE B 1144 22.60 51.53 24.03
CA PHE B 1144 21.84 51.48 22.77
C PHE B 1144 20.45 50.93 23.02
N ASP B 1145 19.73 50.63 21.93
CA ASP B 1145 18.42 50.00 22.08
C ASP B 1145 18.55 48.55 22.49
N LEU B 1146 19.59 47.87 21.98
CA LEU B 1146 19.78 46.46 22.28
C LEU B 1146 21.24 46.12 22.02
N THR B 1147 21.93 45.64 23.05
CA THR B 1147 23.32 45.21 22.93
C THR B 1147 23.40 43.73 23.25
N LEU B 1148 24.00 42.96 22.35
CA LEU B 1148 24.25 41.54 22.56
C LEU B 1148 25.75 41.33 22.73
N GLU B 1149 26.14 40.75 23.87
CA GLU B 1149 27.53 40.37 24.11
C GLU B 1149 27.59 38.86 24.35
N VAL B 1150 28.49 38.19 23.62
CA VAL B 1150 28.71 36.76 23.78
C VAL B 1150 30.01 36.57 24.55
N LEU B 1151 29.96 35.80 25.64
CA LEU B 1151 31.12 35.54 26.48
C LEU B 1151 31.33 34.04 26.60
N GLU B 1152 32.53 33.59 26.26
CA GLU B 1152 32.89 32.17 26.38
C GLU B 1152 33.32 31.92 27.83
N ARG B 1153 32.43 31.33 28.61
CA ARG B 1153 32.68 31.08 30.02
C ARG B 1153 32.20 29.68 30.37
N GLU B 1154 33.02 28.96 31.16
CA GLU B 1154 32.64 27.67 31.73
C GLU B 1154 32.28 26.65 30.65
N ASN B 1155 33.14 26.55 29.64
CA ASN B 1155 32.97 25.63 28.52
C ASN B 1155 31.68 25.85 27.74
N GLY B 1156 31.00 26.98 27.97
CA GLY B 1156 29.78 27.28 27.23
C GLY B 1156 29.78 28.69 26.70
N LEU B 1157 28.58 29.26 26.49
CA LEU B 1157 28.46 30.62 26.00
C LEU B 1157 27.42 31.35 26.84
N ASN B 1158 27.78 32.53 27.33
CA ASN B 1158 26.88 33.38 28.11
C ASN B 1158 26.49 34.56 27.22
N ILE B 1159 25.36 34.42 26.53
CA ILE B 1159 24.84 35.50 25.69
C ILE B 1159 24.10 36.48 26.58
N VAL B 1160 24.52 37.74 26.54
CA VAL B 1160 23.97 38.79 27.39
C VAL B 1160 23.17 39.75 26.53
N PHE B 1161 21.92 40.00 26.92
CA PHE B 1161 21.03 40.92 26.23
C PHE B 1161 20.86 42.16 27.09
N GLU B 1162 21.47 43.27 26.66
CA GLU B 1162 21.31 44.56 27.31
C GLU B 1162 20.34 45.39 26.51
N TYR B 1163 19.25 45.85 27.15
CA TYR B 1163 18.17 46.47 26.42
C TYR B 1163 17.68 47.72 27.12
N ASN B 1164 17.25 48.69 26.32
CA ASN B 1164 16.65 49.92 26.83
C ASN B 1164 15.25 49.61 27.36
N THR B 1165 15.01 49.92 28.63
CA THR B 1165 13.75 49.53 29.26
C THR B 1165 12.57 50.35 28.77
N HIS B 1166 12.82 51.49 28.13
CA HIS B 1166 11.72 52.26 27.56
C HIS B 1166 11.23 51.69 26.24
N LEU B 1167 12.01 50.80 25.63
CA LEU B 1167 11.63 50.18 24.37
C LEU B 1167 11.23 48.72 24.50
N PHE B 1168 11.69 48.03 25.54
CA PHE B 1168 11.36 46.62 25.76
C PHE B 1168 11.04 46.41 27.23
N ASP B 1169 9.97 45.67 27.51
CA ASP B 1169 9.70 45.20 28.85
C ASP B 1169 10.19 43.77 29.00
N GLU B 1170 10.03 43.22 30.20
CA GLU B 1170 10.61 41.91 30.50
C GLU B 1170 10.02 40.83 29.60
N GLY B 1171 8.72 40.92 29.30
CA GLY B 1171 8.09 39.91 28.47
C GLY B 1171 8.54 39.98 27.02
N MET B 1172 8.75 41.19 26.52
CA MET B 1172 9.22 41.35 25.15
C MET B 1172 10.61 40.76 24.98
N ILE B 1173 11.56 41.21 25.81
CA ILE B 1173 12.93 40.75 25.68
C ILE B 1173 13.03 39.24 25.90
N LEU B 1174 12.11 38.67 26.68
CA LEU B 1174 12.13 37.23 26.90
C LEU B 1174 11.67 36.49 25.65
N ARG B 1175 10.66 37.03 24.96
CA ARG B 1175 10.27 36.47 23.66
C ARG B 1175 11.43 36.49 22.68
N MET B 1176 12.13 37.62 22.61
CA MET B 1176 13.23 37.75 21.65
C MET B 1176 14.36 36.79 21.97
N VAL B 1177 14.68 36.60 23.25
CA VAL B 1177 15.73 35.67 23.62
C VAL B 1177 15.35 34.25 23.21
N ALA B 1178 14.10 33.86 23.49
CA ALA B 1178 13.64 32.53 23.11
C ALA B 1178 13.67 32.34 21.60
N GLN B 1179 13.35 33.40 20.84
CA GLN B 1179 13.43 33.32 19.39
C GLN B 1179 14.88 33.15 18.94
N PHE B 1180 15.81 33.85 19.60
CA PHE B 1180 17.22 33.71 19.25
C PHE B 1180 17.70 32.27 19.46
N GLU B 1181 17.36 31.67 20.59
CA GLU B 1181 17.73 30.28 20.84
C GLU B 1181 17.12 29.36 19.80
N HIS B 1182 15.84 29.58 19.48
CA HIS B 1182 15.17 28.76 18.48
C HIS B 1182 15.88 28.84 17.13
N LEU B 1183 16.30 30.04 16.73
CA LEU B 1183 17.04 30.19 15.48
C LEU B 1183 18.42 29.53 15.56
N LEU B 1184 19.11 29.69 16.69
CA LEU B 1184 20.43 29.11 16.85
C LEU B 1184 20.38 27.58 16.77
N LEU B 1185 19.50 26.97 17.57
CA LEU B 1185 19.37 25.52 17.53
C LEU B 1185 18.91 25.02 16.17
N GLN B 1186 18.12 25.82 15.46
CA GLN B 1186 17.72 25.47 14.10
C GLN B 1186 18.93 25.49 13.17
N ALA B 1187 19.72 26.56 13.22
CA ALA B 1187 20.81 26.73 12.28
C ALA B 1187 21.90 25.68 12.46
N VAL B 1188 22.18 25.29 13.71
CA VAL B 1188 23.31 24.40 13.97
C VAL B 1188 23.00 22.97 13.56
N HIS B 1189 21.75 22.53 13.73
CA HIS B 1189 21.36 21.18 13.34
C HIS B 1189 20.77 21.13 11.94
N GLY B 1190 20.64 22.28 11.28
CA GLY B 1190 20.11 22.36 9.92
C GLY B 1190 20.88 23.36 9.10
N LEU B 1191 22.05 22.96 8.64
CA LEU B 1191 22.97 23.86 7.97
C LEU B 1191 22.79 23.88 6.46
N ASP B 1192 22.26 22.80 5.88
CA ASP B 1192 21.96 22.75 4.47
C ASP B 1192 20.54 23.21 4.16
N GLN B 1193 19.74 23.53 5.18
CA GLN B 1193 18.41 24.06 4.98
C GLN B 1193 18.46 25.53 4.58
N GLN B 1194 17.43 25.98 3.87
CA GLN B 1194 17.37 27.37 3.44
C GLN B 1194 17.05 28.28 4.62
N VAL B 1195 17.58 29.50 4.58
CA VAL B 1195 17.37 30.45 5.67
C VAL B 1195 15.88 30.76 5.84
N LYS B 1196 15.14 30.83 4.72
CA LYS B 1196 13.71 31.07 4.79
C LYS B 1196 12.98 29.98 5.58
N ARG B 1197 13.52 28.76 5.58
CA ARG B 1197 12.90 27.65 6.28
C ARG B 1197 13.07 27.72 7.79
N PHE B 1198 13.81 28.70 8.30
CA PHE B 1198 13.99 28.89 9.73
C PHE B 1198 12.83 29.71 10.27
N GLU B 1199 12.26 29.26 11.40
CA GLU B 1199 11.12 29.92 12.01
C GLU B 1199 11.55 30.72 13.23
N LEU B 1200 11.10 31.97 13.29
CA LEU B 1200 11.37 32.82 14.44
C LEU B 1200 10.45 32.50 15.62
N VAL B 1201 9.21 32.10 15.36
CA VAL B 1201 8.25 31.83 16.41
C VAL B 1201 8.54 30.48 17.05
N THR B 1202 8.31 30.40 18.36
CA THR B 1202 8.43 29.16 19.11
C THR B 1202 7.07 28.49 19.22
N GLU B 1203 7.09 27.18 19.47
CA GLU B 1203 5.83 26.44 19.59
C GLU B 1203 5.00 26.96 20.75
N ASP B 1204 5.64 27.30 21.87
CA ASP B 1204 4.92 27.91 22.97
C ASP B 1204 4.36 29.27 22.59
N GLU B 1205 5.08 30.00 21.74
CA GLU B 1205 4.58 31.28 21.25
C GLU B 1205 3.35 31.09 20.37
N LYS B 1206 3.24 29.94 19.70
CA LYS B 1206 2.11 29.71 18.82
C LYS B 1206 0.88 29.22 19.58
N ARG B 1207 1.08 28.51 20.70
CA ARG B 1207 -0.06 28.10 21.52
C ARG B 1207 -0.61 29.29 22.29
N ASP B 1208 0.27 30.15 22.82
CA ASP B 1208 -0.18 31.39 23.44
C ASP B 1208 -1.00 32.23 22.46
N LEU B 1209 -0.64 32.17 21.17
CA LEU B 1209 -1.41 32.89 20.16
C LEU B 1209 -2.78 32.26 19.96
N PHE B 1210 -2.84 30.94 19.86
CA PHE B 1210 -4.11 30.26 19.64
C PHE B 1210 -5.08 30.52 20.78
N LEU B 1211 -4.61 30.48 22.02
CA LEU B 1211 -5.49 30.67 23.16
C LEU B 1211 -5.91 32.11 23.33
N ARG B 1212 -5.10 33.06 22.86
CA ARG B 1212 -5.39 34.47 23.02
C ARG B 1212 -6.09 35.08 21.81
N VAL B 1213 -6.20 34.35 20.70
CA VAL B 1213 -6.71 34.92 19.45
C VAL B 1213 -7.71 33.97 18.80
N ASN B 1214 -7.24 32.80 18.37
CA ASN B 1214 -7.99 31.94 17.46
C ASN B 1214 -8.72 30.81 18.17
N ASP B 1215 -8.94 30.92 19.48
CA ASP B 1215 -9.79 29.97 20.20
C ASP B 1215 -11.21 30.51 20.13
N THR B 1216 -11.92 30.16 19.05
CA THR B 1216 -13.19 30.81 18.73
C THR B 1216 -14.29 29.81 18.35
N ALA B 1217 -14.11 28.53 18.67
CA ALA B 1217 -15.11 27.54 18.29
C ALA B 1217 -16.37 27.67 19.13
N LYS B 1218 -17.53 27.67 18.46
CA LYS B 1218 -18.82 27.75 19.14
C LYS B 1218 -19.88 27.19 18.21
N ALA B 1219 -20.64 26.18 18.68
CA ALA B 1219 -21.66 25.57 17.86
C ALA B 1219 -22.82 26.55 17.65
N TYR B 1220 -23.27 26.67 16.41
CA TYR B 1220 -24.34 27.59 16.05
C TYR B 1220 -25.42 26.87 15.27
N PRO B 1221 -26.68 27.27 15.43
CA PRO B 1221 -27.77 26.57 14.75
C PRO B 1221 -27.68 26.69 13.23
N ASN B 1222 -28.14 25.65 12.56
CA ASN B 1222 -28.03 25.53 11.11
C ASN B 1222 -29.33 25.87 10.38
N LYS B 1223 -30.13 26.77 10.94
CA LYS B 1223 -31.41 27.16 10.35
C LYS B 1223 -31.18 28.32 9.38
N LEU B 1224 -31.41 28.08 8.09
CA LEU B 1224 -31.23 29.13 7.10
C LEU B 1224 -32.17 30.30 7.39
N ILE B 1225 -31.76 31.49 6.96
CA ILE B 1225 -32.48 32.72 7.29
C ILE B 1225 -33.91 32.67 6.76
N MET B 1226 -34.08 32.18 5.53
CA MET B 1226 -35.41 32.11 4.92
C MET B 1226 -36.36 31.26 5.75
N SER B 1227 -35.87 30.14 6.29
CA SER B 1227 -36.70 29.31 7.14
C SER B 1227 -37.02 30.00 8.47
N MET B 1228 -36.07 30.78 8.98
CA MET B 1228 -36.31 31.51 10.23
C MET B 1228 -37.51 32.44 10.11
N LEU B 1229 -37.67 33.09 8.95
CA LEU B 1229 -38.80 33.97 8.76
C LEU B 1229 -40.10 33.19 8.63
N GLU B 1230 -40.06 32.05 7.93
CA GLU B 1230 -41.23 31.19 7.84
C GLU B 1230 -41.73 30.80 9.23
N ASP B 1231 -40.80 30.44 10.12
CA ASP B 1231 -41.16 30.12 11.49
C ASP B 1231 -41.72 31.36 12.20
N TRP B 1232 -40.93 32.44 12.23
CA TRP B 1232 -41.37 33.66 12.89
C TRP B 1232 -42.70 34.17 12.33
N ALA B 1233 -42.96 33.91 11.04
CA ALA B 1233 -44.24 34.28 10.46
C ALA B 1233 -45.38 33.52 11.11
N ALA B 1234 -45.22 32.20 11.24
CA ALA B 1234 -46.28 31.38 11.83
C ALA B 1234 -46.51 31.76 13.29
N ALA B 1235 -45.44 32.03 14.04
CA ALA B 1235 -45.57 32.35 15.45
C ALA B 1235 -46.16 33.75 15.65
N THR B 1236 -45.50 34.77 15.10
CA THR B 1236 -45.97 36.14 15.22
C THR B 1236 -46.34 36.68 13.84
N PRO B 1237 -47.52 36.33 13.31
CA PRO B 1237 -47.85 36.76 11.95
C PRO B 1237 -48.23 38.23 11.85
N ASP B 1238 -48.56 38.88 12.97
CA ASP B 1238 -49.00 40.27 12.95
C ASP B 1238 -48.00 41.20 13.60
N LYS B 1239 -46.77 40.75 13.84
CA LYS B 1239 -45.70 41.61 14.32
C LYS B 1239 -45.04 42.31 13.14
N THR B 1240 -44.73 43.59 13.31
CA THR B 1240 -44.18 44.39 12.22
C THR B 1240 -42.74 43.98 11.94
N ALA B 1241 -42.41 43.86 10.65
CA ALA B 1241 -41.09 43.46 10.19
C ALA B 1241 -40.33 44.56 9.46
N LEU B 1242 -41.04 45.35 8.64
CA LEU B 1242 -40.42 46.39 7.83
C LEU B 1242 -41.16 47.71 8.05
N VAL B 1243 -40.40 48.81 8.06
CA VAL B 1243 -40.95 50.14 8.22
C VAL B 1243 -40.33 51.01 7.13
N PHE B 1244 -41.10 51.31 6.08
CA PHE B 1244 -40.67 52.19 5.01
C PHE B 1244 -41.65 53.35 4.92
N ARG B 1245 -41.14 54.57 5.04
CA ARG B 1245 -41.97 55.77 5.03
C ARG B 1245 -43.06 55.67 6.10
N GLU B 1246 -44.33 55.61 5.68
CA GLU B 1246 -45.44 55.51 6.61
C GLU B 1246 -46.09 54.13 6.59
N GLN B 1247 -45.41 53.13 6.02
CA GLN B 1247 -45.95 51.79 5.90
C GLN B 1247 -45.31 50.86 6.92
N ARG B 1248 -46.04 49.78 7.25
CA ARG B 1248 -45.59 48.79 8.22
C ARG B 1248 -45.97 47.41 7.73
N VAL B 1249 -45.00 46.67 7.20
CA VAL B 1249 -45.21 45.32 6.70
C VAL B 1249 -44.98 44.32 7.83
N THR B 1250 -45.93 43.43 8.04
CA THR B 1250 -45.82 42.43 9.09
C THR B 1250 -45.04 41.21 8.60
N TYR B 1251 -44.79 40.29 9.53
CA TYR B 1251 -44.06 39.07 9.18
C TYR B 1251 -44.84 38.24 8.16
N ARG B 1252 -46.15 38.07 8.39
CA ARG B 1252 -46.97 37.29 7.48
C ARG B 1252 -47.12 38.00 6.14
N GLU B 1253 -47.36 39.31 6.16
CA GLU B 1253 -47.44 40.07 4.92
C GLU B 1253 -46.12 39.99 4.16
N LEU B 1254 -45.00 40.14 4.86
CA LEU B 1254 -43.72 39.95 4.20
C LEU B 1254 -43.63 38.55 3.60
N ASN B 1255 -43.65 37.53 4.46
CA ASN B 1255 -43.50 36.15 4.00
C ASN B 1255 -44.36 35.83 2.79
N GLU B 1256 -45.61 36.30 2.78
CA GLU B 1256 -46.51 36.02 1.66
C GLU B 1256 -46.02 36.67 0.37
N ARG B 1257 -45.77 37.99 0.42
CA ARG B 1257 -45.28 38.69 -0.77
C ARG B 1257 -43.98 38.09 -1.26
N VAL B 1258 -43.11 37.67 -0.35
CA VAL B 1258 -41.90 36.96 -0.75
C VAL B 1258 -42.25 35.67 -1.47
N ASN B 1259 -43.24 34.93 -0.97
CA ASN B 1259 -43.62 33.67 -1.60
C ASN B 1259 -44.11 33.90 -3.02
N GLN B 1260 -44.91 34.94 -3.24
CA GLN B 1260 -45.45 35.21 -4.57
C GLN B 1260 -44.33 35.42 -5.59
N LEU B 1261 -43.34 36.25 -5.23
CA LEU B 1261 -42.19 36.43 -6.11
C LEU B 1261 -41.32 35.18 -6.15
N ALA B 1262 -41.28 34.41 -5.04
CA ALA B 1262 -40.49 33.19 -5.02
C ALA B 1262 -41.02 32.17 -6.00
N HIS B 1263 -42.32 31.87 -5.94
CA HIS B 1263 -42.93 30.97 -6.91
C HIS B 1263 -42.65 31.42 -8.34
N THR B 1264 -42.75 32.73 -8.59
CA THR B 1264 -42.46 33.25 -9.93
C THR B 1264 -41.05 32.90 -10.36
N LEU B 1265 -40.07 33.17 -9.49
CA LEU B 1265 -38.67 32.93 -9.84
C LEU B 1265 -38.41 31.46 -10.17
N ARG B 1266 -38.95 30.55 -9.36
CA ARG B 1266 -38.80 29.12 -9.63
C ARG B 1266 -39.36 28.75 -10.99
N GLU B 1267 -40.59 29.19 -11.29
CA GLU B 1267 -41.20 28.94 -12.58
C GLU B 1267 -40.39 29.49 -13.75
N LYS B 1268 -39.39 30.32 -13.48
CA LYS B 1268 -38.42 30.77 -14.48
C LYS B 1268 -37.12 29.98 -14.43
N GLY B 1269 -37.06 28.90 -13.66
CA GLY B 1269 -35.89 28.05 -13.60
C GLY B 1269 -34.83 28.51 -12.62
N VAL B 1270 -35.14 28.45 -11.33
CA VAL B 1270 -34.19 28.80 -10.27
C VAL B 1270 -33.93 27.54 -9.45
N GLN B 1271 -32.72 27.02 -9.57
CA GLN B 1271 -32.23 25.90 -8.78
C GLN B 1271 -31.05 26.40 -7.95
N PRO B 1272 -30.60 25.64 -6.95
CA PRO B 1272 -29.46 26.10 -6.13
C PRO B 1272 -28.28 26.56 -6.96
N ASP B 1273 -27.60 27.60 -6.46
CA ASP B 1273 -26.39 28.22 -7.02
C ASP B 1273 -26.65 29.02 -8.29
N ASP B 1274 -27.91 29.28 -8.63
CA ASP B 1274 -28.24 30.15 -9.75
C ASP B 1274 -28.25 31.60 -9.29
N LEU B 1275 -27.62 32.47 -10.08
CA LEU B 1275 -27.47 33.88 -9.73
C LEU B 1275 -28.53 34.70 -10.44
N VAL B 1276 -29.26 35.51 -9.67
CA VAL B 1276 -30.24 36.45 -10.19
C VAL B 1276 -29.80 37.85 -9.80
N MET B 1277 -29.66 38.73 -10.79
CA MET B 1277 -29.20 40.08 -10.57
C MET B 1277 -30.33 40.97 -10.04
N LEU B 1278 -29.94 42.00 -9.30
CA LEU B 1278 -30.89 42.95 -8.71
C LEU B 1278 -30.49 44.37 -9.09
N MET B 1279 -31.48 45.17 -9.48
CA MET B 1279 -31.27 46.58 -9.83
C MET B 1279 -32.42 47.38 -9.22
N ALA B 1280 -32.29 47.70 -7.94
CA ALA B 1280 -33.35 48.40 -7.22
C ALA B 1280 -32.73 49.34 -6.19
N GLU B 1281 -33.46 50.40 -5.88
CA GLU B 1281 -33.10 51.30 -4.80
C GLU B 1281 -33.73 50.81 -3.49
N ARG B 1282 -33.30 51.42 -2.38
CA ARG B 1282 -33.78 51.01 -1.07
C ARG B 1282 -35.30 51.14 -1.00
N SER B 1283 -35.98 50.03 -0.81
CA SER B 1283 -37.44 49.99 -0.86
C SER B 1283 -37.93 48.72 -0.16
N VAL B 1284 -39.23 48.46 -0.28
CA VAL B 1284 -39.75 47.17 0.15
C VAL B 1284 -39.59 46.15 -0.96
N GLU B 1285 -39.67 46.58 -2.23
CA GLU B 1285 -39.43 45.67 -3.34
C GLU B 1285 -38.01 45.12 -3.30
N MET B 1286 -37.05 45.94 -2.89
CA MET B 1286 -35.68 45.46 -2.73
C MET B 1286 -35.60 44.36 -1.71
N MET B 1287 -36.31 44.51 -0.58
CA MET B 1287 -36.30 43.49 0.45
C MET B 1287 -37.01 42.21 -0.01
N VAL B 1288 -38.18 42.35 -0.64
CA VAL B 1288 -38.91 41.17 -1.10
C VAL B 1288 -38.10 40.42 -2.14
N ALA B 1289 -37.37 41.13 -3.00
CA ALA B 1289 -36.61 40.47 -4.05
C ALA B 1289 -35.51 39.59 -3.47
N ILE B 1290 -34.79 40.10 -2.46
CA ILE B 1290 -33.70 39.33 -1.85
C ILE B 1290 -34.24 38.03 -1.24
N PHE B 1291 -35.19 38.16 -0.31
CA PHE B 1291 -35.74 36.99 0.36
C PHE B 1291 -36.39 36.04 -0.63
N ALA B 1292 -36.97 36.55 -1.73
CA ALA B 1292 -37.60 35.67 -2.69
C ALA B 1292 -36.57 34.89 -3.50
N VAL B 1293 -35.45 35.53 -3.82
CA VAL B 1293 -34.34 34.83 -4.47
C VAL B 1293 -33.87 33.66 -3.60
N LEU B 1294 -33.81 33.87 -2.29
CA LEU B 1294 -33.39 32.80 -1.39
C LEU B 1294 -34.43 31.69 -1.31
N LYS B 1295 -35.69 32.07 -1.09
CA LYS B 1295 -36.78 31.09 -1.04
C LYS B 1295 -36.85 30.27 -2.32
N ALA B 1296 -36.63 30.91 -3.47
CA ALA B 1296 -36.60 30.18 -4.72
C ALA B 1296 -35.47 29.17 -4.76
N GLY B 1297 -34.31 29.54 -4.22
CA GLY B 1297 -33.19 28.62 -4.15
C GLY B 1297 -31.89 29.17 -4.70
N GLY B 1298 -31.93 30.39 -5.23
CA GLY B 1298 -30.79 31.00 -5.88
C GLY B 1298 -30.02 31.93 -4.96
N ALA B 1299 -29.16 32.75 -5.58
CA ALA B 1299 -28.37 33.73 -4.88
C ALA B 1299 -28.55 35.09 -5.55
N TYR B 1300 -28.67 36.14 -4.74
CA TYR B 1300 -28.93 37.46 -5.29
C TYR B 1300 -27.64 38.21 -5.58
N LEU B 1301 -27.66 38.99 -6.66
CA LEU B 1301 -26.52 39.78 -7.09
C LEU B 1301 -26.93 41.25 -7.03
N PRO B 1302 -26.32 42.07 -6.15
CA PRO B 1302 -26.70 43.49 -6.09
C PRO B 1302 -25.94 44.36 -7.08
N ILE B 1303 -26.67 45.20 -7.82
CA ILE B 1303 -26.07 46.15 -8.75
C ILE B 1303 -26.65 47.52 -8.47
N ASP B 1304 -25.79 48.52 -8.40
CA ASP B 1304 -26.24 49.89 -8.23
C ASP B 1304 -27.08 50.30 -9.44
N PRO B 1305 -28.30 50.80 -9.24
CA PRO B 1305 -29.13 51.17 -10.40
C PRO B 1305 -28.54 52.28 -11.26
N HIS B 1306 -27.87 53.25 -10.64
CA HIS B 1306 -27.29 54.38 -11.36
C HIS B 1306 -25.82 54.16 -11.70
N SER B 1307 -25.42 52.90 -11.94
CA SER B 1307 -24.05 52.60 -12.28
C SER B 1307 -23.80 52.80 -13.77
N PRO B 1308 -22.58 53.18 -14.15
CA PRO B 1308 -22.27 53.31 -15.58
C PRO B 1308 -22.55 52.03 -16.34
N ALA B 1309 -22.79 52.19 -17.64
CA ALA B 1309 -23.24 51.06 -18.45
C ALA B 1309 -22.18 49.98 -18.59
N GLU B 1310 -20.91 50.31 -18.34
CA GLU B 1310 -19.86 49.31 -18.50
C GLU B 1310 -19.98 48.21 -17.45
N ARG B 1311 -20.51 48.53 -16.27
CA ARG B 1311 -20.60 47.53 -15.20
C ARG B 1311 -21.76 46.59 -15.42
N ILE B 1312 -22.92 47.11 -15.84
CA ILE B 1312 -24.06 46.25 -16.18
C ILE B 1312 -23.63 45.20 -17.19
N ALA B 1313 -22.81 45.60 -18.17
CA ALA B 1313 -22.32 44.66 -19.17
C ALA B 1313 -21.28 43.72 -18.58
N TYR B 1314 -20.31 44.26 -17.83
CA TYR B 1314 -19.27 43.44 -17.24
C TYR B 1314 -19.85 42.39 -16.30
N ILE B 1315 -20.68 42.82 -15.35
CA ILE B 1315 -21.22 41.90 -14.35
C ILE B 1315 -22.09 40.84 -15.02
N PHE B 1316 -22.94 41.26 -15.97
CA PHE B 1316 -23.76 40.30 -16.69
C PHE B 1316 -22.91 39.29 -17.44
N ALA B 1317 -21.78 39.74 -17.99
CA ALA B 1317 -20.85 38.82 -18.65
C ALA B 1317 -20.13 37.95 -17.64
N ASP B 1318 -19.43 38.56 -16.68
CA ASP B 1318 -18.61 37.82 -15.74
C ASP B 1318 -19.43 36.86 -14.88
N SER B 1319 -20.73 37.10 -14.72
CA SER B 1319 -21.54 36.23 -13.88
C SER B 1319 -22.27 35.16 -14.68
N GLY B 1320 -22.58 35.42 -15.95
CA GLY B 1320 -23.40 34.50 -16.70
C GLY B 1320 -24.81 34.38 -16.17
N ALA B 1321 -25.27 35.36 -15.40
CA ALA B 1321 -26.63 35.34 -14.88
C ALA B 1321 -27.62 35.69 -15.98
N LYS B 1322 -28.81 35.08 -15.91
CA LYS B 1322 -29.85 35.26 -16.93
C LYS B 1322 -31.05 36.05 -16.43
N LEU B 1323 -31.33 36.02 -15.12
CA LEU B 1323 -32.50 36.67 -14.54
C LEU B 1323 -32.07 37.92 -13.79
N VAL B 1324 -32.76 39.03 -14.01
CA VAL B 1324 -32.52 40.28 -13.29
C VAL B 1324 -33.86 40.82 -12.81
N LEU B 1325 -34.04 40.88 -11.50
CA LEU B 1325 -35.20 41.54 -10.91
C LEU B 1325 -34.89 43.03 -10.80
N ALA B 1326 -35.67 43.86 -11.50
CA ALA B 1326 -35.39 45.28 -11.58
C ALA B 1326 -36.65 46.10 -11.34
N GLN B 1327 -36.45 47.33 -10.89
CA GLN B 1327 -37.54 48.29 -10.75
C GLN B 1327 -37.84 48.94 -12.09
N SER B 1328 -39.02 49.57 -12.17
CA SER B 1328 -39.50 50.16 -13.42
C SER B 1328 -38.51 51.12 -14.07
N PRO B 1329 -37.91 52.09 -13.36
CA PRO B 1329 -36.98 53.01 -14.03
C PRO B 1329 -35.68 52.36 -14.49
N PHE B 1330 -35.41 51.12 -14.09
CA PHE B 1330 -34.16 50.46 -14.44
C PHE B 1330 -34.38 49.16 -15.23
N VAL B 1331 -35.59 48.92 -15.73
CA VAL B 1331 -35.82 47.75 -16.56
C VAL B 1331 -35.18 47.93 -17.93
N GLU B 1332 -35.08 49.18 -18.40
CA GLU B 1332 -34.47 49.46 -19.69
C GLU B 1332 -32.98 49.10 -19.69
N LYS B 1333 -32.27 49.40 -18.61
CA LYS B 1333 -30.84 49.15 -18.57
C LYS B 1333 -30.53 47.66 -18.59
N ALA B 1334 -31.39 46.84 -17.99
CA ALA B 1334 -31.22 45.39 -17.97
C ALA B 1334 -31.82 44.73 -19.20
N SER B 1335 -32.09 45.50 -20.26
CA SER B 1335 -32.62 44.91 -21.49
C SER B 1335 -31.70 43.83 -22.03
N MET B 1336 -30.40 43.91 -21.73
CA MET B 1336 -29.44 42.94 -22.24
C MET B 1336 -29.52 41.61 -21.53
N ALA B 1337 -30.57 41.37 -20.76
CA ALA B 1337 -30.83 40.08 -20.14
C ALA B 1337 -32.13 39.51 -20.68
N GLU B 1338 -32.23 38.19 -20.67
CA GLU B 1338 -33.40 37.54 -21.24
C GLU B 1338 -34.60 37.64 -20.30
N VAL B 1339 -34.38 37.46 -19.00
CA VAL B 1339 -35.45 37.54 -18.01
C VAL B 1339 -35.24 38.83 -17.21
N VAL B 1340 -36.08 39.82 -17.47
CA VAL B 1340 -36.04 41.08 -16.74
C VAL B 1340 -37.38 41.30 -16.05
N LEU B 1341 -37.61 40.58 -14.96
CA LEU B 1341 -38.86 40.74 -14.21
C LEU B 1341 -38.93 42.13 -13.57
N ASP B 1342 -40.05 42.81 -13.76
CA ASP B 1342 -40.28 44.12 -13.15
C ASP B 1342 -40.83 43.91 -11.75
N LEU B 1343 -40.11 44.42 -10.75
CA LEU B 1343 -40.55 44.32 -9.36
C LEU B 1343 -41.77 45.19 -9.07
N ASN B 1344 -42.10 46.12 -9.96
CA ASN B 1344 -43.25 47.01 -9.78
C ASN B 1344 -44.47 46.60 -10.58
N SER B 1345 -44.36 45.58 -11.43
CA SER B 1345 -45.50 45.05 -12.17
C SER B 1345 -46.06 43.85 -11.42
N ALA B 1346 -47.38 43.84 -11.21
CA ALA B 1346 -48.02 42.73 -10.51
C ALA B 1346 -47.96 41.44 -11.31
N SER B 1347 -47.62 41.51 -12.60
CA SER B 1347 -47.48 40.29 -13.41
C SER B 1347 -46.34 39.42 -12.90
N SER B 1348 -45.35 40.02 -12.25
CA SER B 1348 -44.20 39.29 -11.71
C SER B 1348 -44.48 38.66 -10.35
N TYR B 1349 -45.72 38.71 -9.87
CA TYR B 1349 -46.10 38.12 -8.59
C TYR B 1349 -47.21 37.11 -8.83
N ALA B 1350 -47.06 35.91 -8.27
CA ALA B 1350 -48.04 34.85 -8.45
C ALA B 1350 -49.18 34.99 -7.44
N ALA B 1351 -50.11 34.05 -7.51
CA ALA B 1351 -51.29 34.09 -6.64
C ALA B 1351 -51.10 33.32 -5.34
N ASP B 1352 -50.12 32.43 -5.27
CA ASP B 1352 -49.92 31.59 -4.10
C ASP B 1352 -49.12 32.33 -3.04
N THR B 1353 -49.64 32.34 -1.80
CA THR B 1353 -48.98 32.99 -0.67
C THR B 1353 -48.51 31.96 0.36
N SER B 1354 -48.26 30.73 -0.06
CA SER B 1354 -47.72 29.69 0.81
C SER B 1354 -46.21 29.57 0.60
N ASN B 1355 -45.53 29.10 1.62
CA ASN B 1355 -44.08 28.99 1.57
C ASN B 1355 -43.67 27.95 0.54
N PRO B 1356 -42.81 28.28 -0.42
CA PRO B 1356 -42.34 27.30 -1.39
C PRO B 1356 -41.55 26.20 -0.71
N PRO B 1357 -41.43 25.03 -1.32
CA PRO B 1357 -40.64 23.96 -0.70
C PRO B 1357 -39.16 24.30 -0.65
N LEU B 1358 -38.50 23.85 0.40
CA LEU B 1358 -37.08 24.15 0.58
C LEU B 1358 -36.23 23.25 -0.32
N VAL B 1359 -35.12 23.81 -0.81
CA VAL B 1359 -34.34 23.16 -1.87
C VAL B 1359 -32.87 23.44 -1.59
N ASN B 1360 -32.59 24.25 -0.58
CA ASN B 1360 -31.23 24.74 -0.32
C ASN B 1360 -30.56 23.98 0.80
N GLN B 1361 -29.24 23.95 0.76
CA GLN B 1361 -28.39 23.35 1.78
C GLN B 1361 -27.30 24.32 2.18
N PRO B 1362 -26.76 24.18 3.41
CA PRO B 1362 -25.80 25.17 3.91
C PRO B 1362 -24.64 25.48 2.98
N GLY B 1363 -24.26 24.56 2.09
CA GLY B 1363 -23.16 24.81 1.17
C GLY B 1363 -23.53 25.55 -0.08
N ASP B 1364 -24.80 25.91 -0.25
CA ASP B 1364 -25.27 26.58 -1.46
C ASP B 1364 -25.06 28.09 -1.35
N LEU B 1365 -24.88 28.71 -2.51
CA LEU B 1365 -24.65 30.15 -2.56
C LEU B 1365 -25.87 30.93 -2.07
N VAL B 1366 -25.60 31.99 -1.33
CA VAL B 1366 -26.66 32.87 -0.86
C VAL B 1366 -26.59 34.26 -1.49
N TYR B 1367 -25.40 34.76 -1.85
CA TYR B 1367 -25.28 35.98 -2.61
C TYR B 1367 -23.87 36.08 -3.19
N VAL B 1368 -23.72 36.95 -4.17
CA VAL B 1368 -22.44 37.21 -4.82
C VAL B 1368 -22.22 38.72 -4.78
N MET B 1369 -21.32 39.17 -3.92
CA MET B 1369 -21.01 40.59 -3.76
C MET B 1369 -19.78 40.96 -4.60
N TYR B 1370 -19.89 42.03 -5.37
CA TYR B 1370 -18.80 42.50 -6.20
C TYR B 1370 -18.00 43.59 -5.47
N THR B 1371 -16.70 43.62 -5.75
CA THR B 1371 -15.78 44.52 -5.09
C THR B 1371 -15.57 45.78 -5.93
N SER B 1372 -14.54 46.55 -5.58
CA SER B 1372 -14.22 47.78 -6.30
C SER B 1372 -13.36 47.48 -7.53
N THR B 1375 -8.08 49.91 -7.90
CA THR B 1375 -7.58 48.56 -8.16
C THR B 1375 -7.64 48.23 -9.64
N GLY B 1376 -8.86 48.07 -10.16
CA GLY B 1376 -9.04 47.75 -11.57
C GLY B 1376 -10.41 47.18 -11.88
N LYS B 1377 -10.46 45.91 -12.24
CA LYS B 1377 -11.73 45.26 -12.58
C LYS B 1377 -12.33 44.63 -11.33
N PRO B 1378 -13.64 44.79 -11.09
CA PRO B 1378 -14.26 44.18 -9.92
C PRO B 1378 -14.34 42.67 -10.06
N LYS B 1379 -14.43 42.00 -8.90
CA LYS B 1379 -14.52 40.55 -8.85
C LYS B 1379 -15.68 40.15 -7.93
N GLY B 1380 -16.39 39.09 -8.32
CA GLY B 1380 -17.55 38.66 -7.56
C GLY B 1380 -17.23 37.62 -6.49
N VAL B 1381 -17.46 37.98 -5.24
CA VAL B 1381 -17.14 37.11 -4.11
C VAL B 1381 -18.34 36.21 -3.83
N MET B 1382 -18.20 34.92 -4.09
CA MET B 1382 -19.28 33.97 -3.86
C MET B 1382 -19.31 33.55 -2.38
N ILE B 1383 -20.47 33.71 -1.76
CA ILE B 1383 -20.66 33.43 -0.33
C ILE B 1383 -21.76 32.40 -0.18
N GLU B 1384 -21.56 31.45 0.73
CA GLU B 1384 -22.52 30.38 0.98
C GLU B 1384 -23.43 30.73 2.15
N HIS B 1385 -24.44 29.88 2.34
CA HIS B 1385 -25.40 30.09 3.43
C HIS B 1385 -24.73 29.92 4.79
N GLY B 1386 -23.99 28.83 4.97
CA GLY B 1386 -23.35 28.58 6.25
C GLY B 1386 -22.41 29.69 6.66
N ALA B 1387 -21.74 30.30 5.69
CA ALA B 1387 -20.91 31.46 5.97
C ALA B 1387 -21.73 32.59 6.57
N LEU B 1388 -22.88 32.90 5.96
CA LEU B 1388 -23.73 33.98 6.46
C LEU B 1388 -24.29 33.66 7.83
N LEU B 1389 -24.64 32.38 8.07
CA LEU B 1389 -25.24 32.01 9.36
C LEU B 1389 -24.25 32.25 10.51
N ASN B 1390 -22.98 31.90 10.30
CA ASN B 1390 -22.01 31.99 11.38
C ASN B 1390 -21.77 33.44 11.80
N VAL B 1391 -21.55 34.32 10.83
CA VAL B 1391 -21.34 35.73 11.15
C VAL B 1391 -22.62 36.33 11.74
N LEU B 1392 -23.79 35.89 11.27
CA LEU B 1392 -25.04 36.41 11.82
C LEU B 1392 -25.28 35.90 13.23
N HIS B 1393 -25.03 34.62 13.47
CA HIS B 1393 -25.20 34.07 14.82
C HIS B 1393 -24.16 34.66 15.76
N GLY B 1394 -22.89 34.72 15.34
CA GLY B 1394 -21.86 35.28 16.19
C GLY B 1394 -22.12 36.72 16.56
N MET B 1395 -22.62 37.50 15.60
CA MET B 1395 -22.96 38.89 15.90
C MET B 1395 -24.20 38.98 16.78
N GLN B 1396 -25.12 38.02 16.66
CA GLN B 1396 -26.28 38.01 17.55
C GLN B 1396 -25.88 37.64 18.98
N ASP B 1397 -24.82 36.85 19.14
CA ASP B 1397 -24.31 36.57 20.47
C ASP B 1397 -23.61 37.77 21.07
N GLU B 1398 -22.97 38.59 20.24
CA GLU B 1398 -22.24 39.75 20.74
C GLU B 1398 -23.17 40.94 20.93
N TYR B 1399 -23.90 41.31 19.88
CA TYR B 1399 -24.80 42.48 19.87
C TYR B 1399 -26.19 41.98 19.54
N PRO B 1400 -26.92 41.44 20.51
CA PRO B 1400 -28.20 40.78 20.22
C PRO B 1400 -29.27 41.80 19.83
N LEU B 1401 -29.92 41.55 18.69
CA LEU B 1401 -31.11 42.27 18.25
C LEU B 1401 -32.27 41.29 18.35
N LEU B 1402 -33.02 41.38 19.44
CA LEU B 1402 -34.17 40.51 19.67
C LEU B 1402 -35.44 41.26 19.28
N GLN B 1403 -36.59 40.83 19.82
CA GLN B 1403 -37.79 41.62 19.72
C GLN B 1403 -37.57 42.98 20.39
N ASP B 1404 -38.45 43.94 20.07
CA ASP B 1404 -38.40 45.29 20.61
C ASP B 1404 -37.15 46.06 20.17
N ASP B 1405 -36.23 45.38 19.49
CA ASP B 1405 -35.02 45.99 18.96
C ASP B 1405 -35.14 46.19 17.46
N ALA B 1406 -34.38 47.15 16.94
CA ALA B 1406 -34.54 47.58 15.56
C ALA B 1406 -33.20 47.92 14.92
N PHE B 1407 -33.05 47.52 13.66
CA PHE B 1407 -31.92 47.88 12.81
C PHE B 1407 -32.37 48.91 11.78
N LEU B 1408 -31.40 49.66 11.25
CA LEU B 1408 -31.66 50.72 10.29
C LEU B 1408 -30.89 50.42 8.99
N LEU B 1409 -31.64 50.08 7.94
CA LEU B 1409 -31.03 49.83 6.64
C LEU B 1409 -30.60 51.14 6.01
N LYS B 1410 -29.31 51.42 6.04
CA LYS B 1410 -28.76 52.64 5.45
C LYS B 1410 -27.56 52.41 4.54
N THR B 1411 -26.87 51.29 4.66
CA THR B 1411 -25.74 50.99 3.80
C THR B 1411 -26.23 50.54 2.43
N THR B 1412 -25.59 51.06 1.39
CA THR B 1412 -25.96 50.69 0.02
C THR B 1412 -25.80 49.18 -0.16
N TYR B 1413 -26.80 48.55 -0.78
CA TYR B 1413 -26.81 47.10 -0.86
C TYR B 1413 -25.73 46.53 -1.77
N ILE B 1414 -24.90 47.38 -2.38
CA ILE B 1414 -23.71 46.91 -3.09
C ILE B 1414 -22.51 46.75 -2.16
N PHE B 1415 -22.68 46.99 -0.86
CA PHE B 1415 -21.63 46.78 0.12
C PHE B 1415 -22.00 45.62 1.03
N ASP B 1416 -21.02 44.78 1.36
CA ASP B 1416 -21.27 43.61 2.20
C ASP B 1416 -21.86 44.00 3.55
N ILE B 1417 -21.60 45.21 4.02
CA ILE B 1417 -22.13 45.66 5.30
C ILE B 1417 -23.66 45.61 5.30
N SER B 1418 -24.26 45.96 4.16
CA SER B 1418 -25.72 45.96 4.06
C SER B 1418 -26.32 44.60 4.40
N VAL B 1419 -25.59 43.52 4.11
CA VAL B 1419 -26.07 42.18 4.42
C VAL B 1419 -26.24 42.01 5.93
N ALA B 1420 -25.38 42.65 6.72
CA ALA B 1420 -25.52 42.56 8.18
C ALA B 1420 -26.82 43.20 8.65
N GLU B 1421 -27.36 44.14 7.88
CA GLU B 1421 -28.62 44.78 8.22
C GLU B 1421 -29.81 44.11 7.53
N ILE B 1422 -29.62 43.61 6.31
CA ILE B 1422 -30.70 42.98 5.56
C ILE B 1422 -31.22 41.76 6.29
N PHE B 1423 -30.35 41.03 7.00
CA PHE B 1423 -30.74 39.82 7.70
C PHE B 1423 -30.54 39.87 9.21
N GLY B 1424 -29.86 40.89 9.73
CA GLY B 1424 -29.52 40.92 11.15
C GLY B 1424 -30.72 40.99 12.08
N TRP B 1425 -31.87 41.43 11.59
CA TRP B 1425 -33.07 41.51 12.43
C TRP B 1425 -33.85 40.20 12.47
N VAL B 1426 -33.71 39.35 11.44
CA VAL B 1426 -34.50 38.11 11.39
C VAL B 1426 -34.25 37.22 12.60
N PRO B 1427 -33.00 36.93 13.00
CA PRO B 1427 -32.81 36.19 14.26
C PRO B 1427 -33.16 37.07 15.45
N GLY B 1428 -34.05 36.56 16.30
CA GLY B 1428 -34.52 37.30 17.46
C GLY B 1428 -35.89 37.92 17.31
N ARG B 1429 -36.51 37.82 16.13
CA ARG B 1429 -37.85 38.37 15.87
C ARG B 1429 -37.90 39.87 16.17
N GLY B 1430 -37.04 40.60 15.48
CA GLY B 1430 -36.95 42.04 15.61
C GLY B 1430 -37.69 42.75 14.48
N LYS B 1431 -37.10 43.84 14.01
CA LYS B 1431 -37.67 44.60 12.91
C LYS B 1431 -36.56 45.41 12.26
N LEU B 1432 -36.83 45.87 11.05
CA LEU B 1432 -35.90 46.72 10.31
C LEU B 1432 -36.64 47.91 9.76
N VAL B 1433 -36.04 49.09 9.91
CA VAL B 1433 -36.57 50.33 9.35
C VAL B 1433 -35.82 50.61 8.05
N ILE B 1434 -36.52 50.54 6.92
CA ILE B 1434 -35.91 50.87 5.63
C ILE B 1434 -35.83 52.38 5.52
N LEU B 1435 -34.61 52.90 5.41
CA LEU B 1435 -34.43 54.33 5.25
C LEU B 1435 -34.79 54.77 3.85
N GLU B 1436 -35.16 56.03 3.72
CA GLU B 1436 -35.47 56.58 2.41
C GLU B 1436 -34.22 56.60 1.53
N PRO B 1437 -34.35 56.33 0.24
CA PRO B 1437 -33.18 56.43 -0.65
C PRO B 1437 -32.51 57.79 -0.55
N GLU B 1438 -31.18 57.77 -0.45
CA GLU B 1438 -30.29 58.91 -0.30
C GLU B 1438 -30.39 59.61 1.06
N ALA B 1439 -31.26 59.13 1.95
CA ALA B 1439 -31.34 59.71 3.29
C ALA B 1439 -30.14 59.36 4.16
N GLU B 1440 -29.30 58.42 3.72
CA GLU B 1440 -28.07 58.11 4.44
C GLU B 1440 -27.08 59.27 4.44
N LYS B 1441 -27.33 60.30 3.63
CA LYS B 1441 -26.40 61.41 3.45
C LYS B 1441 -26.82 62.67 4.20
N ASN B 1442 -27.93 62.64 4.96
CA ASN B 1442 -28.06 63.71 5.94
C ASN B 1442 -28.23 63.09 7.33
N PRO B 1443 -27.62 63.68 8.34
CA PRO B 1443 -27.74 63.08 9.70
C PRO B 1443 -29.06 63.37 10.35
N LYS B 1444 -29.81 64.36 9.85
CA LYS B 1444 -31.15 64.64 10.34
C LYS B 1444 -32.02 63.40 10.22
N ALA B 1445 -32.34 63.01 8.98
CA ALA B 1445 -33.25 61.88 8.75
C ALA B 1445 -32.78 60.61 9.46
N ILE B 1446 -31.47 60.39 9.56
CA ILE B 1446 -30.97 59.26 10.34
C ILE B 1446 -31.39 59.42 11.80
N TRP B 1447 -31.12 60.59 12.38
CA TRP B 1447 -31.48 60.83 13.77
C TRP B 1447 -32.99 60.77 13.95
N GLN B 1448 -33.75 61.39 13.03
CA GLN B 1448 -35.21 61.32 13.11
C GLN B 1448 -35.72 59.90 13.18
N ALA B 1449 -35.14 58.99 12.39
CA ALA B 1449 -35.43 57.58 12.57
C ALA B 1449 -35.10 57.15 13.99
N VAL B 1450 -33.85 57.34 14.41
CA VAL B 1450 -33.39 56.70 15.65
C VAL B 1450 -34.30 57.03 16.82
N VAL B 1451 -34.73 58.28 16.92
CA VAL B 1451 -35.65 58.68 17.98
C VAL B 1451 -37.03 58.05 17.76
N GLY B 1452 -37.56 58.17 16.54
CA GLY B 1452 -38.90 57.70 16.23
C GLY B 1452 -39.12 56.21 16.36
N ALA B 1453 -38.54 55.45 15.43
CA ALA B 1453 -38.75 54.01 15.39
C ALA B 1453 -37.97 53.25 16.46
N GLY B 1454 -37.19 53.95 17.29
CA GLY B 1454 -36.46 53.30 18.37
C GLY B 1454 -35.38 52.36 17.88
N ILE B 1455 -34.55 52.81 16.92
CA ILE B 1455 -33.44 52.00 16.45
C ILE B 1455 -32.43 51.73 17.54
N THR B 1456 -32.04 50.47 17.62
CA THR B 1456 -31.07 50.01 18.61
C THR B 1456 -29.76 49.57 18.00
N HIS B 1457 -29.76 49.12 16.75
CA HIS B 1457 -28.54 48.73 16.03
C HIS B 1457 -28.35 49.65 14.84
N ILE B 1458 -27.12 50.15 14.67
CA ILE B 1458 -26.82 51.07 13.57
C ILE B 1458 -25.40 50.80 13.09
N ASN B 1459 -25.22 50.72 11.79
CA ASN B 1459 -23.92 50.59 11.17
C ASN B 1459 -23.47 51.94 10.63
N PHE B 1460 -22.17 52.22 10.73
CA PHE B 1460 -21.64 53.51 10.34
C PHE B 1460 -20.22 53.34 9.81
N VAL B 1461 -19.90 54.08 8.75
CA VAL B 1461 -18.52 54.21 8.29
C VAL B 1461 -17.89 55.32 9.12
N PRO B 1462 -16.64 55.17 9.56
CA PRO B 1462 -16.01 56.24 10.36
C PRO B 1462 -16.10 57.62 9.73
N SER B 1463 -15.94 57.71 8.40
CA SER B 1463 -16.03 59.00 7.72
C SER B 1463 -17.44 59.60 7.75
N MET B 1464 -18.45 58.83 8.15
CA MET B 1464 -19.82 59.30 8.21
C MET B 1464 -20.37 59.42 9.64
N LEU B 1465 -19.68 58.83 10.62
CA LEU B 1465 -20.15 58.95 12.00
C LEU B 1465 -19.91 60.35 12.55
N ILE B 1466 -18.85 61.01 12.09
CA ILE B 1466 -18.48 62.33 12.62
C ILE B 1466 -19.54 63.38 12.26
N PRO B 1467 -20.03 63.47 11.02
CA PRO B 1467 -21.13 64.42 10.77
C PRO B 1467 -22.37 64.11 11.59
N PHE B 1468 -22.61 62.84 11.89
CA PHE B 1468 -23.75 62.47 12.71
C PHE B 1468 -23.64 63.06 14.12
N VAL B 1469 -22.48 62.89 14.76
CA VAL B 1469 -22.32 63.42 16.12
C VAL B 1469 -22.06 64.93 16.10
N GLU B 1470 -21.46 65.46 15.03
CA GLU B 1470 -21.29 66.90 14.92
C GLU B 1470 -22.64 67.61 14.84
N TYR B 1471 -23.69 66.91 14.44
CA TYR B 1471 -25.03 67.48 14.39
C TYR B 1471 -25.89 67.02 15.56
N LEU B 1472 -25.49 65.98 16.27
CA LEU B 1472 -26.19 65.50 17.45
C LEU B 1472 -25.81 66.27 18.72
N GLU B 1473 -25.27 67.47 18.58
CA GLU B 1473 -25.00 68.32 19.73
C GLU B 1473 -26.27 68.89 20.33
N GLY B 1474 -27.37 68.86 19.60
CA GLY B 1474 -28.64 69.36 20.09
C GLY B 1474 -29.46 68.29 20.79
N ARG B 1475 -29.23 68.12 22.09
CA ARG B 1475 -29.93 67.15 22.94
C ARG B 1475 -29.67 65.71 22.51
N THR B 1476 -30.01 64.75 23.37
CA THR B 1476 -29.98 63.34 23.01
C THR B 1476 -31.37 62.78 22.78
N GLU B 1477 -32.42 63.52 23.13
CA GLU B 1477 -33.83 63.20 22.84
C GLU B 1477 -34.11 61.78 23.36
N ALA B 1478 -34.79 60.92 22.60
CA ALA B 1478 -34.90 59.50 22.92
C ALA B 1478 -33.77 58.75 22.23
N ASN B 1479 -33.05 57.92 23.01
CA ASN B 1479 -31.86 57.24 22.52
C ASN B 1479 -31.95 55.76 22.91
N ARG B 1480 -32.81 55.04 22.21
CA ARG B 1480 -32.87 53.59 22.37
C ARG B 1480 -31.65 52.90 21.76
N LEU B 1481 -30.78 53.67 21.10
CA LEU B 1481 -29.56 53.13 20.52
C LEU B 1481 -28.73 52.39 21.56
N ARG B 1482 -28.26 51.20 21.20
CA ARG B 1482 -27.45 50.37 22.08
C ARG B 1482 -26.05 50.14 21.55
N TYR B 1483 -25.89 49.95 20.23
CA TYR B 1483 -24.60 49.68 19.61
C TYR B 1483 -24.43 50.56 18.38
N ILE B 1484 -23.21 51.04 18.18
CA ILE B 1484 -22.81 51.70 16.94
C ILE B 1484 -21.67 50.86 16.36
N LEU B 1485 -21.99 50.01 15.39
CA LEU B 1485 -21.01 49.11 14.79
C LEU B 1485 -20.32 49.82 13.63
N ALA B 1486 -19.02 50.08 13.80
CA ALA B 1486 -18.25 50.83 12.81
C ALA B 1486 -17.39 49.89 12.00
N CYS B 1487 -17.34 50.13 10.69
CA CYS B 1487 -16.58 49.30 9.76
C CYS B 1487 -16.43 50.07 8.44
N GLY B 1488 -15.37 49.76 7.71
CA GLY B 1488 -15.12 50.41 6.44
C GLY B 1488 -13.84 51.21 6.42
N GLU B 1489 -13.64 52.04 7.43
CA GLU B 1489 -12.44 52.83 7.59
C GLU B 1489 -11.88 52.61 9.00
N ALA B 1490 -10.75 53.23 9.29
CA ALA B 1490 -10.12 53.12 10.60
C ALA B 1490 -10.73 54.14 11.56
N MET B 1491 -10.96 53.71 12.79
CA MET B 1491 -11.51 54.60 13.81
C MET B 1491 -10.46 55.62 14.22
N PRO B 1492 -10.73 56.91 14.11
CA PRO B 1492 -9.86 57.88 14.77
C PRO B 1492 -9.95 57.72 16.27
N ASP B 1493 -8.80 57.57 16.92
CA ASP B 1493 -8.80 57.35 18.37
C ASP B 1493 -9.33 58.55 19.13
N GLU B 1494 -9.50 59.70 18.48
CA GLU B 1494 -10.13 60.86 19.08
C GLU B 1494 -11.64 60.91 18.85
N LEU B 1495 -12.16 60.06 17.95
CA LEU B 1495 -13.59 60.07 17.67
C LEU B 1495 -14.38 59.24 18.68
N VAL B 1496 -13.76 58.23 19.28
CA VAL B 1496 -14.46 57.39 20.25
C VAL B 1496 -14.98 58.20 21.44
N PRO B 1497 -14.23 59.16 22.01
CA PRO B 1497 -14.84 59.98 23.06
C PRO B 1497 -15.96 60.87 22.57
N LYS B 1498 -15.83 61.47 21.38
CA LYS B 1498 -16.89 62.32 20.85
C LYS B 1498 -18.20 61.56 20.72
N VAL B 1499 -18.13 60.29 20.34
CA VAL B 1499 -19.32 59.45 20.32
C VAL B 1499 -19.82 59.22 21.73
N TYR B 1500 -18.94 58.76 22.62
CA TYR B 1500 -19.29 58.49 24.01
C TYR B 1500 -19.66 59.76 24.79
N GLU B 1501 -19.46 60.94 24.20
CA GLU B 1501 -19.90 62.19 24.79
C GLU B 1501 -21.27 62.63 24.26
N VAL B 1502 -21.41 62.68 22.94
CA VAL B 1502 -22.70 63.03 22.34
C VAL B 1502 -23.75 61.98 22.66
N LEU B 1503 -23.38 60.70 22.59
CA LEU B 1503 -24.24 59.58 22.95
C LEU B 1503 -23.61 58.87 24.14
N PRO B 1504 -23.79 59.39 25.36
CA PRO B 1504 -23.08 58.82 26.51
C PRO B 1504 -23.54 57.43 26.89
N GLU B 1505 -24.73 57.00 26.47
CA GLU B 1505 -25.27 55.70 26.85
C GLU B 1505 -25.12 54.64 25.78
N VAL B 1506 -24.47 54.96 24.66
CA VAL B 1506 -24.28 53.99 23.58
C VAL B 1506 -22.97 53.25 23.79
N LYS B 1507 -22.73 52.20 23.02
CA LYS B 1507 -21.52 51.39 23.12
C LYS B 1507 -20.87 51.29 21.74
N LEU B 1508 -19.84 52.09 21.50
CA LEU B 1508 -19.15 52.11 20.22
C LEU B 1508 -18.25 50.88 20.09
N GLU B 1509 -18.19 50.33 18.88
CA GLU B 1509 -17.42 49.14 18.59
C GLU B 1509 -16.75 49.25 17.23
N ASN B 1510 -15.54 48.74 17.11
CA ASN B 1510 -14.79 48.72 15.87
C ASN B 1510 -14.79 47.31 15.30
N ILE B 1511 -15.08 47.18 14.01
CA ILE B 1511 -15.25 45.89 13.36
C ILE B 1511 -14.51 45.90 12.03
N TYR B 1512 -13.90 44.77 11.69
CA TYR B 1512 -13.11 44.62 10.47
C TYR B 1512 -13.52 43.34 9.77
N GLY B 1513 -13.52 43.37 8.44
CA GLY B 1513 -13.87 42.22 7.66
C GLY B 1513 -13.81 42.46 6.17
N PRO B 1514 -13.08 41.61 5.45
CA PRO B 1514 -13.08 41.66 3.99
C PRO B 1514 -14.33 41.04 3.41
N THR B 1515 -14.66 41.45 2.19
CA THR B 1515 -15.78 40.83 1.49
C THR B 1515 -15.54 39.35 1.25
N GLU B 1516 -14.27 38.96 1.07
CA GLU B 1516 -13.89 37.55 0.92
C GLU B 1516 -14.07 36.76 2.20
N ALA B 1517 -14.44 37.40 3.30
CA ALA B 1517 -15.00 36.68 4.43
C ALA B 1517 -16.51 36.65 4.26
N THR B 1518 -17.25 37.06 5.29
CA THR B 1518 -18.69 37.27 5.17
C THR B 1518 -18.99 38.53 5.98
N ILE B 1519 -18.96 39.67 5.29
CA ILE B 1519 -19.21 40.99 5.88
C ILE B 1519 -18.09 41.35 6.85
N TYR B 1520 -17.98 40.62 7.96
CA TYR B 1520 -17.08 40.96 9.05
C TYR B 1520 -16.21 39.77 9.42
N ALA B 1521 -15.21 40.01 10.27
CA ALA B 1521 -14.26 38.98 10.66
C ALA B 1521 -13.73 39.17 12.07
N SER B 1522 -13.45 40.42 12.47
CA SER B 1522 -12.91 40.72 13.78
C SER B 1522 -13.66 41.88 14.41
N ARG B 1523 -13.48 42.04 15.73
CA ARG B 1523 -14.20 43.05 16.48
C ARG B 1523 -13.37 43.49 17.68
N TYR B 1524 -13.54 44.75 18.07
CA TYR B 1524 -12.87 45.29 19.25
C TYR B 1524 -13.83 46.23 19.97
N SER B 1525 -14.01 45.99 21.28
CA SER B 1525 -14.93 46.80 22.08
C SER B 1525 -14.25 48.07 22.53
N LEU B 1526 -14.76 49.22 22.09
CA LEU B 1526 -14.25 50.51 22.54
C LEU B 1526 -14.98 50.93 23.81
N ALA B 1527 -14.26 51.55 24.73
CA ALA B 1527 -14.79 51.92 26.03
C ALA B 1527 -14.65 53.43 26.25
N LYS B 1528 -15.50 53.95 27.13
CA LYS B 1528 -15.52 55.39 27.38
C LYS B 1528 -14.20 55.89 27.94
N GLY B 1529 -13.47 55.03 28.66
CA GLY B 1529 -12.15 55.41 29.14
C GLY B 1529 -11.17 55.77 28.04
N SER B 1530 -11.49 55.42 26.79
CA SER B 1530 -10.67 55.73 25.63
C SER B 1530 -9.23 55.28 25.81
N GLN B 1531 -8.28 56.07 25.31
CA GLN B 1531 -6.85 55.84 25.50
C GLN B 1531 -6.42 54.49 24.90
N GLU B 1532 -6.46 54.43 23.58
CA GLU B 1532 -5.94 53.29 22.81
C GLU B 1532 -5.06 53.89 21.71
N SER B 1533 -3.74 53.63 21.78
CA SER B 1533 -2.79 54.33 20.93
C SER B 1533 -3.14 54.17 19.45
N PRO B 1534 -3.31 52.94 18.90
CA PRO B 1534 -4.19 52.80 17.74
C PRO B 1534 -5.52 52.22 18.20
N VAL B 1535 -6.52 52.21 17.32
CA VAL B 1535 -7.77 51.50 17.59
C VAL B 1535 -7.65 50.11 16.97
N PRO B 1536 -7.47 49.05 17.74
CA PRO B 1536 -7.27 47.73 17.17
C PRO B 1536 -8.51 47.25 16.43
N ILE B 1537 -8.26 46.48 15.35
CA ILE B 1537 -9.36 45.78 14.69
C ILE B 1537 -9.82 44.57 15.49
N GLY B 1538 -9.08 44.18 16.52
CA GLY B 1538 -9.57 43.24 17.50
C GLY B 1538 -9.14 41.81 17.26
N LYS B 1539 -9.86 40.90 17.94
CA LYS B 1539 -9.72 39.46 17.86
C LYS B 1539 -10.84 38.86 17.01
N PRO B 1540 -10.65 37.66 16.46
CA PRO B 1540 -11.63 37.11 15.52
C PRO B 1540 -12.99 36.89 16.15
N LEU B 1541 -14.00 36.89 15.27
CA LEU B 1541 -15.37 36.59 15.66
C LEU B 1541 -15.51 35.09 15.92
N PRO B 1542 -16.65 34.63 16.44
CA PRO B 1542 -16.83 33.19 16.64
C PRO B 1542 -16.59 32.38 15.37
N ASN B 1543 -15.91 31.24 15.54
CA ASN B 1543 -15.58 30.31 14.46
C ASN B 1543 -14.80 31.00 13.33
N TYR B 1544 -14.12 32.08 13.68
CA TYR B 1544 -13.18 32.75 12.79
C TYR B 1544 -11.76 32.54 13.32
N ARG B 1545 -10.80 32.43 12.40
CA ARG B 1545 -9.40 32.27 12.76
C ARG B 1545 -8.56 33.16 11.86
N MET B 1546 -7.75 34.04 12.48
CA MET B 1546 -6.93 34.99 11.76
C MET B 1546 -5.46 34.71 12.03
N TYR B 1547 -4.65 34.82 10.97
CA TYR B 1547 -3.21 34.59 11.04
C TYR B 1547 -2.47 35.73 10.37
N ILE B 1548 -1.35 36.13 10.97
CA ILE B 1548 -0.47 37.14 10.41
C ILE B 1548 0.84 36.42 10.03
N ILE B 1549 1.09 36.29 8.74
CA ILE B 1549 2.22 35.52 8.24
C ILE B 1549 3.20 36.45 7.53
N ASN B 1550 4.45 36.01 7.46
CA ASN B 1550 5.48 36.72 6.74
C ASN B 1550 5.46 36.29 5.26
N ARG B 1551 6.42 36.81 4.49
CA ARG B 1551 6.42 36.55 3.06
C ARG B 1551 6.73 35.10 2.70
N HIS B 1552 7.11 34.27 3.67
CA HIS B 1552 7.37 32.87 3.42
C HIS B 1552 6.33 31.95 4.02
N GLY B 1553 5.20 32.50 4.47
CA GLY B 1553 4.12 31.69 4.99
C GLY B 1553 4.33 31.15 6.38
N GLN B 1554 5.12 31.84 7.20
CA GLN B 1554 5.35 31.45 8.58
C GLN B 1554 4.65 32.44 9.51
N LEU B 1555 4.05 31.92 10.57
CA LEU B 1555 3.38 32.77 11.55
C LEU B 1555 4.34 33.84 12.05
N GLN B 1556 3.80 35.03 12.31
CA GLN B 1556 4.65 36.06 12.88
C GLN B 1556 4.39 36.18 14.38
N PRO B 1557 5.38 36.60 15.17
CA PRO B 1557 5.14 36.81 16.60
C PRO B 1557 4.62 38.21 16.89
N ILE B 1558 4.34 38.47 18.17
CA ILE B 1558 3.79 39.75 18.57
C ILE B 1558 4.72 40.87 18.15
N GLY B 1559 4.16 41.91 17.53
CA GLY B 1559 4.93 43.08 17.16
C GLY B 1559 5.40 43.08 15.72
N VAL B 1560 5.83 41.94 15.20
CA VAL B 1560 6.38 41.84 13.86
C VAL B 1560 5.25 41.92 12.84
N PRO B 1561 5.24 42.92 11.96
CA PRO B 1561 4.15 43.05 11.00
C PRO B 1561 4.18 41.97 9.92
N GLY B 1562 3.00 41.63 9.43
CA GLY B 1562 2.86 40.68 8.36
C GLY B 1562 1.50 40.84 7.70
N GLU B 1563 1.20 39.92 6.79
CA GLU B 1563 -0.05 39.97 6.04
C GLU B 1563 -1.15 39.27 6.82
N LEU B 1564 -2.28 39.96 6.99
CA LEU B 1564 -3.42 39.38 7.67
C LEU B 1564 -4.05 38.29 6.81
N CYS B 1565 -4.38 37.16 7.44
CA CYS B 1565 -4.95 36.02 6.73
C CYS B 1565 -6.07 35.41 7.56
N ILE B 1566 -7.23 35.18 6.92
CA ILE B 1566 -8.43 34.76 7.63
C ILE B 1566 -8.77 33.32 7.23
N ALA B 1567 -9.45 32.63 8.15
CA ALA B 1567 -9.94 31.28 7.90
C ALA B 1567 -11.12 31.02 8.83
N GLY B 1568 -11.85 29.97 8.52
CA GLY B 1568 -12.98 29.57 9.34
C GLY B 1568 -14.15 29.16 8.49
N ALA B 1569 -15.33 29.12 9.12
CA ALA B 1569 -16.54 28.66 8.44
C ALA B 1569 -17.09 29.72 7.49
N SER B 1570 -17.01 31.00 7.87
CA SER B 1570 -17.52 32.10 7.06
C SER B 1570 -16.53 32.57 6.00
N LEU B 1571 -15.74 31.65 5.45
CA LEU B 1571 -14.79 31.99 4.40
C LEU B 1571 -15.45 31.80 3.04
N ALA B 1572 -15.16 32.73 2.11
CA ALA B 1572 -15.81 32.70 0.81
C ALA B 1572 -15.45 31.44 0.03
N ARG B 1573 -16.36 31.04 -0.88
CA ARG B 1573 -16.11 29.90 -1.74
C ARG B 1573 -15.13 30.21 -2.85
N GLY B 1574 -14.87 31.48 -3.11
CA GLY B 1574 -13.92 31.91 -4.12
C GLY B 1574 -14.50 33.00 -4.98
N TYR B 1575 -13.75 33.38 -6.01
CA TYR B 1575 -14.19 34.40 -6.96
C TYR B 1575 -15.00 33.75 -8.09
N LEU B 1576 -15.85 34.55 -8.71
CA LEU B 1576 -16.79 34.07 -9.72
C LEU B 1576 -16.11 34.05 -11.08
N ASN B 1577 -15.98 32.84 -11.64
CA ASN B 1577 -15.40 32.64 -12.97
C ASN B 1577 -13.98 33.18 -13.06
N ASN B 1578 -13.23 33.05 -11.98
CA ASN B 1578 -11.80 33.36 -11.95
C ASN B 1578 -11.11 32.37 -11.02
N PRO B 1579 -10.97 31.12 -11.44
CA PRO B 1579 -10.30 30.12 -10.59
C PRO B 1579 -8.83 30.40 -10.39
N ALA B 1580 -8.21 31.20 -11.28
CA ALA B 1580 -6.81 31.59 -11.09
C ALA B 1580 -6.66 32.48 -9.86
N LEU B 1581 -7.44 33.56 -9.79
CA LEU B 1581 -7.39 34.43 -8.63
C LEU B 1581 -7.93 33.74 -7.38
N THR B 1582 -8.88 32.81 -7.55
CA THR B 1582 -9.38 32.04 -6.41
C THR B 1582 -8.29 31.16 -5.82
N GLU B 1583 -7.51 30.50 -6.68
CA GLU B 1583 -6.41 29.67 -6.19
C GLU B 1583 -5.27 30.53 -5.64
N GLU B 1584 -5.03 31.70 -6.24
CA GLU B 1584 -3.94 32.55 -5.79
C GLU B 1584 -4.25 33.22 -4.45
N LYS B 1585 -5.52 33.46 -4.14
CA LYS B 1585 -5.90 34.16 -2.92
C LYS B 1585 -6.43 33.24 -1.84
N PHE B 1586 -7.17 32.18 -2.20
CA PHE B 1586 -7.68 31.20 -1.23
C PHE B 1586 -6.76 29.99 -1.30
N THR B 1587 -5.71 30.00 -0.46
CA THR B 1587 -4.67 28.98 -0.48
C THR B 1587 -4.73 28.11 0.77
N PRO B 1588 -4.44 26.82 0.65
CA PRO B 1588 -4.32 25.97 1.83
C PRO B 1588 -2.99 26.21 2.54
N HIS B 1589 -3.02 26.01 3.86
CA HIS B 1589 -1.87 26.31 4.71
C HIS B 1589 -1.76 25.26 5.80
N PRO B 1590 -0.54 24.93 6.23
CA PRO B 1590 -0.39 23.99 7.35
C PRO B 1590 -1.00 24.51 8.63
N LEU B 1591 -1.10 25.84 8.81
CA LEU B 1591 -1.73 26.37 10.02
C LEU B 1591 -3.18 25.93 10.15
N GLU B 1592 -3.83 25.65 9.02
CA GLU B 1592 -5.20 25.12 9.01
C GLU B 1592 -5.23 23.63 8.72
N LYS B 1593 -4.09 22.95 8.82
CA LYS B 1593 -3.99 21.50 8.63
C LYS B 1593 -4.52 21.07 7.26
N GLY B 1594 -4.19 21.83 6.23
CA GLY B 1594 -4.61 21.55 4.88
C GLY B 1594 -5.79 22.38 4.39
N GLU B 1595 -6.58 22.95 5.30
CA GLU B 1595 -7.71 23.79 4.92
C GLU B 1595 -7.20 25.16 4.46
N ARG B 1596 -8.13 25.98 3.96
CA ARG B 1596 -7.77 27.20 3.25
C ARG B 1596 -7.72 28.41 4.18
N ILE B 1597 -6.92 29.39 3.78
CA ILE B 1597 -6.86 30.70 4.41
C ILE B 1597 -6.96 31.74 3.31
N TYR B 1598 -7.54 32.89 3.63
CA TYR B 1598 -7.66 33.98 2.67
C TYR B 1598 -6.61 35.03 2.95
N ARG B 1599 -5.98 35.53 1.87
CA ARG B 1599 -4.91 36.52 1.97
C ARG B 1599 -5.49 37.90 1.67
N THR B 1600 -5.55 38.75 2.69
CA THR B 1600 -6.23 40.03 2.56
C THR B 1600 -5.42 41.05 1.76
N GLY B 1601 -4.10 40.97 1.82
CA GLY B 1601 -3.28 42.05 1.30
C GLY B 1601 -3.20 43.24 2.22
N ASP B 1602 -3.53 43.06 3.50
CA ASP B 1602 -3.46 44.11 4.50
C ASP B 1602 -2.33 43.81 5.47
N LEU B 1603 -1.59 44.85 5.85
CA LEU B 1603 -0.52 44.71 6.82
C LEU B 1603 -1.07 44.85 8.24
N ALA B 1604 -0.69 43.92 9.10
CA ALA B 1604 -1.18 43.90 10.47
C ALA B 1604 -0.11 43.29 11.37
N ARG B 1605 -0.29 43.46 12.68
CA ARG B 1605 0.61 42.89 13.66
C ARG B 1605 -0.17 42.55 14.91
N TYR B 1606 0.29 41.50 15.61
CA TYR B 1606 -0.33 41.10 16.86
C TYR B 1606 0.12 42.02 18.00
N ARG B 1607 -0.78 42.24 18.94
CA ARG B 1607 -0.45 42.88 20.21
C ARG B 1607 -0.20 41.80 21.26
N GLU B 1608 0.34 42.24 22.40
CA GLU B 1608 0.43 41.33 23.54
C GLU B 1608 -0.96 40.83 23.93
N ASP B 1609 -1.95 41.73 23.96
CA ASP B 1609 -3.32 41.35 24.29
C ASP B 1609 -3.84 40.22 23.41
N GLY B 1610 -3.43 40.20 22.15
CA GLY B 1610 -4.02 39.34 21.14
C GLY B 1610 -4.80 40.10 20.11
N ASN B 1611 -5.23 41.32 20.43
CA ASN B 1611 -5.88 42.18 19.45
C ASN B 1611 -4.91 42.49 18.31
N ILE B 1612 -5.46 42.56 17.10
CA ILE B 1612 -4.66 42.82 15.91
C ILE B 1612 -4.75 44.30 15.57
N GLU B 1613 -3.64 44.88 15.11
CA GLU B 1613 -3.58 46.28 14.73
C GLU B 1613 -3.53 46.39 13.22
N TYR B 1614 -4.39 47.25 12.67
CA TYR B 1614 -4.41 47.48 11.23
C TYR B 1614 -3.32 48.47 10.85
N LEU B 1615 -2.40 48.05 10.00
CA LEU B 1615 -1.28 48.89 9.58
C LEU B 1615 -1.41 49.38 8.15
N GLY B 1616 -2.54 49.12 7.50
CA GLY B 1616 -2.78 49.58 6.15
C GLY B 1616 -2.56 48.48 5.13
N ARG B 1617 -2.72 48.87 3.87
CA ARG B 1617 -2.49 47.95 2.76
C ARG B 1617 -1.00 47.84 2.48
N MET B 1618 -0.55 46.63 2.16
CA MET B 1618 0.87 46.41 1.93
C MET B 1618 1.32 46.85 0.54
N ASP B 1619 0.39 47.03 -0.39
CA ASP B 1619 0.73 47.59 -1.69
C ASP B 1619 0.81 49.11 -1.66
N HIS B 1620 0.12 49.74 -0.71
CA HIS B 1620 0.10 51.20 -0.62
C HIS B 1620 0.79 51.68 0.65
N GLN B 1621 1.98 51.15 0.93
CA GLN B 1621 2.71 51.53 2.13
C GLN B 1621 3.65 52.70 1.84
N VAL B 1622 3.79 53.59 2.82
CA VAL B 1622 4.59 54.81 2.69
C VAL B 1622 5.85 54.64 3.53
N LYS B 1623 7.01 54.83 2.91
CA LYS B 1623 8.30 54.67 3.57
C LYS B 1623 9.17 55.88 3.30
N ILE B 1624 9.80 56.40 4.35
CA ILE B 1624 10.78 57.48 4.24
C ILE B 1624 12.11 56.92 4.75
N ARG B 1625 13.12 56.90 3.87
CA ARG B 1625 14.42 56.33 4.17
C ARG B 1625 14.34 54.85 4.56
N GLY B 1626 13.26 54.19 4.16
CA GLY B 1626 13.03 52.81 4.55
C GLY B 1626 12.25 52.62 5.84
N TYR B 1627 11.70 53.68 6.41
CA TYR B 1627 10.93 53.61 7.65
C TYR B 1627 9.46 53.86 7.33
N ARG B 1628 8.61 52.89 7.66
CA ARG B 1628 7.19 53.02 7.38
C ARG B 1628 6.60 54.24 8.09
N ILE B 1629 5.81 55.01 7.36
CA ILE B 1629 5.28 56.28 7.84
C ILE B 1629 3.82 56.09 8.22
N GLU B 1630 3.45 56.57 9.41
CA GLU B 1630 2.06 56.60 9.86
C GLU B 1630 1.57 58.03 9.63
N LEU B 1631 1.00 58.27 8.45
CA LEU B 1631 0.52 59.60 8.11
C LEU B 1631 -0.51 60.10 9.11
N ASP B 1632 -1.30 59.19 9.68
CA ASP B 1632 -2.26 59.59 10.70
C ASP B 1632 -1.58 60.02 11.98
N GLU B 1633 -0.43 59.41 12.31
CA GLU B 1633 0.29 59.79 13.53
C GLU B 1633 0.75 61.24 13.47
N ILE B 1634 1.16 61.70 12.29
CA ILE B 1634 1.53 63.11 12.14
C ILE B 1634 0.30 63.99 12.11
N ARG B 1635 -0.80 63.50 11.52
CA ARG B 1635 -2.02 64.29 11.44
C ARG B 1635 -2.66 64.46 12.83
N SER B 1636 -2.64 63.40 13.64
CA SER B 1636 -3.26 63.48 14.97
C SER B 1636 -2.46 64.39 15.90
N LYS B 1637 -1.13 64.36 15.80
CA LYS B 1637 -0.31 65.23 16.63
C LYS B 1637 -0.41 66.69 16.18
N LEU B 1638 -0.71 66.92 14.89
CA LEU B 1638 -0.84 68.28 14.39
C LEU B 1638 -2.10 68.97 14.86
N ILE B 1639 -3.11 68.21 15.27
CA ILE B 1639 -4.37 68.80 15.73
C ILE B 1639 -4.33 68.98 17.25
N ASP B 1654 -1.51 64.11 6.32
CA ASP B 1654 -0.30 64.20 5.50
C ASP B 1654 -0.29 63.09 4.45
N GLN B 1655 0.41 63.34 3.34
CA GLN B 1655 0.58 62.35 2.27
C GLN B 1655 1.40 62.89 1.10
N ASN B 1656 1.20 62.27 -0.08
CA ASN B 1656 1.72 62.71 -1.37
C ASN B 1656 3.21 62.49 -1.52
N GLY B 1657 3.73 62.83 -2.69
CA GLY B 1657 5.15 62.74 -2.98
C GLY B 1657 5.52 61.65 -3.96
N GLN B 1658 6.18 62.02 -5.06
CA GLN B 1658 6.74 61.02 -5.95
C GLN B 1658 7.89 60.25 -5.30
N ALA B 1659 8.55 60.83 -4.30
CA ALA B 1659 9.66 60.18 -3.61
C ALA B 1659 9.76 60.62 -2.16
N TYR B 1660 9.19 61.78 -1.84
CA TYR B 1660 9.27 62.33 -0.49
C TYR B 1660 7.87 62.57 0.07
N LEU B 1661 7.81 63.33 1.17
CA LEU B 1661 6.54 63.66 1.82
C LEU B 1661 6.36 65.16 1.95
N GLY B 1674 8.83 77.34 8.57
CA GLY B 1674 9.91 77.17 9.51
C GLY B 1674 9.45 76.80 10.90
N GLN B 1675 8.47 77.55 11.42
CA GLN B 1675 7.94 77.27 12.75
C GLN B 1675 7.23 75.93 12.81
N LEU B 1676 6.77 75.41 11.67
CA LEU B 1676 6.14 74.10 11.66
C LEU B 1676 7.12 72.99 12.00
N ARG B 1677 8.39 73.13 11.57
CA ARG B 1677 9.39 72.10 11.84
C ARG B 1677 9.67 71.96 13.33
N GLU B 1678 9.51 73.05 14.11
CA GLU B 1678 9.70 72.96 15.55
C GLU B 1678 8.58 72.14 16.19
N LEU B 1679 7.33 72.48 15.88
CA LEU B 1679 6.21 71.62 16.28
C LEU B 1679 6.36 70.25 15.64
N LEU B 1680 5.59 69.29 16.16
CA LEU B 1680 5.65 67.90 15.74
C LEU B 1680 7.02 67.27 16.05
N ARG B 1681 8.10 67.80 15.45
CA ARG B 1681 9.43 67.23 15.68
C ARG B 1681 9.78 67.15 17.16
N ARG B 1682 9.15 68.00 18.00
CA ARG B 1682 9.29 67.84 19.44
C ARG B 1682 8.89 66.44 19.88
N GLU B 1683 7.86 65.88 19.26
CA GLU B 1683 7.38 64.53 19.56
C GLU B 1683 7.28 63.70 18.27
N LEU B 1684 8.25 63.88 17.37
CA LEU B 1684 8.26 63.14 16.11
C LEU B 1684 9.69 62.93 15.67
N PRO B 1685 9.99 61.79 15.04
CA PRO B 1685 11.33 61.63 14.44
C PRO B 1685 11.46 62.48 13.19
N GLU B 1686 12.72 62.69 12.79
CA GLU B 1686 12.99 63.46 11.58
C GLU B 1686 12.38 62.78 10.35
N TYR B 1687 12.52 61.46 10.24
CA TYR B 1687 11.94 60.72 9.13
C TYR B 1687 10.42 60.89 9.05
N MET B 1688 9.76 61.22 10.15
CA MET B 1688 8.32 61.50 10.18
C MET B 1688 8.02 62.98 10.22
N ILE B 1689 8.77 63.79 9.47
CA ILE B 1689 8.55 65.22 9.37
C ILE B 1689 8.38 65.57 7.89
N PRO B 1690 7.29 66.20 7.49
CA PRO B 1690 7.10 66.54 6.07
C PRO B 1690 8.18 67.48 5.57
N ALA B 1691 8.74 67.16 4.40
CA ALA B 1691 9.79 67.97 3.80
C ALA B 1691 9.20 69.18 3.05
N PRO B 1728 19.67 89.67 18.85
CA PRO B 1728 20.88 90.20 19.50
C PRO B 1728 20.55 91.30 20.50
N ARG B 1729 19.87 90.94 21.59
CA ARG B 1729 19.43 91.93 22.58
C ARG B 1729 20.50 92.13 23.66
N THR B 1730 20.69 91.14 24.52
CA THR B 1730 21.63 91.26 25.62
C THR B 1730 23.05 91.01 25.17
N GLU B 1731 24.01 91.50 25.96
CA GLU B 1731 25.41 91.21 25.70
C GLU B 1731 25.69 89.72 25.75
N LEU B 1732 24.98 88.99 26.62
CA LEU B 1732 25.11 87.54 26.66
C LEU B 1732 24.66 86.93 25.34
N GLU B 1733 23.48 87.33 24.86
CA GLU B 1733 23.00 86.86 23.57
C GLU B 1733 23.98 87.20 22.45
N ALA B 1734 24.50 88.43 22.46
CA ALA B 1734 25.47 88.83 21.44
C ALA B 1734 26.75 88.00 21.53
N THR B 1735 27.23 87.76 22.74
CA THR B 1735 28.44 86.94 22.90
C THR B 1735 28.16 85.49 22.53
N LEU B 1736 27.04 84.94 23.00
CA LEU B 1736 26.69 83.55 22.68
C LEU B 1736 26.58 83.36 21.17
N ALA B 1737 25.93 84.31 20.49
CA ALA B 1737 25.80 84.22 19.03
C ALA B 1737 27.16 84.26 18.36
N HIS B 1738 28.03 85.18 18.78
CA HIS B 1738 29.37 85.25 18.23
C HIS B 1738 30.13 83.95 18.48
N ILE B 1739 29.99 83.38 19.68
CA ILE B 1739 30.66 82.12 20.00
C ILE B 1739 30.05 80.97 19.19
N TRP B 1740 28.73 80.86 19.21
CA TRP B 1740 28.05 79.83 18.42
C TRP B 1740 28.49 79.86 16.97
N GLY B 1741 28.48 81.05 16.36
CA GLY B 1741 28.81 81.15 14.95
C GLY B 1741 30.27 80.88 14.65
N GLU B 1742 31.17 81.29 15.56
CA GLU B 1742 32.60 81.17 15.30
C GLU B 1742 33.06 79.71 15.25
N VAL B 1743 32.26 78.78 15.77
CA VAL B 1743 32.64 77.37 15.73
C VAL B 1743 31.86 76.66 14.64
N LEU B 1744 30.66 77.17 14.34
CA LEU B 1744 29.82 76.56 13.31
C LEU B 1744 30.03 77.17 11.93
N GLY B 1745 30.59 78.38 11.86
CA GLY B 1745 30.79 79.07 10.60
C GLY B 1745 29.65 79.98 10.19
N ILE B 1746 28.53 79.95 10.90
CA ILE B 1746 27.33 80.71 10.57
C ILE B 1746 27.46 82.11 11.18
N GLU B 1747 26.81 83.09 10.55
CA GLU B 1747 26.80 84.46 11.03
C GLU B 1747 25.37 84.88 11.37
N ARG B 1748 25.26 85.91 12.22
CA ARG B 1748 23.98 86.50 12.60
C ARG B 1748 23.04 85.46 13.21
N ILE B 1749 23.58 84.66 14.13
CA ILE B 1749 22.78 83.64 14.81
C ILE B 1749 21.65 84.32 15.56
N GLY B 1750 20.41 84.05 15.15
CA GLY B 1750 19.28 84.62 15.83
C GLY B 1750 19.03 84.00 17.19
N ILE B 1751 18.27 84.72 18.02
CA ILE B 1751 17.94 84.22 19.35
C ILE B 1751 17.20 82.91 19.26
N ARG B 1752 16.29 82.78 18.30
CA ARG B 1752 15.50 81.56 18.12
C ARG B 1752 16.08 80.74 16.97
N ASP B 1753 17.23 80.11 17.27
CA ASP B 1753 17.96 79.30 16.32
C ASP B 1753 18.38 78.00 17.00
N ASN B 1754 17.79 76.90 16.56
CA ASN B 1754 18.03 75.59 17.18
C ASN B 1754 19.42 75.07 16.84
N PHE B 1755 20.25 74.88 17.87
CA PHE B 1755 21.68 74.61 17.67
C PHE B 1755 21.91 73.43 16.73
N PHE B 1756 21.23 72.31 16.98
CA PHE B 1756 21.40 71.13 16.14
C PHE B 1756 20.91 71.38 14.72
N GLU B 1757 19.83 72.16 14.58
CA GLU B 1757 19.41 72.60 13.25
C GLU B 1757 20.48 73.44 12.58
N LEU B 1758 21.15 74.31 13.34
CA LEU B 1758 22.27 75.08 12.78
C LEU B 1758 23.43 74.20 12.36
N GLY B 1759 23.44 72.93 12.73
CA GLY B 1759 24.51 72.04 12.34
C GLY B 1759 25.58 71.89 13.41
N GLY B 1760 25.18 71.48 14.61
CA GLY B 1760 26.11 71.33 15.70
C GLY B 1760 26.10 69.97 16.37
N ASP B 1761 27.28 69.36 16.49
CA ASP B 1761 27.44 68.09 17.16
C ASP B 1761 27.65 68.32 18.66
N SER B 1762 27.84 67.22 19.40
CA SER B 1762 28.21 67.34 20.80
C SER B 1762 29.59 67.98 20.96
N ILE B 1763 30.53 67.63 20.07
CA ILE B 1763 31.87 68.21 20.14
C ILE B 1763 31.81 69.72 19.96
N LYS B 1764 30.89 70.21 19.12
CA LYS B 1764 30.73 71.65 18.95
C LYS B 1764 30.34 72.33 20.25
N GLY B 1765 29.48 71.70 21.05
CA GLY B 1765 29.09 72.26 22.32
C GLY B 1765 30.22 72.32 23.32
N LEU B 1766 31.13 71.33 23.27
CA LEU B 1766 32.34 71.39 24.08
C LEU B 1766 33.25 72.52 23.61
N GLN B 1767 33.52 72.59 22.29
CA GLN B 1767 34.28 73.69 21.73
C GLN B 1767 33.65 75.04 22.04
N ILE B 1768 32.31 75.09 22.07
CA ILE B 1768 31.63 76.29 22.51
C ILE B 1768 31.89 76.53 23.99
N ALA B 1769 31.40 75.63 24.86
CA ALA B 1769 31.52 75.80 26.31
C ALA B 1769 32.92 76.17 26.76
N SER B 1770 33.95 75.74 26.01
CA SER B 1770 35.32 76.08 26.37
C SER B 1770 35.58 77.58 26.24
N ARG B 1771 35.13 78.18 25.14
CA ARG B 1771 35.33 79.61 24.97
C ARG B 1771 34.60 80.40 26.04
N LEU B 1772 33.41 79.94 26.44
CA LEU B 1772 32.63 80.72 27.40
C LEU B 1772 33.29 80.78 28.76
N GLN B 1773 33.90 79.67 29.21
CA GLN B 1773 34.55 79.71 30.52
C GLN B 1773 35.84 80.52 30.47
N ARG B 1774 36.50 80.59 29.31
CA ARG B 1774 37.64 81.48 29.17
C ARG B 1774 37.23 82.93 29.42
N ILE B 1775 36.01 83.31 29.04
CA ILE B 1775 35.48 84.63 29.32
C ILE B 1775 34.53 84.60 30.53
N ASN B 1776 34.64 83.57 31.37
CA ASN B 1776 33.88 83.47 32.61
C ASN B 1776 32.36 83.39 32.35
N TRP B 1777 31.97 82.45 31.50
CA TRP B 1777 30.57 82.14 31.25
C TRP B 1777 30.38 80.64 31.39
N THR B 1778 29.52 80.21 32.30
CA THR B 1778 29.33 78.80 32.60
C THR B 1778 28.06 78.32 31.88
N MET B 1779 28.25 77.62 30.76
CA MET B 1779 27.16 77.03 30.01
C MET B 1779 27.35 75.52 30.00
N VAL B 1780 26.33 74.79 30.42
CA VAL B 1780 26.39 73.33 30.48
C VAL B 1780 26.07 72.77 29.10
N ILE B 1781 26.88 71.81 28.65
CA ILE B 1781 26.62 71.16 27.37
C ILE B 1781 25.30 70.42 27.40
N ASN B 1782 25.00 69.76 28.52
CA ASN B 1782 23.73 69.05 28.66
C ASN B 1782 22.54 70.00 28.64
N HIS B 1783 22.71 71.23 29.15
CA HIS B 1783 21.63 72.21 29.13
C HIS B 1783 21.24 72.61 27.71
N LEU B 1784 22.14 72.42 26.74
CA LEU B 1784 21.83 72.82 25.38
C LEU B 1784 20.87 71.85 24.69
N PHE B 1785 20.87 70.57 25.09
CA PHE B 1785 19.94 69.61 24.50
C PHE B 1785 18.50 69.91 24.90
N LEU B 1786 18.30 70.49 26.09
CA LEU B 1786 16.96 70.84 26.54
C LEU B 1786 16.49 72.17 25.97
N TYR B 1787 17.41 73.11 25.73
CA TYR B 1787 17.06 74.42 25.19
C TYR B 1787 18.03 74.81 24.07
N PRO B 1788 17.87 74.22 22.87
CA PRO B 1788 18.85 74.48 21.80
C PRO B 1788 18.71 75.85 21.14
N THR B 1789 17.94 76.76 21.71
CA THR B 1789 17.84 78.12 21.19
C THR B 1789 18.54 79.09 22.11
N ILE B 1790 19.13 80.13 21.52
CA ILE B 1790 19.91 81.10 22.29
C ILE B 1790 19.07 81.71 23.40
N GLU B 1791 17.88 82.22 23.04
CA GLU B 1791 17.01 82.85 24.02
C GLU B 1791 16.57 81.88 25.13
N GLN B 1792 16.66 80.57 24.89
CA GLN B 1792 16.36 79.59 25.91
C GLN B 1792 17.60 79.03 26.59
N ILE B 1793 18.76 79.09 25.93
CA ILE B 1793 20.01 78.69 26.57
C ILE B 1793 20.61 79.83 27.40
N ALA B 1794 20.37 81.08 27.00
CA ALA B 1794 20.93 82.23 27.69
C ALA B 1794 20.58 82.29 29.18
N PRO B 1795 19.34 82.06 29.61
CA PRO B 1795 19.04 82.13 31.05
C PRO B 1795 19.67 81.02 31.87
N PHE B 1796 20.40 80.10 31.26
CA PHE B 1796 21.13 79.05 31.99
C PHE B 1796 22.63 79.18 31.83
N VAL B 1797 23.10 80.24 31.17
CA VAL B 1797 24.52 80.58 31.12
C VAL B 1797 24.83 81.47 32.31
N THR B 1798 25.54 80.92 33.29
CA THR B 1798 25.84 81.62 34.53
C THR B 1798 27.24 82.22 34.48
N SER B 1799 27.40 83.36 35.13
CA SER B 1799 28.65 84.11 35.14
C SER B 1799 29.46 83.76 36.38
N GLU B 1800 30.74 83.45 36.17
CA GLU B 1800 31.67 83.23 37.27
C GLU B 1800 32.05 84.60 37.84
N GLN B 1801 31.45 84.95 38.96
CA GLN B 1801 31.71 86.26 39.55
C GLN B 1801 33.09 86.28 40.21
N VAL B 1802 33.78 87.41 40.06
CA VAL B 1802 35.14 87.57 40.57
C VAL B 1802 35.16 88.72 41.56
N VAL B 1803 35.99 88.59 42.59
CA VAL B 1803 36.17 89.61 43.60
C VAL B 1803 37.44 90.38 43.27
N ILE B 1804 37.28 91.62 42.79
CA ILE B 1804 38.45 92.40 42.39
C ILE B 1804 39.29 92.79 43.61
N GLU B 1805 38.65 92.95 44.77
CA GLU B 1805 39.36 93.36 45.97
C GLU B 1805 40.07 92.17 46.61
N ALA B 1806 41.26 92.41 47.14
CA ALA B 1806 42.04 91.39 47.82
C ALA B 1806 41.81 91.45 49.32
N ALA B 1807 42.13 90.35 49.99
CA ALA B 1807 41.99 90.30 51.45
C ALA B 1807 42.89 91.33 52.12
N ALA B 1808 44.15 91.37 51.73
CA ALA B 1808 45.08 92.40 52.17
C ALA B 1808 45.20 93.44 51.06
N GLU B 1809 44.73 94.65 51.33
CA GLU B 1809 44.80 95.75 50.37
C GLU B 1809 45.86 96.78 50.71
N ASN B 1810 46.06 97.07 51.99
CA ASN B 1810 47.09 97.99 52.45
C ASN B 1810 48.11 97.24 53.29
N LEU B 1811 49.39 97.56 53.10
CA LEU B 1811 50.48 96.87 53.77
C LEU B 1811 51.36 97.87 54.49
N TYR B 1812 51.66 97.60 55.76
CA TYR B 1812 52.47 98.47 56.60
C TYR B 1812 53.59 97.66 57.22
N PHE B 1813 54.83 98.09 56.99
CA PHE B 1813 56.00 97.43 57.54
C PHE B 1813 56.37 98.01 58.90
N GLN B 1814 56.60 97.14 59.88
CA GLN B 1814 57.26 97.54 61.11
C GLN B 1814 58.75 97.23 60.97
#